data_9EUM
#
_entry.id   9EUM
#
_entity_poly.entity_id   1
_entity_poly.type   'polypeptide(L)'
_entity_poly.pdbx_seq_one_letter_code
;MEQSSGDKDGGSDSGGAQDGGSLDSLKKYNGKLPKHDPSFVQPGNRHYKYQCTWYAYNRRGQLGIPVPLWGDAADWIGGA
KGAGYGVGRTPKQGACVIWQRGVQGGSPQYGHVAFVEKVLDGGKKIFISEHNYATPNGYGTRTIDMSSAIGKNAQFIYDK
KKNSSSVDKLAAALEH
;
_entity_poly.pdbx_strand_id   A
#
# COMPACT_ATOMS: atom_id res chain seq x y z
N MET A 1 33.89 15.45 17.53
CA MET A 1 33.80 14.06 17.94
C MET A 1 34.04 13.15 16.75
N GLU A 2 34.99 12.26 16.85
CA GLU A 2 35.25 11.33 15.77
C GLU A 2 35.43 9.93 16.31
N GLN A 3 35.34 8.95 15.43
CA GLN A 3 35.49 7.57 15.85
C GLN A 3 36.50 6.85 14.97
N SER A 4 37.21 7.63 14.18
CA SER A 4 38.13 7.09 13.18
C SER A 4 38.88 8.25 12.53
N SER A 5 38.14 9.12 11.91
CA SER A 5 38.66 10.32 11.29
C SER A 5 37.60 11.42 11.37
N GLY A 6 36.36 11.01 11.27
CA GLY A 6 35.25 11.90 11.38
C GLY A 6 34.14 11.22 12.10
N ASP A 7 32.95 11.71 11.90
CA ASP A 7 31.79 11.12 12.50
C ASP A 7 30.75 10.90 11.44
N LYS A 8 30.28 9.71 11.32
CA LYS A 8 29.28 9.39 10.35
C LYS A 8 28.00 8.95 11.04
N ASP A 9 26.91 9.13 10.37
CA ASP A 9 25.62 8.72 10.86
C ASP A 9 24.89 8.02 9.75
N GLY A 10 24.40 6.86 10.04
CA GLY A 10 23.71 6.08 9.05
C GLY A 10 22.81 5.05 9.69
N GLY A 11 22.34 5.33 10.88
CA GLY A 11 21.51 4.40 11.60
C GLY A 11 20.10 4.37 11.07
N SER A 12 19.69 5.46 10.42
CA SER A 12 18.34 5.59 9.90
C SER A 12 18.10 4.63 8.74
N ASP A 13 19.17 4.07 8.21
CA ASP A 13 19.07 3.08 7.13
C ASP A 13 18.54 1.76 7.66
N SER A 14 18.53 1.64 8.96
CA SER A 14 17.95 0.53 9.65
C SER A 14 16.85 1.03 10.57
N GLY A 15 16.40 2.25 10.31
CA GLY A 15 15.37 2.88 11.11
C GLY A 15 14.02 2.45 10.66
N GLY A 16 13.67 1.25 11.01
CA GLY A 16 12.43 0.69 10.62
C GLY A 16 12.67 -0.58 9.92
N ALA A 17 11.75 -1.47 9.99
CA ALA A 17 11.92 -2.74 9.41
C ALA A 17 11.24 -2.82 8.08
N GLN A 18 11.93 -3.41 7.16
CA GLN A 18 11.33 -3.79 5.93
C GLN A 18 10.61 -5.08 6.22
N ASP A 19 9.47 -5.30 5.63
CA ASP A 19 8.69 -6.47 5.99
C ASP A 19 9.21 -7.69 5.25
N GLY A 20 9.91 -7.44 4.16
CA GLY A 20 10.53 -8.50 3.38
C GLY A 20 9.51 -9.36 2.66
N GLY A 21 8.92 -10.27 3.38
CA GLY A 21 7.96 -11.19 2.82
C GLY A 21 6.58 -10.61 2.79
N SER A 22 6.44 -9.51 2.11
CA SER A 22 5.18 -8.86 1.99
C SER A 22 4.42 -9.42 0.78
N LEU A 23 3.19 -9.88 1.06
CA LEU A 23 2.27 -10.45 0.07
C LEU A 23 2.76 -11.82 -0.39
N ASP A 24 3.73 -11.77 -1.28
CA ASP A 24 4.33 -12.90 -2.00
C ASP A 24 5.05 -12.29 -3.16
N SER A 25 4.42 -11.28 -3.69
CA SER A 25 4.93 -10.50 -4.79
C SER A 25 6.18 -9.72 -4.36
N LEU A 26 6.13 -9.08 -3.20
CA LEU A 26 7.17 -8.16 -2.77
C LEU A 26 8.47 -8.81 -2.30
N LYS A 27 8.38 -10.07 -1.88
CA LYS A 27 9.53 -10.77 -1.31
C LYS A 27 10.70 -10.91 -2.30
N LYS A 28 10.37 -11.04 -3.58
CA LYS A 28 11.36 -11.21 -4.65
C LYS A 28 12.21 -9.94 -4.87
N TYR A 29 11.76 -8.82 -4.31
CA TYR A 29 12.50 -7.56 -4.42
C TYR A 29 13.45 -7.39 -3.25
N ASN A 30 13.57 -8.46 -2.44
CA ASN A 30 14.45 -8.52 -1.26
C ASN A 30 14.05 -7.45 -0.23
N GLY A 31 12.78 -7.15 -0.19
CA GLY A 31 12.26 -6.18 0.73
C GLY A 31 12.46 -4.75 0.26
N LYS A 32 13.06 -4.58 -0.91
CA LYS A 32 13.24 -3.26 -1.46
C LYS A 32 12.03 -2.94 -2.28
N LEU A 33 11.42 -1.82 -2.06
CA LEU A 33 10.20 -1.54 -2.77
C LEU A 33 10.43 -1.21 -4.24
N PRO A 34 9.61 -1.82 -5.10
CA PRO A 34 9.59 -1.59 -6.56
C PRO A 34 9.62 -0.11 -6.98
N LYS A 35 10.04 0.10 -8.19
CA LYS A 35 10.23 1.43 -8.78
C LYS A 35 8.88 2.04 -9.21
N HIS A 36 8.79 3.35 -9.14
CA HIS A 36 7.62 4.03 -9.64
C HIS A 36 7.94 4.62 -11.01
N ASP A 37 6.98 4.60 -11.89
CA ASP A 37 7.15 5.12 -13.23
C ASP A 37 6.15 6.22 -13.50
N PRO A 38 6.60 7.49 -13.47
CA PRO A 38 5.71 8.66 -13.68
C PRO A 38 5.13 8.71 -15.08
N SER A 39 5.87 8.17 -15.98
CA SER A 39 5.51 8.13 -17.36
C SER A 39 4.58 6.95 -17.70
N PHE A 40 4.45 6.01 -16.78
CA PHE A 40 3.63 4.82 -16.99
C PHE A 40 2.15 5.18 -16.94
N VAL A 41 1.37 4.65 -17.86
CA VAL A 41 -0.06 4.91 -17.92
C VAL A 41 -0.87 3.69 -17.49
N GLN A 42 -1.81 3.92 -16.60
CA GLN A 42 -2.69 2.90 -16.10
C GLN A 42 -4.11 3.12 -16.63
N PRO A 43 -4.84 2.03 -16.94
CA PRO A 43 -6.22 2.13 -17.46
C PRO A 43 -7.27 2.43 -16.36
N GLY A 44 -6.79 2.81 -15.19
CA GLY A 44 -7.66 3.10 -14.06
C GLY A 44 -8.11 4.54 -14.01
N ASN A 45 -8.09 5.18 -15.14
CA ASN A 45 -8.41 6.60 -15.25
C ASN A 45 -9.92 6.91 -15.15
N ARG A 46 -10.74 5.88 -15.14
CA ARG A 46 -12.20 6.06 -15.09
C ARG A 46 -12.73 6.63 -13.77
N HIS A 47 -12.06 6.34 -12.68
CA HIS A 47 -12.59 6.75 -11.38
C HIS A 47 -11.98 8.06 -10.90
N TYR A 48 -12.28 8.43 -9.66
CA TYR A 48 -11.91 9.68 -9.07
C TYR A 48 -10.40 9.89 -9.07
N LYS A 49 -9.95 10.70 -9.99
CA LYS A 49 -8.55 10.97 -10.19
C LYS A 49 -8.01 12.02 -9.24
N TYR A 50 -8.89 12.72 -8.59
CA TYR A 50 -8.49 13.75 -7.64
C TYR A 50 -8.62 13.19 -6.21
N GLN A 51 -8.93 11.92 -6.13
CA GLN A 51 -9.16 11.27 -4.87
C GLN A 51 -7.92 10.45 -4.49
N CYS A 52 -7.86 10.04 -3.23
CA CYS A 52 -6.77 9.23 -2.68
C CYS A 52 -6.60 7.91 -3.43
N THR A 53 -7.70 7.43 -3.99
CA THR A 53 -7.75 6.18 -4.72
C THR A 53 -6.82 6.20 -5.93
N TRP A 54 -6.77 7.31 -6.66
CA TRP A 54 -5.93 7.43 -7.84
C TRP A 54 -4.47 7.34 -7.47
N TYR A 55 -4.11 7.99 -6.38
CA TYR A 55 -2.76 7.93 -5.88
C TYR A 55 -2.42 6.50 -5.48
N ALA A 56 -3.41 5.81 -4.94
CA ALA A 56 -3.28 4.44 -4.56
C ALA A 56 -3.10 3.54 -5.78
N TYR A 57 -3.88 3.77 -6.85
CA TYR A 57 -3.74 2.95 -8.07
C TYR A 57 -2.34 3.10 -8.65
N ASN A 58 -1.85 4.32 -8.66
CA ASN A 58 -0.51 4.60 -9.18
C ASN A 58 0.52 3.88 -8.34
N ARG A 59 0.41 3.99 -7.03
CA ARG A 59 1.35 3.34 -6.14
C ARG A 59 1.16 1.81 -6.08
N ARG A 60 -0.01 1.34 -6.43
CA ARG A 60 -0.28 -0.09 -6.51
C ARG A 60 0.44 -0.62 -7.75
N GLY A 61 0.47 0.22 -8.77
CA GLY A 61 1.18 -0.10 -10.00
C GLY A 61 2.66 -0.05 -9.80
N GLN A 62 3.09 0.79 -8.86
CA GLN A 62 4.49 0.90 -8.47
C GLN A 62 4.98 -0.44 -7.95
N LEU A 63 4.13 -1.11 -7.24
CA LEU A 63 4.43 -2.39 -6.62
C LEU A 63 4.26 -3.54 -7.60
N GLY A 64 3.82 -3.22 -8.79
CA GLY A 64 3.65 -4.19 -9.83
C GLY A 64 2.46 -5.09 -9.60
N ILE A 65 1.43 -4.55 -9.01
CA ILE A 65 0.23 -5.27 -8.77
C ILE A 65 -0.98 -4.49 -9.34
N PRO A 66 -1.46 -4.92 -10.52
CA PRO A 66 -2.63 -4.33 -11.18
C PRO A 66 -3.94 -4.74 -10.53
N VAL A 67 -4.79 -3.78 -10.24
CA VAL A 67 -6.06 -4.04 -9.60
C VAL A 67 -7.20 -3.38 -10.36
N PRO A 68 -8.41 -3.99 -10.31
CA PRO A 68 -9.62 -3.41 -10.89
C PRO A 68 -9.98 -2.06 -10.27
N LEU A 69 -10.68 -1.26 -11.03
CA LEU A 69 -11.19 0.00 -10.56
C LEU A 69 -12.33 -0.24 -9.57
N TRP A 70 -12.13 0.18 -8.37
CA TRP A 70 -13.13 0.09 -7.36
C TRP A 70 -13.74 1.45 -7.16
N GLY A 71 -15.03 1.47 -6.85
CA GLY A 71 -15.84 2.68 -6.79
C GLY A 71 -15.22 3.81 -6.02
N ASP A 72 -15.23 3.68 -4.74
CA ASP A 72 -14.76 4.70 -3.85
C ASP A 72 -13.82 4.05 -2.84
N ALA A 73 -13.10 4.83 -2.03
CA ALA A 73 -12.05 4.31 -1.13
C ALA A 73 -12.53 3.18 -0.21
N ALA A 74 -13.65 3.37 0.45
CA ALA A 74 -14.20 2.37 1.37
C ALA A 74 -14.57 1.06 0.63
N ASP A 75 -14.93 1.19 -0.64
CA ASP A 75 -15.35 0.08 -1.52
C ASP A 75 -14.26 -0.95 -1.74
N TRP A 76 -13.02 -0.52 -1.65
CA TRP A 76 -11.84 -1.36 -1.98
C TRP A 76 -11.81 -2.68 -1.21
N ILE A 77 -12.23 -2.68 0.06
CA ILE A 77 -12.22 -3.93 0.84
C ILE A 77 -13.17 -4.96 0.23
N GLY A 78 -14.33 -4.48 -0.18
CA GLY A 78 -15.34 -5.32 -0.82
C GLY A 78 -14.93 -5.73 -2.20
N GLY A 79 -14.34 -4.80 -2.93
CA GLY A 79 -13.87 -5.08 -4.27
C GLY A 79 -12.79 -6.13 -4.27
N ALA A 80 -11.94 -6.08 -3.26
CA ALA A 80 -10.87 -7.05 -3.08
C ALA A 80 -11.44 -8.45 -2.92
N LYS A 81 -12.55 -8.56 -2.18
CA LYS A 81 -13.21 -9.82 -1.94
C LYS A 81 -13.65 -10.45 -3.26
N GLY A 82 -14.22 -9.62 -4.12
CA GLY A 82 -14.72 -10.08 -5.40
C GLY A 82 -13.59 -10.36 -6.40
N ALA A 83 -12.50 -9.63 -6.26
CA ALA A 83 -11.37 -9.78 -7.16
C ALA A 83 -10.47 -10.94 -6.76
N GLY A 84 -10.74 -11.53 -5.62
CA GLY A 84 -9.99 -12.68 -5.17
C GLY A 84 -8.75 -12.29 -4.39
N TYR A 85 -8.73 -11.08 -3.91
CA TYR A 85 -7.61 -10.60 -3.16
C TYR A 85 -7.88 -10.83 -1.69
N GLY A 86 -6.84 -10.79 -0.91
CA GLY A 86 -6.98 -11.05 0.48
C GLY A 86 -7.02 -9.78 1.26
N VAL A 87 -7.61 -9.82 2.41
CA VAL A 87 -7.69 -8.66 3.24
C VAL A 87 -7.23 -9.05 4.63
N GLY A 88 -6.47 -8.22 5.26
CA GLY A 88 -5.95 -8.52 6.57
C GLY A 88 -5.76 -7.28 7.38
N ARG A 89 -5.30 -7.45 8.59
CA ARG A 89 -5.03 -6.32 9.45
C ARG A 89 -3.54 -6.31 9.81
N THR A 90 -2.74 -7.11 9.12
CA THR A 90 -1.35 -7.21 9.43
C THR A 90 -0.54 -6.15 8.67
N PRO A 91 0.29 -5.37 9.38
CA PRO A 91 1.13 -4.36 8.76
C PRO A 91 2.21 -4.96 7.87
N LYS A 92 2.05 -4.80 6.58
CA LYS A 92 3.05 -5.23 5.66
C LYS A 92 3.46 -4.11 4.77
N GLN A 93 4.73 -4.08 4.50
CA GLN A 93 5.38 -3.05 3.73
C GLN A 93 4.88 -2.94 2.29
N GLY A 94 4.68 -1.73 1.85
CA GLY A 94 4.36 -1.47 0.48
C GLY A 94 2.90 -1.37 0.24
N ALA A 95 2.21 -2.34 0.70
CA ALA A 95 0.81 -2.45 0.44
C ALA A 95 0.01 -1.29 1.05
N CYS A 96 -1.05 -0.93 0.40
CA CYS A 96 -1.85 0.21 0.80
C CYS A 96 -2.87 -0.17 1.86
N VAL A 97 -3.11 0.76 2.76
CA VAL A 97 -4.07 0.60 3.81
C VAL A 97 -5.33 1.33 3.45
N ILE A 98 -6.43 0.72 3.74
CA ILE A 98 -7.72 1.25 3.43
C ILE A 98 -8.47 1.54 4.72
N TRP A 99 -8.83 2.77 4.90
CA TRP A 99 -9.69 3.16 5.96
C TRP A 99 -11.07 3.31 5.39
N GLN A 100 -12.06 2.93 6.15
CA GLN A 100 -13.42 3.06 5.72
C GLN A 100 -13.92 4.48 5.96
N ARG A 101 -15.15 4.72 5.62
CA ARG A 101 -15.71 6.04 5.79
C ARG A 101 -16.55 6.11 7.05
N GLY A 102 -16.12 6.94 7.97
CA GLY A 102 -16.79 7.07 9.23
C GLY A 102 -15.99 6.40 10.34
N VAL A 103 -14.69 6.28 10.13
CA VAL A 103 -13.80 5.66 11.10
C VAL A 103 -12.60 6.54 11.33
N GLN A 104 -11.96 6.39 12.47
CA GLN A 104 -10.75 7.14 12.73
C GLN A 104 -9.65 6.79 11.80
N GLY A 105 -9.14 7.80 11.24
CA GLY A 105 -8.07 7.68 10.29
C GLY A 105 -8.53 7.80 8.86
N GLY A 106 -9.82 7.68 8.64
CA GLY A 106 -10.33 7.79 7.29
C GLY A 106 -11.04 9.09 7.10
N SER A 107 -11.15 9.53 5.87
CA SER A 107 -11.90 10.72 5.58
C SER A 107 -13.39 10.32 5.53
N PRO A 108 -14.24 10.93 6.39
CA PRO A 108 -15.65 10.52 6.63
C PRO A 108 -16.52 10.27 5.40
N GLN A 109 -16.21 10.91 4.31
CA GLN A 109 -17.05 10.77 3.14
C GLN A 109 -16.63 9.59 2.26
N TYR A 110 -15.35 9.29 2.19
CA TYR A 110 -14.88 8.29 1.21
C TYR A 110 -14.16 7.14 1.87
N GLY A 111 -13.55 7.42 2.96
CA GLY A 111 -12.61 6.52 3.53
C GLY A 111 -11.25 7.13 3.30
N HIS A 112 -10.22 6.35 3.24
CA HIS A 112 -8.91 6.92 2.98
C HIS A 112 -7.94 5.81 2.60
N VAL A 113 -7.00 6.10 1.73
CA VAL A 113 -6.02 5.13 1.31
C VAL A 113 -4.64 5.72 1.54
N ALA A 114 -3.74 4.95 2.10
CA ALA A 114 -2.38 5.39 2.30
C ALA A 114 -1.42 4.25 1.96
N PHE A 115 -0.19 4.58 1.68
CA PHE A 115 0.80 3.60 1.27
C PHE A 115 1.79 3.38 2.40
N VAL A 116 1.94 2.14 2.82
CA VAL A 116 2.87 1.78 3.88
C VAL A 116 4.29 1.75 3.36
N GLU A 117 5.11 2.63 3.86
CA GLU A 117 6.49 2.69 3.47
C GLU A 117 7.31 1.73 4.32
N LYS A 118 7.07 1.75 5.62
CA LYS A 118 7.80 0.91 6.56
C LYS A 118 6.94 0.37 7.63
N VAL A 119 7.46 -0.65 8.24
CA VAL A 119 6.85 -1.30 9.38
C VAL A 119 7.77 -1.01 10.55
N LEU A 120 7.28 -0.33 11.54
CA LEU A 120 8.13 0.14 12.58
C LEU A 120 7.94 -0.57 13.88
N ASP A 121 9.05 -0.71 14.59
CA ASP A 121 9.16 -1.28 15.94
C ASP A 121 8.81 -2.77 15.93
N GLY A 122 8.74 -3.33 14.75
CA GLY A 122 8.36 -4.70 14.59
C GLY A 122 7.03 -4.80 13.89
N GLY A 123 6.15 -3.84 14.17
CA GLY A 123 4.87 -3.81 13.54
C GLY A 123 3.90 -3.16 14.44
N LYS A 124 4.42 -2.25 15.20
CA LYS A 124 3.71 -1.55 16.18
C LYS A 124 3.14 -0.35 15.55
N LYS A 125 3.94 0.22 14.75
CA LYS A 125 3.65 1.45 14.09
C LYS A 125 3.95 1.24 12.62
N ILE A 126 3.32 1.99 11.79
CA ILE A 126 3.57 1.94 10.37
C ILE A 126 3.87 3.33 9.88
N PHE A 127 4.72 3.42 8.91
CA PHE A 127 5.10 4.69 8.37
C PHE A 127 4.49 4.79 6.99
N ILE A 128 3.71 5.81 6.74
CA ILE A 128 3.05 5.93 5.44
C ILE A 128 3.50 7.18 4.70
N SER A 129 3.27 7.19 3.42
CA SER A 129 3.57 8.32 2.58
C SER A 129 2.36 8.61 1.68
N GLU A 130 2.38 9.75 1.02
CA GLU A 130 1.31 10.23 0.20
C GLU A 130 1.93 11.20 -0.81
N HIS A 131 1.17 11.61 -1.81
CA HIS A 131 1.64 12.61 -2.73
C HIS A 131 1.03 13.96 -2.32
N ASN A 132 -0.15 14.28 -2.84
CA ASN A 132 -0.83 15.52 -2.45
C ASN A 132 -2.32 15.30 -2.39
N TYR A 133 -2.78 14.88 -1.26
CA TYR A 133 -4.19 14.66 -1.04
C TYR A 133 -4.58 15.32 0.25
N ALA A 134 -3.92 14.95 1.32
CA ALA A 134 -4.20 15.50 2.61
C ALA A 134 -3.18 16.57 2.96
N THR A 135 -1.99 16.47 2.39
CA THR A 135 -0.97 17.46 2.62
C THR A 135 -0.88 18.40 1.41
N PRO A 136 -1.11 19.70 1.61
CA PRO A 136 -0.97 20.68 0.57
C PRO A 136 0.47 21.21 0.50
N ASN A 137 0.87 21.69 -0.69
CA ASN A 137 2.20 22.32 -0.94
C ASN A 137 3.33 21.29 -1.08
N GLY A 138 3.28 20.25 -0.30
CA GLY A 138 4.28 19.25 -0.36
C GLY A 138 3.72 17.92 0.04
N TYR A 139 4.56 16.94 0.12
CA TYR A 139 4.13 15.62 0.49
C TYR A 139 4.57 15.35 1.91
N GLY A 140 3.77 14.59 2.63
CA GLY A 140 4.07 14.33 4.01
C GLY A 140 3.95 12.87 4.35
N THR A 141 4.64 12.49 5.39
CA THR A 141 4.63 11.15 5.88
C THR A 141 4.17 11.17 7.33
N ARG A 142 3.55 10.12 7.76
CA ARG A 142 3.06 10.05 9.12
C ARG A 142 3.17 8.63 9.62
N THR A 143 3.37 8.48 10.89
CA THR A 143 3.46 7.21 11.52
C THR A 143 2.12 6.91 12.23
N ILE A 144 1.57 5.76 11.94
CA ILE A 144 0.32 5.32 12.51
C ILE A 144 0.56 4.19 13.48
N ASP A 145 -0.02 4.28 14.65
CA ASP A 145 0.11 3.26 15.65
C ASP A 145 -0.96 2.20 15.43
N MET A 146 -0.52 0.97 15.30
CA MET A 146 -1.41 -0.18 15.02
C MET A 146 -2.29 -0.50 16.22
N SER A 147 -1.92 0.01 17.36
CA SER A 147 -2.66 -0.25 18.59
C SER A 147 -3.75 0.79 18.79
N SER A 148 -3.56 1.94 18.20
CA SER A 148 -4.47 3.04 18.37
C SER A 148 -5.62 2.94 17.35
N ALA A 149 -6.63 3.79 17.52
CA ALA A 149 -7.84 3.77 16.70
C ALA A 149 -7.53 3.89 15.22
N ILE A 150 -6.58 4.75 14.88
CA ILE A 150 -6.17 4.94 13.48
C ILE A 150 -5.67 3.60 12.92
N GLY A 151 -4.81 2.96 13.69
CA GLY A 151 -4.21 1.71 13.29
C GLY A 151 -5.18 0.55 13.23
N LYS A 152 -6.14 0.54 14.12
CA LYS A 152 -7.12 -0.55 14.15
C LYS A 152 -8.10 -0.46 12.99
N ASN A 153 -8.23 0.73 12.44
CA ASN A 153 -9.13 0.95 11.32
C ASN A 153 -8.40 0.76 10.02
N ALA A 154 -7.09 0.70 10.09
CA ALA A 154 -6.28 0.52 8.91
C ALA A 154 -6.36 -0.92 8.48
N GLN A 155 -6.85 -1.14 7.29
CA GLN A 155 -7.00 -2.48 6.80
C GLN A 155 -6.17 -2.65 5.58
N PHE A 156 -5.60 -3.78 5.49
CA PHE A 156 -4.64 -4.08 4.45
C PHE A 156 -5.22 -5.00 3.42
N ILE A 157 -4.90 -4.77 2.19
CA ILE A 157 -5.35 -5.60 1.10
C ILE A 157 -4.13 -6.29 0.52
N TYR A 158 -4.20 -7.58 0.42
CA TYR A 158 -3.12 -8.37 -0.10
C TYR A 158 -3.50 -8.84 -1.48
N ASP A 159 -2.62 -8.72 -2.43
CA ASP A 159 -2.94 -9.14 -3.77
C ASP A 159 -2.39 -10.49 -4.03
N LYS A 160 -3.11 -11.23 -4.85
CA LYS A 160 -2.76 -12.59 -5.23
C LYS A 160 -1.80 -12.55 -6.40
N LYS A 161 -1.85 -11.46 -7.10
CA LYS A 161 -1.04 -11.24 -8.27
C LYS A 161 0.38 -10.87 -7.90
N LYS A 162 1.29 -11.34 -8.68
CA LYS A 162 2.67 -10.89 -8.62
C LYS A 162 3.17 -10.68 -10.02
N ASN A 163 2.24 -10.72 -10.93
CA ASN A 163 2.49 -10.47 -12.31
C ASN A 163 2.19 -9.03 -12.59
N SER A 164 3.14 -8.34 -13.15
CA SER A 164 2.99 -6.93 -13.37
C SER A 164 2.78 -6.65 -14.85
N SER A 165 3.74 -7.07 -15.65
CA SER A 165 3.69 -6.80 -17.05
C SER A 165 2.91 -7.85 -17.83
N SER A 166 1.62 -7.75 -17.69
CA SER A 166 0.65 -8.57 -18.35
C SER A 166 -0.71 -7.92 -18.21
N VAL A 167 -1.53 -7.97 -19.23
CA VAL A 167 -2.83 -7.35 -19.19
C VAL A 167 -3.74 -8.14 -18.29
N ASP A 168 -4.24 -7.50 -17.28
CA ASP A 168 -5.16 -8.12 -16.36
C ASP A 168 -6.54 -7.84 -16.77
N LYS A 169 -7.35 -8.83 -16.68
CA LYS A 169 -8.72 -8.76 -17.14
C LYS A 169 -9.51 -7.79 -16.28
N LEU A 170 -9.28 -7.81 -15.01
CA LEU A 170 -10.01 -6.94 -14.13
C LEU A 170 -9.52 -5.52 -14.19
N ALA A 171 -8.23 -5.38 -14.28
CA ALA A 171 -7.60 -4.07 -14.28
C ALA A 171 -7.85 -3.31 -15.56
N ALA A 172 -7.76 -3.99 -16.69
CA ALA A 172 -7.86 -3.34 -17.97
C ALA A 172 -9.24 -3.44 -18.58
N ALA A 173 -10.02 -4.42 -18.21
CA ALA A 173 -11.31 -4.57 -18.80
C ALA A 173 -12.39 -4.40 -17.76
N LEU A 174 -13.22 -3.44 -17.99
CA LEU A 174 -14.32 -3.15 -17.10
C LEU A 174 -15.40 -4.12 -17.42
N GLU A 175 -15.65 -4.21 -18.68
CA GLU A 175 -16.68 -5.05 -19.22
C GLU A 175 -16.10 -6.42 -19.51
N HIS A 176 -16.97 -7.39 -19.68
CA HIS A 176 -16.57 -8.76 -20.00
C HIS A 176 -17.72 -9.48 -20.66
N MET A 1 35.23 14.54 3.15
CA MET A 1 34.72 15.83 3.62
C MET A 1 33.48 15.62 4.50
N GLU A 2 33.20 14.38 4.84
CA GLU A 2 32.06 14.05 5.64
C GLU A 2 32.40 14.17 7.12
N GLN A 3 31.48 14.76 7.89
CA GLN A 3 31.69 14.98 9.32
C GLN A 3 31.54 13.69 10.10
N SER A 4 30.92 12.73 9.48
CA SER A 4 30.71 11.46 10.06
C SER A 4 31.44 10.37 9.29
N SER A 5 32.63 10.01 9.78
CA SER A 5 33.42 8.96 9.17
C SER A 5 32.73 7.61 9.31
N GLY A 6 32.04 7.45 10.42
CA GLY A 6 31.25 6.27 10.66
C GLY A 6 29.81 6.66 10.68
N ASP A 7 29.33 7.08 9.53
CA ASP A 7 27.97 7.56 9.39
C ASP A 7 27.04 6.38 9.28
N LYS A 8 26.12 6.28 10.21
CA LYS A 8 25.18 5.17 10.27
C LYS A 8 24.30 5.06 9.02
N ASP A 9 24.21 3.86 8.52
CA ASP A 9 23.45 3.57 7.33
C ASP A 9 22.56 2.36 7.58
N GLY A 10 21.67 2.09 6.67
CA GLY A 10 20.79 0.95 6.79
C GLY A 10 19.46 1.36 7.36
N GLY A 11 19.27 1.10 8.63
CA GLY A 11 18.03 1.44 9.29
C GLY A 11 18.02 2.89 9.75
N SER A 12 18.97 3.64 9.29
CA SER A 12 19.08 5.02 9.63
C SER A 12 18.75 5.90 8.43
N ASP A 13 18.18 5.29 7.39
CA ASP A 13 17.78 6.04 6.20
C ASP A 13 16.60 6.93 6.55
N SER A 14 15.85 6.47 7.51
CA SER A 14 14.72 7.18 8.02
C SER A 14 14.52 6.89 9.50
N GLY A 15 15.12 5.80 9.95
CA GLY A 15 14.99 5.40 11.33
C GLY A 15 14.13 4.17 11.44
N GLY A 16 13.39 3.87 10.41
CA GLY A 16 12.50 2.75 10.43
C GLY A 16 13.11 1.51 9.89
N ALA A 17 12.72 0.41 10.48
CA ALA A 17 13.17 -0.87 10.10
C ALA A 17 12.20 -1.48 9.09
N GLN A 18 12.48 -2.67 8.71
CA GLN A 18 11.69 -3.41 7.75
C GLN A 18 11.23 -4.74 8.33
N ASP A 19 10.11 -5.25 7.86
CA ASP A 19 9.66 -6.59 8.26
C ASP A 19 10.07 -7.54 7.14
N GLY A 20 10.32 -6.95 5.97
CA GLY A 20 10.73 -7.70 4.83
C GLY A 20 9.59 -8.45 4.20
N GLY A 21 8.38 -7.92 4.40
CA GLY A 21 7.17 -8.51 3.90
C GLY A 21 7.13 -8.54 2.40
N SER A 22 7.52 -9.64 1.85
CA SER A 22 7.51 -9.82 0.46
C SER A 22 6.11 -10.24 0.01
N LEU A 23 5.27 -9.23 -0.24
CA LEU A 23 3.88 -9.39 -0.67
C LEU A 23 3.77 -10.38 -1.84
N ASP A 24 4.13 -9.93 -3.02
CA ASP A 24 4.18 -10.80 -4.20
C ASP A 24 5.28 -10.33 -5.10
N SER A 25 5.08 -9.19 -5.72
CA SER A 25 6.07 -8.58 -6.59
C SER A 25 7.31 -8.16 -5.80
N LEU A 26 7.06 -7.87 -4.54
CA LEU A 26 8.05 -7.35 -3.62
C LEU A 26 9.19 -8.33 -3.32
N LYS A 27 8.94 -9.61 -3.56
CA LYS A 27 9.94 -10.65 -3.30
C LYS A 27 11.22 -10.42 -4.10
N LYS A 28 11.08 -9.89 -5.31
CA LYS A 28 12.24 -9.64 -6.17
C LYS A 28 13.08 -8.46 -5.64
N TYR A 29 12.49 -7.67 -4.75
CA TYR A 29 13.17 -6.52 -4.17
C TYR A 29 13.57 -6.82 -2.74
N ASN A 30 13.27 -8.04 -2.29
CA ASN A 30 13.57 -8.53 -0.93
C ASN A 30 12.88 -7.66 0.15
N GLY A 31 11.74 -7.14 -0.20
CA GLY A 31 11.02 -6.32 0.75
C GLY A 31 11.43 -4.86 0.73
N LYS A 32 12.38 -4.51 -0.13
CA LYS A 32 12.68 -3.11 -0.32
C LYS A 32 11.59 -2.57 -1.21
N LEU A 33 11.05 -1.43 -0.90
CA LEU A 33 9.98 -0.93 -1.71
C LEU A 33 10.46 -0.33 -3.01
N PRO A 34 9.69 -0.60 -4.07
CA PRO A 34 9.97 -0.12 -5.42
C PRO A 34 10.09 1.42 -5.51
N LYS A 35 10.79 1.88 -6.54
CA LYS A 35 11.07 3.29 -6.73
C LYS A 35 9.84 4.11 -7.00
N HIS A 36 9.82 5.31 -6.45
CA HIS A 36 8.70 6.22 -6.61
C HIS A 36 8.55 6.67 -8.06
N ASP A 37 7.43 6.35 -8.61
CA ASP A 37 7.06 6.62 -9.97
C ASP A 37 6.43 8.00 -10.10
N PRO A 38 6.88 8.79 -11.04
CA PRO A 38 6.19 10.03 -11.37
C PRO A 38 5.24 9.88 -12.57
N SER A 39 5.61 9.00 -13.46
CA SER A 39 4.94 8.80 -14.71
C SER A 39 3.92 7.64 -14.74
N PHE A 40 3.95 6.74 -13.76
CA PHE A 40 3.15 5.52 -13.86
C PHE A 40 1.65 5.78 -13.85
N VAL A 41 0.97 5.22 -14.83
CA VAL A 41 -0.46 5.32 -14.92
C VAL A 41 -1.11 3.96 -14.61
N GLN A 42 -1.87 3.93 -13.56
CA GLN A 42 -2.62 2.76 -13.18
C GLN A 42 -3.97 2.89 -13.85
N PRO A 43 -4.55 1.79 -14.38
CA PRO A 43 -5.89 1.82 -14.97
C PRO A 43 -6.98 2.13 -13.94
N GLY A 44 -7.16 3.41 -13.66
CA GLY A 44 -8.18 3.88 -12.78
C GLY A 44 -9.02 4.91 -13.51
N ASN A 45 -8.99 4.78 -14.80
CA ASN A 45 -9.57 5.72 -15.75
C ASN A 45 -11.10 5.80 -15.71
N ARG A 46 -11.77 4.75 -15.26
CA ARG A 46 -13.23 4.77 -15.22
C ARG A 46 -13.78 5.65 -14.10
N HIS A 47 -13.16 5.60 -12.94
CA HIS A 47 -13.72 6.24 -11.74
C HIS A 47 -13.03 7.55 -11.38
N TYR A 48 -13.35 8.04 -10.17
CA TYR A 48 -12.89 9.29 -9.60
C TYR A 48 -11.38 9.40 -9.65
N LYS A 49 -10.89 10.57 -10.00
CA LYS A 49 -9.46 10.79 -10.18
C LYS A 49 -8.95 11.89 -9.25
N TYR A 50 -9.84 12.56 -8.60
CA TYR A 50 -9.48 13.64 -7.69
C TYR A 50 -9.76 13.21 -6.27
N GLN A 51 -9.83 11.90 -6.10
CA GLN A 51 -10.14 11.30 -4.83
C GLN A 51 -8.92 10.49 -4.38
N CYS A 52 -8.84 10.22 -3.08
CA CYS A 52 -7.73 9.46 -2.48
C CYS A 52 -7.60 8.07 -3.09
N THR A 53 -8.73 7.52 -3.53
CA THR A 53 -8.76 6.21 -4.12
C THR A 53 -7.91 6.13 -5.39
N TRP A 54 -8.01 7.14 -6.25
CA TRP A 54 -7.25 7.17 -7.49
C TRP A 54 -5.77 7.27 -7.21
N TYR A 55 -5.40 8.04 -6.20
CA TYR A 55 -4.00 8.17 -5.91
C TYR A 55 -3.48 6.87 -5.34
N ALA A 56 -4.34 6.16 -4.61
CA ALA A 56 -4.03 4.85 -4.11
C ALA A 56 -3.75 3.91 -5.28
N TYR A 57 -4.53 4.05 -6.36
CA TYR A 57 -4.27 3.29 -7.60
C TYR A 57 -2.87 3.55 -8.10
N ASN A 58 -2.48 4.80 -8.12
CA ASN A 58 -1.14 5.19 -8.56
C ASN A 58 -0.07 4.56 -7.66
N ARG A 59 -0.26 4.69 -6.34
CA ARG A 59 0.70 4.11 -5.37
C ARG A 59 0.75 2.59 -5.47
N ARG A 60 -0.38 2.00 -5.80
CA ARG A 60 -0.50 0.57 -5.97
C ARG A 60 0.33 0.15 -7.19
N GLY A 61 0.37 1.03 -8.18
CA GLY A 61 1.09 0.77 -9.41
C GLY A 61 2.58 0.88 -9.22
N GLN A 62 2.97 1.60 -8.18
CA GLN A 62 4.36 1.78 -7.81
C GLN A 62 4.95 0.42 -7.45
N LEU A 63 4.11 -0.37 -6.85
CA LEU A 63 4.44 -1.71 -6.40
C LEU A 63 4.27 -2.75 -7.51
N GLY A 64 3.86 -2.29 -8.68
CA GLY A 64 3.68 -3.15 -9.83
C GLY A 64 2.52 -4.09 -9.69
N ILE A 65 1.57 -3.70 -8.89
CA ILE A 65 0.40 -4.48 -8.64
C ILE A 65 -0.86 -3.70 -9.06
N PRO A 66 -1.43 -4.03 -10.22
CA PRO A 66 -2.62 -3.37 -10.72
C PRO A 66 -3.91 -3.91 -10.10
N VAL A 67 -4.72 -3.02 -9.59
CA VAL A 67 -5.98 -3.41 -8.97
C VAL A 67 -7.17 -3.01 -9.83
N PRO A 68 -8.25 -3.81 -9.80
CA PRO A 68 -9.51 -3.49 -10.48
C PRO A 68 -10.14 -2.20 -9.96
N LEU A 69 -10.95 -1.59 -10.77
CA LEU A 69 -11.61 -0.36 -10.42
C LEU A 69 -12.78 -0.54 -9.47
N TRP A 70 -12.62 0.05 -8.32
CA TRP A 70 -13.58 0.06 -7.26
C TRP A 70 -13.98 1.53 -7.05
N GLY A 71 -15.06 1.80 -6.35
CA GLY A 71 -15.55 3.18 -6.35
C GLY A 71 -15.59 3.88 -5.01
N ASP A 72 -14.96 3.33 -4.01
CA ASP A 72 -14.96 3.92 -2.67
C ASP A 72 -13.93 3.18 -1.86
N ALA A 73 -13.36 3.81 -0.84
CA ALA A 73 -12.31 3.16 -0.05
C ALA A 73 -12.86 1.94 0.69
N ALA A 74 -14.04 2.04 1.26
CA ALA A 74 -14.62 0.91 1.96
C ALA A 74 -15.07 -0.15 0.95
N ASP A 75 -15.44 0.34 -0.23
CA ASP A 75 -15.83 -0.47 -1.39
C ASP A 75 -14.65 -1.34 -1.84
N TRP A 76 -13.43 -0.83 -1.65
CA TRP A 76 -12.18 -1.54 -1.99
C TRP A 76 -12.11 -2.88 -1.26
N ILE A 77 -12.51 -2.93 0.02
CA ILE A 77 -12.42 -4.19 0.78
C ILE A 77 -13.37 -5.23 0.19
N GLY A 78 -14.55 -4.78 -0.16
CA GLY A 78 -15.55 -5.67 -0.72
C GLY A 78 -15.19 -6.11 -2.10
N GLY A 79 -14.71 -5.16 -2.88
CA GLY A 79 -14.31 -5.41 -4.24
C GLY A 79 -13.11 -6.34 -4.31
N ALA A 80 -12.19 -6.17 -3.36
CA ALA A 80 -10.98 -6.97 -3.29
C ALA A 80 -11.30 -8.45 -3.15
N LYS A 81 -12.19 -8.78 -2.23
CA LYS A 81 -12.57 -10.15 -1.98
C LYS A 81 -13.20 -10.76 -3.21
N GLY A 82 -14.00 -9.98 -3.87
CA GLY A 82 -14.67 -10.40 -5.09
C GLY A 82 -13.70 -10.56 -6.26
N ALA A 83 -12.56 -9.91 -6.15
CA ALA A 83 -11.54 -9.96 -7.18
C ALA A 83 -10.51 -11.04 -6.90
N GLY A 84 -10.66 -11.72 -5.77
CA GLY A 84 -9.75 -12.78 -5.42
C GLY A 84 -8.53 -12.30 -4.66
N TYR A 85 -8.63 -11.11 -4.11
CA TYR A 85 -7.57 -10.52 -3.29
C TYR A 85 -7.70 -10.95 -1.85
N GLY A 86 -6.61 -10.87 -1.13
CA GLY A 86 -6.63 -11.20 0.26
C GLY A 86 -6.65 -9.95 1.10
N VAL A 87 -7.41 -9.95 2.15
CA VAL A 87 -7.48 -8.79 3.02
C VAL A 87 -6.97 -9.23 4.39
N GLY A 88 -6.17 -8.42 5.02
CA GLY A 88 -5.58 -8.82 6.26
C GLY A 88 -5.47 -7.70 7.24
N ARG A 89 -4.95 -8.06 8.39
CA ARG A 89 -4.79 -7.15 9.51
C ARG A 89 -3.33 -7.12 9.94
N THR A 90 -2.48 -7.75 9.17
CA THR A 90 -1.08 -7.81 9.48
C THR A 90 -0.34 -6.72 8.70
N PRO A 91 0.48 -5.92 9.38
CA PRO A 91 1.23 -4.84 8.77
C PRO A 91 2.37 -5.34 7.87
N LYS A 92 2.27 -5.05 6.58
CA LYS A 92 3.33 -5.36 5.63
C LYS A 92 3.58 -4.22 4.68
N GLN A 93 4.84 -4.06 4.36
CA GLN A 93 5.35 -2.98 3.54
C GLN A 93 4.75 -2.95 2.15
N GLY A 94 4.42 -1.77 1.71
CA GLY A 94 3.97 -1.54 0.38
C GLY A 94 2.50 -1.52 0.28
N ALA A 95 1.92 -2.54 0.79
CA ALA A 95 0.53 -2.77 0.67
C ALA A 95 -0.28 -1.66 1.32
N CYS A 96 -1.31 -1.28 0.62
CA CYS A 96 -2.11 -0.16 0.99
C CYS A 96 -3.06 -0.46 2.13
N VAL A 97 -3.21 0.50 3.00
CA VAL A 97 -4.12 0.42 4.12
C VAL A 97 -5.36 1.18 3.81
N ILE A 98 -6.45 0.56 4.07
CA ILE A 98 -7.74 1.10 3.80
C ILE A 98 -8.42 1.49 5.09
N TRP A 99 -8.97 2.66 5.10
CA TRP A 99 -9.80 3.12 6.18
C TRP A 99 -11.21 3.25 5.71
N GLN A 100 -12.14 3.01 6.60
CA GLN A 100 -13.54 3.19 6.31
C GLN A 100 -13.86 4.68 6.23
N ARG A 101 -15.08 5.00 5.97
CA ARG A 101 -15.46 6.37 5.77
C ARG A 101 -15.71 7.09 7.08
N GLY A 102 -16.73 6.67 7.80
CA GLY A 102 -17.07 7.35 9.04
C GLY A 102 -16.31 6.82 10.24
N VAL A 103 -15.01 6.66 10.10
CA VAL A 103 -14.18 6.16 11.18
C VAL A 103 -12.98 7.05 11.40
N GLN A 104 -12.23 6.77 12.44
CA GLN A 104 -11.01 7.46 12.70
C GLN A 104 -9.96 7.07 11.73
N GLY A 105 -9.45 8.04 11.14
CA GLY A 105 -8.41 7.89 10.14
C GLY A 105 -8.95 8.00 8.74
N GLY A 106 -10.26 7.89 8.58
CA GLY A 106 -10.85 7.98 7.28
C GLY A 106 -11.73 9.21 7.16
N SER A 107 -11.83 9.75 5.97
CA SER A 107 -12.68 10.89 5.73
C SER A 107 -14.13 10.41 5.61
N PRO A 108 -15.07 10.99 6.41
CA PRO A 108 -16.48 10.56 6.50
C PRO A 108 -17.16 10.26 5.16
N GLN A 109 -16.84 11.02 4.15
CA GLN A 109 -17.46 10.84 2.86
C GLN A 109 -16.69 9.92 1.92
N TYR A 110 -15.39 9.76 2.12
CA TYR A 110 -14.57 9.04 1.12
C TYR A 110 -13.84 7.81 1.66
N GLY A 111 -13.54 7.84 2.93
CA GLY A 111 -12.66 6.84 3.49
C GLY A 111 -11.27 7.38 3.41
N HIS A 112 -10.28 6.53 3.34
CA HIS A 112 -8.91 6.96 3.14
C HIS A 112 -8.04 5.77 2.85
N VAL A 113 -7.03 5.96 2.02
CA VAL A 113 -6.10 4.92 1.69
C VAL A 113 -4.70 5.50 1.87
N ALA A 114 -3.79 4.74 2.42
CA ALA A 114 -2.42 5.18 2.56
C ALA A 114 -1.48 4.06 2.17
N PHE A 115 -0.25 4.41 1.91
CA PHE A 115 0.74 3.46 1.48
C PHE A 115 1.69 3.17 2.62
N VAL A 116 1.79 1.91 3.01
CA VAL A 116 2.72 1.52 4.05
C VAL A 116 4.11 1.45 3.45
N GLU A 117 5.05 2.13 3.99
CA GLU A 117 6.37 2.04 3.47
C GLU A 117 7.21 1.11 4.34
N LYS A 118 6.99 1.15 5.65
CA LYS A 118 7.71 0.27 6.55
C LYS A 118 6.85 -0.24 7.61
N VAL A 119 7.34 -1.27 8.17
CA VAL A 119 6.74 -1.92 9.30
C VAL A 119 7.73 -1.82 10.41
N LEU A 120 7.33 -1.17 11.43
CA LEU A 120 8.23 -0.84 12.49
C LEU A 120 8.01 -1.76 13.65
N ASP A 121 9.13 -2.20 14.24
CA ASP A 121 9.12 -3.15 15.35
C ASP A 121 8.60 -4.48 14.78
N GLY A 122 7.85 -5.25 15.54
CA GLY A 122 7.25 -6.45 15.01
C GLY A 122 5.98 -6.12 14.25
N GLY A 123 5.71 -4.84 14.15
CA GLY A 123 4.55 -4.36 13.48
C GLY A 123 3.65 -3.61 14.39
N LYS A 124 4.20 -2.93 15.40
CA LYS A 124 3.36 -2.20 16.29
C LYS A 124 3.05 -0.84 15.71
N LYS A 125 3.94 -0.35 14.88
CA LYS A 125 3.75 0.91 14.22
C LYS A 125 4.00 0.69 12.75
N ILE A 126 3.35 1.44 11.95
CA ILE A 126 3.57 1.40 10.53
C ILE A 126 3.99 2.77 10.07
N PHE A 127 4.85 2.80 9.12
CA PHE A 127 5.34 4.02 8.59
C PHE A 127 4.78 4.13 7.21
N ILE A 128 4.10 5.20 6.93
CA ILE A 128 3.51 5.37 5.64
C ILE A 128 4.13 6.56 4.95
N SER A 129 3.99 6.60 3.66
CA SER A 129 4.45 7.70 2.90
C SER A 129 3.39 8.00 1.88
N GLU A 130 3.34 9.21 1.41
CA GLU A 130 2.36 9.57 0.42
C GLU A 130 2.82 10.73 -0.39
N HIS A 131 2.39 10.76 -1.61
CA HIS A 131 2.65 11.85 -2.51
C HIS A 131 1.32 12.54 -2.74
N ASN A 132 1.32 13.80 -2.92
CA ASN A 132 0.08 14.52 -3.11
C ASN A 132 -0.18 14.82 -4.54
N TYR A 133 -1.43 14.74 -4.92
CA TYR A 133 -1.85 15.03 -6.27
C TYR A 133 -2.25 16.49 -6.39
N ALA A 134 -2.86 17.01 -5.35
CA ALA A 134 -3.30 18.39 -5.34
C ALA A 134 -2.12 19.29 -5.03
N THR A 135 -1.40 18.96 -3.98
CA THR A 135 -0.23 19.70 -3.60
C THR A 135 1.01 19.16 -4.35
N PRO A 136 1.64 20.00 -5.21
CA PRO A 136 2.86 19.62 -5.90
C PRO A 136 3.99 19.43 -4.89
N ASN A 137 4.84 18.44 -5.15
CA ASN A 137 5.98 18.02 -4.28
C ASN A 137 5.54 17.76 -2.82
N GLY A 138 4.29 17.40 -2.67
CA GLY A 138 3.75 17.15 -1.36
C GLY A 138 3.92 15.72 -0.94
N TYR A 139 5.14 15.32 -0.75
CA TYR A 139 5.38 13.97 -0.32
C TYR A 139 5.78 13.93 1.15
N GLY A 140 5.05 13.20 1.91
CA GLY A 140 5.26 13.17 3.32
C GLY A 140 5.18 11.79 3.87
N THR A 141 5.38 11.67 5.15
CA THR A 141 5.38 10.41 5.84
C THR A 141 4.63 10.57 7.15
N ARG A 142 4.15 9.47 7.69
CA ARG A 142 3.48 9.48 8.98
C ARG A 142 3.64 8.12 9.60
N THR A 143 3.58 8.06 10.89
CA THR A 143 3.70 6.82 11.61
C THR A 143 2.38 6.55 12.33
N ILE A 144 1.81 5.41 12.09
CA ILE A 144 0.56 5.04 12.68
C ILE A 144 0.81 3.93 13.67
N ASP A 145 0.40 4.12 14.88
CA ASP A 145 0.49 3.12 15.87
C ASP A 145 -0.71 2.24 15.75
N MET A 146 -0.47 0.98 15.50
CA MET A 146 -1.52 0.00 15.27
C MET A 146 -2.42 -0.22 16.48
N SER A 147 -1.99 0.26 17.62
CA SER A 147 -2.75 0.11 18.82
C SER A 147 -3.83 1.23 18.93
N SER A 148 -3.75 2.22 18.07
CA SER A 148 -4.70 3.32 18.10
C SER A 148 -5.97 2.94 17.34
N ALA A 149 -7.00 3.79 17.43
CA ALA A 149 -8.24 3.62 16.69
C ALA A 149 -7.94 3.63 15.21
N ILE A 150 -6.97 4.45 14.83
CA ILE A 150 -6.54 4.60 13.44
C ILE A 150 -6.07 3.24 12.92
N GLY A 151 -5.26 2.56 13.72
CA GLY A 151 -4.74 1.26 13.36
C GLY A 151 -5.81 0.18 13.30
N LYS A 152 -6.83 0.32 14.13
CA LYS A 152 -7.94 -0.66 14.18
C LYS A 152 -8.81 -0.52 12.98
N ASN A 153 -8.83 0.63 12.44
CA ASN A 153 -9.69 0.91 11.31
C ASN A 153 -8.98 0.65 10.02
N ALA A 154 -7.68 0.47 10.09
CA ALA A 154 -6.87 0.23 8.93
C ALA A 154 -6.84 -1.24 8.57
N GLN A 155 -7.17 -1.54 7.35
CA GLN A 155 -7.10 -2.89 6.85
C GLN A 155 -6.16 -2.94 5.71
N PHE A 156 -5.50 -4.03 5.61
CA PHE A 156 -4.46 -4.21 4.61
C PHE A 156 -5.00 -5.06 3.48
N ILE A 157 -4.73 -4.68 2.27
CA ILE A 157 -5.15 -5.49 1.15
C ILE A 157 -3.93 -6.05 0.47
N TYR A 158 -3.87 -7.35 0.43
CA TYR A 158 -2.79 -8.08 -0.16
C TYR A 158 -3.15 -8.28 -1.61
N ASP A 159 -2.19 -8.18 -2.48
CA ASP A 159 -2.49 -8.29 -3.88
C ASP A 159 -2.18 -9.68 -4.32
N LYS A 160 -2.57 -9.99 -5.50
CA LYS A 160 -2.36 -11.27 -6.05
C LYS A 160 -1.46 -11.08 -7.27
N LYS A 161 -1.23 -12.10 -8.05
CA LYS A 161 -0.44 -11.89 -9.25
C LYS A 161 -1.33 -11.24 -10.33
N LYS A 162 -0.72 -10.52 -11.23
CA LYS A 162 -1.46 -9.89 -12.30
C LYS A 162 -1.59 -10.86 -13.44
N ASN A 163 -2.70 -11.51 -13.49
CA ASN A 163 -2.91 -12.51 -14.49
C ASN A 163 -3.54 -11.87 -15.71
N SER A 164 -2.86 -11.95 -16.81
CA SER A 164 -3.31 -11.39 -18.04
C SER A 164 -4.06 -12.42 -18.89
N SER A 165 -4.02 -13.65 -18.46
CA SER A 165 -4.65 -14.73 -19.13
C SER A 165 -5.99 -15.01 -18.46
N SER A 166 -7.00 -15.31 -19.23
CA SER A 166 -8.28 -15.61 -18.67
C SER A 166 -8.29 -17.05 -18.20
N VAL A 167 -8.45 -17.24 -16.93
CA VAL A 167 -8.44 -18.56 -16.35
C VAL A 167 -9.79 -19.21 -16.50
N ASP A 168 -9.80 -20.31 -17.16
CA ASP A 168 -11.01 -21.07 -17.36
C ASP A 168 -10.89 -22.37 -16.61
N LYS A 169 -11.86 -23.21 -16.77
CA LYS A 169 -11.92 -24.48 -16.08
C LYS A 169 -10.76 -25.39 -16.51
N LEU A 170 -10.46 -25.36 -17.79
CA LEU A 170 -9.38 -26.17 -18.34
C LEU A 170 -8.02 -25.60 -17.94
N ALA A 171 -7.93 -24.29 -17.81
CA ALA A 171 -6.69 -23.66 -17.36
C ALA A 171 -6.41 -24.00 -15.91
N ALA A 172 -7.48 -24.13 -15.15
CA ALA A 172 -7.39 -24.46 -13.74
C ALA A 172 -7.02 -25.94 -13.54
N ALA A 173 -7.55 -26.80 -14.38
CA ALA A 173 -7.24 -28.22 -14.29
C ALA A 173 -5.85 -28.47 -14.83
N LEU A 174 -5.04 -29.10 -14.04
CA LEU A 174 -3.69 -29.38 -14.42
C LEU A 174 -3.67 -30.63 -15.23
N GLU A 175 -4.20 -31.65 -14.66
CA GLU A 175 -4.25 -32.93 -15.28
C GLU A 175 -5.64 -33.29 -15.76
N HIS A 176 -5.81 -33.25 -17.06
CA HIS A 176 -7.05 -33.62 -17.73
C HIS A 176 -6.71 -34.20 -19.10
N MET A 1 27.08 6.66 19.22
CA MET A 1 27.08 6.23 20.62
C MET A 1 28.12 5.13 20.84
N GLU A 2 28.22 4.21 19.90
CA GLU A 2 29.12 3.09 19.97
C GLU A 2 30.43 3.42 19.28
N GLN A 3 31.09 4.44 19.80
CA GLN A 3 32.34 4.96 19.26
C GLN A 3 33.47 3.92 19.33
N SER A 4 33.31 2.96 20.24
CA SER A 4 34.25 1.87 20.42
C SER A 4 34.31 1.01 19.15
N SER A 5 33.18 0.89 18.48
CA SER A 5 33.11 0.10 17.28
C SER A 5 33.37 1.00 16.08
N GLY A 6 32.79 2.16 16.10
CA GLY A 6 32.98 3.07 15.03
C GLY A 6 31.70 3.71 14.62
N ASP A 7 31.70 4.25 13.45
CA ASP A 7 30.56 4.96 12.92
C ASP A 7 29.68 4.02 12.13
N LYS A 8 28.52 3.72 12.66
CA LYS A 8 27.60 2.82 12.00
C LYS A 8 26.53 3.65 11.30
N ASP A 9 25.78 3.02 10.43
CA ASP A 9 24.67 3.66 9.78
C ASP A 9 23.41 3.30 10.52
N GLY A 10 22.78 4.29 11.03
CA GLY A 10 21.59 4.10 11.81
C GLY A 10 20.42 4.78 11.17
N GLY A 11 19.96 4.23 10.08
CA GLY A 11 18.85 4.81 9.40
C GLY A 11 17.64 3.91 9.43
N SER A 12 17.59 2.99 8.50
CA SER A 12 16.45 2.13 8.32
C SER A 12 16.25 1.19 9.50
N ASP A 13 17.33 0.73 10.04
CA ASP A 13 17.34 -0.23 11.16
C ASP A 13 16.89 0.43 12.45
N SER A 14 17.03 1.73 12.53
CA SER A 14 16.61 2.47 13.70
C SER A 14 15.10 2.77 13.64
N GLY A 15 14.56 2.75 12.42
CA GLY A 15 13.14 2.98 12.25
C GLY A 15 12.36 1.70 12.47
N GLY A 16 12.95 0.60 12.08
CA GLY A 16 12.32 -0.67 12.25
C GLY A 16 13.04 -1.71 11.52
N ALA A 17 12.34 -2.74 11.21
CA ALA A 17 12.89 -3.84 10.53
C ALA A 17 12.37 -3.85 9.11
N GLN A 18 12.81 -4.81 8.38
CA GLN A 18 12.38 -5.02 7.04
C GLN A 18 11.38 -6.16 7.00
N ASP A 19 10.14 -5.81 6.83
CA ASP A 19 9.08 -6.81 6.73
C ASP A 19 9.02 -7.35 5.32
N GLY A 20 9.56 -6.57 4.40
CA GLY A 20 9.66 -6.99 3.03
C GLY A 20 8.38 -6.81 2.24
N GLY A 21 7.25 -6.74 2.93
CA GLY A 21 5.99 -6.64 2.26
C GLY A 21 5.54 -8.01 1.87
N SER A 22 4.82 -8.65 2.75
CA SER A 22 4.36 -10.00 2.50
C SER A 22 3.22 -10.06 1.45
N LEU A 23 3.63 -10.02 0.23
CA LEU A 23 2.81 -10.18 -0.94
C LEU A 23 3.58 -11.12 -1.81
N ASP A 24 2.94 -11.75 -2.75
CA ASP A 24 3.64 -12.65 -3.63
C ASP A 24 4.44 -11.86 -4.64
N SER A 25 3.88 -10.74 -5.02
CA SER A 25 4.46 -9.84 -5.99
C SER A 25 5.81 -9.25 -5.52
N LEU A 26 5.91 -8.98 -4.23
CA LEU A 26 7.07 -8.33 -3.64
C LEU A 26 8.26 -9.27 -3.49
N LYS A 27 8.00 -10.56 -3.52
CA LYS A 27 9.00 -11.61 -3.31
C LYS A 27 10.13 -11.52 -4.35
N LYS A 28 9.80 -11.15 -5.57
CA LYS A 28 10.82 -11.04 -6.62
C LYS A 28 11.69 -9.79 -6.39
N TYR A 29 11.20 -8.87 -5.59
CA TYR A 29 11.91 -7.65 -5.26
C TYR A 29 12.82 -7.86 -4.05
N ASN A 30 12.91 -9.12 -3.63
CA ASN A 30 13.76 -9.58 -2.52
C ASN A 30 13.35 -8.90 -1.21
N GLY A 31 12.07 -8.62 -1.10
CA GLY A 31 11.56 -7.97 0.09
C GLY A 31 11.92 -6.51 0.15
N LYS A 32 12.44 -5.98 -0.93
CA LYS A 32 12.74 -4.58 -0.99
C LYS A 32 11.75 -3.92 -1.89
N LEU A 33 11.10 -2.91 -1.38
CA LEU A 33 10.10 -2.22 -2.14
C LEU A 33 10.70 -1.55 -3.37
N PRO A 34 9.99 -1.62 -4.48
CA PRO A 34 10.38 -0.99 -5.73
C PRO A 34 10.41 0.53 -5.61
N LYS A 35 11.15 1.17 -6.47
CA LYS A 35 11.28 2.63 -6.44
C LYS A 35 9.94 3.27 -6.69
N HIS A 36 9.61 4.23 -5.87
CA HIS A 36 8.33 4.88 -5.94
C HIS A 36 8.37 5.94 -7.02
N ASP A 37 7.98 5.53 -8.19
CA ASP A 37 8.02 6.36 -9.36
C ASP A 37 6.66 7.00 -9.67
N PRO A 38 6.60 8.34 -9.70
CA PRO A 38 5.36 9.09 -9.96
C PRO A 38 5.02 9.15 -11.44
N SER A 39 5.97 8.75 -12.20
CA SER A 39 5.89 8.76 -13.63
C SER A 39 5.08 7.55 -14.14
N PHE A 40 4.81 6.60 -13.26
CA PHE A 40 4.01 5.46 -13.59
C PHE A 40 2.63 5.90 -14.06
N VAL A 41 2.25 5.46 -15.23
CA VAL A 41 0.92 5.74 -15.73
C VAL A 41 0.00 4.62 -15.26
N GLN A 42 -1.00 4.99 -14.51
CA GLN A 42 -1.90 4.02 -13.93
C GLN A 42 -2.89 3.51 -14.98
N PRO A 43 -3.22 2.22 -14.94
CA PRO A 43 -4.17 1.60 -15.88
C PRO A 43 -5.62 1.67 -15.37
N GLY A 44 -5.95 2.75 -14.69
CA GLY A 44 -7.27 2.90 -14.14
C GLY A 44 -7.66 4.36 -14.06
N ASN A 45 -7.53 5.04 -15.17
CA ASN A 45 -7.84 6.47 -15.21
C ASN A 45 -9.35 6.78 -15.24
N ARG A 46 -10.17 5.75 -15.44
CA ARG A 46 -11.64 5.92 -15.59
C ARG A 46 -12.35 6.57 -14.40
N HIS A 47 -11.99 6.21 -13.21
CA HIS A 47 -12.70 6.70 -12.02
C HIS A 47 -12.28 8.10 -11.60
N TYR A 48 -12.76 8.52 -10.43
CA TYR A 48 -12.52 9.82 -9.86
C TYR A 48 -11.02 10.04 -9.66
N LYS A 49 -10.42 10.77 -10.57
CA LYS A 49 -9.00 11.00 -10.51
C LYS A 49 -8.61 12.07 -9.52
N TYR A 50 -9.58 12.60 -8.83
CA TYR A 50 -9.32 13.62 -7.84
C TYR A 50 -9.60 13.05 -6.47
N GLN A 51 -9.78 11.76 -6.42
CA GLN A 51 -10.07 11.06 -5.21
C GLN A 51 -8.84 10.26 -4.81
N CYS A 52 -8.70 10.03 -3.52
CA CYS A 52 -7.56 9.30 -2.93
C CYS A 52 -7.39 7.90 -3.53
N THR A 53 -8.49 7.31 -3.96
CA THR A 53 -8.48 5.98 -4.51
C THR A 53 -7.75 5.93 -5.86
N TRP A 54 -7.79 7.02 -6.63
CA TRP A 54 -7.09 7.09 -7.91
C TRP A 54 -5.59 7.05 -7.68
N TYR A 55 -5.16 7.80 -6.68
CA TYR A 55 -3.77 7.87 -6.30
C TYR A 55 -3.29 6.51 -5.87
N ALA A 56 -4.18 5.75 -5.24
CA ALA A 56 -3.89 4.43 -4.76
C ALA A 56 -3.51 3.48 -5.90
N TYR A 57 -4.19 3.57 -7.05
CA TYR A 57 -3.84 2.71 -8.21
C TYR A 57 -2.45 3.06 -8.66
N ASN A 58 -2.16 4.34 -8.67
CA ASN A 58 -0.87 4.86 -9.11
C ASN A 58 0.22 4.42 -8.14
N ARG A 59 -0.06 4.55 -6.85
CA ARG A 59 0.88 4.18 -5.78
C ARG A 59 1.12 2.69 -5.76
N ARG A 60 0.08 1.92 -5.91
CA ARG A 60 0.20 0.49 -5.90
C ARG A 60 0.83 -0.01 -7.20
N GLY A 61 0.66 0.79 -8.22
CA GLY A 61 1.29 0.55 -9.49
C GLY A 61 2.78 0.73 -9.41
N GLN A 62 3.24 1.52 -8.42
CA GLN A 62 4.65 1.70 -8.14
C GLN A 62 5.24 0.38 -7.63
N LEU A 63 4.39 -0.42 -7.01
CA LEU A 63 4.75 -1.75 -6.53
C LEU A 63 4.62 -2.77 -7.66
N GLY A 64 4.19 -2.27 -8.82
CA GLY A 64 4.04 -3.05 -10.02
C GLY A 64 2.83 -3.93 -9.99
N ILE A 65 1.87 -3.56 -9.18
CA ILE A 65 0.65 -4.31 -9.04
C ILE A 65 -0.60 -3.44 -9.23
N PRO A 66 -1.21 -3.51 -10.40
CA PRO A 66 -2.42 -2.79 -10.69
C PRO A 66 -3.67 -3.58 -10.27
N VAL A 67 -4.65 -2.88 -9.76
CA VAL A 67 -5.87 -3.51 -9.31
C VAL A 67 -7.07 -2.95 -10.09
N PRO A 68 -8.17 -3.72 -10.18
CA PRO A 68 -9.42 -3.26 -10.80
C PRO A 68 -9.94 -1.95 -10.17
N LEU A 69 -10.59 -1.16 -10.98
CA LEU A 69 -11.19 0.10 -10.57
C LEU A 69 -12.37 -0.11 -9.64
N TRP A 70 -12.29 0.46 -8.47
CA TRP A 70 -13.34 0.45 -7.49
C TRP A 70 -13.72 1.90 -7.16
N GLY A 71 -14.85 2.10 -6.52
CA GLY A 71 -15.33 3.45 -6.25
C GLY A 71 -14.64 4.14 -5.08
N ASP A 72 -15.26 4.07 -3.93
CA ASP A 72 -14.74 4.72 -2.72
C ASP A 72 -13.80 3.76 -2.02
N ALA A 73 -13.04 4.26 -1.05
CA ALA A 73 -12.13 3.43 -0.27
C ALA A 73 -12.90 2.30 0.43
N ALA A 74 -14.15 2.59 0.81
CA ALA A 74 -15.00 1.57 1.42
C ALA A 74 -15.34 0.47 0.41
N ASP A 75 -15.47 0.86 -0.86
CA ASP A 75 -15.76 -0.06 -1.97
C ASP A 75 -14.59 -0.99 -2.20
N TRP A 76 -13.40 -0.49 -1.95
CA TRP A 76 -12.15 -1.23 -2.16
C TRP A 76 -12.07 -2.54 -1.38
N ILE A 77 -12.53 -2.54 -0.14
CA ILE A 77 -12.44 -3.76 0.68
C ILE A 77 -13.36 -4.83 0.12
N GLY A 78 -14.54 -4.43 -0.28
CA GLY A 78 -15.48 -5.36 -0.84
C GLY A 78 -15.06 -5.83 -2.19
N GLY A 79 -14.59 -4.89 -3.00
CA GLY A 79 -14.17 -5.17 -4.34
C GLY A 79 -12.98 -6.08 -4.40
N ALA A 80 -12.06 -5.92 -3.45
CA ALA A 80 -10.86 -6.72 -3.37
C ALA A 80 -11.18 -8.18 -3.18
N LYS A 81 -12.09 -8.48 -2.26
CA LYS A 81 -12.49 -9.83 -1.99
C LYS A 81 -13.14 -10.43 -3.21
N GLY A 82 -13.94 -9.62 -3.87
CA GLY A 82 -14.62 -10.03 -5.09
C GLY A 82 -13.65 -10.24 -6.24
N ALA A 83 -12.51 -9.59 -6.17
CA ALA A 83 -11.49 -9.71 -7.19
C ALA A 83 -10.55 -10.87 -6.88
N GLY A 84 -10.83 -11.57 -5.80
CA GLY A 84 -10.05 -12.71 -5.45
C GLY A 84 -8.85 -12.38 -4.60
N TYR A 85 -8.85 -11.19 -4.05
CA TYR A 85 -7.76 -10.76 -3.21
C TYR A 85 -8.09 -11.02 -1.76
N GLY A 86 -7.11 -10.80 -0.91
CA GLY A 86 -7.31 -11.02 0.50
C GLY A 86 -7.15 -9.74 1.26
N VAL A 87 -7.89 -9.60 2.33
CA VAL A 87 -7.81 -8.40 3.13
C VAL A 87 -7.41 -8.79 4.54
N GLY A 88 -6.53 -8.04 5.13
CA GLY A 88 -6.08 -8.34 6.46
C GLY A 88 -5.79 -7.11 7.23
N ARG A 89 -5.46 -7.28 8.47
CA ARG A 89 -5.18 -6.18 9.37
C ARG A 89 -3.70 -6.16 9.75
N THR A 90 -2.92 -7.03 9.14
CA THR A 90 -1.53 -7.17 9.48
C THR A 90 -0.66 -6.15 8.71
N PRO A 91 0.23 -5.43 9.41
CA PRO A 91 1.10 -4.42 8.81
C PRO A 91 2.16 -5.02 7.89
N LYS A 92 2.08 -4.67 6.61
CA LYS A 92 3.04 -5.14 5.63
C LYS A 92 3.52 -3.97 4.78
N GLN A 93 4.79 -4.00 4.44
CA GLN A 93 5.42 -2.96 3.63
C GLN A 93 4.84 -2.79 2.23
N GLY A 94 4.65 -1.55 1.84
CA GLY A 94 4.26 -1.21 0.49
C GLY A 94 2.79 -1.20 0.29
N ALA A 95 2.18 -2.24 0.70
CA ALA A 95 0.80 -2.45 0.48
C ALA A 95 -0.02 -1.37 1.17
N CYS A 96 -1.00 -0.89 0.47
CA CYS A 96 -1.76 0.24 0.90
C CYS A 96 -2.81 -0.11 1.95
N VAL A 97 -3.04 0.84 2.84
CA VAL A 97 -4.01 0.72 3.90
C VAL A 97 -5.27 1.47 3.51
N ILE A 98 -6.38 0.92 3.88
CA ILE A 98 -7.65 1.47 3.55
C ILE A 98 -8.42 1.79 4.84
N TRP A 99 -8.99 2.97 4.90
CA TRP A 99 -9.89 3.33 5.99
C TRP A 99 -11.29 3.55 5.46
N GLN A 100 -12.26 3.08 6.21
CA GLN A 100 -13.65 3.27 5.87
C GLN A 100 -14.17 4.58 6.45
N ARG A 101 -15.38 4.93 6.10
CA ARG A 101 -15.96 6.19 6.52
C ARG A 101 -16.59 6.07 7.89
N GLY A 102 -15.99 6.66 8.88
CA GLY A 102 -16.58 6.67 10.20
C GLY A 102 -15.79 5.84 11.17
N VAL A 103 -14.68 5.32 10.73
CA VAL A 103 -13.84 4.53 11.59
C VAL A 103 -12.74 5.44 12.11
N GLN A 104 -12.06 5.04 13.13
CA GLN A 104 -10.95 5.82 13.61
C GLN A 104 -9.81 5.73 12.67
N GLY A 105 -9.43 6.86 12.25
CA GLY A 105 -8.42 7.03 11.24
C GLY A 105 -9.03 7.35 9.90
N GLY A 106 -10.33 7.17 9.82
CA GLY A 106 -11.04 7.44 8.61
C GLY A 106 -12.34 8.13 8.88
N SER A 107 -12.28 9.42 9.09
CA SER A 107 -13.47 10.23 9.26
C SER A 107 -14.30 10.12 7.96
N PRO A 108 -15.64 10.33 7.99
CA PRO A 108 -16.51 10.16 6.80
C PRO A 108 -15.95 10.75 5.48
N GLN A 109 -15.30 11.90 5.57
CA GLN A 109 -14.70 12.55 4.42
C GLN A 109 -13.21 12.16 4.23
N TYR A 110 -12.61 11.63 5.27
CA TYR A 110 -11.17 11.37 5.29
C TYR A 110 -10.80 9.89 5.19
N GLY A 111 -11.78 9.03 4.96
CA GLY A 111 -11.50 7.62 4.74
C GLY A 111 -10.75 7.44 3.43
N HIS A 112 -9.46 7.24 3.52
CA HIS A 112 -8.64 7.27 2.33
C HIS A 112 -7.73 6.06 2.26
N VAL A 113 -6.85 6.10 1.29
CA VAL A 113 -5.89 5.06 1.06
C VAL A 113 -4.51 5.66 1.23
N ALA A 114 -3.66 5.00 1.97
CA ALA A 114 -2.32 5.48 2.20
C ALA A 114 -1.32 4.38 1.89
N PHE A 115 -0.09 4.76 1.62
CA PHE A 115 0.93 3.80 1.21
C PHE A 115 1.88 3.56 2.37
N VAL A 116 2.05 2.31 2.76
CA VAL A 116 2.95 1.95 3.84
C VAL A 116 4.39 1.96 3.35
N GLU A 117 5.16 2.89 3.81
CA GLU A 117 6.54 2.96 3.42
C GLU A 117 7.37 1.99 4.27
N LYS A 118 7.06 1.89 5.56
CA LYS A 118 7.80 0.99 6.40
C LYS A 118 6.97 0.51 7.57
N VAL A 119 7.28 -0.69 8.02
CA VAL A 119 6.73 -1.23 9.22
C VAL A 119 7.74 -0.91 10.31
N LEU A 120 7.33 -0.21 11.31
CA LEU A 120 8.24 0.31 12.31
C LEU A 120 8.27 -0.60 13.52
N ASP A 121 9.46 -0.71 14.12
CA ASP A 121 9.69 -1.59 15.28
C ASP A 121 9.42 -3.02 14.79
N GLY A 122 8.78 -3.85 15.58
CA GLY A 122 8.37 -5.16 15.13
C GLY A 122 6.97 -5.09 14.54
N GLY A 123 6.48 -3.87 14.36
CA GLY A 123 5.20 -3.66 13.77
C GLY A 123 4.24 -3.05 14.72
N LYS A 124 4.70 -2.18 15.60
CA LYS A 124 3.80 -1.56 16.51
C LYS A 124 3.22 -0.30 15.84
N LYS A 125 3.98 0.24 14.91
CA LYS A 125 3.59 1.35 14.10
C LYS A 125 3.94 1.06 12.66
N ILE A 126 3.38 1.83 11.79
CA ILE A 126 3.71 1.80 10.39
C ILE A 126 3.92 3.22 9.94
N PHE A 127 4.79 3.42 9.01
CA PHE A 127 5.00 4.73 8.50
C PHE A 127 4.38 4.76 7.14
N ILE A 128 3.51 5.69 6.92
CA ILE A 128 2.85 5.80 5.66
C ILE A 128 3.19 7.12 5.03
N SER A 129 2.98 7.21 3.76
CA SER A 129 3.23 8.42 3.06
C SER A 129 2.16 8.66 2.00
N GLU A 130 1.98 9.92 1.66
CA GLU A 130 1.08 10.32 0.62
C GLU A 130 1.84 10.63 -0.63
N HIS A 131 1.88 9.68 -1.51
CA HIS A 131 2.53 9.85 -2.79
C HIS A 131 1.52 10.55 -3.70
N ASN A 132 1.68 11.83 -3.88
CA ASN A 132 0.71 12.62 -4.62
C ASN A 132 1.42 13.69 -5.43
N TYR A 133 1.39 13.56 -6.73
CA TYR A 133 2.04 14.51 -7.61
C TYR A 133 1.01 15.44 -8.30
N ALA A 134 -0.25 15.21 -8.05
CA ALA A 134 -1.27 15.97 -8.75
C ALA A 134 -1.78 17.11 -7.89
N THR A 135 -2.02 16.85 -6.64
CA THR A 135 -2.48 17.85 -5.72
C THR A 135 -1.26 18.58 -5.14
N PRO A 136 -1.11 19.86 -5.42
CA PRO A 136 0.00 20.63 -4.91
C PRO A 136 -0.12 20.79 -3.40
N ASN A 137 0.98 20.48 -2.71
CA ASN A 137 1.08 20.56 -1.23
C ASN A 137 0.20 19.49 -0.53
N GLY A 138 -0.47 18.66 -1.31
CA GLY A 138 -1.38 17.66 -0.75
C GLY A 138 -0.67 16.38 -0.32
N TYR A 139 0.62 16.44 -0.20
CA TYR A 139 1.40 15.31 0.19
C TYR A 139 1.88 15.49 1.63
N GLY A 140 2.07 14.39 2.31
CA GLY A 140 2.48 14.42 3.68
C GLY A 140 2.79 13.03 4.13
N THR A 141 3.18 12.87 5.37
CA THR A 141 3.49 11.58 5.94
C THR A 141 2.98 11.53 7.37
N ARG A 142 2.62 10.36 7.84
CA ARG A 142 2.19 10.22 9.21
C ARG A 142 2.53 8.83 9.69
N THR A 143 2.56 8.66 10.98
CA THR A 143 2.84 7.38 11.55
C THR A 143 1.55 6.84 12.17
N ILE A 144 1.26 5.60 11.91
CA ILE A 144 0.06 4.98 12.40
C ILE A 144 0.42 3.98 13.46
N ASP A 145 -0.12 4.17 14.63
CA ASP A 145 0.10 3.27 15.72
C ASP A 145 -0.95 2.20 15.68
N MET A 146 -0.50 0.99 15.67
CA MET A 146 -1.39 -0.15 15.59
C MET A 146 -1.84 -0.56 16.98
N SER A 147 -1.25 0.08 17.94
CA SER A 147 -1.68 -0.06 19.31
C SER A 147 -2.89 0.85 19.49
N SER A 148 -3.00 1.84 18.64
CA SER A 148 -4.06 2.78 18.66
C SER A 148 -5.17 2.33 17.69
N ALA A 149 -6.36 2.85 17.90
CA ALA A 149 -7.55 2.52 17.12
C ALA A 149 -7.37 2.80 15.64
N ILE A 150 -6.59 3.82 15.32
CA ILE A 150 -6.35 4.22 13.93
C ILE A 150 -5.74 3.05 13.17
N GLY A 151 -4.72 2.45 13.76
CA GLY A 151 -4.06 1.31 13.19
C GLY A 151 -4.93 0.09 13.15
N LYS A 152 -5.80 -0.03 14.13
CA LYS A 152 -6.72 -1.16 14.26
C LYS A 152 -7.79 -1.15 13.17
N ASN A 153 -8.03 0.00 12.60
CA ASN A 153 -9.03 0.14 11.54
C ASN A 153 -8.39 0.14 10.19
N ALA A 154 -7.08 0.19 10.18
CA ALA A 154 -6.34 0.15 8.97
C ALA A 154 -6.39 -1.25 8.41
N GLN A 155 -6.86 -1.38 7.22
CA GLN A 155 -6.95 -2.66 6.60
C GLN A 155 -6.11 -2.67 5.39
N PHE A 156 -5.49 -3.77 5.21
CA PHE A 156 -4.55 -3.96 4.15
C PHE A 156 -5.16 -4.86 3.12
N ILE A 157 -4.91 -4.57 1.88
CA ILE A 157 -5.41 -5.38 0.82
C ILE A 157 -4.25 -6.05 0.17
N TYR A 158 -4.26 -7.34 0.18
CA TYR A 158 -3.21 -8.12 -0.36
C TYR A 158 -3.67 -8.71 -1.64
N ASP A 159 -2.83 -8.73 -2.60
CA ASP A 159 -3.13 -9.34 -3.86
C ASP A 159 -2.54 -10.73 -3.86
N LYS A 160 -3.17 -11.62 -4.53
CA LYS A 160 -2.73 -12.99 -4.60
C LYS A 160 -1.72 -13.13 -5.72
N LYS A 161 -1.39 -14.34 -6.11
CA LYS A 161 -0.48 -14.54 -7.21
C LYS A 161 -1.17 -14.12 -8.50
N LYS A 162 -0.42 -13.58 -9.41
CA LYS A 162 -0.97 -13.15 -10.62
C LYS A 162 -0.82 -14.24 -11.65
N ASN A 163 -1.89 -14.56 -12.31
CA ASN A 163 -1.88 -15.57 -13.31
C ASN A 163 -1.70 -14.94 -14.66
N SER A 164 -0.65 -15.34 -15.35
CA SER A 164 -0.35 -14.83 -16.67
C SER A 164 -1.42 -15.33 -17.64
N SER A 165 -1.65 -16.63 -17.61
CA SER A 165 -2.66 -17.22 -18.42
C SER A 165 -4.02 -16.84 -17.87
N SER A 166 -4.66 -15.95 -18.56
CA SER A 166 -5.92 -15.43 -18.15
C SER A 166 -7.04 -16.21 -18.85
N VAL A 167 -8.25 -16.07 -18.39
CA VAL A 167 -9.35 -16.77 -18.99
C VAL A 167 -9.72 -16.11 -20.30
N ASP A 168 -9.39 -16.78 -21.33
CA ASP A 168 -9.71 -16.35 -22.67
C ASP A 168 -10.88 -17.17 -23.14
N LYS A 169 -11.25 -17.02 -24.38
CA LYS A 169 -12.40 -17.71 -24.94
C LYS A 169 -12.16 -19.22 -24.95
N LEU A 170 -10.95 -19.61 -25.24
CA LEU A 170 -10.60 -21.02 -25.29
C LEU A 170 -10.49 -21.60 -23.89
N ALA A 171 -10.09 -20.78 -22.93
CA ALA A 171 -10.03 -21.21 -21.54
C ALA A 171 -11.42 -21.37 -20.98
N ALA A 172 -12.32 -20.48 -21.38
CA ALA A 172 -13.71 -20.51 -20.92
C ALA A 172 -14.53 -21.55 -21.68
N ALA A 173 -13.97 -22.06 -22.75
CA ALA A 173 -14.64 -23.05 -23.57
C ALA A 173 -14.71 -24.39 -22.86
N LEU A 174 -15.90 -24.88 -22.72
CA LEU A 174 -16.13 -26.16 -22.08
C LEU A 174 -16.04 -27.22 -23.14
N GLU A 175 -16.63 -26.89 -24.24
CA GLU A 175 -16.64 -27.71 -25.41
C GLU A 175 -15.41 -27.41 -26.22
N HIS A 176 -14.74 -28.44 -26.70
CA HIS A 176 -13.50 -28.27 -27.44
C HIS A 176 -13.23 -29.50 -28.30
N MET A 1 40.63 -2.55 -7.81
CA MET A 1 39.87 -1.50 -7.14
C MET A 1 38.46 -1.97 -6.85
N GLU A 2 38.14 -2.02 -5.58
CA GLU A 2 36.83 -2.45 -5.11
C GLU A 2 35.80 -1.33 -5.39
N GLN A 3 34.54 -1.65 -5.33
CA GLN A 3 33.49 -0.67 -5.55
C GLN A 3 32.50 -0.66 -4.40
N SER A 4 31.65 0.36 -4.40
CA SER A 4 30.55 0.47 -3.48
C SER A 4 29.30 0.79 -4.29
N SER A 5 29.37 0.50 -5.58
CA SER A 5 28.31 0.81 -6.51
C SER A 5 27.13 -0.17 -6.36
N GLY A 6 27.37 -1.23 -5.64
CA GLY A 6 26.35 -2.21 -5.36
C GLY A 6 26.21 -2.38 -3.89
N ASP A 7 26.33 -1.26 -3.18
CA ASP A 7 26.22 -1.27 -1.73
C ASP A 7 24.78 -1.51 -1.33
N LYS A 8 24.59 -2.41 -0.45
CA LYS A 8 23.30 -2.75 0.01
C LYS A 8 23.13 -2.44 1.48
N ASP A 9 21.98 -1.93 1.83
CA ASP A 9 21.67 -1.57 3.19
C ASP A 9 20.88 -2.67 3.84
N GLY A 10 20.66 -2.52 5.11
CA GLY A 10 19.89 -3.46 5.87
C GLY A 10 19.13 -2.72 6.92
N GLY A 11 18.47 -1.65 6.48
CA GLY A 11 17.78 -0.71 7.35
C GLY A 11 16.79 -1.30 8.33
N SER A 12 17.28 -1.58 9.51
CA SER A 12 16.47 -2.02 10.64
C SER A 12 17.03 -1.39 11.91
N ASP A 13 17.88 -0.38 11.71
CA ASP A 13 18.61 0.34 12.79
C ASP A 13 17.67 1.06 13.73
N SER A 14 16.54 1.46 13.22
CA SER A 14 15.60 2.21 14.00
C SER A 14 14.48 1.31 14.55
N GLY A 15 14.63 0.00 14.38
CA GLY A 15 13.65 -0.92 14.91
C GLY A 15 12.50 -1.14 13.95
N GLY A 16 12.81 -1.10 12.70
CA GLY A 16 11.82 -1.33 11.68
C GLY A 16 12.15 -2.56 10.90
N ALA A 17 11.27 -2.96 10.06
CA ALA A 17 11.45 -4.13 9.27
C ALA A 17 12.13 -3.79 7.97
N GLN A 18 12.84 -4.76 7.46
CA GLN A 18 13.45 -4.69 6.17
C GLN A 18 12.76 -5.68 5.25
N ASP A 19 12.48 -6.84 5.78
CA ASP A 19 11.88 -7.94 5.02
C ASP A 19 10.37 -7.94 5.17
N GLY A 20 9.85 -6.85 5.72
CA GLY A 20 8.42 -6.71 5.92
C GLY A 20 7.66 -6.49 4.63
N GLY A 21 8.38 -6.28 3.55
CA GLY A 21 7.76 -6.14 2.27
C GLY A 21 7.55 -7.49 1.64
N SER A 22 6.34 -7.95 1.63
CA SER A 22 6.01 -9.22 1.05
C SER A 22 4.62 -9.15 0.44
N LEU A 23 4.42 -9.89 -0.63
CA LEU A 23 3.14 -9.94 -1.35
C LEU A 23 3.28 -11.01 -2.44
N ASP A 24 4.22 -10.74 -3.33
CA ASP A 24 4.65 -11.62 -4.43
C ASP A 24 5.63 -10.89 -5.29
N SER A 25 5.24 -9.75 -5.79
CA SER A 25 6.10 -8.94 -6.65
C SER A 25 7.33 -8.42 -5.91
N LEU A 26 7.16 -8.22 -4.63
CA LEU A 26 8.17 -7.60 -3.77
C LEU A 26 9.43 -8.46 -3.61
N LYS A 27 9.31 -9.76 -3.89
CA LYS A 27 10.44 -10.70 -3.79
C LYS A 27 11.61 -10.28 -4.70
N LYS A 28 11.30 -9.76 -5.89
CA LYS A 28 12.35 -9.33 -6.82
C LYS A 28 12.96 -8.01 -6.35
N TYR A 29 12.24 -7.29 -5.52
CA TYR A 29 12.71 -6.04 -4.93
C TYR A 29 13.41 -6.34 -3.59
N ASN A 30 13.46 -7.63 -3.23
CA ASN A 30 14.03 -8.16 -1.97
C ASN A 30 13.35 -7.49 -0.74
N GLY A 31 12.10 -7.14 -0.90
CA GLY A 31 11.35 -6.48 0.16
C GLY A 31 11.68 -4.99 0.28
N LYS A 32 12.56 -4.50 -0.58
CA LYS A 32 12.88 -3.10 -0.60
C LYS A 32 11.89 -2.41 -1.48
N LEU A 33 11.23 -1.43 -0.96
CA LEU A 33 10.21 -0.77 -1.69
C LEU A 33 10.75 0.11 -2.80
N PRO A 34 10.02 0.12 -3.92
CA PRO A 34 10.28 0.95 -5.09
C PRO A 34 10.21 2.46 -4.78
N LYS A 35 10.82 3.23 -5.64
CA LYS A 35 10.72 4.68 -5.57
C LYS A 35 9.29 5.12 -5.95
N HIS A 36 8.84 6.21 -5.36
CA HIS A 36 7.52 6.75 -5.65
C HIS A 36 7.46 7.39 -7.01
N ASP A 37 7.13 6.60 -7.97
CA ASP A 37 6.97 7.08 -9.33
C ASP A 37 5.52 7.37 -9.62
N PRO A 38 5.17 8.65 -9.73
CA PRO A 38 3.78 9.09 -9.96
C PRO A 38 3.38 8.96 -11.41
N SER A 39 4.38 8.78 -12.20
CA SER A 39 4.27 8.72 -13.63
C SER A 39 3.82 7.33 -14.10
N PHE A 40 3.74 6.40 -13.16
CA PHE A 40 3.34 5.04 -13.47
C PHE A 40 1.89 5.01 -13.96
N VAL A 41 1.65 4.31 -15.04
CA VAL A 41 0.32 4.20 -15.57
C VAL A 41 -0.41 2.98 -15.01
N GLN A 42 -1.45 3.23 -14.27
CA GLN A 42 -2.29 2.22 -13.72
C GLN A 42 -3.39 1.92 -14.72
N PRO A 43 -3.71 0.64 -15.00
CA PRO A 43 -4.79 0.26 -15.95
C PRO A 43 -6.22 0.56 -15.40
N GLY A 44 -6.34 1.60 -14.61
CA GLY A 44 -7.59 1.98 -14.02
C GLY A 44 -7.92 3.42 -14.35
N ASN A 45 -7.96 3.72 -15.61
CA ASN A 45 -8.20 5.08 -16.07
C ASN A 45 -9.66 5.53 -15.95
N ARG A 46 -10.56 4.59 -15.76
CA ARG A 46 -12.01 4.86 -15.72
C ARG A 46 -12.47 5.82 -14.61
N HIS A 47 -12.08 5.57 -13.37
CA HIS A 47 -12.54 6.39 -12.25
C HIS A 47 -11.91 7.77 -12.26
N TYR A 48 -12.48 8.65 -11.44
CA TYR A 48 -12.03 9.99 -11.29
C TYR A 48 -10.60 10.02 -10.81
N LYS A 49 -9.73 10.49 -11.66
CA LYS A 49 -8.31 10.46 -11.42
C LYS A 49 -7.86 11.42 -10.32
N TYR A 50 -8.71 12.33 -9.95
CA TYR A 50 -8.41 13.24 -8.86
C TYR A 50 -9.09 12.79 -7.56
N GLN A 51 -9.66 11.59 -7.58
CA GLN A 51 -10.31 11.07 -6.40
C GLN A 51 -9.26 10.49 -5.47
N CYS A 52 -9.50 10.62 -4.18
CA CYS A 52 -8.56 10.15 -3.15
C CYS A 52 -8.26 8.66 -3.29
N THR A 53 -9.26 7.89 -3.62
CA THR A 53 -9.09 6.47 -3.77
C THR A 53 -8.29 6.12 -5.04
N TRP A 54 -8.42 6.96 -6.06
CA TRP A 54 -7.71 6.75 -7.32
C TRP A 54 -6.22 6.84 -7.10
N TYR A 55 -5.82 7.74 -6.20
CA TYR A 55 -4.42 7.94 -5.89
C TYR A 55 -3.82 6.67 -5.34
N ALA A 56 -4.62 5.91 -4.62
CA ALA A 56 -4.17 4.68 -4.02
C ALA A 56 -3.73 3.68 -5.09
N TYR A 57 -4.47 3.61 -6.21
CA TYR A 57 -4.09 2.68 -7.29
C TYR A 57 -2.74 3.10 -7.84
N ASN A 58 -2.58 4.40 -8.04
CA ASN A 58 -1.40 4.97 -8.66
C ASN A 58 -0.19 4.84 -7.72
N ARG A 59 -0.43 5.03 -6.42
CA ARG A 59 0.62 4.91 -5.40
C ARG A 59 1.18 3.51 -5.34
N ARG A 60 0.31 2.50 -5.41
CA ARG A 60 0.76 1.10 -5.33
C ARG A 60 1.27 0.63 -6.68
N GLY A 61 1.09 1.47 -7.69
CA GLY A 61 1.55 1.16 -9.01
C GLY A 61 3.05 1.00 -9.06
N GLN A 62 3.75 1.73 -8.20
CA GLN A 62 5.21 1.69 -8.11
C GLN A 62 5.70 0.28 -7.76
N LEU A 63 4.85 -0.48 -7.07
CA LEU A 63 5.17 -1.82 -6.60
C LEU A 63 4.93 -2.83 -7.72
N GLY A 64 4.35 -2.34 -8.81
CA GLY A 64 4.03 -3.16 -9.94
C GLY A 64 2.81 -4.01 -9.69
N ILE A 65 1.94 -3.52 -8.85
CA ILE A 65 0.74 -4.27 -8.53
C ILE A 65 -0.53 -3.48 -8.93
N PRO A 66 -1.14 -3.88 -10.06
CA PRO A 66 -2.36 -3.27 -10.51
C PRO A 66 -3.57 -3.84 -9.79
N VAL A 67 -4.50 -3.01 -9.48
CA VAL A 67 -5.71 -3.41 -8.81
C VAL A 67 -6.91 -2.87 -9.56
N PRO A 68 -8.06 -3.54 -9.47
CA PRO A 68 -9.28 -3.06 -10.09
C PRO A 68 -9.76 -1.76 -9.47
N LEU A 69 -10.52 -1.05 -10.23
CA LEU A 69 -11.09 0.19 -9.81
C LEU A 69 -12.18 -0.04 -8.78
N TRP A 70 -11.98 0.47 -7.60
CA TRP A 70 -12.97 0.41 -6.55
C TRP A 70 -13.28 1.84 -6.14
N GLY A 71 -14.55 2.14 -5.92
CA GLY A 71 -14.98 3.51 -5.67
C GLY A 71 -14.56 4.08 -4.33
N ASP A 72 -15.44 3.99 -3.36
CA ASP A 72 -15.22 4.54 -2.03
C ASP A 72 -14.29 3.63 -1.25
N ALA A 73 -13.49 4.19 -0.34
CA ALA A 73 -12.51 3.42 0.42
C ALA A 73 -13.17 2.29 1.22
N ALA A 74 -14.39 2.51 1.71
CA ALA A 74 -15.09 1.48 2.46
C ALA A 74 -15.51 0.35 1.53
N ASP A 75 -15.76 0.71 0.29
CA ASP A 75 -16.16 -0.22 -0.77
C ASP A 75 -15.01 -1.13 -1.17
N TRP A 76 -13.78 -0.60 -1.05
CA TRP A 76 -12.56 -1.32 -1.44
C TRP A 76 -12.41 -2.65 -0.74
N ILE A 77 -12.78 -2.73 0.53
CA ILE A 77 -12.64 -3.97 1.28
C ILE A 77 -13.54 -5.06 0.72
N GLY A 78 -14.77 -4.67 0.41
CA GLY A 78 -15.72 -5.60 -0.16
C GLY A 78 -15.34 -5.95 -1.57
N GLY A 79 -14.91 -4.94 -2.29
CA GLY A 79 -14.50 -5.08 -3.65
C GLY A 79 -13.32 -6.01 -3.80
N ALA A 80 -12.36 -5.89 -2.90
CA ALA A 80 -11.16 -6.72 -2.92
C ALA A 80 -11.51 -8.19 -2.74
N LYS A 81 -12.32 -8.49 -1.73
CA LYS A 81 -12.73 -9.84 -1.46
C LYS A 81 -13.52 -10.39 -2.62
N GLY A 82 -14.38 -9.56 -3.13
CA GLY A 82 -15.23 -9.89 -4.25
C GLY A 82 -14.46 -10.11 -5.54
N ALA A 83 -13.33 -9.47 -5.65
CA ALA A 83 -12.48 -9.61 -6.82
C ALA A 83 -11.53 -10.78 -6.68
N GLY A 84 -11.56 -11.41 -5.52
CA GLY A 84 -10.73 -12.56 -5.29
C GLY A 84 -9.36 -12.21 -4.75
N TYR A 85 -9.28 -11.08 -4.07
CA TYR A 85 -8.04 -10.67 -3.43
C TYR A 85 -8.19 -10.83 -1.94
N GLY A 86 -7.10 -10.79 -1.24
CA GLY A 86 -7.13 -11.02 0.18
C GLY A 86 -7.01 -9.75 0.97
N VAL A 87 -7.76 -9.66 2.03
CA VAL A 87 -7.70 -8.55 2.93
C VAL A 87 -7.27 -9.10 4.27
N GLY A 88 -6.40 -8.42 4.95
CA GLY A 88 -5.91 -8.92 6.20
C GLY A 88 -5.45 -7.82 7.09
N ARG A 89 -5.01 -8.19 8.25
CA ARG A 89 -4.60 -7.26 9.25
C ARG A 89 -3.10 -7.35 9.51
N THR A 90 -2.40 -8.10 8.67
CA THR A 90 -0.98 -8.23 8.84
C THR A 90 -0.27 -7.07 8.11
N PRO A 91 0.63 -6.36 8.79
CA PRO A 91 1.35 -5.28 8.18
C PRO A 91 2.44 -5.73 7.21
N LYS A 92 2.30 -5.35 5.95
CA LYS A 92 3.32 -5.62 4.97
C LYS A 92 3.69 -4.31 4.32
N GLN A 93 4.95 -4.12 4.06
CA GLN A 93 5.46 -2.94 3.39
C GLN A 93 4.96 -2.82 1.96
N GLY A 94 4.56 -1.65 1.57
CA GLY A 94 4.19 -1.37 0.22
C GLY A 94 2.71 -1.34 0.03
N ALA A 95 2.11 -2.40 0.44
CA ALA A 95 0.73 -2.60 0.25
C ALA A 95 -0.10 -1.55 1.02
N CYS A 96 -1.13 -1.07 0.38
CA CYS A 96 -1.91 0.03 0.90
C CYS A 96 -2.86 -0.38 2.03
N VAL A 97 -3.01 0.53 2.97
CA VAL A 97 -3.92 0.40 4.08
C VAL A 97 -5.16 1.21 3.82
N ILE A 98 -6.28 0.64 4.15
CA ILE A 98 -7.55 1.24 3.87
C ILE A 98 -8.24 1.63 5.17
N TRP A 99 -8.63 2.88 5.26
CA TRP A 99 -9.46 3.38 6.32
C TRP A 99 -10.80 3.70 5.76
N GLN A 100 -11.81 3.50 6.54
CA GLN A 100 -13.15 3.84 6.16
C GLN A 100 -13.37 5.35 6.34
N ARG A 101 -14.60 5.79 6.21
CA ARG A 101 -14.90 7.20 6.22
C ARG A 101 -15.01 7.75 7.64
N GLY A 102 -16.01 7.35 8.38
CA GLY A 102 -16.22 7.86 9.72
C GLY A 102 -15.45 7.10 10.77
N VAL A 103 -14.17 6.95 10.56
CA VAL A 103 -13.29 6.25 11.48
C VAL A 103 -12.06 7.10 11.77
N GLN A 104 -11.38 6.81 12.86
CA GLN A 104 -10.20 7.55 13.22
C GLN A 104 -9.11 7.22 12.25
N GLY A 105 -8.58 8.23 11.68
CA GLY A 105 -7.55 8.09 10.68
C GLY A 105 -8.13 8.00 9.28
N GLY A 106 -9.44 8.06 9.20
CA GLY A 106 -10.12 8.01 7.93
C GLY A 106 -10.85 9.28 7.67
N SER A 107 -10.90 9.69 6.44
CA SER A 107 -11.54 10.92 6.06
C SER A 107 -13.03 10.68 5.75
N PRO A 108 -13.95 11.36 6.48
CA PRO A 108 -15.42 11.17 6.35
C PRO A 108 -16.01 11.30 4.93
N GLN A 109 -15.36 12.05 4.05
CA GLN A 109 -15.95 12.27 2.72
C GLN A 109 -15.53 11.24 1.66
N TYR A 110 -14.30 10.76 1.73
CA TYR A 110 -13.83 9.81 0.71
C TYR A 110 -13.29 8.53 1.29
N GLY A 111 -13.01 8.53 2.55
CA GLY A 111 -12.27 7.47 3.15
C GLY A 111 -10.82 7.87 3.12
N HIS A 112 -9.92 7.00 3.47
CA HIS A 112 -8.52 7.36 3.44
C HIS A 112 -7.68 6.12 3.16
N VAL A 113 -6.84 6.21 2.17
CA VAL A 113 -5.93 5.14 1.84
C VAL A 113 -4.51 5.68 1.93
N ALA A 114 -3.61 4.89 2.46
CA ALA A 114 -2.22 5.29 2.55
C ALA A 114 -1.33 4.16 2.10
N PHE A 115 -0.10 4.48 1.84
CA PHE A 115 0.86 3.53 1.36
C PHE A 115 1.79 3.20 2.51
N VAL A 116 1.90 1.93 2.85
CA VAL A 116 2.78 1.52 3.92
C VAL A 116 4.19 1.54 3.41
N GLU A 117 5.02 2.32 3.99
CA GLU A 117 6.37 2.41 3.54
C GLU A 117 7.24 1.44 4.33
N LYS A 118 7.04 1.34 5.63
CA LYS A 118 7.83 0.45 6.43
C LYS A 118 6.99 -0.09 7.55
N VAL A 119 7.31 -1.27 8.00
CA VAL A 119 6.65 -1.84 9.14
C VAL A 119 7.59 -1.64 10.29
N LEU A 120 7.09 -1.19 11.40
CA LEU A 120 7.94 -0.90 12.50
C LEU A 120 7.70 -1.88 13.60
N ASP A 121 8.79 -2.39 14.15
CA ASP A 121 8.76 -3.45 15.14
C ASP A 121 8.16 -4.70 14.46
N GLY A 122 7.49 -5.56 15.17
CA GLY A 122 6.82 -6.68 14.55
C GLY A 122 5.54 -6.24 13.87
N GLY A 123 5.23 -4.99 14.07
CA GLY A 123 4.07 -4.40 13.49
C GLY A 123 3.21 -3.74 14.52
N LYS A 124 3.80 -3.00 15.43
CA LYS A 124 3.01 -2.30 16.40
C LYS A 124 2.73 -0.90 15.87
N LYS A 125 3.61 -0.45 15.01
CA LYS A 125 3.47 0.80 14.32
C LYS A 125 3.79 0.54 12.87
N ILE A 126 3.23 1.31 12.01
CA ILE A 126 3.54 1.24 10.61
C ILE A 126 3.90 2.61 10.13
N PHE A 127 4.78 2.70 9.20
CA PHE A 127 5.19 3.95 8.68
C PHE A 127 4.56 4.06 7.33
N ILE A 128 3.82 5.10 7.11
CA ILE A 128 3.09 5.27 5.87
C ILE A 128 3.60 6.47 5.13
N SER A 129 3.28 6.51 3.90
CA SER A 129 3.54 7.61 3.09
C SER A 129 2.28 7.93 2.30
N GLU A 130 2.15 9.15 1.89
CA GLU A 130 1.05 9.58 1.09
C GLU A 130 1.62 10.43 -0.02
N HIS A 131 1.16 10.21 -1.21
CA HIS A 131 1.76 10.86 -2.34
C HIS A 131 0.70 11.16 -3.37
N ASN A 132 0.60 12.40 -3.73
CA ASN A 132 -0.30 12.83 -4.77
C ASN A 132 0.52 13.44 -5.86
N TYR A 133 0.04 13.46 -7.07
CA TYR A 133 0.85 13.95 -8.17
C TYR A 133 0.64 15.44 -8.42
N ALA A 134 -0.59 15.87 -8.50
CA ALA A 134 -0.90 17.25 -8.82
C ALA A 134 -1.38 18.01 -7.59
N THR A 135 -1.34 17.36 -6.44
CA THR A 135 -1.74 18.03 -5.23
C THR A 135 -0.48 18.51 -4.48
N PRO A 136 -0.30 19.83 -4.38
CA PRO A 136 0.83 20.40 -3.66
C PRO A 136 0.70 20.13 -2.17
N ASN A 137 1.79 19.71 -1.54
CA ASN A 137 1.82 19.39 -0.08
C ASN A 137 1.02 18.11 0.21
N GLY A 138 0.69 17.37 -0.85
CA GLY A 138 -0.04 16.10 -0.70
C GLY A 138 0.93 14.95 -0.53
N TYR A 139 2.12 15.31 -0.17
CA TYR A 139 3.22 14.41 0.05
C TYR A 139 3.45 14.32 1.55
N GLY A 140 3.94 13.22 2.04
CA GLY A 140 4.25 13.15 3.44
C GLY A 140 4.43 11.74 3.93
N THR A 141 5.07 11.61 5.07
CA THR A 141 5.24 10.35 5.72
C THR A 141 4.73 10.46 7.15
N ARG A 142 4.13 9.42 7.67
CA ARG A 142 3.50 9.46 8.97
C ARG A 142 3.49 8.06 9.61
N THR A 143 3.42 7.98 10.92
CA THR A 143 3.42 6.71 11.60
C THR A 143 2.06 6.42 12.26
N ILE A 144 1.51 5.26 11.98
CA ILE A 144 0.25 4.82 12.51
C ILE A 144 0.47 3.71 13.49
N ASP A 145 -0.15 3.81 14.62
CA ASP A 145 -0.01 2.86 15.67
C ASP A 145 -1.13 1.86 15.59
N MET A 146 -0.78 0.59 15.53
CA MET A 146 -1.74 -0.49 15.42
C MET A 146 -2.51 -0.69 16.73
N SER A 147 -2.07 -0.01 17.77
CA SER A 147 -2.72 -0.05 19.06
C SER A 147 -3.68 1.18 19.17
N SER A 148 -3.61 2.06 18.21
CA SER A 148 -4.45 3.24 18.18
C SER A 148 -5.74 2.89 17.43
N ALA A 149 -6.80 3.67 17.62
CA ALA A 149 -8.06 3.46 16.93
C ALA A 149 -7.84 3.45 15.43
N ILE A 150 -6.92 4.32 14.99
CA ILE A 150 -6.52 4.42 13.59
C ILE A 150 -5.99 3.08 13.08
N GLY A 151 -5.16 2.45 13.87
CA GLY A 151 -4.59 1.17 13.51
C GLY A 151 -5.63 0.08 13.49
N LYS A 152 -6.62 0.23 14.35
CA LYS A 152 -7.72 -0.72 14.45
C LYS A 152 -8.63 -0.61 13.23
N ASN A 153 -8.55 0.51 12.59
CA ASN A 153 -9.34 0.81 11.40
C ASN A 153 -8.55 0.51 10.13
N ALA A 154 -7.26 0.32 10.26
CA ALA A 154 -6.39 0.14 9.12
C ALA A 154 -6.34 -1.32 8.69
N GLN A 155 -6.84 -1.59 7.52
CA GLN A 155 -6.79 -2.94 6.99
C GLN A 155 -6.00 -2.96 5.73
N PHE A 156 -5.39 -4.05 5.49
CA PHE A 156 -4.46 -4.20 4.38
C PHE A 156 -5.10 -5.01 3.28
N ILE A 157 -4.90 -4.59 2.05
CA ILE A 157 -5.40 -5.33 0.90
C ILE A 157 -4.23 -5.85 0.10
N TYR A 158 -4.18 -7.14 -0.02
CA TYR A 158 -3.11 -7.80 -0.70
C TYR A 158 -3.62 -8.28 -2.02
N ASP A 159 -2.89 -8.06 -3.06
CA ASP A 159 -3.30 -8.59 -4.33
C ASP A 159 -2.55 -9.87 -4.60
N LYS A 160 -3.03 -10.63 -5.54
CA LYS A 160 -2.54 -11.98 -5.76
C LYS A 160 -1.21 -12.04 -6.45
N LYS A 161 -0.71 -13.25 -6.54
CA LYS A 161 0.55 -13.53 -7.16
C LYS A 161 0.38 -13.44 -8.65
N LYS A 162 1.41 -13.06 -9.34
CA LYS A 162 1.34 -12.95 -10.75
C LYS A 162 1.49 -14.31 -11.38
N ASN A 163 2.40 -15.10 -10.81
CA ASN A 163 2.64 -16.51 -11.21
C ASN A 163 3.14 -16.61 -12.65
N SER A 164 3.35 -17.80 -13.09
CA SER A 164 3.75 -18.04 -14.43
C SER A 164 2.52 -18.42 -15.25
N SER A 165 2.15 -17.55 -16.18
CA SER A 165 1.00 -17.78 -17.03
C SER A 165 1.38 -18.88 -18.03
N SER A 166 2.64 -18.88 -18.39
CA SER A 166 3.23 -19.93 -19.14
C SER A 166 4.44 -20.43 -18.35
N VAL A 167 4.56 -21.71 -18.16
CA VAL A 167 5.64 -22.22 -17.34
C VAL A 167 6.89 -22.43 -18.14
N ASP A 168 7.88 -21.66 -17.82
CA ASP A 168 9.18 -21.77 -18.43
C ASP A 168 10.08 -22.58 -17.52
N LYS A 169 11.24 -22.94 -18.03
CA LYS A 169 12.17 -23.82 -17.32
C LYS A 169 12.66 -23.18 -16.02
N LEU A 170 12.92 -21.89 -16.08
CA LEU A 170 13.37 -21.14 -14.92
C LEU A 170 12.24 -20.89 -13.94
N ALA A 171 11.01 -20.80 -14.47
CA ALA A 171 9.82 -20.59 -13.63
C ALA A 171 9.61 -21.77 -12.72
N ALA A 172 9.90 -22.95 -13.26
CA ALA A 172 9.84 -24.15 -12.49
C ALA A 172 10.93 -24.11 -11.42
N ALA A 173 12.17 -23.99 -11.86
CA ALA A 173 13.30 -23.91 -10.96
C ALA A 173 14.50 -23.34 -11.68
N LEU A 174 15.25 -22.52 -10.99
CA LEU A 174 16.48 -21.94 -11.53
C LEU A 174 17.52 -23.00 -11.48
N GLU A 175 17.55 -23.65 -10.35
CA GLU A 175 18.42 -24.76 -10.11
C GLU A 175 17.79 -26.00 -10.73
N HIS A 176 18.21 -26.33 -11.92
CA HIS A 176 17.65 -27.45 -12.64
C HIS A 176 18.74 -28.30 -13.28
N MET A 1 21.36 27.37 7.90
CA MET A 1 22.70 27.60 7.36
C MET A 1 23.51 26.36 7.53
N GLU A 2 24.75 26.37 6.99
CA GLU A 2 25.69 25.26 7.08
C GLU A 2 25.23 24.06 6.25
N GLN A 3 26.02 23.74 5.24
CA GLN A 3 25.78 22.61 4.36
C GLN A 3 25.61 21.34 5.18
N SER A 4 24.44 20.82 5.14
CA SER A 4 24.09 19.65 5.88
C SER A 4 23.99 18.46 4.94
N SER A 5 24.72 18.55 3.84
CA SER A 5 24.78 17.52 2.84
C SER A 5 25.29 16.21 3.44
N GLY A 6 24.41 15.29 3.61
CA GLY A 6 24.74 14.03 4.19
C GLY A 6 23.86 13.74 5.37
N ASP A 7 23.42 14.78 6.03
CA ASP A 7 22.54 14.62 7.17
C ASP A 7 21.14 14.74 6.68
N LYS A 8 20.44 13.66 6.73
CA LYS A 8 19.10 13.59 6.26
C LYS A 8 18.27 12.82 7.25
N ASP A 9 16.97 12.84 7.09
CA ASP A 9 16.09 12.12 8.00
C ASP A 9 15.06 11.37 7.21
N GLY A 10 14.81 10.15 7.59
CA GLY A 10 13.84 9.35 6.93
C GLY A 10 14.17 7.89 7.00
N GLY A 11 15.42 7.58 6.79
CA GLY A 11 15.88 6.19 6.79
C GLY A 11 15.77 5.54 8.14
N SER A 12 15.13 4.41 8.18
CA SER A 12 14.96 3.69 9.39
C SER A 12 15.81 2.42 9.33
N ASP A 13 17.06 2.53 9.75
CA ASP A 13 17.98 1.39 9.67
C ASP A 13 17.86 0.51 10.89
N SER A 14 17.50 1.10 12.01
CA SER A 14 17.41 0.38 13.26
C SER A 14 15.96 0.06 13.64
N GLY A 15 15.04 0.86 13.13
CA GLY A 15 13.65 0.66 13.43
C GLY A 15 12.85 0.28 12.22
N GLY A 16 13.54 -0.19 11.20
CA GLY A 16 12.88 -0.55 9.98
C GLY A 16 12.77 -2.04 9.84
N ALA A 17 11.59 -2.51 9.53
CA ALA A 17 11.33 -3.91 9.40
C ALA A 17 10.93 -4.23 7.98
N GLN A 18 11.44 -5.33 7.47
CA GLN A 18 11.21 -5.75 6.10
C GLN A 18 10.81 -7.22 6.03
N ASP A 19 10.22 -7.73 7.09
CA ASP A 19 9.79 -9.13 7.12
C ASP A 19 8.38 -9.22 6.58
N GLY A 20 7.72 -8.09 6.57
CA GLY A 20 6.36 -8.00 6.10
C GLY A 20 6.29 -7.61 4.66
N GLY A 21 7.04 -8.28 3.84
CA GLY A 21 6.99 -8.01 2.42
C GLY A 21 6.39 -9.19 1.71
N SER A 22 5.45 -9.82 2.38
CA SER A 22 4.85 -11.02 1.92
C SER A 22 3.74 -10.85 0.88
N LEU A 23 4.15 -10.41 -0.29
CA LEU A 23 3.33 -10.41 -1.47
C LEU A 23 4.10 -11.11 -2.55
N ASP A 24 3.44 -11.43 -3.64
CA ASP A 24 3.98 -12.27 -4.75
C ASP A 24 5.45 -11.96 -5.10
N SER A 25 5.66 -10.96 -5.89
CA SER A 25 6.99 -10.53 -6.27
C SER A 25 7.80 -9.94 -5.09
N LEU A 26 7.12 -9.36 -4.13
CA LEU A 26 7.81 -8.57 -3.09
C LEU A 26 8.67 -9.43 -2.16
N LYS A 27 8.21 -10.63 -1.88
CA LYS A 27 8.92 -11.51 -0.97
C LYS A 27 10.27 -11.97 -1.49
N LYS A 28 10.39 -12.16 -2.80
CA LYS A 28 11.67 -12.59 -3.40
C LYS A 28 12.68 -11.44 -3.33
N TYR A 29 12.20 -10.22 -3.10
CA TYR A 29 13.07 -9.05 -3.01
C TYR A 29 13.58 -8.89 -1.57
N ASN A 30 13.19 -9.83 -0.70
CA ASN A 30 13.56 -9.88 0.72
C ASN A 30 13.02 -8.64 1.45
N GLY A 31 11.88 -8.15 1.00
CA GLY A 31 11.28 -7.00 1.62
C GLY A 31 11.80 -5.70 1.06
N LYS A 32 12.69 -5.76 0.09
CA LYS A 32 13.10 -4.56 -0.56
C LYS A 32 12.06 -4.16 -1.56
N LEU A 33 11.39 -3.10 -1.29
CA LEU A 33 10.34 -2.65 -2.16
C LEU A 33 10.89 -2.13 -3.47
N PRO A 34 10.15 -2.40 -4.56
CA PRO A 34 10.50 -1.95 -5.91
C PRO A 34 10.70 -0.42 -5.98
N LYS A 35 11.42 0.02 -6.97
CA LYS A 35 11.71 1.43 -7.17
C LYS A 35 10.43 2.21 -7.48
N HIS A 36 10.37 3.43 -7.04
CA HIS A 36 9.20 4.24 -7.32
C HIS A 36 9.33 4.85 -8.70
N ASP A 37 8.35 4.60 -9.51
CA ASP A 37 8.36 5.12 -10.86
C ASP A 37 7.26 6.13 -11.04
N PRO A 38 7.61 7.43 -11.08
CA PRO A 38 6.63 8.50 -11.33
C PRO A 38 6.05 8.36 -12.73
N SER A 39 6.86 7.80 -13.55
CA SER A 39 6.60 7.57 -14.93
C SER A 39 5.73 6.34 -15.17
N PHE A 40 5.41 5.62 -14.11
CA PHE A 40 4.54 4.48 -14.24
C PHE A 40 3.15 4.99 -14.55
N VAL A 41 2.61 4.50 -15.62
CA VAL A 41 1.31 4.92 -16.03
C VAL A 41 0.35 3.73 -15.95
N GLN A 42 -0.76 3.93 -15.32
CA GLN A 42 -1.73 2.86 -15.17
C GLN A 42 -2.79 2.95 -16.26
N PRO A 43 -3.25 1.80 -16.76
CA PRO A 43 -4.35 1.77 -17.73
C PRO A 43 -5.68 2.10 -17.05
N GLY A 44 -5.67 2.15 -15.71
CA GLY A 44 -6.84 2.49 -14.92
C GLY A 44 -7.13 3.98 -14.89
N ASN A 45 -6.97 4.59 -16.02
CA ASN A 45 -7.24 6.01 -16.22
C ASN A 45 -8.73 6.32 -16.32
N ARG A 46 -9.52 5.26 -16.38
CA ARG A 46 -11.00 5.28 -16.57
C ARG A 46 -11.74 6.39 -15.80
N HIS A 47 -11.65 6.38 -14.49
CA HIS A 47 -12.43 7.30 -13.65
C HIS A 47 -11.62 8.55 -13.28
N TYR A 48 -12.08 9.27 -12.25
CA TYR A 48 -11.47 10.49 -11.74
C TYR A 48 -9.99 10.31 -11.50
N LYS A 49 -9.19 11.16 -12.10
CA LYS A 49 -7.76 11.10 -11.94
C LYS A 49 -7.32 11.87 -10.71
N TYR A 50 -8.24 12.64 -10.16
CA TYR A 50 -7.97 13.36 -8.94
C TYR A 50 -8.71 12.70 -7.80
N GLN A 51 -8.06 11.71 -7.24
CA GLN A 51 -8.55 10.95 -6.12
C GLN A 51 -7.40 10.36 -5.40
N CYS A 52 -7.49 10.31 -4.09
CA CYS A 52 -6.51 9.64 -3.28
C CYS A 52 -6.52 8.16 -3.66
N THR A 53 -7.69 7.67 -4.08
CA THR A 53 -7.82 6.32 -4.49
C THR A 53 -7.08 6.07 -5.81
N TRP A 54 -7.07 7.09 -6.68
CA TRP A 54 -6.43 7.00 -7.99
C TRP A 54 -4.92 6.90 -7.82
N TYR A 55 -4.38 7.77 -6.99
CA TYR A 55 -2.95 7.78 -6.71
C TYR A 55 -2.52 6.48 -6.08
N ALA A 56 -3.39 5.91 -5.26
CA ALA A 56 -3.12 4.64 -4.65
C ALA A 56 -2.98 3.53 -5.68
N TYR A 57 -3.86 3.52 -6.71
CA TYR A 57 -3.78 2.48 -7.74
C TYR A 57 -2.44 2.60 -8.46
N ASN A 58 -2.09 3.85 -8.77
CA ASN A 58 -0.92 4.16 -9.57
C ASN A 58 0.34 3.78 -8.83
N ARG A 59 0.47 4.17 -7.56
CA ARG A 59 1.68 3.81 -6.84
C ARG A 59 1.69 2.32 -6.48
N ARG A 60 0.53 1.72 -6.42
CA ARG A 60 0.43 0.27 -6.21
C ARG A 60 0.99 -0.46 -7.45
N GLY A 61 1.01 0.26 -8.57
CA GLY A 61 1.61 -0.20 -9.80
C GLY A 61 3.15 -0.24 -9.71
N GLN A 62 3.69 0.42 -8.69
CA GLN A 62 5.13 0.35 -8.38
C GLN A 62 5.47 -1.07 -7.95
N LEU A 63 4.51 -1.68 -7.28
CA LEU A 63 4.63 -3.06 -6.80
C LEU A 63 4.22 -3.99 -7.93
N GLY A 64 3.76 -3.39 -9.00
CA GLY A 64 3.34 -4.08 -10.19
C GLY A 64 2.05 -4.80 -10.02
N ILE A 65 1.21 -4.32 -9.14
CA ILE A 65 -0.06 -4.95 -8.90
C ILE A 65 -1.19 -3.91 -9.04
N PRO A 66 -1.87 -3.90 -10.20
CA PRO A 66 -2.97 -2.97 -10.46
C PRO A 66 -4.33 -3.51 -10.00
N VAL A 67 -5.24 -2.61 -9.72
CA VAL A 67 -6.57 -2.98 -9.26
C VAL A 67 -7.66 -2.25 -10.06
N PRO A 68 -8.88 -2.82 -10.10
CA PRO A 68 -10.03 -2.13 -10.66
C PRO A 68 -10.28 -0.82 -9.91
N LEU A 69 -10.89 0.12 -10.56
CA LEU A 69 -11.13 1.38 -9.94
C LEU A 69 -12.31 1.35 -9.01
N TRP A 70 -12.03 1.61 -7.79
CA TRP A 70 -13.01 1.71 -6.76
C TRP A 70 -12.99 3.15 -6.29
N GLY A 71 -14.03 3.88 -6.64
CA GLY A 71 -14.12 5.31 -6.36
C GLY A 71 -13.86 5.67 -4.92
N ASP A 72 -14.70 5.20 -4.05
CA ASP A 72 -14.57 5.48 -2.64
C ASP A 72 -13.72 4.43 -1.95
N ALA A 73 -12.95 4.86 -0.95
CA ALA A 73 -12.02 4.01 -0.22
C ALA A 73 -12.69 2.83 0.48
N ALA A 74 -13.89 3.02 1.01
CA ALA A 74 -14.56 1.95 1.74
C ALA A 74 -14.97 0.82 0.78
N ASP A 75 -15.21 1.19 -0.47
CA ASP A 75 -15.57 0.24 -1.55
C ASP A 75 -14.47 -0.76 -1.82
N TRP A 76 -13.23 -0.34 -1.58
CA TRP A 76 -12.05 -1.16 -1.86
C TRP A 76 -12.09 -2.50 -1.16
N ILE A 77 -12.59 -2.53 0.07
CA ILE A 77 -12.61 -3.77 0.83
C ILE A 77 -13.56 -4.77 0.17
N GLY A 78 -14.71 -4.28 -0.27
CA GLY A 78 -15.69 -5.10 -0.94
C GLY A 78 -15.24 -5.51 -2.32
N GLY A 79 -14.69 -4.56 -3.04
CA GLY A 79 -14.19 -4.78 -4.37
C GLY A 79 -13.08 -5.79 -4.38
N ALA A 80 -12.24 -5.76 -3.35
CA ALA A 80 -11.15 -6.70 -3.20
C ALA A 80 -11.67 -8.13 -3.13
N LYS A 81 -12.75 -8.34 -2.35
CA LYS A 81 -13.33 -9.64 -2.18
C LYS A 81 -13.80 -10.20 -3.52
N GLY A 82 -14.46 -9.34 -4.28
CA GLY A 82 -15.01 -9.71 -5.57
C GLY A 82 -13.94 -9.92 -6.62
N ALA A 83 -12.85 -9.22 -6.50
CA ALA A 83 -11.76 -9.33 -7.45
C ALA A 83 -10.80 -10.46 -7.08
N GLY A 84 -10.97 -11.01 -5.90
CA GLY A 84 -10.13 -12.11 -5.48
C GLY A 84 -8.84 -11.65 -4.83
N TYR A 85 -8.87 -10.48 -4.26
CA TYR A 85 -7.72 -9.96 -3.57
C TYR A 85 -7.86 -10.24 -2.09
N GLY A 86 -6.77 -10.24 -1.38
CA GLY A 86 -6.80 -10.57 0.01
C GLY A 86 -6.94 -9.35 0.88
N VAL A 87 -7.40 -9.54 2.08
CA VAL A 87 -7.58 -8.46 3.02
C VAL A 87 -7.10 -8.96 4.37
N GLY A 88 -6.39 -8.11 5.08
CA GLY A 88 -5.87 -8.49 6.35
C GLY A 88 -5.56 -7.29 7.18
N ARG A 89 -5.09 -7.52 8.38
CA ARG A 89 -4.76 -6.45 9.28
C ARG A 89 -3.25 -6.42 9.53
N THR A 90 -2.54 -7.26 8.80
CA THR A 90 -1.12 -7.41 8.98
C THR A 90 -0.36 -6.34 8.21
N PRO A 91 0.56 -5.63 8.87
CA PRO A 91 1.35 -4.58 8.23
C PRO A 91 2.34 -5.14 7.21
N LYS A 92 2.07 -4.89 5.95
CA LYS A 92 2.95 -5.31 4.91
C LYS A 92 3.40 -4.12 4.11
N GLN A 93 4.65 -4.18 3.71
CA GLN A 93 5.28 -3.17 2.89
C GLN A 93 4.62 -3.02 1.53
N GLY A 94 4.42 -1.80 1.12
CA GLY A 94 3.93 -1.50 -0.20
C GLY A 94 2.45 -1.48 -0.28
N ALA A 95 1.87 -2.45 0.29
CA ALA A 95 0.47 -2.65 0.23
C ALA A 95 -0.27 -1.48 0.90
N CYS A 96 -1.33 -1.06 0.27
CA CYS A 96 -2.04 0.10 0.69
C CYS A 96 -2.99 -0.16 1.84
N VAL A 97 -3.09 0.81 2.71
CA VAL A 97 -3.99 0.75 3.84
C VAL A 97 -5.21 1.57 3.56
N ILE A 98 -6.32 1.06 3.97
CA ILE A 98 -7.58 1.68 3.76
C ILE A 98 -8.23 2.02 5.08
N TRP A 99 -8.62 3.27 5.23
CA TRP A 99 -9.39 3.68 6.36
C TRP A 99 -10.82 3.77 5.96
N GLN A 100 -11.68 3.34 6.83
CA GLN A 100 -13.09 3.38 6.57
C GLN A 100 -13.63 4.78 6.81
N ARG A 101 -14.85 4.95 6.46
CA ARG A 101 -15.50 6.23 6.55
C ARG A 101 -16.17 6.37 7.90
N GLY A 102 -15.59 7.18 8.75
CA GLY A 102 -16.16 7.42 10.04
C GLY A 102 -15.35 6.82 11.15
N VAL A 103 -14.05 6.82 10.99
CA VAL A 103 -13.15 6.27 11.98
C VAL A 103 -11.99 7.23 12.19
N GLN A 104 -11.20 6.99 13.20
CA GLN A 104 -10.01 7.79 13.42
C GLN A 104 -9.02 7.50 12.38
N GLY A 105 -8.77 8.50 11.66
CA GLY A 105 -7.87 8.43 10.53
C GLY A 105 -8.62 8.33 9.22
N GLY A 106 -9.92 8.16 9.30
CA GLY A 106 -10.74 8.04 8.14
C GLY A 106 -11.98 8.89 8.22
N SER A 107 -11.86 10.11 7.72
CA SER A 107 -12.97 11.05 7.70
C SER A 107 -14.15 10.46 6.90
N PRO A 108 -15.36 10.42 7.51
CA PRO A 108 -16.56 9.79 6.94
C PRO A 108 -16.90 10.20 5.51
N GLN A 109 -16.69 11.43 5.16
CA GLN A 109 -17.04 11.88 3.83
C GLN A 109 -15.95 11.67 2.80
N TYR A 110 -14.70 11.58 3.22
CA TYR A 110 -13.63 11.62 2.22
C TYR A 110 -13.01 10.28 1.85
N GLY A 111 -12.99 9.32 2.79
CA GLY A 111 -12.33 8.03 2.50
C GLY A 111 -10.79 8.18 2.33
N HIS A 112 -10.02 7.42 3.06
CA HIS A 112 -8.57 7.64 3.05
C HIS A 112 -7.77 6.39 2.72
N VAL A 113 -6.77 6.57 1.88
CA VAL A 113 -5.86 5.51 1.48
C VAL A 113 -4.44 5.98 1.75
N ALA A 114 -3.56 5.08 2.07
CA ALA A 114 -2.15 5.39 2.18
C ALA A 114 -1.34 4.26 1.63
N PHE A 115 -0.15 4.56 1.16
CA PHE A 115 0.74 3.55 0.65
C PHE A 115 1.84 3.35 1.69
N VAL A 116 1.99 2.13 2.16
CA VAL A 116 3.00 1.82 3.15
C VAL A 116 4.35 1.71 2.49
N GLU A 117 5.25 2.61 2.77
CA GLU A 117 6.56 2.52 2.14
C GLU A 117 7.47 1.61 2.97
N LYS A 118 7.27 1.59 4.30
CA LYS A 118 8.07 0.76 5.14
C LYS A 118 7.29 0.36 6.38
N VAL A 119 7.62 -0.76 6.93
CA VAL A 119 7.06 -1.19 8.19
C VAL A 119 8.10 -0.89 9.22
N LEU A 120 7.69 -0.34 10.31
CA LEU A 120 8.60 0.05 11.32
C LEU A 120 8.36 -0.80 12.54
N ASP A 121 9.45 -1.16 13.25
CA ASP A 121 9.40 -2.09 14.43
C ASP A 121 9.14 -3.53 14.02
N GLY A 122 8.08 -3.69 13.30
CA GLY A 122 7.60 -4.94 12.90
C GLY A 122 6.14 -4.80 12.66
N GLY A 123 5.54 -3.82 13.34
CA GLY A 123 4.15 -3.56 13.11
C GLY A 123 3.56 -2.42 13.93
N LYS A 124 4.26 -1.93 14.98
CA LYS A 124 3.65 -0.91 15.81
C LYS A 124 3.58 0.43 15.11
N LYS A 125 4.46 0.62 14.17
CA LYS A 125 4.55 1.78 13.37
C LYS A 125 4.63 1.38 11.91
N ILE A 126 4.11 2.20 11.06
CA ILE A 126 4.23 2.02 9.64
C ILE A 126 4.53 3.37 9.04
N PHE A 127 5.26 3.39 7.98
CA PHE A 127 5.56 4.63 7.31
C PHE A 127 4.78 4.66 6.03
N ILE A 128 4.00 5.69 5.85
CA ILE A 128 3.15 5.78 4.70
C ILE A 128 3.52 6.97 3.84
N SER A 129 3.08 6.92 2.63
CA SER A 129 3.34 7.91 1.62
C SER A 129 2.11 8.02 0.71
N GLU A 130 2.03 9.09 -0.11
CA GLU A 130 0.90 9.30 -1.05
C GLU A 130 -0.43 9.32 -0.31
N HIS A 131 -0.39 9.86 0.87
CA HIS A 131 -1.52 9.84 1.74
C HIS A 131 -2.18 11.21 1.85
N ASN A 132 -3.48 11.18 1.74
CA ASN A 132 -4.31 12.34 1.95
C ASN A 132 -5.05 12.15 3.25
N TYR A 133 -4.84 13.05 4.19
CA TYR A 133 -5.57 13.02 5.46
C TYR A 133 -6.47 14.24 5.59
N ALA A 134 -6.03 15.32 5.01
CA ALA A 134 -6.69 16.62 4.99
C ALA A 134 -5.85 17.46 4.07
N THR A 135 -5.38 16.82 3.06
CA THR A 135 -4.37 17.35 2.22
C THR A 135 -4.88 17.60 0.80
N PRO A 136 -4.97 18.87 0.38
CA PRO A 136 -5.25 19.16 -1.00
C PRO A 136 -3.98 18.80 -1.74
N ASN A 137 -4.09 18.03 -2.81
CA ASN A 137 -2.92 17.43 -3.48
C ASN A 137 -2.18 16.58 -2.43
N GLY A 138 -2.70 15.39 -2.21
CA GLY A 138 -2.23 14.48 -1.15
C GLY A 138 -0.82 13.94 -1.33
N TYR A 139 0.13 14.80 -1.25
CA TYR A 139 1.52 14.45 -1.25
C TYR A 139 2.01 14.61 0.17
N GLY A 140 2.54 13.58 0.73
CA GLY A 140 3.00 13.64 2.08
C GLY A 140 3.25 12.28 2.64
N THR A 141 4.04 12.25 3.67
CA THR A 141 4.43 11.05 4.33
C THR A 141 4.09 11.16 5.82
N ARG A 142 3.75 10.06 6.44
CA ARG A 142 3.40 10.08 7.85
C ARG A 142 3.68 8.71 8.48
N THR A 143 3.96 8.70 9.75
CA THR A 143 4.15 7.47 10.48
C THR A 143 2.87 7.18 11.25
N ILE A 144 2.37 6.00 11.13
CA ILE A 144 1.13 5.63 11.76
C ILE A 144 1.42 4.67 12.89
N ASP A 145 0.76 4.87 14.00
CA ASP A 145 0.86 3.99 15.12
C ASP A 145 -0.24 2.98 15.05
N MET A 146 0.15 1.75 15.05
CA MET A 146 -0.83 0.66 15.05
C MET A 146 -1.15 0.30 16.47
N SER A 147 -0.41 0.90 17.34
CA SER A 147 -0.60 0.79 18.73
C SER A 147 -1.83 1.63 19.15
N SER A 148 -2.15 2.63 18.34
CA SER A 148 -3.24 3.50 18.63
C SER A 148 -4.35 3.37 17.57
N ALA A 149 -5.39 4.16 17.74
CA ALA A 149 -6.61 4.09 16.94
C ALA A 149 -6.39 4.20 15.44
N ILE A 150 -5.48 5.08 15.00
CA ILE A 150 -5.30 5.30 13.56
C ILE A 150 -4.90 3.99 12.85
N GLY A 151 -3.88 3.34 13.38
CA GLY A 151 -3.44 2.07 12.82
C GLY A 151 -4.43 0.96 13.03
N LYS A 152 -5.15 1.03 14.15
CA LYS A 152 -6.17 0.03 14.48
C LYS A 152 -7.37 0.14 13.55
N ASN A 153 -7.49 1.25 12.88
CA ASN A 153 -8.57 1.46 11.94
C ASN A 153 -8.10 1.18 10.52
N ALA A 154 -6.80 0.98 10.35
CA ALA A 154 -6.21 0.77 9.04
C ALA A 154 -6.31 -0.69 8.64
N GLN A 155 -6.78 -0.93 7.45
CA GLN A 155 -6.90 -2.29 6.93
C GLN A 155 -6.04 -2.41 5.71
N PHE A 156 -5.54 -3.57 5.51
CA PHE A 156 -4.61 -3.82 4.43
C PHE A 156 -5.26 -4.66 3.35
N ILE A 157 -5.01 -4.30 2.12
CA ILE A 157 -5.49 -5.07 1.00
C ILE A 157 -4.31 -5.65 0.27
N TYR A 158 -4.29 -6.94 0.21
CA TYR A 158 -3.21 -7.70 -0.37
C TYR A 158 -3.59 -8.04 -1.78
N ASP A 159 -2.66 -8.03 -2.67
CA ASP A 159 -2.97 -8.36 -4.03
C ASP A 159 -2.60 -9.80 -4.25
N LYS A 160 -3.08 -10.38 -5.30
CA LYS A 160 -2.88 -11.78 -5.56
C LYS A 160 -1.56 -11.96 -6.31
N LYS A 161 -1.28 -13.17 -6.70
CA LYS A 161 -0.08 -13.44 -7.45
C LYS A 161 -0.19 -12.84 -8.82
N LYS A 162 0.88 -12.29 -9.29
CA LYS A 162 0.89 -11.71 -10.62
C LYS A 162 1.41 -12.76 -11.57
N ASN A 163 2.10 -13.75 -10.99
CA ASN A 163 2.61 -14.95 -11.69
C ASN A 163 3.76 -14.64 -12.64
N SER A 164 4.21 -13.40 -12.60
CA SER A 164 5.35 -12.98 -13.38
C SER A 164 6.61 -13.51 -12.70
N SER A 165 6.53 -13.70 -11.40
CA SER A 165 7.57 -14.32 -10.66
C SER A 165 7.44 -15.82 -10.92
N SER A 166 8.54 -16.46 -11.24
CA SER A 166 8.53 -17.84 -11.61
C SER A 166 8.21 -18.77 -10.41
N VAL A 167 7.68 -19.94 -10.74
CA VAL A 167 7.28 -20.94 -9.75
C VAL A 167 8.47 -21.36 -8.88
N ASP A 168 8.25 -21.40 -7.60
CA ASP A 168 9.27 -21.72 -6.62
C ASP A 168 8.56 -22.12 -5.34
N LYS A 169 9.30 -22.60 -4.36
CA LYS A 169 8.74 -23.02 -3.09
C LYS A 169 8.14 -21.83 -2.38
N LEU A 170 8.86 -20.72 -2.44
CA LEU A 170 8.41 -19.52 -1.79
C LEU A 170 7.30 -18.90 -2.56
N ALA A 171 7.39 -19.00 -3.88
CA ALA A 171 6.40 -18.44 -4.78
C ALA A 171 5.03 -19.08 -4.58
N ALA A 172 5.02 -20.33 -4.20
CA ALA A 172 3.77 -21.04 -3.94
C ALA A 172 3.29 -20.80 -2.51
N ALA A 173 4.03 -20.04 -1.78
CA ALA A 173 3.73 -19.75 -0.40
C ALA A 173 3.67 -18.24 -0.17
N LEU A 174 3.45 -17.88 1.07
CA LEU A 174 3.38 -16.47 1.50
C LEU A 174 4.66 -16.12 2.21
N GLU A 175 5.22 -17.14 2.79
CA GLU A 175 6.47 -17.06 3.51
C GLU A 175 7.62 -16.60 2.61
N HIS A 176 8.56 -15.89 3.17
CA HIS A 176 9.67 -15.37 2.39
C HIS A 176 10.95 -16.15 2.68
N MET A 1 28.01 11.86 12.91
CA MET A 1 28.67 12.06 11.62
C MET A 1 28.63 10.76 10.86
N GLU A 2 28.60 10.84 9.56
CA GLU A 2 28.51 9.68 8.75
C GLU A 2 29.50 9.75 7.60
N GLN A 3 29.78 8.62 7.03
CA GLN A 3 30.70 8.50 5.92
C GLN A 3 29.95 8.66 4.61
N SER A 4 30.58 9.23 3.63
CA SER A 4 29.99 9.34 2.31
C SER A 4 30.32 8.08 1.49
N SER A 5 31.17 7.26 2.05
CA SER A 5 31.51 5.99 1.49
C SER A 5 31.49 4.94 2.60
N GLY A 6 30.58 4.02 2.50
CA GLY A 6 30.46 2.98 3.49
C GLY A 6 29.11 3.00 4.15
N ASP A 7 28.63 4.20 4.41
CA ASP A 7 27.33 4.37 5.06
C ASP A 7 26.22 4.36 4.02
N LYS A 8 25.40 3.35 4.10
CA LYS A 8 24.32 3.16 3.14
C LYS A 8 23.02 3.80 3.62
N ASP A 9 22.09 3.91 2.72
CA ASP A 9 20.78 4.42 3.02
C ASP A 9 19.98 3.27 3.59
N GLY A 10 18.96 3.56 4.32
CA GLY A 10 18.17 2.52 4.90
C GLY A 10 17.55 2.99 6.16
N GLY A 11 18.22 3.95 6.76
CA GLY A 11 17.76 4.56 7.96
C GLY A 11 17.85 3.65 9.13
N SER A 12 16.72 3.31 9.65
CA SER A 12 16.61 2.48 10.79
C SER A 12 16.27 1.05 10.36
N ASP A 13 17.23 0.17 10.47
CA ASP A 13 17.05 -1.21 10.04
C ASP A 13 16.60 -2.09 11.18
N SER A 14 16.99 -1.75 12.38
CA SER A 14 16.62 -2.52 13.54
C SER A 14 15.25 -2.07 14.06
N GLY A 15 15.02 -0.77 14.01
CA GLY A 15 13.77 -0.21 14.46
C GLY A 15 12.82 0.01 13.31
N GLY A 16 13.21 -0.45 12.16
CA GLY A 16 12.40 -0.29 10.98
C GLY A 16 12.48 -1.50 10.11
N ALA A 17 11.99 -2.59 10.63
CA ALA A 17 12.02 -3.83 9.93
C ALA A 17 10.60 -4.33 9.78
N GLN A 18 10.33 -4.95 8.68
CA GLN A 18 9.04 -5.49 8.37
C GLN A 18 8.94 -6.95 8.83
N ASP A 19 8.12 -7.20 9.84
CA ASP A 19 7.91 -8.58 10.32
C ASP A 19 6.76 -9.22 9.54
N GLY A 20 6.16 -8.42 8.67
CA GLY A 20 5.10 -8.90 7.81
C GLY A 20 5.64 -9.75 6.66
N GLY A 21 6.93 -9.67 6.43
CA GLY A 21 7.54 -10.42 5.37
C GLY A 21 7.45 -9.68 4.05
N SER A 22 6.45 -10.02 3.28
CA SER A 22 6.20 -9.39 2.00
C SER A 22 4.73 -9.62 1.63
N LEU A 23 4.31 -9.04 0.53
CA LEU A 23 2.97 -9.27 0.02
C LEU A 23 2.93 -10.65 -0.62
N ASP A 24 3.50 -10.72 -1.81
CA ASP A 24 3.66 -11.96 -2.56
C ASP A 24 4.81 -11.75 -3.51
N SER A 25 4.59 -10.88 -4.47
CA SER A 25 5.56 -10.50 -5.49
C SER A 25 6.77 -9.77 -4.88
N LEU A 26 6.51 -9.05 -3.81
CA LEU A 26 7.49 -8.22 -3.12
C LEU A 26 8.67 -9.00 -2.57
N LYS A 27 8.50 -10.31 -2.40
CA LYS A 27 9.54 -11.16 -1.85
C LYS A 27 10.82 -11.13 -2.69
N LYS A 28 10.67 -10.95 -4.02
CA LYS A 28 11.83 -10.91 -4.91
C LYS A 28 12.68 -9.64 -4.64
N TYR A 29 12.06 -8.65 -4.02
CA TYR A 29 12.76 -7.42 -3.66
C TYR A 29 13.19 -7.49 -2.20
N ASN A 30 12.87 -8.62 -1.58
CA ASN A 30 13.16 -8.90 -0.16
C ASN A 30 12.49 -7.87 0.74
N GLY A 31 11.33 -7.44 0.32
CA GLY A 31 10.55 -6.49 1.08
C GLY A 31 10.92 -5.05 0.78
N LYS A 32 11.88 -4.84 -0.12
CA LYS A 32 12.21 -3.50 -0.55
C LYS A 32 11.14 -3.06 -1.51
N LEU A 33 10.82 -1.81 -1.56
CA LEU A 33 9.79 -1.39 -2.45
C LEU A 33 10.32 -0.99 -3.80
N PRO A 34 9.67 -1.49 -4.84
CA PRO A 34 10.01 -1.19 -6.23
C PRO A 34 9.84 0.30 -6.56
N LYS A 35 10.58 0.79 -7.53
CA LYS A 35 10.55 2.20 -7.92
C LYS A 35 9.38 2.50 -8.84
N HIS A 36 8.88 3.71 -8.76
CA HIS A 36 7.79 4.14 -9.64
C HIS A 36 8.40 4.85 -10.83
N ASP A 37 7.73 4.80 -11.94
CA ASP A 37 8.19 5.55 -13.07
C ASP A 37 7.27 6.76 -13.18
N PRO A 38 7.83 7.97 -13.15
CA PRO A 38 7.02 9.21 -13.17
C PRO A 38 6.21 9.38 -14.45
N SER A 39 6.73 8.83 -15.49
CA SER A 39 6.14 8.91 -16.78
C SER A 39 5.16 7.75 -17.03
N PHE A 40 5.07 6.82 -16.09
CA PHE A 40 4.17 5.69 -16.21
C PHE A 40 2.73 6.13 -16.02
N VAL A 41 1.86 5.65 -16.86
CA VAL A 41 0.45 5.94 -16.71
C VAL A 41 -0.19 4.85 -15.86
N GLN A 42 -0.83 5.25 -14.82
CA GLN A 42 -1.45 4.35 -13.89
C GLN A 42 -2.67 3.68 -14.50
N PRO A 43 -2.75 2.35 -14.42
CA PRO A 43 -3.93 1.61 -14.87
C PRO A 43 -5.11 1.91 -13.97
N GLY A 44 -6.22 2.25 -14.56
CA GLY A 44 -7.41 2.54 -13.79
C GLY A 44 -7.95 3.91 -14.10
N ASN A 45 -8.02 4.22 -15.38
CA ASN A 45 -8.42 5.55 -15.83
C ASN A 45 -9.93 5.85 -15.71
N ARG A 46 -10.70 4.83 -15.42
CA ARG A 46 -12.16 4.98 -15.36
C ARG A 46 -12.63 5.80 -14.18
N HIS A 47 -12.00 5.63 -13.06
CA HIS A 47 -12.46 6.26 -11.83
C HIS A 47 -11.78 7.60 -11.60
N TYR A 48 -11.93 8.10 -10.37
CA TYR A 48 -11.41 9.36 -9.93
C TYR A 48 -9.90 9.44 -10.16
N LYS A 49 -9.51 10.30 -11.04
CA LYS A 49 -8.11 10.50 -11.36
C LYS A 49 -7.54 11.67 -10.61
N TYR A 50 -8.26 12.10 -9.62
CA TYR A 50 -7.83 13.11 -8.68
C TYR A 50 -8.54 12.85 -7.37
N GLN A 51 -7.93 12.01 -6.55
CA GLN A 51 -8.48 11.62 -5.27
C GLN A 51 -7.48 10.65 -4.63
N CYS A 52 -7.70 10.27 -3.38
CA CYS A 52 -6.86 9.30 -2.69
C CYS A 52 -6.85 7.96 -3.44
N THR A 53 -7.96 7.66 -4.10
CA THR A 53 -8.08 6.46 -4.88
C THR A 53 -7.09 6.47 -6.05
N TRP A 54 -6.96 7.62 -6.72
CA TRP A 54 -5.99 7.79 -7.80
C TRP A 54 -4.60 7.62 -7.27
N TYR A 55 -4.37 8.13 -6.06
CA TYR A 55 -3.09 7.99 -5.42
C TYR A 55 -2.78 6.54 -5.27
N ALA A 56 -3.73 5.77 -4.78
CA ALA A 56 -3.55 4.37 -4.61
C ALA A 56 -3.28 3.69 -5.95
N TYR A 57 -4.08 4.00 -6.97
CA TYR A 57 -3.90 3.40 -8.30
C TYR A 57 -2.51 3.69 -8.88
N ASN A 58 -2.09 4.91 -8.80
CA ASN A 58 -0.79 5.30 -9.33
C ASN A 58 0.35 4.73 -8.51
N ARG A 59 0.19 4.80 -7.21
CA ARG A 59 1.21 4.40 -6.27
C ARG A 59 1.36 2.87 -6.25
N ARG A 60 0.26 2.11 -6.43
CA ARG A 60 0.36 0.65 -6.51
C ARG A 60 0.90 0.19 -7.86
N GLY A 61 1.00 1.11 -8.79
CA GLY A 61 1.52 0.81 -10.10
C GLY A 61 2.97 0.42 -10.05
N GLN A 62 3.71 1.07 -9.14
CA GLN A 62 5.13 0.82 -8.95
C GLN A 62 5.38 -0.57 -8.40
N LEU A 63 4.40 -1.11 -7.68
CA LEU A 63 4.53 -2.41 -7.04
C LEU A 63 4.20 -3.51 -8.02
N GLY A 64 3.76 -3.09 -9.20
CA GLY A 64 3.45 -4.00 -10.26
C GLY A 64 2.21 -4.80 -9.99
N ILE A 65 1.35 -4.27 -9.15
CA ILE A 65 0.14 -4.93 -8.78
C ILE A 65 -1.05 -3.98 -9.04
N PRO A 66 -1.74 -4.17 -10.14
CA PRO A 66 -2.91 -3.40 -10.45
C PRO A 66 -4.17 -3.98 -9.82
N VAL A 67 -4.53 -3.43 -8.68
CA VAL A 67 -5.76 -3.81 -8.03
C VAL A 67 -6.92 -3.22 -8.83
N PRO A 68 -8.02 -3.95 -8.99
CA PRO A 68 -9.16 -3.51 -9.79
C PRO A 68 -9.75 -2.18 -9.32
N LEU A 69 -10.35 -1.47 -10.25
CA LEU A 69 -11.02 -0.22 -9.97
C LEU A 69 -12.22 -0.43 -9.05
N TRP A 70 -12.15 0.17 -7.89
CA TRP A 70 -13.19 0.11 -6.89
C TRP A 70 -13.62 1.55 -6.58
N GLY A 71 -14.76 1.72 -5.92
CA GLY A 71 -15.26 3.06 -5.65
C GLY A 71 -14.58 3.72 -4.45
N ASP A 72 -15.33 3.88 -3.39
CA ASP A 72 -14.82 4.46 -2.15
C ASP A 72 -14.06 3.43 -1.37
N ALA A 73 -13.27 3.86 -0.41
CA ALA A 73 -12.40 2.97 0.36
C ALA A 73 -13.15 1.79 1.02
N ALA A 74 -14.39 2.01 1.45
CA ALA A 74 -15.16 0.92 2.07
C ALA A 74 -15.59 -0.09 1.00
N ASP A 75 -15.79 0.42 -0.20
CA ASP A 75 -16.17 -0.39 -1.36
C ASP A 75 -14.99 -1.26 -1.80
N TRP A 76 -13.78 -0.74 -1.58
CA TRP A 76 -12.53 -1.46 -1.90
C TRP A 76 -12.45 -2.81 -1.17
N ILE A 77 -12.83 -2.81 0.11
CA ILE A 77 -12.80 -4.04 0.93
C ILE A 77 -13.77 -5.08 0.35
N GLY A 78 -14.93 -4.60 -0.06
CA GLY A 78 -15.94 -5.46 -0.64
C GLY A 78 -15.52 -5.99 -1.99
N GLY A 79 -14.89 -5.14 -2.78
CA GLY A 79 -14.41 -5.51 -4.09
C GLY A 79 -13.33 -6.54 -4.00
N ALA A 80 -12.49 -6.41 -2.97
CA ALA A 80 -11.41 -7.32 -2.72
C ALA A 80 -11.92 -8.73 -2.53
N LYS A 81 -13.03 -8.86 -1.79
CA LYS A 81 -13.63 -10.15 -1.53
C LYS A 81 -14.03 -10.83 -2.84
N GLY A 82 -14.64 -10.07 -3.73
CA GLY A 82 -15.10 -10.58 -5.00
C GLY A 82 -13.96 -10.93 -5.93
N ALA A 83 -12.89 -10.17 -5.86
CA ALA A 83 -11.75 -10.38 -6.74
C ALA A 83 -10.81 -11.48 -6.21
N GLY A 84 -11.05 -11.94 -5.00
CA GLY A 84 -10.23 -12.99 -4.44
C GLY A 84 -9.01 -12.46 -3.73
N TYR A 85 -9.12 -11.25 -3.28
CA TYR A 85 -8.07 -10.57 -2.58
C TYR A 85 -8.27 -10.73 -1.09
N GLY A 86 -7.20 -10.89 -0.38
CA GLY A 86 -7.29 -11.05 1.03
C GLY A 86 -7.24 -9.73 1.72
N VAL A 87 -7.89 -9.63 2.83
CA VAL A 87 -7.89 -8.40 3.58
C VAL A 87 -7.43 -8.73 4.99
N GLY A 88 -6.60 -7.91 5.54
CA GLY A 88 -6.07 -8.16 6.84
C GLY A 88 -5.48 -6.92 7.44
N ARG A 89 -4.99 -7.04 8.63
CA ARG A 89 -4.37 -5.93 9.33
C ARG A 89 -2.88 -6.16 9.47
N THR A 90 -2.34 -7.08 8.70
CA THR A 90 -0.93 -7.34 8.80
C THR A 90 -0.17 -6.33 7.94
N PRO A 91 0.84 -5.66 8.52
CA PRO A 91 1.56 -4.63 7.83
C PRO A 91 2.56 -5.13 6.81
N LYS A 92 2.32 -4.78 5.57
CA LYS A 92 3.25 -5.07 4.52
C LYS A 92 3.64 -3.75 3.91
N GLN A 93 4.89 -3.60 3.57
CA GLN A 93 5.37 -2.45 2.85
C GLN A 93 4.75 -2.37 1.47
N GLY A 94 4.34 -1.20 1.08
CA GLY A 94 3.81 -1.01 -0.25
C GLY A 94 2.34 -1.20 -0.30
N ALA A 95 1.87 -2.16 0.41
CA ALA A 95 0.51 -2.46 0.40
C ALA A 95 -0.27 -1.34 1.07
N CYS A 96 -1.37 -1.00 0.50
CA CYS A 96 -2.10 0.16 0.90
C CYS A 96 -3.08 -0.12 2.02
N VAL A 97 -3.26 0.87 2.86
CA VAL A 97 -4.16 0.79 3.98
C VAL A 97 -5.44 1.49 3.65
N ILE A 98 -6.49 0.82 3.93
CA ILE A 98 -7.81 1.25 3.66
C ILE A 98 -8.50 1.55 4.97
N TRP A 99 -9.06 2.72 5.08
CA TRP A 99 -9.88 3.04 6.19
C TRP A 99 -11.33 2.95 5.81
N GLN A 100 -12.07 2.24 6.62
CA GLN A 100 -13.43 2.01 6.41
C GLN A 100 -14.19 3.32 6.51
N ARG A 101 -15.27 3.38 5.81
CA ARG A 101 -16.03 4.57 5.71
C ARG A 101 -16.96 4.72 6.91
N GLY A 102 -16.51 5.49 7.89
CA GLY A 102 -17.28 5.71 9.09
C GLY A 102 -16.57 5.21 10.33
N VAL A 103 -15.26 5.17 10.30
CA VAL A 103 -14.47 4.70 11.45
C VAL A 103 -13.38 5.69 11.79
N GLN A 104 -12.62 5.42 12.81
CA GLN A 104 -11.50 6.26 13.14
C GLN A 104 -10.41 6.09 12.17
N GLY A 105 -10.09 7.17 11.62
CA GLY A 105 -9.12 7.23 10.55
C GLY A 105 -9.81 7.36 9.21
N GLY A 106 -11.10 7.15 9.21
CA GLY A 106 -11.85 7.23 7.98
C GLY A 106 -13.26 7.68 8.23
N SER A 107 -13.45 8.97 8.40
CA SER A 107 -14.76 9.54 8.58
C SER A 107 -15.59 9.30 7.29
N PRO A 108 -16.94 9.27 7.38
CA PRO A 108 -17.84 8.95 6.22
C PRO A 108 -17.46 9.61 4.87
N GLN A 109 -17.00 10.86 4.90
CA GLN A 109 -16.57 11.57 3.69
C GLN A 109 -15.06 11.44 3.44
N TYR A 110 -14.34 11.06 4.47
CA TYR A 110 -12.87 11.13 4.47
C TYR A 110 -12.17 9.77 4.52
N GLY A 111 -12.93 8.69 4.42
CA GLY A 111 -12.34 7.35 4.40
C GLY A 111 -11.43 7.20 3.21
N HIS A 112 -10.15 7.27 3.43
CA HIS A 112 -9.21 7.30 2.35
C HIS A 112 -8.28 6.11 2.37
N VAL A 113 -7.38 6.11 1.41
CA VAL A 113 -6.39 5.10 1.25
C VAL A 113 -5.04 5.76 1.50
N ALA A 114 -4.10 5.02 2.04
CA ALA A 114 -2.75 5.50 2.22
C ALA A 114 -1.78 4.40 1.88
N PHE A 115 -0.56 4.75 1.59
CA PHE A 115 0.43 3.79 1.17
C PHE A 115 1.44 3.55 2.28
N VAL A 116 1.64 2.31 2.66
CA VAL A 116 2.62 1.99 3.67
C VAL A 116 4.01 2.04 3.08
N GLU A 117 4.77 2.99 3.52
CA GLU A 117 6.10 3.19 3.04
C GLU A 117 7.04 2.28 3.82
N LYS A 118 6.93 2.26 5.14
CA LYS A 118 7.83 1.46 5.92
C LYS A 118 7.12 0.85 7.10
N VAL A 119 7.56 -0.30 7.52
CA VAL A 119 7.04 -0.93 8.69
C VAL A 119 8.03 -0.70 9.81
N LEU A 120 7.55 -0.21 10.92
CA LEU A 120 8.39 0.23 11.98
C LEU A 120 8.33 -0.75 13.12
N ASP A 121 9.47 -0.93 13.81
CA ASP A 121 9.64 -1.88 14.94
C ASP A 121 9.67 -3.32 14.49
N GLY A 122 8.65 -3.65 13.80
CA GLY A 122 8.38 -4.98 13.34
C GLY A 122 7.00 -4.91 12.77
N GLY A 123 6.21 -4.05 13.39
CA GLY A 123 4.90 -3.76 12.93
C GLY A 123 3.96 -3.22 13.97
N LYS A 124 4.47 -2.47 14.96
CA LYS A 124 3.57 -1.88 15.90
C LYS A 124 3.15 -0.50 15.37
N LYS A 125 4.02 0.09 14.57
CA LYS A 125 3.77 1.34 13.91
C LYS A 125 4.11 1.16 12.45
N ILE A 126 3.47 1.89 11.62
CA ILE A 126 3.75 1.89 10.19
C ILE A 126 3.99 3.31 9.75
N PHE A 127 4.82 3.48 8.78
CA PHE A 127 5.09 4.76 8.23
C PHE A 127 4.41 4.79 6.88
N ILE A 128 3.57 5.74 6.66
CA ILE A 128 2.80 5.79 5.42
C ILE A 128 3.02 7.11 4.74
N SER A 129 2.68 7.15 3.49
CA SER A 129 2.73 8.36 2.74
C SER A 129 1.34 8.71 2.24
N GLU A 130 1.11 9.98 2.02
CA GLU A 130 -0.15 10.53 1.56
C GLU A 130 0.15 11.60 0.55
N HIS A 131 -0.33 11.45 -0.65
CA HIS A 131 -0.04 12.42 -1.69
C HIS A 131 -1.31 13.02 -2.21
N ASN A 132 -1.57 14.21 -1.76
CA ASN A 132 -2.76 14.94 -2.16
C ASN A 132 -2.53 15.63 -3.48
N TYR A 133 -1.27 15.91 -3.78
CA TYR A 133 -0.85 16.56 -4.95
C TYR A 133 0.64 16.54 -4.84
N ALA A 134 1.33 17.00 -5.81
CA ALA A 134 2.76 16.94 -5.77
C ALA A 134 3.37 18.23 -5.26
N THR A 135 2.56 19.04 -4.62
CA THR A 135 2.99 20.27 -4.06
C THR A 135 3.66 19.98 -2.71
N PRO A 136 4.89 20.50 -2.49
CA PRO A 136 5.62 20.28 -1.25
C PRO A 136 4.79 20.70 -0.04
N ASN A 137 4.75 19.83 0.95
CA ASN A 137 3.97 20.00 2.20
C ASN A 137 2.46 19.75 2.00
N GLY A 138 2.05 19.62 0.74
CA GLY A 138 0.68 19.26 0.45
C GLY A 138 0.53 17.77 0.62
N TYR A 139 1.55 17.06 0.19
CA TYR A 139 1.66 15.65 0.41
C TYR A 139 2.44 15.47 1.71
N GLY A 140 2.21 14.41 2.41
CA GLY A 140 2.88 14.21 3.66
C GLY A 140 3.05 12.76 4.01
N THR A 141 3.58 12.52 5.18
CA THR A 141 3.79 11.19 5.67
C THR A 141 3.30 11.10 7.11
N ARG A 142 2.87 9.93 7.53
CA ARG A 142 2.37 9.72 8.87
C ARG A 142 2.88 8.46 9.42
N THR A 143 2.77 8.35 10.67
CA THR A 143 3.05 7.15 11.37
C THR A 143 1.75 6.69 12.02
N ILE A 144 1.34 5.50 11.70
CA ILE A 144 0.11 4.97 12.22
C ILE A 144 0.43 3.89 13.22
N ASP A 145 -0.11 4.00 14.39
CA ASP A 145 0.08 3.02 15.40
C ASP A 145 -0.94 1.95 15.22
N MET A 146 -0.51 0.74 15.05
CA MET A 146 -1.39 -0.39 14.79
C MET A 146 -2.22 -0.73 16.02
N SER A 147 -1.81 -0.20 17.15
CA SER A 147 -2.48 -0.43 18.42
C SER A 147 -3.53 0.66 18.66
N SER A 148 -3.45 1.76 17.91
CA SER A 148 -4.40 2.86 18.10
C SER A 148 -5.66 2.55 17.32
N ALA A 149 -6.73 3.30 17.58
CA ALA A 149 -8.01 3.12 16.89
C ALA A 149 -7.81 3.22 15.38
N ILE A 150 -6.98 4.17 14.99
CA ILE A 150 -6.66 4.41 13.58
C ILE A 150 -6.02 3.15 12.96
N GLY A 151 -5.04 2.60 13.67
CA GLY A 151 -4.32 1.43 13.22
C GLY A 151 -5.14 0.17 13.21
N LYS A 152 -6.09 0.07 14.12
CA LYS A 152 -6.97 -1.09 14.20
C LYS A 152 -7.97 -1.09 13.08
N ASN A 153 -8.26 0.09 12.60
CA ASN A 153 -9.21 0.25 11.52
C ASN A 153 -8.53 0.21 10.19
N ALA A 154 -7.23 0.30 10.19
CA ALA A 154 -6.44 0.27 8.99
C ALA A 154 -6.39 -1.14 8.46
N GLN A 155 -6.88 -1.33 7.28
CA GLN A 155 -6.91 -2.62 6.67
C GLN A 155 -6.11 -2.64 5.42
N PHE A 156 -5.48 -3.72 5.22
CA PHE A 156 -4.66 -3.93 4.08
C PHE A 156 -5.39 -4.81 3.12
N ILE A 157 -5.22 -4.55 1.87
CA ILE A 157 -5.76 -5.39 0.85
C ILE A 157 -4.60 -6.03 0.17
N TYR A 158 -4.57 -7.32 0.22
CA TYR A 158 -3.48 -8.05 -0.32
C TYR A 158 -3.83 -8.50 -1.72
N ASP A 159 -2.88 -8.45 -2.60
CA ASP A 159 -3.11 -8.91 -3.96
C ASP A 159 -2.56 -10.31 -4.02
N LYS A 160 -2.98 -11.03 -4.99
CA LYS A 160 -2.59 -12.38 -5.19
C LYS A 160 -1.21 -12.44 -5.82
N LYS A 161 -0.87 -13.57 -6.38
CA LYS A 161 0.39 -13.69 -7.11
C LYS A 161 0.37 -12.72 -8.28
N LYS A 162 1.53 -12.29 -8.75
CA LYS A 162 1.60 -11.34 -9.83
C LYS A 162 1.04 -11.89 -11.16
N ASN A 163 -0.25 -11.83 -11.27
CA ASN A 163 -0.99 -12.15 -12.46
C ASN A 163 -2.13 -11.17 -12.64
N SER A 164 -2.19 -10.20 -11.72
CA SER A 164 -3.07 -9.07 -11.85
C SER A 164 -2.54 -8.26 -13.02
N SER A 165 -1.24 -8.08 -12.97
CA SER A 165 -0.49 -7.57 -14.05
C SER A 165 -0.08 -8.79 -14.84
N SER A 166 -0.72 -8.98 -15.97
CA SER A 166 -0.47 -10.13 -16.79
C SER A 166 0.98 -10.13 -17.27
N VAL A 167 1.65 -11.22 -16.96
CA VAL A 167 3.06 -11.36 -17.29
C VAL A 167 3.23 -11.43 -18.79
N ASP A 168 3.88 -10.43 -19.27
CA ASP A 168 4.18 -10.26 -20.67
C ASP A 168 5.65 -10.01 -20.78
N LYS A 169 6.20 -10.18 -21.95
CA LYS A 169 7.62 -10.03 -22.17
C LYS A 169 8.03 -8.59 -21.91
N LEU A 170 7.23 -7.66 -22.38
CA LEU A 170 7.51 -6.25 -22.19
C LEU A 170 7.18 -5.82 -20.78
N ALA A 171 6.08 -6.35 -20.27
CA ALA A 171 5.59 -5.99 -18.95
C ALA A 171 6.54 -6.43 -17.86
N ALA A 172 7.04 -7.63 -17.98
CA ALA A 172 7.97 -8.16 -17.00
C ALA A 172 9.36 -7.64 -17.26
N ALA A 173 9.64 -7.38 -18.54
CA ALA A 173 10.92 -6.87 -19.04
C ALA A 173 12.01 -7.93 -19.00
N LEU A 174 12.91 -7.86 -19.94
CA LEU A 174 14.00 -8.81 -20.01
C LEU A 174 15.18 -8.27 -19.30
N GLU A 175 15.52 -7.07 -19.65
CA GLU A 175 16.65 -6.37 -19.13
C GLU A 175 16.30 -5.63 -17.84
N HIS A 176 15.00 -5.44 -17.61
CA HIS A 176 14.49 -4.78 -16.40
C HIS A 176 14.99 -3.35 -16.26
N MET A 1 31.77 11.86 27.31
CA MET A 1 31.78 10.62 28.09
C MET A 1 32.68 9.59 27.43
N GLU A 2 32.27 9.10 26.27
CA GLU A 2 33.00 8.05 25.61
C GLU A 2 32.96 8.33 24.08
N GLN A 3 34.13 8.51 23.51
CA GLN A 3 34.30 8.92 22.12
C GLN A 3 34.00 7.82 21.09
N SER A 4 33.82 6.61 21.54
CA SER A 4 33.48 5.53 20.65
C SER A 4 32.00 5.13 20.81
N SER A 5 31.26 5.93 21.56
CA SER A 5 29.87 5.65 21.81
C SER A 5 28.99 6.62 21.03
N GLY A 6 28.43 6.17 19.93
CA GLY A 6 27.58 7.01 19.13
C GLY A 6 26.14 6.67 19.35
N ASP A 7 25.73 6.72 20.59
CA ASP A 7 24.39 6.34 20.98
C ASP A 7 23.45 7.47 20.69
N LYS A 8 22.62 7.26 19.73
CA LYS A 8 21.66 8.23 19.34
C LYS A 8 20.27 7.66 19.49
N ASP A 9 19.30 8.50 19.35
CA ASP A 9 17.92 8.09 19.42
C ASP A 9 17.28 8.42 18.09
N GLY A 10 16.02 8.10 17.94
CA GLY A 10 15.30 8.39 16.74
C GLY A 10 13.83 8.28 17.01
N GLY A 11 13.03 8.65 16.05
CA GLY A 11 11.59 8.50 16.20
C GLY A 11 11.23 7.05 16.11
N SER A 12 11.75 6.41 15.10
CA SER A 12 11.56 5.02 14.90
C SER A 12 12.67 4.29 15.69
N ASP A 13 12.30 3.77 16.86
CA ASP A 13 13.26 3.17 17.80
C ASP A 13 13.90 1.89 17.28
N SER A 14 13.32 1.29 16.28
CA SER A 14 13.87 0.08 15.70
C SER A 14 14.75 0.43 14.50
N GLY A 15 14.77 1.71 14.16
CA GLY A 15 15.51 2.15 13.01
C GLY A 15 14.71 1.99 11.74
N GLY A 16 13.47 1.62 11.89
CA GLY A 16 12.61 1.44 10.77
C GLY A 16 12.02 0.06 10.73
N ALA A 17 12.30 -0.64 9.65
CA ALA A 17 11.71 -1.94 9.41
C ALA A 17 12.65 -3.05 9.87
N GLN A 18 12.19 -3.86 10.81
CA GLN A 18 13.00 -4.96 11.29
C GLN A 18 12.31 -6.32 11.10
N ASP A 19 11.00 -6.32 10.89
CA ASP A 19 10.27 -7.58 10.71
C ASP A 19 10.28 -7.98 9.25
N GLY A 20 10.53 -7.01 8.41
CA GLY A 20 10.61 -7.27 7.00
C GLY A 20 9.25 -7.59 6.41
N GLY A 21 8.22 -6.99 6.98
CA GLY A 21 6.87 -7.18 6.50
C GLY A 21 6.72 -6.68 5.09
N SER A 22 6.57 -7.59 4.16
CA SER A 22 6.43 -7.27 2.77
C SER A 22 5.53 -8.32 2.12
N LEU A 23 4.86 -7.94 1.04
CA LEU A 23 3.95 -8.83 0.36
C LEU A 23 4.70 -9.89 -0.41
N ASP A 24 3.97 -10.91 -0.81
CA ASP A 24 4.53 -12.04 -1.55
C ASP A 24 5.09 -11.58 -2.88
N SER A 25 4.39 -10.67 -3.50
CA SER A 25 4.77 -10.10 -4.77
C SER A 25 6.08 -9.30 -4.63
N LEU A 26 6.26 -8.70 -3.48
CA LEU A 26 7.37 -7.81 -3.18
C LEU A 26 8.68 -8.55 -2.97
N LYS A 27 8.60 -9.83 -2.70
CA LYS A 27 9.78 -10.65 -2.45
C LYS A 27 10.77 -10.64 -3.64
N LYS A 28 10.24 -10.54 -4.87
CA LYS A 28 11.09 -10.45 -6.08
C LYS A 28 11.81 -9.10 -6.15
N TYR A 29 11.35 -8.13 -5.36
CA TYR A 29 11.93 -6.79 -5.29
C TYR A 29 12.99 -6.74 -4.20
N ASN A 30 13.35 -7.93 -3.71
CA ASN A 30 14.35 -8.14 -2.65
C ASN A 30 13.87 -7.44 -1.37
N GLY A 31 12.55 -7.41 -1.22
CA GLY A 31 11.93 -6.82 -0.06
C GLY A 31 12.02 -5.31 -0.05
N LYS A 32 12.41 -4.73 -1.17
CA LYS A 32 12.48 -3.29 -1.28
C LYS A 32 11.24 -2.82 -2.02
N LEU A 33 10.83 -1.59 -1.81
CA LEU A 33 9.69 -1.09 -2.54
C LEU A 33 10.11 -0.48 -3.88
N PRO A 34 9.28 -0.65 -4.90
CA PRO A 34 9.48 -0.07 -6.23
C PRO A 34 9.62 1.45 -6.18
N LYS A 35 10.22 2.00 -7.20
CA LYS A 35 10.42 3.42 -7.29
C LYS A 35 9.07 4.09 -7.50
N HIS A 36 8.85 5.16 -6.79
CA HIS A 36 7.61 5.89 -6.91
C HIS A 36 7.71 6.91 -8.02
N ASP A 37 7.47 6.44 -9.23
CA ASP A 37 7.58 7.28 -10.40
C ASP A 37 6.31 8.08 -10.60
N PRO A 38 6.46 9.39 -10.79
CA PRO A 38 5.32 10.29 -11.03
C PRO A 38 4.76 10.14 -12.43
N SER A 39 5.64 9.74 -13.30
CA SER A 39 5.36 9.56 -14.68
C SER A 39 4.66 8.22 -14.93
N PHE A 40 4.59 7.39 -13.89
CA PHE A 40 3.95 6.11 -13.99
C PHE A 40 2.46 6.35 -14.12
N VAL A 41 1.88 5.83 -15.15
CA VAL A 41 0.48 5.99 -15.36
C VAL A 41 -0.19 4.63 -15.49
N GLN A 42 -1.20 4.42 -14.72
CA GLN A 42 -1.97 3.21 -14.77
C GLN A 42 -3.28 3.55 -15.49
N PRO A 43 -3.80 2.65 -16.35
CA PRO A 43 -5.07 2.89 -17.12
C PRO A 43 -6.35 2.98 -16.26
N GLY A 44 -6.22 3.36 -15.01
CA GLY A 44 -7.35 3.47 -14.11
C GLY A 44 -7.78 4.92 -13.96
N ASN A 45 -7.80 5.61 -15.06
CA ASN A 45 -8.11 7.04 -15.08
C ASN A 45 -9.59 7.36 -14.91
N ARG A 46 -10.44 6.36 -14.98
CA ARG A 46 -11.89 6.57 -14.93
C ARG A 46 -12.45 7.13 -13.64
N HIS A 47 -11.97 6.68 -12.52
CA HIS A 47 -12.56 7.10 -11.25
C HIS A 47 -12.00 8.42 -10.74
N TYR A 48 -12.48 8.82 -9.57
CA TYR A 48 -12.18 10.06 -8.94
C TYR A 48 -10.69 10.25 -8.71
N LYS A 49 -10.08 11.04 -9.57
CA LYS A 49 -8.66 11.29 -9.51
C LYS A 49 -8.32 12.35 -8.45
N TYR A 50 -9.33 13.13 -8.06
CA TYR A 50 -9.16 14.15 -7.01
C TYR A 50 -9.34 13.55 -5.61
N GLN A 51 -9.52 12.26 -5.54
CA GLN A 51 -9.73 11.58 -4.31
C GLN A 51 -8.45 10.82 -3.94
N CYS A 52 -8.16 10.70 -2.64
CA CYS A 52 -6.94 10.02 -2.14
C CYS A 52 -6.86 8.59 -2.65
N THR A 53 -8.00 8.00 -2.88
CA THR A 53 -8.15 6.67 -3.34
C THR A 53 -7.47 6.46 -4.70
N TRP A 54 -7.44 7.49 -5.55
CA TRP A 54 -6.87 7.35 -6.89
C TRP A 54 -5.37 7.12 -6.82
N TYR A 55 -4.75 7.80 -5.88
CA TYR A 55 -3.30 7.74 -5.68
C TYR A 55 -2.87 6.33 -5.35
N ALA A 56 -3.74 5.63 -4.64
CA ALA A 56 -3.49 4.28 -4.26
C ALA A 56 -3.37 3.36 -5.47
N TYR A 57 -4.21 3.55 -6.49
CA TYR A 57 -4.18 2.70 -7.70
C TYR A 57 -2.84 2.80 -8.38
N ASN A 58 -2.38 4.04 -8.51
CA ASN A 58 -1.14 4.33 -9.19
C ASN A 58 0.03 3.67 -8.47
N ARG A 59 0.07 3.87 -7.16
CA ARG A 59 1.14 3.33 -6.37
C ARG A 59 1.04 1.81 -6.20
N ARG A 60 -0.18 1.30 -6.19
CA ARG A 60 -0.42 -0.15 -6.09
C ARG A 60 0.12 -0.82 -7.36
N GLY A 61 -0.01 -0.12 -8.49
CA GLY A 61 0.47 -0.64 -9.75
C GLY A 61 1.97 -0.79 -9.79
N GLN A 62 2.64 0.12 -9.09
CA GLN A 62 4.09 0.14 -9.01
C GLN A 62 4.61 -1.07 -8.26
N LEU A 63 3.78 -1.60 -7.37
CA LEU A 63 4.12 -2.75 -6.57
C LEU A 63 3.87 -4.03 -7.36
N GLY A 64 3.44 -3.85 -8.60
CA GLY A 64 3.22 -4.93 -9.53
C GLY A 64 1.98 -5.70 -9.25
N ILE A 65 1.09 -5.04 -8.59
CA ILE A 65 -0.16 -5.59 -8.21
C ILE A 65 -1.29 -4.64 -8.67
N PRO A 66 -1.96 -4.97 -9.77
CA PRO A 66 -2.99 -4.12 -10.33
C PRO A 66 -4.39 -4.38 -9.77
N VAL A 67 -4.86 -3.47 -8.96
CA VAL A 67 -6.20 -3.54 -8.44
C VAL A 67 -7.18 -2.88 -9.42
N PRO A 68 -8.34 -3.50 -9.62
CA PRO A 68 -9.40 -2.93 -10.46
C PRO A 68 -9.94 -1.63 -9.87
N LEU A 69 -10.51 -0.79 -10.72
CA LEU A 69 -11.12 0.44 -10.27
C LEU A 69 -12.34 0.12 -9.42
N TRP A 70 -12.28 0.52 -8.18
CA TRP A 70 -13.37 0.36 -7.26
C TRP A 70 -13.92 1.74 -6.95
N GLY A 71 -15.09 1.80 -6.39
CA GLY A 71 -15.76 3.08 -6.26
C GLY A 71 -15.22 3.95 -5.14
N ASP A 72 -15.67 3.68 -3.96
CA ASP A 72 -15.30 4.48 -2.81
C ASP A 72 -14.01 3.94 -2.23
N ALA A 73 -13.38 4.70 -1.36
CA ALA A 73 -12.18 4.24 -0.68
C ALA A 73 -12.53 3.06 0.20
N ALA A 74 -13.66 3.19 0.89
CA ALA A 74 -14.18 2.15 1.76
C ALA A 74 -14.49 0.85 0.99
N ASP A 75 -14.83 1.02 -0.27
CA ASP A 75 -15.22 -0.07 -1.20
C ASP A 75 -14.11 -1.08 -1.42
N TRP A 76 -12.87 -0.62 -1.32
CA TRP A 76 -11.68 -1.42 -1.62
C TRP A 76 -11.62 -2.75 -0.85
N ILE A 77 -12.04 -2.77 0.40
CA ILE A 77 -11.98 -4.02 1.17
C ILE A 77 -12.94 -5.06 0.59
N GLY A 78 -14.13 -4.61 0.25
CA GLY A 78 -15.13 -5.47 -0.34
C GLY A 78 -14.78 -5.87 -1.75
N GLY A 79 -14.27 -4.90 -2.49
CA GLY A 79 -13.87 -5.12 -3.85
C GLY A 79 -12.74 -6.11 -3.94
N ALA A 80 -11.81 -6.03 -2.98
CA ALA A 80 -10.65 -6.92 -2.93
C ALA A 80 -11.06 -8.36 -2.81
N LYS A 81 -12.05 -8.63 -1.97
CA LYS A 81 -12.55 -9.97 -1.75
C LYS A 81 -13.12 -10.53 -3.03
N GLY A 82 -13.87 -9.72 -3.70
CA GLY A 82 -14.47 -10.11 -4.97
C GLY A 82 -13.45 -10.22 -6.10
N ALA A 83 -12.33 -9.56 -5.93
CA ALA A 83 -11.27 -9.58 -6.93
C ALA A 83 -10.29 -10.72 -6.69
N GLY A 84 -10.42 -11.36 -5.53
CA GLY A 84 -9.56 -12.46 -5.18
C GLY A 84 -8.30 -12.04 -4.47
N TYR A 85 -8.36 -10.92 -3.80
CA TYR A 85 -7.22 -10.42 -3.04
C TYR A 85 -7.44 -10.76 -1.57
N GLY A 86 -6.35 -10.87 -0.84
CA GLY A 86 -6.43 -11.23 0.54
C GLY A 86 -6.46 -10.02 1.41
N VAL A 87 -7.24 -10.04 2.45
CA VAL A 87 -7.34 -8.92 3.33
C VAL A 87 -6.85 -9.34 4.70
N GLY A 88 -6.09 -8.49 5.33
CA GLY A 88 -5.54 -8.79 6.61
C GLY A 88 -5.31 -7.57 7.42
N ARG A 89 -4.84 -7.74 8.63
CA ARG A 89 -4.63 -6.61 9.51
C ARG A 89 -3.15 -6.50 9.85
N THR A 90 -2.35 -7.33 9.20
CA THR A 90 -0.93 -7.36 9.44
C THR A 90 -0.23 -6.28 8.60
N PRO A 91 0.60 -5.46 9.24
CA PRO A 91 1.32 -4.37 8.57
C PRO A 91 2.45 -4.83 7.64
N LYS A 92 2.31 -4.53 6.36
CA LYS A 92 3.36 -4.82 5.41
C LYS A 92 3.59 -3.61 4.53
N GLN A 93 4.86 -3.38 4.20
CA GLN A 93 5.29 -2.26 3.37
C GLN A 93 4.70 -2.27 1.98
N GLY A 94 4.30 -1.11 1.54
CA GLY A 94 3.86 -0.94 0.19
C GLY A 94 2.40 -0.95 0.06
N ALA A 95 1.79 -1.97 0.54
CA ALA A 95 0.39 -2.16 0.36
C ALA A 95 -0.40 -1.06 1.03
N CYS A 96 -1.39 -0.59 0.34
CA CYS A 96 -2.15 0.52 0.80
C CYS A 96 -3.16 0.06 1.85
N VAL A 97 -3.37 0.90 2.83
CA VAL A 97 -4.28 0.63 3.91
C VAL A 97 -5.56 1.36 3.67
N ILE A 98 -6.63 0.70 4.01
CA ILE A 98 -7.95 1.22 3.78
C ILE A 98 -8.62 1.49 5.10
N TRP A 99 -9.31 2.60 5.17
CA TRP A 99 -10.15 2.94 6.28
C TRP A 99 -11.56 3.10 5.77
N GLN A 100 -12.52 2.55 6.49
CA GLN A 100 -13.90 2.63 6.09
C GLN A 100 -14.47 4.05 6.24
N ARG A 101 -15.69 4.20 5.79
CA ARG A 101 -16.32 5.49 5.76
C ARG A 101 -16.96 5.80 7.11
N GLY A 102 -16.36 6.72 7.83
CA GLY A 102 -16.90 7.12 9.12
C GLY A 102 -16.23 6.44 10.29
N VAL A 103 -15.01 6.00 10.09
CA VAL A 103 -14.23 5.41 11.18
C VAL A 103 -13.03 6.28 11.46
N GLN A 104 -12.36 6.04 12.56
CA GLN A 104 -11.16 6.81 12.87
C GLN A 104 -10.07 6.53 11.92
N GLY A 105 -9.69 7.58 11.30
CA GLY A 105 -8.67 7.54 10.27
C GLY A 105 -9.27 7.57 8.88
N GLY A 106 -10.57 7.37 8.78
CA GLY A 106 -11.21 7.33 7.50
C GLY A 106 -12.15 8.48 7.30
N SER A 107 -12.23 8.96 6.07
CA SER A 107 -13.15 10.01 5.71
C SER A 107 -14.56 9.51 5.96
N PRO A 108 -15.40 10.31 6.61
CA PRO A 108 -16.78 9.94 6.87
C PRO A 108 -17.57 9.76 5.57
N GLN A 109 -17.17 10.47 4.54
CA GLN A 109 -17.91 10.43 3.30
C GLN A 109 -17.43 9.37 2.32
N TYR A 110 -16.12 9.13 2.28
CA TYR A 110 -15.56 8.21 1.26
C TYR A 110 -14.78 7.05 1.87
N GLY A 111 -14.22 7.27 3.02
CA GLY A 111 -13.24 6.35 3.57
C GLY A 111 -11.87 6.91 3.25
N HIS A 112 -10.81 6.21 3.56
CA HIS A 112 -9.47 6.70 3.26
C HIS A 112 -8.55 5.60 2.83
N VAL A 113 -7.53 5.98 2.08
CA VAL A 113 -6.49 5.07 1.66
C VAL A 113 -5.17 5.78 1.91
N ALA A 114 -4.18 5.05 2.33
CA ALA A 114 -2.85 5.57 2.49
C ALA A 114 -1.86 4.53 2.03
N PHE A 115 -0.66 4.94 1.73
CA PHE A 115 0.34 4.03 1.23
C PHE A 115 1.34 3.78 2.34
N VAL A 116 1.54 2.53 2.70
CA VAL A 116 2.47 2.21 3.75
C VAL A 116 3.90 2.31 3.23
N GLU A 117 4.61 3.29 3.71
CA GLU A 117 5.97 3.53 3.32
C GLU A 117 6.86 2.60 4.16
N LYS A 118 6.59 2.56 5.46
CA LYS A 118 7.35 1.72 6.35
C LYS A 118 6.49 1.07 7.36
N VAL A 119 7.03 0.04 7.87
CA VAL A 119 6.48 -0.69 8.96
C VAL A 119 7.54 -0.67 10.00
N LEU A 120 7.24 -0.06 11.08
CA LEU A 120 8.21 0.22 12.06
C LEU A 120 8.15 -0.80 13.13
N ASP A 121 9.34 -1.25 13.54
CA ASP A 121 9.50 -2.28 14.55
C ASP A 121 8.98 -3.58 13.90
N GLY A 122 8.31 -4.41 14.64
CA GLY A 122 7.70 -5.58 14.07
C GLY A 122 6.33 -5.25 13.51
N GLY A 123 6.01 -3.98 13.56
CA GLY A 123 4.76 -3.51 13.06
C GLY A 123 3.91 -2.92 14.13
N LYS A 124 4.53 -2.28 15.11
CA LYS A 124 3.76 -1.66 16.13
C LYS A 124 3.23 -0.35 15.59
N LYS A 125 4.02 0.27 14.73
CA LYS A 125 3.64 1.50 14.07
C LYS A 125 3.92 1.37 12.60
N ILE A 126 3.19 2.07 11.81
CA ILE A 126 3.42 2.11 10.38
C ILE A 126 3.58 3.54 9.96
N PHE A 127 4.37 3.76 8.97
CA PHE A 127 4.58 5.08 8.47
C PHE A 127 3.94 5.12 7.11
N ILE A 128 3.04 6.02 6.90
CA ILE A 128 2.28 6.06 5.67
C ILE A 128 2.55 7.33 4.92
N SER A 129 2.21 7.32 3.68
CA SER A 129 2.26 8.46 2.84
C SER A 129 0.84 8.66 2.30
N GLU A 130 0.52 9.87 1.95
CA GLU A 130 -0.79 10.23 1.48
C GLU A 130 -0.63 11.32 0.43
N HIS A 131 -1.46 11.26 -0.63
CA HIS A 131 -1.44 12.23 -1.74
C HIS A 131 -0.06 12.20 -2.40
N ASN A 132 0.41 11.02 -2.66
CA ASN A 132 1.74 10.82 -3.21
C ASN A 132 1.64 10.52 -4.71
N TYR A 133 2.16 11.44 -5.52
CA TYR A 133 2.18 11.26 -6.95
C TYR A 133 3.35 12.07 -7.55
N ALA A 134 3.17 13.39 -7.65
CA ALA A 134 4.21 14.24 -8.24
C ALA A 134 4.20 15.66 -7.66
N THR A 135 3.39 15.92 -6.68
CA THR A 135 3.30 17.25 -6.12
C THR A 135 4.34 17.46 -5.00
N PRO A 136 5.26 18.42 -5.17
CA PRO A 136 6.22 18.76 -4.14
C PRO A 136 5.48 19.39 -2.96
N ASN A 137 5.78 18.92 -1.76
CA ASN A 137 5.17 19.41 -0.50
C ASN A 137 3.70 18.97 -0.32
N GLY A 138 3.09 18.52 -1.40
CA GLY A 138 1.69 18.12 -1.37
C GLY A 138 1.45 16.80 -0.71
N TYR A 139 2.45 15.94 -0.75
CA TYR A 139 2.33 14.64 -0.12
C TYR A 139 2.53 14.78 1.38
N GLY A 140 1.88 13.97 2.13
CA GLY A 140 2.01 14.00 3.56
C GLY A 140 2.31 12.63 4.09
N THR A 141 2.92 12.56 5.23
CA THR A 141 3.29 11.31 5.84
C THR A 141 2.88 11.30 7.30
N ARG A 142 2.46 10.15 7.80
CA ARG A 142 2.01 10.02 9.18
C ARG A 142 2.42 8.70 9.73
N THR A 143 2.41 8.60 11.02
CA THR A 143 2.75 7.39 11.70
C THR A 143 1.54 6.88 12.48
N ILE A 144 1.09 5.71 12.13
CA ILE A 144 -0.10 5.15 12.72
C ILE A 144 0.28 3.98 13.60
N ASP A 145 -0.29 3.95 14.78
CA ASP A 145 -0.06 2.88 15.70
C ASP A 145 -1.10 1.83 15.49
N MET A 146 -0.65 0.62 15.22
CA MET A 146 -1.51 -0.49 14.91
C MET A 146 -2.37 -0.91 16.09
N SER A 147 -2.01 -0.47 17.28
CA SER A 147 -2.74 -0.82 18.46
C SER A 147 -3.71 0.31 18.86
N SER A 148 -3.64 1.42 18.14
CA SER A 148 -4.52 2.55 18.41
C SER A 148 -5.72 2.51 17.45
N ALA A 149 -6.69 3.42 17.62
CA ALA A 149 -7.95 3.43 16.85
C ALA A 149 -7.71 3.46 15.37
N ILE A 150 -6.81 4.33 14.95
CA ILE A 150 -6.47 4.49 13.53
C ILE A 150 -5.94 3.15 12.99
N GLY A 151 -5.03 2.55 13.75
CA GLY A 151 -4.42 1.29 13.39
C GLY A 151 -5.39 0.12 13.41
N LYS A 152 -6.34 0.16 14.32
CA LYS A 152 -7.33 -0.90 14.42
C LYS A 152 -8.28 -0.86 13.24
N ASN A 153 -8.43 0.31 12.68
CA ASN A 153 -9.31 0.50 11.53
C ASN A 153 -8.53 0.33 10.24
N ALA A 154 -7.22 0.33 10.34
CA ALA A 154 -6.36 0.19 9.18
C ALA A 154 -6.37 -1.25 8.71
N GLN A 155 -6.83 -1.45 7.51
CA GLN A 155 -6.91 -2.78 6.96
C GLN A 155 -6.06 -2.86 5.74
N PHE A 156 -5.44 -3.97 5.60
CA PHE A 156 -4.45 -4.20 4.55
C PHE A 156 -4.99 -5.14 3.51
N ILE A 157 -4.71 -4.81 2.27
CA ILE A 157 -5.09 -5.62 1.16
C ILE A 157 -3.84 -6.17 0.51
N TYR A 158 -3.73 -7.46 0.46
CA TYR A 158 -2.61 -8.12 -0.16
C TYR A 158 -3.07 -8.66 -1.48
N ASP A 159 -2.30 -8.49 -2.49
CA ASP A 159 -2.72 -8.91 -3.80
C ASP A 159 -2.14 -10.24 -4.15
N LYS A 160 -2.79 -10.89 -5.08
CA LYS A 160 -2.43 -12.20 -5.58
C LYS A 160 -1.58 -12.03 -6.86
N LYS A 161 -1.62 -13.00 -7.76
CA LYS A 161 -0.95 -12.85 -9.04
C LYS A 161 -1.70 -11.83 -9.89
N LYS A 162 -0.98 -11.16 -10.74
CA LYS A 162 -1.57 -10.18 -11.59
C LYS A 162 -2.10 -10.83 -12.85
N ASN A 163 -3.20 -10.31 -13.32
CA ASN A 163 -3.84 -10.77 -14.53
C ASN A 163 -4.14 -9.57 -15.38
N SER A 164 -3.69 -9.63 -16.63
CA SER A 164 -3.83 -8.54 -17.60
C SER A 164 -3.08 -7.29 -17.11
N SER A 165 -1.81 -7.27 -17.37
CA SER A 165 -0.95 -6.21 -16.90
C SER A 165 -0.84 -5.11 -17.95
N SER A 166 -0.63 -3.91 -17.51
CA SER A 166 -0.49 -2.80 -18.39
C SER A 166 0.95 -2.72 -18.87
N VAL A 167 1.13 -2.83 -20.14
CA VAL A 167 2.45 -2.85 -20.71
C VAL A 167 2.96 -1.43 -20.88
N ASP A 168 4.10 -1.17 -20.31
CA ASP A 168 4.74 0.12 -20.44
C ASP A 168 5.62 0.15 -21.65
N LYS A 169 6.10 1.32 -22.02
CA LYS A 169 6.87 1.49 -23.23
C LYS A 169 8.18 0.74 -23.17
N LEU A 170 8.80 0.78 -22.03
CA LEU A 170 10.09 0.10 -21.84
C LEU A 170 9.92 -1.42 -21.79
N ALA A 171 8.77 -1.86 -21.31
CA ALA A 171 8.45 -3.28 -21.29
C ALA A 171 8.18 -3.80 -22.70
N ALA A 172 7.54 -3.00 -23.52
CA ALA A 172 7.26 -3.36 -24.89
C ALA A 172 8.51 -3.24 -25.73
N ALA A 173 9.13 -2.07 -25.64
CA ALA A 173 10.34 -1.67 -26.35
C ALA A 173 10.12 -1.50 -27.83
N LEU A 174 10.87 -0.60 -28.40
CA LEU A 174 10.74 -0.27 -29.80
C LEU A 174 11.68 -1.12 -30.58
N GLU A 175 12.89 -1.05 -30.18
CA GLU A 175 14.00 -1.69 -30.81
C GLU A 175 14.31 -3.07 -30.22
N HIS A 176 13.44 -3.54 -29.35
CA HIS A 176 13.60 -4.85 -28.72
C HIS A 176 12.27 -5.57 -28.68
N MET A 1 24.81 -4.70 -11.21
CA MET A 1 24.44 -5.12 -9.84
C MET A 1 25.29 -6.30 -9.39
N GLU A 2 25.70 -7.12 -10.35
CA GLU A 2 26.45 -8.36 -10.10
C GLU A 2 27.91 -8.17 -9.67
N GLN A 3 28.28 -6.94 -9.32
CA GLN A 3 29.60 -6.67 -8.77
C GLN A 3 29.68 -7.21 -7.34
N SER A 4 28.53 -7.37 -6.75
CA SER A 4 28.38 -7.94 -5.45
C SER A 4 27.27 -8.96 -5.59
N SER A 5 26.76 -9.48 -4.51
CA SER A 5 25.70 -10.43 -4.59
C SER A 5 24.37 -9.70 -4.74
N GLY A 6 24.09 -9.27 -5.95
CA GLY A 6 22.88 -8.56 -6.26
C GLY A 6 22.94 -7.12 -5.81
N ASP A 7 21.82 -6.46 -5.85
CA ASP A 7 21.74 -5.11 -5.37
C ASP A 7 21.22 -5.17 -3.96
N LYS A 8 21.95 -4.59 -3.06
CA LYS A 8 21.62 -4.66 -1.68
C LYS A 8 21.24 -3.29 -1.16
N ASP A 9 20.55 -3.30 -0.06
CA ASP A 9 20.07 -2.09 0.58
C ASP A 9 19.97 -2.35 2.06
N GLY A 10 20.29 -1.36 2.85
CA GLY A 10 20.23 -1.51 4.28
C GLY A 10 19.27 -0.54 4.92
N GLY A 11 18.11 -0.38 4.32
CA GLY A 11 17.12 0.51 4.84
C GLY A 11 16.30 -0.10 5.97
N SER A 12 16.94 -0.40 7.06
CA SER A 12 16.25 -0.93 8.22
C SER A 12 16.63 -0.12 9.48
N ASP A 13 17.31 1.00 9.25
CA ASP A 13 17.87 1.82 10.32
C ASP A 13 16.83 2.69 11.01
N SER A 14 15.72 2.97 10.34
CA SER A 14 14.68 3.81 10.90
C SER A 14 13.73 3.02 11.83
N GLY A 15 14.20 1.88 12.32
CA GLY A 15 13.43 1.07 13.24
C GLY A 15 12.38 0.25 12.57
N GLY A 16 12.70 -0.23 11.39
CA GLY A 16 11.76 -1.02 10.66
C GLY A 16 12.44 -1.91 9.69
N ALA A 17 12.17 -3.18 9.76
CA ALA A 17 12.75 -4.14 8.86
C ALA A 17 11.74 -4.52 7.79
N GLN A 18 12.12 -4.27 6.54
CA GLN A 18 11.26 -4.53 5.40
C GLN A 18 11.04 -6.03 5.22
N ASP A 19 11.96 -6.81 5.77
CA ASP A 19 11.94 -8.27 5.71
C ASP A 19 10.90 -8.81 6.70
N GLY A 20 10.51 -7.99 7.66
CA GLY A 20 9.56 -8.40 8.66
C GLY A 20 8.14 -8.27 8.16
N GLY A 21 7.92 -7.30 7.31
CA GLY A 21 6.62 -7.07 6.77
C GLY A 21 6.67 -6.99 5.27
N SER A 22 6.99 -8.09 4.64
CA SER A 22 7.09 -8.14 3.21
C SER A 22 5.77 -8.63 2.59
N LEU A 23 5.48 -8.16 1.40
CA LEU A 23 4.35 -8.65 0.64
C LEU A 23 4.87 -9.80 -0.21
N ASP A 24 4.02 -10.72 -0.61
CA ASP A 24 4.43 -11.93 -1.36
C ASP A 24 5.20 -11.61 -2.64
N SER A 25 4.64 -10.79 -3.50
CA SER A 25 5.29 -10.42 -4.74
C SER A 25 6.58 -9.60 -4.49
N LEU A 26 6.60 -8.89 -3.39
CA LEU A 26 7.70 -8.02 -2.97
C LEU A 26 8.93 -8.78 -2.45
N LYS A 27 8.74 -10.05 -2.07
CA LYS A 27 9.80 -10.86 -1.43
C LYS A 27 11.07 -10.94 -2.31
N LYS A 28 10.89 -10.92 -3.63
CA LYS A 28 12.02 -10.95 -4.58
C LYS A 28 12.92 -9.69 -4.46
N TYR A 29 12.38 -8.63 -3.86
CA TYR A 29 13.14 -7.40 -3.67
C TYR A 29 13.68 -7.37 -2.25
N ASN A 30 13.74 -8.55 -1.63
CA ASN A 30 14.17 -8.77 -0.24
C ASN A 30 13.24 -8.00 0.71
N GLY A 31 11.99 -7.90 0.28
CA GLY A 31 10.99 -7.22 1.06
C GLY A 31 11.00 -5.72 0.86
N LYS A 32 11.91 -5.25 0.02
CA LYS A 32 12.02 -3.85 -0.25
C LYS A 32 11.01 -3.49 -1.34
N LEU A 33 10.77 -2.23 -1.52
CA LEU A 33 9.82 -1.80 -2.51
C LEU A 33 10.45 -1.54 -3.86
N PRO A 34 9.69 -1.86 -4.92
CA PRO A 34 10.03 -1.57 -6.32
C PRO A 34 10.13 -0.05 -6.56
N LYS A 35 10.79 0.31 -7.63
CA LYS A 35 11.01 1.70 -7.98
C LYS A 35 9.67 2.41 -8.23
N HIS A 36 9.58 3.62 -7.77
CA HIS A 36 8.35 4.37 -7.85
C HIS A 36 8.29 5.13 -9.16
N ASP A 37 7.53 4.61 -10.09
CA ASP A 37 7.40 5.23 -11.40
C ASP A 37 6.16 6.13 -11.46
N PRO A 38 6.36 7.44 -11.71
CA PRO A 38 5.26 8.43 -11.74
C PRO A 38 4.49 8.39 -13.06
N SER A 39 5.13 7.83 -14.01
CA SER A 39 4.65 7.74 -15.34
C SER A 39 3.63 6.59 -15.52
N PHE A 40 3.35 5.87 -14.44
CA PHE A 40 2.39 4.78 -14.46
C PHE A 40 1.00 5.26 -14.91
N VAL A 41 0.38 4.49 -15.76
CA VAL A 41 -0.95 4.77 -16.22
C VAL A 41 -1.89 3.71 -15.69
N GLN A 42 -3.00 4.14 -15.13
CA GLN A 42 -4.00 3.22 -14.60
C GLN A 42 -4.57 2.39 -15.74
N PRO A 43 -4.73 1.06 -15.55
CA PRO A 43 -5.27 0.16 -16.61
C PRO A 43 -6.67 0.58 -17.04
N GLY A 44 -7.37 1.19 -16.12
CA GLY A 44 -8.66 1.73 -16.38
C GLY A 44 -8.67 3.16 -15.91
N ASN A 45 -8.85 4.07 -16.82
CA ASN A 45 -8.90 5.49 -16.50
C ASN A 45 -10.23 5.91 -15.88
N ARG A 46 -11.20 4.98 -15.87
CA ARG A 46 -12.59 5.15 -15.38
C ARG A 46 -12.82 6.25 -14.30
N HIS A 47 -12.18 6.11 -13.17
CA HIS A 47 -12.50 6.95 -12.00
C HIS A 47 -11.79 8.30 -11.94
N TYR A 48 -12.12 9.01 -10.86
CA TYR A 48 -11.64 10.32 -10.53
C TYR A 48 -10.13 10.34 -10.41
N LYS A 49 -9.53 11.33 -10.99
CA LYS A 49 -8.09 11.47 -11.01
C LYS A 49 -7.66 12.61 -10.12
N TYR A 50 -8.56 13.07 -9.29
CA TYR A 50 -8.29 14.12 -8.33
C TYR A 50 -8.81 13.67 -6.97
N GLN A 51 -8.91 12.37 -6.84
CA GLN A 51 -9.45 11.73 -5.67
C GLN A 51 -8.36 10.86 -5.02
N CYS A 52 -8.52 10.52 -3.75
CA CYS A 52 -7.54 9.72 -3.01
C CYS A 52 -7.28 8.35 -3.66
N THR A 53 -8.30 7.83 -4.29
CA THR A 53 -8.23 6.56 -4.95
C THR A 53 -7.19 6.58 -6.08
N TRP A 54 -7.07 7.73 -6.74
CA TRP A 54 -6.13 7.93 -7.83
C TRP A 54 -4.70 7.78 -7.36
N TYR A 55 -4.41 8.33 -6.17
CA TYR A 55 -3.06 8.23 -5.59
C TYR A 55 -2.74 6.76 -5.38
N ALA A 56 -3.73 6.06 -4.82
CA ALA A 56 -3.60 4.67 -4.51
C ALA A 56 -3.44 3.83 -5.76
N TYR A 57 -4.24 4.09 -6.81
CA TYR A 57 -4.16 3.32 -8.06
C TYR A 57 -2.76 3.40 -8.64
N ASN A 58 -2.21 4.60 -8.65
CA ASN A 58 -0.91 4.83 -9.25
C ASN A 58 0.18 4.16 -8.43
N ARG A 59 0.14 4.38 -7.12
CA ARG A 59 1.16 3.82 -6.24
C ARG A 59 1.07 2.30 -6.14
N ARG A 60 -0.11 1.78 -6.37
CA ARG A 60 -0.31 0.34 -6.39
C ARG A 60 0.35 -0.23 -7.64
N GLY A 61 0.29 0.54 -8.71
CA GLY A 61 0.88 0.14 -9.97
C GLY A 61 2.39 0.22 -9.90
N GLN A 62 2.88 1.10 -9.05
CA GLN A 62 4.31 1.25 -8.78
C GLN A 62 4.88 -0.02 -8.15
N LEU A 63 4.03 -0.74 -7.46
CA LEU A 63 4.39 -2.01 -6.85
C LEU A 63 4.25 -3.16 -7.84
N GLY A 64 3.82 -2.81 -9.04
CA GLY A 64 3.66 -3.75 -10.11
C GLY A 64 2.45 -4.63 -9.93
N ILE A 65 1.51 -4.15 -9.17
CA ILE A 65 0.31 -4.88 -8.90
C ILE A 65 -0.92 -4.06 -9.32
N PRO A 66 -1.55 -4.47 -10.44
CA PRO A 66 -2.70 -3.77 -10.99
C PRO A 66 -4.01 -4.13 -10.27
N VAL A 67 -4.75 -3.13 -9.88
CA VAL A 67 -6.03 -3.34 -9.23
C VAL A 67 -7.16 -2.78 -10.08
N PRO A 68 -8.34 -3.40 -10.03
CA PRO A 68 -9.53 -2.85 -10.65
C PRO A 68 -9.94 -1.59 -9.88
N LEU A 69 -10.64 -0.71 -10.53
CA LEU A 69 -11.01 0.51 -9.87
C LEU A 69 -12.19 0.32 -8.95
N TRP A 70 -11.98 0.63 -7.71
CA TRP A 70 -13.01 0.55 -6.72
C TRP A 70 -13.28 1.97 -6.23
N GLY A 71 -14.49 2.25 -5.81
CA GLY A 71 -14.87 3.61 -5.44
C GLY A 71 -14.35 4.02 -4.08
N ASP A 72 -15.26 4.08 -3.13
CA ASP A 72 -14.93 4.46 -1.74
C ASP A 72 -13.99 3.45 -1.15
N ALA A 73 -13.15 3.88 -0.23
CA ALA A 73 -12.19 2.99 0.43
C ALA A 73 -12.91 1.82 1.13
N ALA A 74 -14.09 2.09 1.66
CA ALA A 74 -14.92 1.04 2.28
C ALA A 74 -15.33 0.00 1.22
N ASP A 75 -15.52 0.49 0.02
CA ASP A 75 -15.90 -0.31 -1.14
C ASP A 75 -14.73 -1.20 -1.62
N TRP A 76 -13.50 -0.69 -1.42
CA TRP A 76 -12.25 -1.38 -1.84
C TRP A 76 -12.10 -2.76 -1.21
N ILE A 77 -12.47 -2.90 0.06
CA ILE A 77 -12.33 -4.19 0.74
C ILE A 77 -13.21 -5.24 0.06
N GLY A 78 -14.41 -4.81 -0.30
CA GLY A 78 -15.35 -5.68 -0.98
C GLY A 78 -14.92 -5.99 -2.39
N GLY A 79 -14.36 -4.99 -3.05
CA GLY A 79 -13.90 -5.15 -4.41
C GLY A 79 -12.73 -6.09 -4.51
N ALA A 80 -11.86 -6.03 -3.50
CA ALA A 80 -10.68 -6.88 -3.43
C ALA A 80 -11.05 -8.35 -3.44
N LYS A 81 -12.15 -8.67 -2.75
CA LYS A 81 -12.64 -10.02 -2.66
C LYS A 81 -12.96 -10.57 -4.05
N GLY A 82 -13.63 -9.78 -4.87
CA GLY A 82 -14.02 -10.21 -6.20
C GLY A 82 -12.85 -10.36 -7.15
N ALA A 83 -11.80 -9.61 -6.90
CA ALA A 83 -10.62 -9.65 -7.74
C ALA A 83 -9.65 -10.74 -7.28
N GLY A 84 -10.05 -11.47 -6.25
CA GLY A 84 -9.24 -12.55 -5.74
C GLY A 84 -8.08 -12.06 -4.92
N TYR A 85 -8.22 -10.89 -4.37
CA TYR A 85 -7.19 -10.31 -3.56
C TYR A 85 -7.49 -10.56 -2.11
N GLY A 86 -6.46 -10.62 -1.33
CA GLY A 86 -6.62 -10.91 0.05
C GLY A 86 -6.52 -9.66 0.86
N VAL A 87 -7.27 -9.60 1.90
CA VAL A 87 -7.24 -8.47 2.78
C VAL A 87 -6.75 -8.97 4.11
N GLY A 88 -5.91 -8.24 4.75
CA GLY A 88 -5.37 -8.69 5.97
C GLY A 88 -5.19 -7.57 6.95
N ARG A 89 -4.82 -7.93 8.12
CA ARG A 89 -4.65 -6.99 9.19
C ARG A 89 -3.17 -6.82 9.52
N THR A 90 -2.34 -7.63 8.89
CA THR A 90 -0.92 -7.64 9.17
C THR A 90 -0.20 -6.54 8.38
N PRO A 91 0.62 -5.72 9.06
CA PRO A 91 1.41 -4.66 8.42
C PRO A 91 2.47 -5.17 7.46
N LYS A 92 2.40 -4.73 6.20
CA LYS A 92 3.40 -5.05 5.22
C LYS A 92 3.74 -3.78 4.44
N GLN A 93 5.01 -3.61 4.15
CA GLN A 93 5.52 -2.47 3.40
C GLN A 93 4.98 -2.39 1.98
N GLY A 94 4.62 -1.20 1.57
CA GLY A 94 4.20 -0.98 0.21
C GLY A 94 2.73 -1.08 0.05
N ALA A 95 2.18 -2.13 0.56
CA ALA A 95 0.80 -2.39 0.43
C ALA A 95 0.01 -1.31 1.16
N CYS A 96 -1.04 -0.86 0.55
CA CYS A 96 -1.78 0.24 1.04
C CYS A 96 -2.78 -0.14 2.13
N VAL A 97 -3.02 0.80 3.02
CA VAL A 97 -3.96 0.65 4.09
C VAL A 97 -5.23 1.34 3.74
N ILE A 98 -6.29 0.73 4.10
CA ILE A 98 -7.60 1.19 3.77
C ILE A 98 -8.37 1.53 5.04
N TRP A 99 -8.83 2.75 5.13
CA TRP A 99 -9.70 3.14 6.21
C TRP A 99 -11.12 3.21 5.72
N GLN A 100 -12.03 2.86 6.57
CA GLN A 100 -13.43 2.87 6.21
C GLN A 100 -13.99 4.25 6.44
N ARG A 101 -15.25 4.42 6.20
CA ARG A 101 -15.84 5.71 6.36
C ARG A 101 -16.76 5.76 7.57
N GLY A 102 -16.36 6.55 8.54
CA GLY A 102 -17.10 6.68 9.76
C GLY A 102 -16.40 5.95 10.89
N VAL A 103 -15.08 5.93 10.83
CA VAL A 103 -14.27 5.25 11.82
C VAL A 103 -13.21 6.22 12.33
N GLN A 104 -12.44 5.79 13.32
CA GLN A 104 -11.35 6.59 13.80
C GLN A 104 -10.25 6.64 12.82
N GLY A 105 -9.98 7.81 12.45
CA GLY A 105 -8.97 8.09 11.46
C GLY A 105 -9.52 8.04 10.05
N GLY A 106 -10.81 7.77 9.95
CA GLY A 106 -11.46 7.67 8.69
C GLY A 106 -12.86 8.19 8.77
N SER A 107 -12.97 9.48 8.86
CA SER A 107 -14.25 10.17 8.92
C SER A 107 -15.05 9.88 7.63
N PRO A 108 -16.39 9.99 7.65
CA PRO A 108 -17.26 9.64 6.49
C PRO A 108 -16.74 10.12 5.11
N GLN A 109 -16.18 11.32 5.03
CA GLN A 109 -15.60 11.82 3.75
C GLN A 109 -14.11 11.48 3.65
N TYR A 110 -13.52 11.23 4.78
CA TYR A 110 -12.07 11.11 4.91
C TYR A 110 -11.59 9.67 4.99
N GLY A 111 -12.48 8.71 4.77
CA GLY A 111 -12.06 7.31 4.70
C GLY A 111 -11.24 7.11 3.45
N HIS A 112 -9.94 7.14 3.61
CA HIS A 112 -9.02 7.17 2.49
C HIS A 112 -8.11 5.95 2.45
N VAL A 113 -7.19 6.00 1.52
CA VAL A 113 -6.18 4.99 1.32
C VAL A 113 -4.84 5.64 1.62
N ALA A 114 -3.95 4.93 2.25
CA ALA A 114 -2.61 5.44 2.48
C ALA A 114 -1.62 4.39 2.08
N PHE A 115 -0.42 4.80 1.79
CA PHE A 115 0.58 3.87 1.30
C PHE A 115 1.57 3.61 2.42
N VAL A 116 1.76 2.36 2.77
CA VAL A 116 2.68 2.03 3.84
C VAL A 116 4.10 2.16 3.35
N GLU A 117 4.77 3.15 3.88
CA GLU A 117 6.12 3.44 3.52
C GLU A 117 7.05 2.52 4.30
N LYS A 118 6.77 2.30 5.59
CA LYS A 118 7.62 1.42 6.35
C LYS A 118 6.84 0.74 7.47
N VAL A 119 7.24 -0.44 7.82
CA VAL A 119 6.66 -1.17 8.93
C VAL A 119 7.64 -1.08 10.07
N LEU A 120 7.17 -0.61 11.20
CA LEU A 120 8.06 -0.32 12.27
C LEU A 120 7.90 -1.26 13.43
N ASP A 121 9.04 -1.63 13.99
CA ASP A 121 9.15 -2.45 15.21
C ASP A 121 8.55 -3.83 14.95
N GLY A 122 8.60 -4.27 13.72
CA GLY A 122 7.99 -5.53 13.35
C GLY A 122 6.60 -5.32 12.78
N GLY A 123 5.84 -4.41 13.38
CA GLY A 123 4.53 -4.10 12.86
C GLY A 123 3.69 -3.56 13.92
N LYS A 124 4.30 -2.85 14.79
CA LYS A 124 3.67 -2.28 15.90
C LYS A 124 3.08 -0.97 15.45
N LYS A 125 3.84 -0.30 14.64
CA LYS A 125 3.50 0.96 14.11
C LYS A 125 3.79 0.89 12.63
N ILE A 126 3.11 1.66 11.89
CA ILE A 126 3.35 1.74 10.47
C ILE A 126 3.62 3.16 10.09
N PHE A 127 4.50 3.34 9.19
CA PHE A 127 4.84 4.63 8.70
C PHE A 127 4.21 4.70 7.34
N ILE A 128 3.39 5.69 7.12
CA ILE A 128 2.68 5.78 5.87
C ILE A 128 3.08 7.02 5.13
N SER A 129 2.77 7.02 3.87
CA SER A 129 3.00 8.12 3.02
C SER A 129 1.68 8.47 2.32
N GLU A 130 1.56 9.70 1.91
CA GLU A 130 0.42 10.21 1.20
C GLU A 130 0.88 11.42 0.43
N HIS A 131 0.05 11.93 -0.43
CA HIS A 131 0.37 13.11 -1.21
C HIS A 131 -0.90 13.75 -1.68
N ASN A 132 -0.85 15.04 -1.94
CA ASN A 132 -2.00 15.78 -2.42
C ASN A 132 -1.68 16.34 -3.79
N TYR A 133 -2.59 16.18 -4.73
CA TYR A 133 -2.39 16.65 -6.10
C TYR A 133 -2.29 18.18 -6.16
N ALA A 134 -2.96 18.83 -5.22
CA ALA A 134 -3.03 20.29 -5.23
C ALA A 134 -1.86 20.93 -4.50
N THR A 135 -1.12 20.16 -3.76
CA THR A 135 -0.02 20.71 -3.01
C THR A 135 1.31 20.28 -3.64
N PRO A 136 2.08 21.22 -4.22
CA PRO A 136 3.36 20.89 -4.83
C PRO A 136 4.34 20.40 -3.78
N ASN A 137 4.97 19.24 -4.06
CA ASN A 137 5.89 18.56 -3.12
C ASN A 137 5.17 18.18 -1.82
N GLY A 138 3.85 18.14 -1.89
CA GLY A 138 3.04 17.92 -0.72
C GLY A 138 2.83 16.47 -0.42
N TYR A 139 3.89 15.76 -0.24
CA TYR A 139 3.83 14.40 0.18
C TYR A 139 4.10 14.35 1.66
N GLY A 140 3.27 13.70 2.38
CA GLY A 140 3.40 13.67 3.81
C GLY A 140 3.58 12.29 4.32
N THR A 141 4.18 12.16 5.46
CA THR A 141 4.39 10.89 6.08
C THR A 141 4.02 10.96 7.57
N ARG A 142 3.44 9.90 8.10
CA ARG A 142 3.01 9.84 9.49
C ARG A 142 2.99 8.42 9.98
N THR A 143 2.96 8.26 11.26
CA THR A 143 3.03 6.95 11.88
C THR A 143 1.72 6.59 12.62
N ILE A 144 1.20 5.43 12.32
CA ILE A 144 -0.02 4.93 12.92
C ILE A 144 0.32 3.72 13.77
N ASP A 145 -0.28 3.62 14.93
CA ASP A 145 -0.07 2.50 15.80
C ASP A 145 -1.14 1.47 15.56
N MET A 146 -0.71 0.26 15.27
CA MET A 146 -1.61 -0.83 14.97
C MET A 146 -2.34 -1.30 16.22
N SER A 147 -1.82 -0.93 17.35
CA SER A 147 -2.39 -1.31 18.60
C SER A 147 -3.38 -0.23 19.08
N SER A 148 -3.48 0.83 18.31
CA SER A 148 -4.35 1.92 18.61
C SER A 148 -5.55 1.91 17.65
N ALA A 149 -6.57 2.71 17.96
CA ALA A 149 -7.84 2.74 17.24
C ALA A 149 -7.68 2.99 15.75
N ILE A 150 -6.78 3.88 15.39
CA ILE A 150 -6.53 4.21 13.99
C ILE A 150 -6.08 2.96 13.24
N GLY A 151 -5.12 2.24 13.82
CA GLY A 151 -4.61 1.01 13.24
C GLY A 151 -5.66 -0.10 13.24
N LYS A 152 -6.51 -0.08 14.25
CA LYS A 152 -7.59 -1.04 14.40
C LYS A 152 -8.63 -0.93 13.28
N ASN A 153 -8.61 0.18 12.60
CA ASN A 153 -9.56 0.38 11.52
C ASN A 153 -8.91 0.19 10.17
N ALA A 154 -7.61 0.11 10.16
CA ALA A 154 -6.85 0.03 8.92
C ALA A 154 -6.63 -1.41 8.50
N GLN A 155 -6.93 -1.69 7.26
CA GLN A 155 -6.70 -2.98 6.69
C GLN A 155 -5.75 -2.87 5.54
N PHE A 156 -5.14 -3.95 5.24
CA PHE A 156 -4.15 -4.02 4.20
C PHE A 156 -4.69 -4.90 3.12
N ILE A 157 -4.50 -4.52 1.90
CA ILE A 157 -4.96 -5.33 0.79
C ILE A 157 -3.75 -5.87 0.08
N TYR A 158 -3.74 -7.15 -0.15
CA TYR A 158 -2.65 -7.82 -0.80
C TYR A 158 -3.14 -8.31 -2.14
N ASP A 159 -2.35 -8.14 -3.16
CA ASP A 159 -2.77 -8.53 -4.50
C ASP A 159 -2.22 -9.85 -4.83
N LYS A 160 -2.70 -10.40 -5.92
CA LYS A 160 -2.26 -11.68 -6.41
C LYS A 160 -0.88 -11.59 -6.98
N LYS A 161 -0.39 -12.72 -7.39
CA LYS A 161 0.88 -12.80 -8.02
C LYS A 161 0.73 -12.29 -9.43
N LYS A 162 1.79 -11.81 -9.98
CA LYS A 162 1.78 -11.30 -11.31
C LYS A 162 1.65 -12.44 -12.32
N ASN A 163 0.43 -12.65 -12.73
CA ASN A 163 0.04 -13.66 -13.70
C ASN A 163 -1.32 -13.27 -14.23
N SER A 164 -1.63 -13.68 -15.43
CA SER A 164 -2.91 -13.36 -16.01
C SER A 164 -4.01 -14.28 -15.46
N SER A 165 -3.76 -15.58 -15.47
CA SER A 165 -4.74 -16.55 -15.02
C SER A 165 -4.02 -17.77 -14.40
N SER A 166 -2.76 -17.55 -14.03
CA SER A 166 -1.83 -18.56 -13.47
C SER A 166 -1.54 -19.74 -14.42
N VAL A 167 -0.40 -20.36 -14.25
CA VAL A 167 -0.04 -21.51 -15.06
C VAL A 167 -0.28 -22.74 -14.24
N ASP A 168 -1.22 -23.51 -14.66
CA ASP A 168 -1.63 -24.71 -13.94
C ASP A 168 -0.72 -25.87 -14.27
N LYS A 169 -0.92 -26.97 -13.58
CA LYS A 169 -0.08 -28.16 -13.69
C LYS A 169 -0.15 -28.77 -15.08
N LEU A 170 -1.31 -28.78 -15.64
CA LEU A 170 -1.51 -29.37 -16.94
C LEU A 170 -0.93 -28.48 -18.02
N ALA A 171 -0.93 -27.17 -17.78
CA ALA A 171 -0.32 -26.22 -18.70
C ALA A 171 1.19 -26.35 -18.65
N ALA A 172 1.70 -26.62 -17.45
CA ALA A 172 3.12 -26.83 -17.25
C ALA A 172 3.52 -28.22 -17.72
N ALA A 173 2.50 -29.07 -17.86
CA ALA A 173 2.59 -30.47 -18.29
C ALA A 173 3.13 -31.38 -17.20
N LEU A 174 2.92 -32.67 -17.37
CA LEU A 174 3.42 -33.65 -16.41
C LEU A 174 4.86 -33.87 -16.73
N GLU A 175 5.11 -33.92 -18.01
CA GLU A 175 6.44 -34.12 -18.56
C GLU A 175 7.27 -32.83 -18.45
N HIS A 176 6.59 -31.68 -18.38
CA HIS A 176 7.23 -30.34 -18.35
C HIS A 176 8.07 -30.10 -19.60
N MET A 1 21.50 -23.71 22.82
CA MET A 1 22.76 -23.68 23.55
C MET A 1 23.81 -22.98 22.70
N GLU A 2 23.98 -21.69 22.91
CA GLU A 2 24.91 -20.92 22.10
C GLU A 2 25.44 -19.72 22.88
N GLN A 3 26.73 -19.53 22.81
CA GLN A 3 27.37 -18.39 23.39
C GLN A 3 27.51 -17.33 22.34
N SER A 4 28.22 -17.66 21.28
CA SER A 4 28.36 -16.80 20.16
C SER A 4 27.10 -16.92 19.31
N SER A 5 26.16 -16.06 19.57
CA SER A 5 24.91 -16.09 18.92
C SER A 5 24.89 -15.01 17.85
N GLY A 6 24.39 -15.35 16.68
CA GLY A 6 24.30 -14.41 15.61
C GLY A 6 23.08 -13.53 15.78
N ASP A 7 23.25 -12.44 16.46
CA ASP A 7 22.18 -11.50 16.67
C ASP A 7 22.21 -10.42 15.60
N LYS A 8 21.14 -10.32 14.85
CA LYS A 8 21.04 -9.30 13.82
C LYS A 8 20.63 -8.00 14.48
N ASP A 9 20.78 -6.91 13.79
CA ASP A 9 20.39 -5.64 14.36
C ASP A 9 18.90 -5.51 14.26
N GLY A 10 18.32 -4.95 15.24
CA GLY A 10 16.91 -4.82 15.24
C GLY A 10 16.45 -3.87 16.30
N GLY A 11 15.93 -2.76 15.89
CA GLY A 11 15.47 -1.75 16.79
C GLY A 11 14.99 -0.55 16.04
N SER A 12 14.85 0.55 16.74
CA SER A 12 14.37 1.78 16.13
C SER A 12 15.44 2.40 15.26
N ASP A 13 16.67 2.11 15.60
CA ASP A 13 17.82 2.62 14.85
C ASP A 13 17.94 1.88 13.53
N SER A 14 17.26 0.76 13.43
CA SER A 14 17.21 -0.03 12.22
C SER A 14 15.98 0.35 11.41
N GLY A 15 15.19 1.27 11.97
CA GLY A 15 13.95 1.69 11.36
C GLY A 15 12.89 0.60 11.42
N GLY A 16 13.08 -0.33 12.31
CA GLY A 16 12.18 -1.42 12.42
C GLY A 16 12.71 -2.65 11.77
N ALA A 17 11.90 -3.25 10.93
CA ALA A 17 12.23 -4.49 10.29
C ALA A 17 11.68 -4.49 8.89
N GLN A 18 12.51 -4.82 7.95
CA GLN A 18 12.10 -4.95 6.59
C GLN A 18 11.66 -6.40 6.35
N ASP A 19 10.36 -6.62 6.42
CA ASP A 19 9.80 -7.96 6.22
C ASP A 19 9.29 -8.10 4.81
N GLY A 20 9.07 -7.00 4.17
CA GLY A 20 8.52 -7.01 2.85
C GLY A 20 7.05 -7.31 2.87
N GLY A 21 6.68 -8.33 2.15
CA GLY A 21 5.31 -8.72 2.08
C GLY A 21 5.19 -9.99 1.31
N SER A 22 4.54 -10.97 1.90
CA SER A 22 4.42 -12.28 1.31
C SER A 22 3.29 -12.31 0.27
N LEU A 23 3.42 -11.44 -0.71
CA LEU A 23 2.50 -11.42 -1.81
C LEU A 23 3.13 -12.18 -2.98
N ASP A 24 3.95 -11.51 -3.78
CA ASP A 24 4.68 -12.18 -4.89
C ASP A 24 5.79 -11.30 -5.42
N SER A 25 5.43 -10.16 -5.89
CA SER A 25 6.36 -9.21 -6.43
C SER A 25 7.31 -8.68 -5.34
N LEU A 26 6.82 -8.57 -4.11
CA LEU A 26 7.61 -8.00 -3.03
C LEU A 26 8.70 -8.97 -2.54
N LYS A 27 8.42 -10.25 -2.63
CA LYS A 27 9.36 -11.25 -2.14
C LYS A 27 10.60 -11.36 -3.02
N LYS A 28 10.43 -11.16 -4.33
CA LYS A 28 11.58 -11.22 -5.24
C LYS A 28 12.50 -10.02 -5.03
N TYR A 29 11.94 -8.95 -4.45
CA TYR A 29 12.71 -7.76 -4.12
C TYR A 29 13.35 -7.87 -2.75
N ASN A 30 13.19 -9.03 -2.10
CA ASN A 30 13.77 -9.31 -0.76
C ASN A 30 13.20 -8.31 0.27
N GLY A 31 11.97 -7.91 0.02
CA GLY A 31 11.30 -7.00 0.91
C GLY A 31 11.66 -5.55 0.68
N LYS A 32 12.53 -5.28 -0.30
CA LYS A 32 12.85 -3.92 -0.60
C LYS A 32 11.82 -3.37 -1.55
N LEU A 33 11.17 -2.32 -1.16
CA LEU A 33 10.11 -1.76 -1.96
C LEU A 33 10.62 -1.14 -3.25
N PRO A 34 9.83 -1.30 -4.32
CA PRO A 34 10.14 -0.74 -5.64
C PRO A 34 10.13 0.81 -5.63
N LYS A 35 10.79 1.41 -6.60
CA LYS A 35 10.80 2.85 -6.76
C LYS A 35 9.39 3.37 -7.02
N HIS A 36 9.10 4.57 -6.59
CA HIS A 36 7.82 5.15 -6.87
C HIS A 36 7.81 5.75 -8.27
N ASP A 37 6.83 5.38 -9.06
CA ASP A 37 6.76 5.84 -10.43
C ASP A 37 5.58 6.76 -10.67
N PRO A 38 5.81 8.08 -10.68
CA PRO A 38 4.77 9.07 -10.98
C PRO A 38 4.32 8.96 -12.42
N SER A 39 5.23 8.52 -13.24
CA SER A 39 5.06 8.36 -14.65
C SER A 39 4.30 7.06 -14.99
N PHE A 40 3.96 6.29 -13.98
CA PHE A 40 3.17 5.07 -14.14
C PHE A 40 1.78 5.43 -14.66
N VAL A 41 1.25 4.67 -15.58
CA VAL A 41 -0.02 5.01 -16.17
C VAL A 41 -1.15 4.47 -15.30
N GLN A 42 -2.02 5.39 -14.93
CA GLN A 42 -3.08 5.15 -13.97
C GLN A 42 -4.12 4.17 -14.44
N PRO A 43 -4.28 3.05 -13.72
CA PRO A 43 -5.34 2.09 -13.99
C PRO A 43 -6.68 2.64 -13.47
N GLY A 44 -6.60 3.68 -12.66
CA GLY A 44 -7.78 4.32 -12.14
C GLY A 44 -8.26 5.42 -13.06
N ASN A 45 -8.36 5.10 -14.33
CA ASN A 45 -8.65 6.07 -15.38
C ASN A 45 -10.13 6.52 -15.42
N ARG A 46 -11.01 5.84 -14.72
CA ARG A 46 -12.42 6.21 -14.78
C ARG A 46 -12.87 6.98 -13.54
N HIS A 47 -12.43 6.55 -12.38
CA HIS A 47 -12.93 7.12 -11.11
C HIS A 47 -12.07 8.30 -10.65
N TYR A 48 -12.24 8.66 -9.36
CA TYR A 48 -11.57 9.75 -8.67
C TYR A 48 -10.09 9.87 -9.00
N LYS A 49 -9.70 11.06 -9.38
CA LYS A 49 -8.34 11.32 -9.78
C LYS A 49 -7.69 12.40 -8.91
N TYR A 50 -8.41 12.85 -7.90
CA TYR A 50 -7.89 13.84 -6.96
C TYR A 50 -8.12 13.33 -5.55
N GLN A 51 -8.28 12.04 -5.44
CA GLN A 51 -8.56 11.40 -4.19
C GLN A 51 -7.42 10.43 -3.86
N CYS A 52 -7.33 9.99 -2.59
CA CYS A 52 -6.31 9.05 -2.15
C CYS A 52 -6.34 7.74 -2.94
N THR A 53 -7.52 7.38 -3.42
CA THR A 53 -7.71 6.19 -4.20
C THR A 53 -6.87 6.23 -5.48
N TRP A 54 -6.82 7.40 -6.11
CA TRP A 54 -6.03 7.64 -7.32
C TRP A 54 -4.56 7.39 -7.04
N TYR A 55 -4.14 7.87 -5.89
CA TYR A 55 -2.77 7.72 -5.45
C TYR A 55 -2.47 6.26 -5.20
N ALA A 56 -3.45 5.54 -4.64
CA ALA A 56 -3.32 4.14 -4.37
C ALA A 56 -3.12 3.35 -5.65
N TYR A 57 -3.87 3.68 -6.71
CA TYR A 57 -3.73 2.98 -8.00
C TYR A 57 -2.30 3.08 -8.52
N ASN A 58 -1.72 4.26 -8.38
CA ASN A 58 -0.37 4.50 -8.89
C ASN A 58 0.66 3.73 -8.07
N ARG A 59 0.53 3.83 -6.77
CA ARG A 59 1.46 3.18 -5.88
C ARG A 59 1.26 1.66 -5.86
N ARG A 60 0.09 1.21 -6.24
CA ARG A 60 -0.20 -0.21 -6.27
C ARG A 60 0.45 -0.84 -7.52
N GLY A 61 0.46 -0.08 -8.60
CA GLY A 61 0.99 -0.57 -9.86
C GLY A 61 2.49 -0.80 -9.83
N GLN A 62 3.19 0.09 -9.16
CA GLN A 62 4.64 0.00 -8.98
C GLN A 62 5.04 -1.21 -8.13
N LEU A 63 4.13 -1.66 -7.29
CA LEU A 63 4.38 -2.82 -6.43
C LEU A 63 4.13 -4.12 -7.17
N GLY A 64 3.72 -4.00 -8.43
CA GLY A 64 3.49 -5.16 -9.27
C GLY A 64 2.20 -5.86 -8.94
N ILE A 65 1.30 -5.12 -8.36
CA ILE A 65 0.01 -5.62 -7.96
C ILE A 65 -1.10 -4.74 -8.53
N PRO A 66 -1.76 -5.19 -9.59
CA PRO A 66 -2.83 -4.44 -10.23
C PRO A 66 -4.20 -4.67 -9.57
N VAL A 67 -4.93 -3.60 -9.35
CA VAL A 67 -6.24 -3.67 -8.75
C VAL A 67 -7.30 -3.11 -9.71
N PRO A 68 -8.49 -3.76 -9.76
CA PRO A 68 -9.61 -3.26 -10.56
C PRO A 68 -10.08 -1.90 -10.05
N LEU A 69 -10.73 -1.14 -10.91
CA LEU A 69 -11.28 0.14 -10.52
C LEU A 69 -12.42 -0.03 -9.53
N TRP A 70 -12.23 0.48 -8.35
CA TRP A 70 -13.23 0.47 -7.31
C TRP A 70 -13.61 1.88 -6.99
N GLY A 71 -14.71 2.07 -6.30
CA GLY A 71 -15.17 3.39 -5.96
C GLY A 71 -14.46 3.99 -4.76
N ASP A 72 -15.19 4.10 -3.67
CA ASP A 72 -14.69 4.70 -2.43
C ASP A 72 -13.84 3.69 -1.70
N ALA A 73 -13.10 4.13 -0.70
CA ALA A 73 -12.24 3.27 0.11
C ALA A 73 -13.04 2.10 0.71
N ALA A 74 -14.30 2.33 1.06
CA ALA A 74 -15.15 1.28 1.59
C ALA A 74 -15.41 0.21 0.52
N ASP A 75 -15.49 0.64 -0.72
CA ASP A 75 -15.73 -0.24 -1.87
C ASP A 75 -14.54 -1.12 -2.13
N TRP A 76 -13.35 -0.58 -1.86
CA TRP A 76 -12.08 -1.27 -2.13
C TRP A 76 -11.97 -2.61 -1.41
N ILE A 77 -12.33 -2.65 -0.15
CA ILE A 77 -12.22 -3.89 0.63
C ILE A 77 -13.21 -4.93 0.10
N GLY A 78 -14.39 -4.49 -0.23
CA GLY A 78 -15.41 -5.37 -0.78
C GLY A 78 -15.04 -5.81 -2.18
N GLY A 79 -14.52 -4.90 -2.96
CA GLY A 79 -14.09 -5.18 -4.31
C GLY A 79 -12.96 -6.18 -4.32
N ALA A 80 -12.08 -6.07 -3.34
CA ALA A 80 -10.96 -6.98 -3.18
C ALA A 80 -11.45 -8.40 -3.02
N LYS A 81 -12.55 -8.57 -2.27
CA LYS A 81 -13.15 -9.86 -2.06
C LYS A 81 -13.59 -10.45 -3.40
N GLY A 82 -14.21 -9.63 -4.22
CA GLY A 82 -14.71 -10.05 -5.52
C GLY A 82 -13.60 -10.30 -6.51
N ALA A 83 -12.49 -9.60 -6.34
CA ALA A 83 -11.33 -9.76 -7.21
C ALA A 83 -10.48 -10.95 -6.76
N GLY A 84 -10.78 -11.48 -5.60
CA GLY A 84 -10.07 -12.63 -5.12
C GLY A 84 -8.79 -12.26 -4.42
N TYR A 85 -8.75 -11.09 -3.87
CA TYR A 85 -7.61 -10.62 -3.15
C TYR A 85 -7.85 -10.85 -1.67
N GLY A 86 -6.80 -10.96 -0.93
CA GLY A 86 -6.92 -11.21 0.47
C GLY A 86 -6.90 -9.93 1.26
N VAL A 87 -7.61 -9.90 2.34
CA VAL A 87 -7.64 -8.71 3.17
C VAL A 87 -7.21 -9.10 4.58
N GLY A 88 -6.53 -8.22 5.23
CA GLY A 88 -6.04 -8.45 6.56
C GLY A 88 -5.66 -7.16 7.19
N ARG A 89 -5.23 -7.19 8.41
CA ARG A 89 -4.80 -5.97 9.08
C ARG A 89 -3.33 -6.09 9.44
N THR A 90 -2.63 -7.01 8.82
CA THR A 90 -1.26 -7.21 9.16
C THR A 90 -0.38 -6.21 8.38
N PRO A 91 0.47 -5.47 9.09
CA PRO A 91 1.32 -4.46 8.48
C PRO A 91 2.45 -5.01 7.65
N LYS A 92 2.30 -4.89 6.35
CA LYS A 92 3.36 -5.21 5.44
C LYS A 92 3.63 -3.99 4.59
N GLN A 93 4.88 -3.75 4.34
CA GLN A 93 5.34 -2.60 3.59
C GLN A 93 4.86 -2.56 2.16
N GLY A 94 4.43 -1.40 1.73
CA GLY A 94 4.03 -1.21 0.38
C GLY A 94 2.56 -1.26 0.23
N ALA A 95 1.97 -2.27 0.75
CA ALA A 95 0.58 -2.47 0.59
C ALA A 95 -0.21 -1.33 1.25
N CYS A 96 -1.21 -0.87 0.56
CA CYS A 96 -1.96 0.26 0.99
C CYS A 96 -2.96 -0.08 2.06
N VAL A 97 -3.18 0.88 2.93
CA VAL A 97 -4.12 0.75 4.01
C VAL A 97 -5.38 1.48 3.64
N ILE A 98 -6.47 0.86 3.92
CA ILE A 98 -7.76 1.37 3.60
C ILE A 98 -8.52 1.65 4.89
N TRP A 99 -9.05 2.83 5.00
CA TRP A 99 -9.93 3.17 6.10
C TRP A 99 -11.35 3.26 5.59
N GLN A 100 -12.25 2.58 6.27
CA GLN A 100 -13.63 2.54 5.85
C GLN A 100 -14.38 3.82 6.17
N ARG A 101 -15.62 3.88 5.75
CA ARG A 101 -16.44 5.05 5.89
C ARG A 101 -16.89 5.34 7.34
N GLY A 102 -16.25 6.31 7.93
CA GLY A 102 -16.66 6.75 9.24
C GLY A 102 -15.92 6.06 10.35
N VAL A 103 -14.63 5.93 10.18
CA VAL A 103 -13.80 5.30 11.18
C VAL A 103 -12.74 6.28 11.62
N GLN A 104 -12.02 5.94 12.65
CA GLN A 104 -10.92 6.75 13.10
C GLN A 104 -9.81 6.66 12.16
N GLY A 105 -9.54 7.77 11.63
CA GLY A 105 -8.51 7.93 10.64
C GLY A 105 -9.07 7.86 9.24
N GLY A 106 -10.38 7.68 9.14
CA GLY A 106 -10.99 7.55 7.87
C GLY A 106 -12.28 8.31 7.77
N SER A 107 -12.16 9.60 7.55
CA SER A 107 -13.29 10.45 7.33
C SER A 107 -13.91 10.04 5.96
N PRO A 108 -15.19 9.63 5.99
CA PRO A 108 -15.86 8.98 4.85
C PRO A 108 -15.86 9.73 3.54
N GLN A 109 -16.00 11.04 3.58
CA GLN A 109 -16.12 11.85 2.37
C GLN A 109 -14.83 11.95 1.58
N TYR A 110 -13.72 11.64 2.22
CA TYR A 110 -12.45 11.80 1.54
C TYR A 110 -11.98 10.52 0.89
N GLY A 111 -12.36 9.38 1.43
CA GLY A 111 -11.88 8.12 0.89
C GLY A 111 -10.42 7.91 1.21
N HIS A 112 -10.17 7.54 2.44
CA HIS A 112 -8.81 7.44 2.94
C HIS A 112 -8.11 6.15 2.59
N VAL A 113 -7.14 6.30 1.73
CA VAL A 113 -6.25 5.24 1.34
C VAL A 113 -4.86 5.79 1.50
N ALA A 114 -3.98 5.05 2.07
CA ALA A 114 -2.63 5.49 2.20
C ALA A 114 -1.69 4.37 1.89
N PHE A 115 -0.47 4.71 1.60
CA PHE A 115 0.52 3.75 1.21
C PHE A 115 1.47 3.55 2.38
N VAL A 116 1.66 2.31 2.80
CA VAL A 116 2.62 2.05 3.83
C VAL A 116 3.98 2.17 3.23
N GLU A 117 4.68 3.21 3.59
CA GLU A 117 5.93 3.51 3.01
C GLU A 117 6.99 2.74 3.77
N LYS A 118 6.82 2.63 5.08
CA LYS A 118 7.76 1.86 5.86
C LYS A 118 7.04 1.21 7.03
N VAL A 119 7.49 0.04 7.38
CA VAL A 119 6.99 -0.66 8.56
C VAL A 119 7.98 -0.42 9.67
N LEU A 120 7.52 0.09 10.76
CA LEU A 120 8.39 0.49 11.83
C LEU A 120 8.29 -0.43 12.99
N ASP A 121 9.42 -0.56 13.66
CA ASP A 121 9.64 -1.41 14.84
C ASP A 121 9.60 -2.90 14.52
N GLY A 122 8.66 -3.25 13.70
CA GLY A 122 8.41 -4.60 13.31
C GLY A 122 7.03 -4.64 12.76
N GLY A 123 6.23 -3.71 13.23
CA GLY A 123 4.91 -3.53 12.71
C GLY A 123 4.05 -2.99 13.75
N LYS A 124 4.65 -2.23 14.60
CA LYS A 124 4.02 -1.67 15.69
C LYS A 124 3.44 -0.36 15.25
N LYS A 125 4.20 0.30 14.41
CA LYS A 125 3.85 1.55 13.85
C LYS A 125 4.12 1.44 12.38
N ILE A 126 3.41 2.15 11.61
CA ILE A 126 3.63 2.19 10.20
C ILE A 126 3.77 3.61 9.76
N PHE A 127 4.60 3.84 8.81
CA PHE A 127 4.78 5.13 8.27
C PHE A 127 4.15 5.14 6.92
N ILE A 128 3.24 6.04 6.70
CA ILE A 128 2.54 6.08 5.45
C ILE A 128 2.73 7.40 4.78
N SER A 129 2.43 7.40 3.53
CA SER A 129 2.42 8.61 2.77
C SER A 129 1.00 8.80 2.27
N GLU A 130 0.64 10.02 2.03
CA GLU A 130 -0.65 10.36 1.49
C GLU A 130 -0.44 11.37 0.38
N HIS A 131 -0.78 10.96 -0.82
CA HIS A 131 -0.56 11.73 -2.06
C HIS A 131 0.92 11.85 -2.40
N ASN A 132 1.20 12.27 -3.62
CA ASN A 132 2.57 12.40 -4.10
C ASN A 132 3.05 13.78 -3.71
N TYR A 133 4.32 13.91 -3.41
CA TYR A 133 4.91 15.18 -3.00
C TYR A 133 4.85 16.22 -4.12
N ALA A 134 4.65 15.75 -5.34
CA ALA A 134 4.49 16.61 -6.49
C ALA A 134 3.09 17.23 -6.50
N THR A 135 2.23 16.74 -5.63
CA THR A 135 0.90 17.25 -5.48
C THR A 135 0.88 18.17 -4.25
N PRO A 136 0.68 19.48 -4.45
CA PRO A 136 0.70 20.43 -3.36
C PRO A 136 -0.53 20.30 -2.46
N ASN A 137 -0.32 20.51 -1.17
CA ASN A 137 -1.38 20.45 -0.13
C ASN A 137 -1.83 19.02 0.19
N GLY A 138 -2.01 18.21 -0.83
CA GLY A 138 -2.49 16.86 -0.66
C GLY A 138 -1.45 15.95 -0.04
N TYR A 139 -0.20 16.24 -0.27
CA TYR A 139 0.89 15.43 0.23
C TYR A 139 1.11 15.58 1.73
N GLY A 140 1.24 14.46 2.38
CA GLY A 140 1.56 14.42 3.78
C GLY A 140 2.09 13.07 4.15
N THR A 141 2.62 12.94 5.33
CA THR A 141 3.10 11.67 5.83
C THR A 141 2.77 11.60 7.32
N ARG A 142 2.50 10.42 7.81
CA ARG A 142 2.15 10.25 9.20
C ARG A 142 2.51 8.85 9.68
N THR A 143 2.61 8.68 10.96
CA THR A 143 2.89 7.39 11.55
C THR A 143 1.64 6.91 12.30
N ILE A 144 1.27 5.68 12.08
CA ILE A 144 0.09 5.09 12.70
C ILE A 144 0.52 3.99 13.62
N ASP A 145 0.02 3.99 14.83
CA ASP A 145 0.25 2.93 15.75
C ASP A 145 -0.77 1.86 15.47
N MET A 146 -0.29 0.68 15.17
CA MET A 146 -1.14 -0.46 14.82
C MET A 146 -1.92 -0.95 16.04
N SER A 147 -1.49 -0.52 17.20
CA SER A 147 -2.10 -0.91 18.44
C SER A 147 -3.21 0.09 18.82
N SER A 148 -3.22 1.24 18.17
CA SER A 148 -4.18 2.27 18.50
C SER A 148 -5.39 2.22 17.54
N ALA A 149 -6.40 3.06 17.81
CA ALA A 149 -7.67 3.07 17.05
C ALA A 149 -7.45 3.27 15.56
N ILE A 150 -6.55 4.19 15.20
CA ILE A 150 -6.26 4.47 13.79
C ILE A 150 -5.74 3.18 13.13
N GLY A 151 -4.87 2.49 13.87
CA GLY A 151 -4.27 1.26 13.44
C GLY A 151 -5.26 0.12 13.35
N LYS A 152 -6.27 0.12 14.19
CA LYS A 152 -7.27 -0.94 14.21
C LYS A 152 -8.15 -0.86 12.98
N ASN A 153 -8.28 0.33 12.46
CA ASN A 153 -9.14 0.57 11.32
C ASN A 153 -8.37 0.46 10.03
N ALA A 154 -7.08 0.41 10.14
CA ALA A 154 -6.23 0.30 8.97
C ALA A 154 -6.28 -1.12 8.47
N GLN A 155 -6.78 -1.30 7.27
CA GLN A 155 -6.89 -2.60 6.71
C GLN A 155 -6.07 -2.68 5.47
N PHE A 156 -5.48 -3.80 5.30
CA PHE A 156 -4.56 -4.05 4.22
C PHE A 156 -5.18 -4.98 3.22
N ILE A 157 -4.90 -4.74 1.98
CA ILE A 157 -5.35 -5.60 0.92
C ILE A 157 -4.11 -6.24 0.34
N TYR A 158 -4.12 -7.54 0.24
CA TYR A 158 -3.04 -8.28 -0.34
C TYR A 158 -3.54 -8.79 -1.67
N ASP A 159 -2.81 -8.58 -2.72
CA ASP A 159 -3.29 -9.01 -4.02
C ASP A 159 -2.71 -10.32 -4.38
N LYS A 160 -3.27 -10.93 -5.38
CA LYS A 160 -2.76 -12.17 -5.89
C LYS A 160 -1.65 -11.86 -6.86
N LYS A 161 -0.98 -12.86 -7.33
CA LYS A 161 0.09 -12.64 -8.26
C LYS A 161 -0.48 -12.36 -9.63
N LYS A 162 0.23 -11.59 -10.40
CA LYS A 162 -0.26 -11.24 -11.70
C LYS A 162 0.23 -12.22 -12.73
N ASN A 163 -0.62 -13.16 -13.05
CA ASN A 163 -0.31 -14.17 -14.01
C ASN A 163 -0.46 -13.63 -15.41
N SER A 164 0.63 -13.15 -15.95
CA SER A 164 0.67 -12.62 -17.28
C SER A 164 0.70 -13.77 -18.28
N SER A 165 1.23 -14.88 -17.83
CA SER A 165 1.25 -16.09 -18.57
C SER A 165 0.21 -17.01 -17.98
N SER A 166 -0.77 -17.36 -18.75
CA SER A 166 -1.82 -18.19 -18.28
C SER A 166 -2.27 -19.19 -19.33
N VAL A 167 -2.25 -20.44 -18.95
CA VAL A 167 -2.72 -21.49 -19.81
C VAL A 167 -4.21 -21.50 -19.77
N ASP A 168 -4.76 -21.05 -20.83
CA ASP A 168 -6.19 -21.02 -21.01
C ASP A 168 -6.59 -22.27 -21.76
N LYS A 169 -7.86 -22.49 -21.90
CA LYS A 169 -8.38 -23.64 -22.61
C LYS A 169 -7.95 -23.49 -24.07
N LEU A 170 -8.02 -22.28 -24.58
CA LEU A 170 -7.66 -22.02 -25.96
C LEU A 170 -6.16 -22.14 -26.18
N ALA A 171 -5.40 -21.76 -25.16
CA ALA A 171 -3.95 -21.82 -25.20
C ALA A 171 -3.46 -23.27 -25.15
N ALA A 172 -4.18 -24.10 -24.41
CA ALA A 172 -3.85 -25.52 -24.30
C ALA A 172 -4.40 -26.29 -25.49
N ALA A 173 -5.29 -25.66 -26.24
CA ALA A 173 -5.86 -26.26 -27.41
C ALA A 173 -4.87 -26.17 -28.54
N LEU A 174 -4.54 -27.30 -29.11
CA LEU A 174 -3.60 -27.36 -30.22
C LEU A 174 -4.32 -26.93 -31.45
N GLU A 175 -5.55 -27.34 -31.49
CA GLU A 175 -6.48 -27.00 -32.54
C GLU A 175 -6.81 -25.50 -32.48
N HIS A 176 -7.07 -24.90 -33.60
CA HIS A 176 -7.35 -23.48 -33.67
C HIS A 176 -8.81 -23.24 -34.01
N MET A 1 -2.25 -12.16 34.29
CA MET A 1 -1.97 -12.08 32.86
C MET A 1 -1.08 -10.89 32.61
N GLU A 2 0.17 -11.14 32.27
CA GLU A 2 1.12 -10.07 32.04
C GLU A 2 0.98 -9.57 30.62
N GLN A 3 0.49 -8.36 30.48
CA GLN A 3 0.24 -7.77 29.18
C GLN A 3 1.54 -7.23 28.58
N SER A 4 2.35 -6.64 29.42
CA SER A 4 3.63 -6.11 29.02
C SER A 4 4.64 -6.19 30.15
N SER A 5 5.42 -7.24 30.13
CA SER A 5 6.43 -7.47 31.13
C SER A 5 7.65 -6.58 30.87
N GLY A 6 7.82 -6.19 29.63
CA GLY A 6 8.90 -5.34 29.24
C GLY A 6 8.81 -5.08 27.78
N ASP A 7 8.35 -3.90 27.43
CA ASP A 7 8.20 -3.54 26.03
C ASP A 7 9.55 -3.44 25.37
N LYS A 8 9.67 -4.10 24.27
CA LYS A 8 10.90 -4.18 23.51
C LYS A 8 11.22 -2.87 22.81
N ASP A 9 12.45 -2.47 22.92
CA ASP A 9 12.95 -1.29 22.26
C ASP A 9 14.44 -1.45 22.12
N GLY A 10 14.95 -1.16 20.96
CA GLY A 10 16.35 -1.33 20.71
C GLY A 10 16.75 -0.72 19.41
N GLY A 11 17.46 -1.45 18.61
CA GLY A 11 17.93 -0.95 17.35
C GLY A 11 16.90 -1.16 16.28
N SER A 12 17.32 -1.69 15.17
CA SER A 12 16.44 -1.90 14.05
C SER A 12 15.49 -3.07 14.32
N ASP A 13 15.85 -3.87 15.32
CA ASP A 13 15.09 -5.07 15.72
C ASP A 13 13.71 -4.71 16.26
N SER A 14 13.60 -3.54 16.82
CA SER A 14 12.32 -3.06 17.33
C SER A 14 11.99 -1.76 16.62
N GLY A 15 12.75 -1.50 15.57
CA GLY A 15 12.59 -0.32 14.79
C GLY A 15 11.82 -0.60 13.54
N GLY A 16 12.09 -1.73 12.94
CA GLY A 16 11.44 -2.11 11.73
C GLY A 16 11.46 -3.59 11.54
N ALA A 17 10.73 -4.07 10.58
CA ALA A 17 10.77 -5.47 10.24
C ALA A 17 12.09 -5.71 9.54
N GLN A 18 12.95 -6.47 10.17
CA GLN A 18 14.32 -6.64 9.69
C GLN A 18 14.39 -7.62 8.51
N ASP A 19 13.29 -8.30 8.25
CA ASP A 19 13.20 -9.21 7.12
C ASP A 19 12.59 -8.49 5.94
N GLY A 20 12.01 -7.33 6.20
CA GLY A 20 11.34 -6.60 5.18
C GLY A 20 9.95 -7.15 4.93
N GLY A 21 9.08 -6.97 5.91
CA GLY A 21 7.72 -7.48 5.83
C GLY A 21 6.88 -6.74 4.82
N SER A 22 7.08 -7.04 3.57
CA SER A 22 6.35 -6.46 2.49
C SER A 22 5.38 -7.51 1.93
N LEU A 23 4.75 -7.21 0.80
CA LEU A 23 3.96 -8.20 0.06
C LEU A 23 4.93 -9.25 -0.47
N ASP A 24 4.44 -10.42 -0.82
CA ASP A 24 5.33 -11.50 -1.25
C ASP A 24 6.07 -11.25 -2.55
N SER A 25 5.44 -10.59 -3.49
CA SER A 25 6.13 -10.21 -4.74
C SER A 25 7.27 -9.20 -4.43
N LEU A 26 7.04 -8.39 -3.42
CA LEU A 26 7.95 -7.33 -2.98
C LEU A 26 9.17 -7.86 -2.24
N LYS A 27 9.08 -9.09 -1.74
CA LYS A 27 10.12 -9.70 -0.89
C LYS A 27 11.48 -9.75 -1.60
N LYS A 28 11.47 -9.92 -2.92
CA LYS A 28 12.71 -9.97 -3.69
C LYS A 28 13.49 -8.65 -3.63
N TYR A 29 12.84 -7.57 -3.21
CA TYR A 29 13.48 -6.28 -3.13
C TYR A 29 14.00 -6.01 -1.70
N ASN A 30 13.87 -7.03 -0.83
CA ASN A 30 14.38 -7.00 0.57
C ASN A 30 13.71 -5.89 1.40
N GLY A 31 12.48 -5.61 1.09
CA GLY A 31 11.75 -4.59 1.83
C GLY A 31 11.90 -3.23 1.20
N LYS A 32 12.64 -3.16 0.12
CA LYS A 32 12.71 -1.96 -0.63
C LYS A 32 11.57 -1.97 -1.60
N LEU A 33 11.04 -0.85 -1.94
CA LEU A 33 9.94 -0.85 -2.85
C LEU A 33 10.41 -0.70 -4.29
N PRO A 34 9.72 -1.39 -5.21
CA PRO A 34 10.10 -1.50 -6.63
C PRO A 34 10.21 -0.15 -7.39
N LYS A 35 11.24 -0.07 -8.22
CA LYS A 35 11.44 1.06 -9.12
C LYS A 35 10.66 0.85 -10.43
N HIS A 36 10.12 1.94 -10.97
CA HIS A 36 9.41 2.00 -12.26
C HIS A 36 8.11 1.19 -12.31
N ASP A 37 7.07 1.83 -12.80
CA ASP A 37 5.76 1.21 -12.94
C ASP A 37 5.61 0.57 -14.31
N PRO A 38 5.55 -0.77 -14.38
CA PRO A 38 5.32 -1.46 -15.64
C PRO A 38 3.86 -1.88 -15.87
N SER A 39 3.19 -2.14 -14.79
CA SER A 39 1.84 -2.61 -14.81
C SER A 39 0.81 -1.47 -14.66
N PHE A 40 1.27 -0.26 -14.42
CA PHE A 40 0.36 0.85 -14.26
C PHE A 40 -0.23 1.27 -15.60
N VAL A 41 -1.54 1.30 -15.67
CA VAL A 41 -2.22 1.79 -16.84
C VAL A 41 -2.39 3.29 -16.71
N GLN A 42 -2.06 4.01 -17.76
CA GLN A 42 -2.13 5.46 -17.79
C GLN A 42 -3.59 5.90 -17.63
N PRO A 43 -3.81 7.01 -16.90
CA PRO A 43 -5.15 7.52 -16.57
C PRO A 43 -6.11 7.69 -17.76
N GLY A 44 -6.89 6.68 -17.98
CA GLY A 44 -7.97 6.74 -18.93
C GLY A 44 -9.18 6.18 -18.28
N ASN A 45 -9.04 4.95 -17.82
CA ASN A 45 -10.06 4.24 -17.08
C ASN A 45 -10.10 4.77 -15.65
N ARG A 46 -8.99 5.38 -15.24
CA ARG A 46 -8.86 5.94 -13.90
C ARG A 46 -9.69 7.24 -13.83
N HIS A 47 -10.94 7.10 -13.44
CA HIS A 47 -11.89 8.21 -13.42
C HIS A 47 -11.99 8.93 -12.08
N TYR A 48 -11.35 8.42 -11.09
CA TYR A 48 -11.36 9.02 -9.80
C TYR A 48 -10.11 9.86 -9.64
N LYS A 49 -9.90 10.71 -10.60
CA LYS A 49 -8.69 11.50 -10.79
C LYS A 49 -8.45 12.47 -9.65
N TYR A 50 -9.49 13.15 -9.20
CA TYR A 50 -9.34 14.11 -8.14
C TYR A 50 -9.62 13.50 -6.79
N GLN A 51 -9.65 12.19 -6.76
CA GLN A 51 -9.86 11.46 -5.54
C GLN A 51 -8.51 10.86 -5.14
N CYS A 52 -8.23 10.81 -3.85
CA CYS A 52 -6.93 10.35 -3.30
C CYS A 52 -6.59 8.92 -3.74
N THR A 53 -7.61 8.15 -4.00
CA THR A 53 -7.51 6.79 -4.44
C THR A 53 -6.74 6.68 -5.77
N TRP A 54 -6.82 7.73 -6.61
CA TRP A 54 -6.09 7.79 -7.88
C TRP A 54 -4.59 7.69 -7.62
N TYR A 55 -4.15 8.40 -6.59
CA TYR A 55 -2.74 8.39 -6.23
C TYR A 55 -2.38 7.02 -5.68
N ALA A 56 -3.33 6.41 -4.97
CA ALA A 56 -3.14 5.08 -4.47
C ALA A 56 -2.99 4.09 -5.63
N TYR A 57 -3.79 4.27 -6.69
CA TYR A 57 -3.67 3.45 -7.90
C TYR A 57 -2.31 3.63 -8.54
N ASN A 58 -1.84 4.88 -8.57
CA ASN A 58 -0.52 5.20 -9.11
C ASN A 58 0.57 4.51 -8.30
N ARG A 59 0.42 4.52 -6.98
CA ARG A 59 1.35 3.87 -6.07
C ARG A 59 1.29 2.35 -6.22
N ARG A 60 0.09 1.85 -6.39
CA ARG A 60 -0.15 0.42 -6.55
C ARG A 60 0.48 -0.04 -7.87
N GLY A 61 0.44 0.85 -8.86
CA GLY A 61 1.03 0.58 -10.15
C GLY A 61 2.55 0.60 -10.07
N GLN A 62 3.07 1.46 -9.20
CA GLN A 62 4.51 1.58 -8.94
C GLN A 62 5.03 0.29 -8.32
N LEU A 63 4.15 -0.42 -7.65
CA LEU A 63 4.48 -1.69 -7.02
C LEU A 63 4.37 -2.83 -8.02
N GLY A 64 3.95 -2.50 -9.23
CA GLY A 64 3.81 -3.46 -10.30
C GLY A 64 2.63 -4.35 -10.11
N ILE A 65 1.67 -3.90 -9.34
CA ILE A 65 0.48 -4.65 -9.06
C ILE A 65 -0.75 -3.82 -9.42
N PRO A 66 -1.35 -4.12 -10.56
CA PRO A 66 -2.50 -3.37 -11.06
C PRO A 66 -3.82 -3.84 -10.47
N VAL A 67 -4.64 -2.91 -10.05
CA VAL A 67 -5.94 -3.23 -9.48
C VAL A 67 -7.07 -2.47 -10.19
N PRO A 68 -8.25 -3.10 -10.33
CA PRO A 68 -9.47 -2.47 -10.87
C PRO A 68 -9.87 -1.22 -10.10
N LEU A 69 -10.64 -0.34 -10.74
CA LEU A 69 -11.15 0.83 -10.05
C LEU A 69 -12.32 0.46 -9.17
N TRP A 70 -12.31 1.02 -8.00
CA TRP A 70 -13.35 0.84 -7.04
C TRP A 70 -13.87 2.22 -6.65
N GLY A 71 -15.02 2.29 -6.03
CA GLY A 71 -15.70 3.56 -5.81
C GLY A 71 -15.02 4.49 -4.81
N ASP A 72 -15.19 4.21 -3.55
CA ASP A 72 -14.60 5.01 -2.48
C ASP A 72 -13.51 4.20 -1.86
N ALA A 73 -12.76 4.79 -0.92
CA ALA A 73 -11.69 4.07 -0.25
C ALA A 73 -12.25 2.83 0.46
N ALA A 74 -13.35 3.02 1.17
CA ALA A 74 -14.02 1.94 1.89
C ALA A 74 -14.53 0.85 0.92
N ASP A 75 -14.84 1.27 -0.29
CA ASP A 75 -15.37 0.40 -1.38
C ASP A 75 -14.31 -0.60 -1.84
N TRP A 76 -13.05 -0.19 -1.73
CA TRP A 76 -11.90 -0.99 -2.17
C TRP A 76 -11.89 -2.37 -1.53
N ILE A 77 -12.27 -2.46 -0.26
CA ILE A 77 -12.23 -3.74 0.46
C ILE A 77 -13.18 -4.77 -0.20
N GLY A 78 -14.36 -4.32 -0.57
CA GLY A 78 -15.35 -5.16 -1.23
C GLY A 78 -14.94 -5.49 -2.64
N GLY A 79 -14.32 -4.53 -3.28
CA GLY A 79 -13.84 -4.72 -4.62
C GLY A 79 -12.73 -5.75 -4.66
N ALA A 80 -11.88 -5.68 -3.65
CA ALA A 80 -10.78 -6.61 -3.51
C ALA A 80 -11.32 -8.03 -3.37
N LYS A 81 -12.42 -8.19 -2.61
CA LYS A 81 -13.02 -9.47 -2.39
C LYS A 81 -13.49 -10.09 -3.70
N GLY A 82 -14.14 -9.30 -4.52
CA GLY A 82 -14.64 -9.79 -5.79
C GLY A 82 -13.56 -10.01 -6.83
N ALA A 83 -12.48 -9.28 -6.71
CA ALA A 83 -11.42 -9.34 -7.71
C ALA A 83 -10.28 -10.28 -7.32
N GLY A 84 -10.39 -10.92 -6.17
CA GLY A 84 -9.39 -11.90 -5.83
C GLY A 84 -8.19 -11.34 -5.12
N TYR A 85 -8.37 -10.27 -4.43
CA TYR A 85 -7.31 -9.67 -3.66
C TYR A 85 -7.55 -9.97 -2.21
N GLY A 86 -6.51 -10.19 -1.47
CA GLY A 86 -6.65 -10.52 -0.08
C GLY A 86 -6.72 -9.29 0.76
N VAL A 87 -7.57 -9.28 1.73
CA VAL A 87 -7.67 -8.17 2.62
C VAL A 87 -7.31 -8.65 4.01
N GLY A 88 -6.56 -7.89 4.72
CA GLY A 88 -6.11 -8.30 6.00
C GLY A 88 -5.94 -7.16 6.93
N ARG A 89 -5.54 -7.46 8.11
CA ARG A 89 -5.36 -6.48 9.15
C ARG A 89 -3.87 -6.45 9.53
N THR A 90 -3.04 -7.07 8.70
CA THR A 90 -1.61 -7.15 8.96
C THR A 90 -0.86 -6.13 8.11
N PRO A 91 0.01 -5.32 8.73
CA PRO A 91 0.80 -4.33 8.02
C PRO A 91 1.92 -4.96 7.17
N LYS A 92 1.92 -4.63 5.89
CA LYS A 92 2.97 -5.06 4.99
C LYS A 92 3.43 -3.86 4.19
N GLN A 93 4.72 -3.79 3.96
CA GLN A 93 5.35 -2.74 3.15
C GLN A 93 4.84 -2.71 1.75
N GLY A 94 4.60 -1.52 1.26
CA GLY A 94 4.21 -1.32 -0.09
C GLY A 94 2.74 -1.20 -0.23
N ALA A 95 2.07 -2.10 0.37
CA ALA A 95 0.67 -2.18 0.23
C ALA A 95 -0.06 -1.02 0.91
N CYS A 96 -1.23 -0.73 0.41
CA CYS A 96 -1.97 0.41 0.85
C CYS A 96 -2.88 0.08 2.03
N VAL A 97 -3.05 1.07 2.86
CA VAL A 97 -3.87 0.97 4.05
C VAL A 97 -5.18 1.63 3.73
N ILE A 98 -6.24 0.97 4.04
CA ILE A 98 -7.56 1.46 3.77
C ILE A 98 -8.34 1.60 5.07
N TRP A 99 -8.73 2.81 5.37
CA TRP A 99 -9.61 3.05 6.49
C TRP A 99 -11.03 3.05 6.02
N GLN A 100 -11.90 2.54 6.85
CA GLN A 100 -13.28 2.36 6.49
C GLN A 100 -14.08 3.64 6.62
N ARG A 101 -15.33 3.56 6.25
CA ARG A 101 -16.21 4.71 6.23
C ARG A 101 -16.85 4.89 7.60
N GLY A 102 -16.34 5.84 8.36
CA GLY A 102 -16.92 6.14 9.65
C GLY A 102 -16.15 5.57 10.82
N VAL A 103 -14.90 5.23 10.61
CA VAL A 103 -14.07 4.69 11.67
C VAL A 103 -12.98 5.67 12.04
N GLN A 104 -12.39 5.47 13.21
CA GLN A 104 -11.28 6.29 13.64
C GLN A 104 -10.13 6.11 12.76
N GLY A 105 -9.70 7.20 12.30
CA GLY A 105 -8.58 7.25 11.40
C GLY A 105 -9.00 7.44 9.97
N GLY A 106 -10.29 7.35 9.72
CA GLY A 106 -10.78 7.57 8.39
C GLY A 106 -11.78 8.69 8.35
N SER A 107 -11.87 9.39 7.24
CA SER A 107 -12.85 10.42 7.08
C SER A 107 -14.24 9.77 7.06
N PRO A 108 -15.20 10.29 7.84
CA PRO A 108 -16.53 9.67 8.04
C PRO A 108 -17.23 9.18 6.76
N GLN A 109 -17.12 9.93 5.69
CA GLN A 109 -17.78 9.57 4.44
C GLN A 109 -16.89 8.76 3.47
N TYR A 110 -15.58 8.85 3.60
CA TYR A 110 -14.73 8.26 2.56
C TYR A 110 -13.73 7.23 3.06
N GLY A 111 -13.31 7.38 4.29
CA GLY A 111 -12.20 6.58 4.78
C GLY A 111 -10.89 7.30 4.48
N HIS A 112 -9.82 6.56 4.30
CA HIS A 112 -8.49 7.11 3.95
C HIS A 112 -7.67 6.04 3.29
N VAL A 113 -6.68 6.46 2.51
CA VAL A 113 -5.74 5.52 1.91
C VAL A 113 -4.35 5.96 2.31
N ALA A 114 -3.55 5.06 2.78
CA ALA A 114 -2.17 5.37 3.08
C ALA A 114 -1.29 4.36 2.41
N PHE A 115 -0.04 4.68 2.26
CA PHE A 115 0.88 3.78 1.61
C PHE A 115 1.94 3.40 2.62
N VAL A 116 2.10 2.11 2.89
CA VAL A 116 3.10 1.66 3.86
C VAL A 116 4.47 1.68 3.25
N GLU A 117 5.35 2.43 3.83
CA GLU A 117 6.69 2.46 3.35
C GLU A 117 7.54 1.50 4.18
N LYS A 118 7.26 1.41 5.49
CA LYS A 118 8.01 0.53 6.33
C LYS A 118 7.11 0.02 7.43
N VAL A 119 7.34 -1.18 7.86
CA VAL A 119 6.64 -1.69 9.00
C VAL A 119 7.58 -1.51 10.15
N LEU A 120 7.14 -0.83 11.13
CA LEU A 120 7.98 -0.53 12.22
C LEU A 120 7.77 -1.54 13.30
N ASP A 121 8.88 -2.13 13.70
CA ASP A 121 8.90 -3.23 14.67
C ASP A 121 8.18 -4.42 13.98
N GLY A 122 7.50 -5.25 14.73
CA GLY A 122 6.73 -6.33 14.15
C GLY A 122 5.37 -5.83 13.74
N GLY A 123 5.15 -4.56 13.95
CA GLY A 123 3.93 -3.94 13.60
C GLY A 123 3.28 -3.27 14.76
N LYS A 124 4.03 -2.48 15.51
CA LYS A 124 3.41 -1.72 16.57
C LYS A 124 3.11 -0.33 16.03
N LYS A 125 3.91 0.05 15.08
CA LYS A 125 3.81 1.28 14.38
C LYS A 125 4.00 0.96 12.91
N ILE A 126 3.49 1.77 12.06
CA ILE A 126 3.75 1.62 10.65
C ILE A 126 4.22 2.93 10.11
N PHE A 127 5.12 2.90 9.18
CA PHE A 127 5.59 4.09 8.60
C PHE A 127 4.98 4.16 7.23
N ILE A 128 4.31 5.21 7.00
CA ILE A 128 3.57 5.38 5.79
C ILE A 128 3.97 6.64 5.12
N SER A 129 3.58 6.78 3.91
CA SER A 129 3.79 7.97 3.21
C SER A 129 2.41 8.53 2.95
N GLU A 130 2.33 9.81 2.80
CA GLU A 130 1.07 10.50 2.66
C GLU A 130 1.27 11.62 1.67
N HIS A 131 0.75 11.44 0.49
CA HIS A 131 0.90 12.42 -0.56
C HIS A 131 -0.43 12.63 -1.23
N ASN A 132 -0.75 13.87 -1.47
CA ASN A 132 -1.93 14.27 -2.21
C ASN A 132 -1.48 15.39 -3.09
N TYR A 133 -1.85 15.37 -4.35
CA TYR A 133 -1.38 16.41 -5.21
C TYR A 133 -2.38 17.54 -5.21
N ALA A 134 -1.88 18.73 -5.53
CA ALA A 134 -2.65 19.98 -5.51
C ALA A 134 -2.89 20.44 -4.07
N THR A 135 -2.33 19.72 -3.13
CA THR A 135 -2.45 20.05 -1.75
C THR A 135 -1.07 20.45 -1.18
N PRO A 136 -0.89 21.73 -0.82
CA PRO A 136 0.37 22.19 -0.24
C PRO A 136 0.56 21.61 1.16
N ASN A 137 1.76 21.07 1.40
CA ASN A 137 2.13 20.39 2.65
C ASN A 137 1.39 19.07 2.81
N GLY A 138 0.86 18.57 1.70
CA GLY A 138 0.18 17.30 1.71
C GLY A 138 1.11 16.19 1.28
N TYR A 139 2.36 16.55 1.14
CA TYR A 139 3.43 15.65 0.78
C TYR A 139 4.27 15.37 2.02
N GLY A 140 4.46 14.10 2.33
CA GLY A 140 5.30 13.75 3.45
C GLY A 140 5.10 12.33 3.88
N THR A 141 5.55 12.01 5.05
CA THR A 141 5.43 10.70 5.61
C THR A 141 4.70 10.81 6.95
N ARG A 142 4.18 9.71 7.44
CA ARG A 142 3.43 9.73 8.67
C ARG A 142 3.64 8.38 9.37
N THR A 143 3.42 8.35 10.65
CA THR A 143 3.49 7.12 11.40
C THR A 143 2.13 6.85 12.03
N ILE A 144 1.66 5.64 11.95
CA ILE A 144 0.37 5.28 12.50
C ILE A 144 0.60 4.28 13.63
N ASP A 145 -0.15 4.43 14.70
CA ASP A 145 -0.13 3.48 15.77
C ASP A 145 -0.94 2.31 15.40
N MET A 146 -0.34 1.17 15.38
CA MET A 146 -1.03 -0.02 14.96
C MET A 146 -1.84 -0.59 16.13
N SER A 147 -1.51 -0.16 17.33
CA SER A 147 -2.19 -0.62 18.50
C SER A 147 -3.38 0.27 18.88
N SER A 148 -3.36 1.52 18.43
CA SER A 148 -4.44 2.43 18.72
C SER A 148 -5.61 2.21 17.75
N ALA A 149 -6.75 2.87 18.00
CA ALA A 149 -7.96 2.69 17.20
C ALA A 149 -7.72 2.94 15.73
N ILE A 150 -6.85 3.89 15.43
CA ILE A 150 -6.52 4.23 14.06
C ILE A 150 -5.93 2.99 13.36
N GLY A 151 -4.97 2.37 14.01
CA GLY A 151 -4.33 1.18 13.52
C GLY A 151 -5.23 -0.02 13.51
N LYS A 152 -6.15 -0.06 14.46
CA LYS A 152 -7.07 -1.16 14.57
C LYS A 152 -8.11 -1.10 13.46
N ASN A 153 -8.40 0.10 12.99
CA ASN A 153 -9.40 0.30 11.93
C ASN A 153 -8.74 0.28 10.58
N ALA A 154 -7.45 0.15 10.58
CA ALA A 154 -6.69 0.13 9.38
C ALA A 154 -6.73 -1.26 8.77
N GLN A 155 -7.09 -1.33 7.52
CA GLN A 155 -7.10 -2.58 6.82
C GLN A 155 -6.15 -2.50 5.70
N PHE A 156 -5.61 -3.59 5.35
CA PHE A 156 -4.59 -3.65 4.34
C PHE A 156 -5.05 -4.54 3.22
N ILE A 157 -4.70 -4.17 2.01
CA ILE A 157 -5.08 -4.96 0.86
C ILE A 157 -3.84 -5.56 0.23
N TYR A 158 -3.82 -6.86 0.20
CA TYR A 158 -2.73 -7.66 -0.30
C TYR A 158 -3.02 -7.96 -1.74
N ASP A 159 -2.01 -7.97 -2.54
CA ASP A 159 -2.23 -8.17 -3.95
C ASP A 159 -1.96 -9.61 -4.33
N LYS A 160 -2.29 -9.97 -5.52
CA LYS A 160 -2.09 -11.31 -6.02
C LYS A 160 -0.70 -11.36 -6.66
N LYS A 161 -0.41 -12.35 -7.46
CA LYS A 161 0.88 -12.38 -8.12
C LYS A 161 0.87 -11.35 -9.23
N LYS A 162 2.00 -10.77 -9.52
CA LYS A 162 2.09 -9.85 -10.62
C LYS A 162 2.48 -10.66 -11.84
N ASN A 163 1.48 -11.22 -12.44
CA ASN A 163 1.66 -12.17 -13.49
C ASN A 163 2.01 -11.49 -14.81
N SER A 164 2.77 -12.17 -15.63
CA SER A 164 3.21 -11.64 -16.90
C SER A 164 2.19 -11.92 -18.01
N SER A 165 1.29 -12.83 -17.76
CA SER A 165 0.25 -13.14 -18.70
C SER A 165 -0.90 -12.14 -18.58
N SER A 166 -0.72 -11.01 -19.23
CA SER A 166 -1.67 -9.94 -19.21
C SER A 166 -2.88 -10.34 -20.02
N VAL A 167 -4.06 -10.03 -19.51
CA VAL A 167 -5.26 -10.32 -20.22
C VAL A 167 -5.43 -9.35 -21.35
N ASP A 168 -5.09 -9.81 -22.48
CA ASP A 168 -5.15 -9.06 -23.70
C ASP A 168 -6.42 -9.35 -24.41
N LYS A 169 -6.99 -8.31 -24.94
CA LYS A 169 -8.26 -8.38 -25.62
C LYS A 169 -8.14 -9.18 -26.89
N LEU A 170 -7.04 -9.02 -27.58
CA LEU A 170 -6.84 -9.73 -28.83
C LEU A 170 -6.60 -11.21 -28.57
N ALA A 171 -5.84 -11.49 -27.55
CA ALA A 171 -5.56 -12.85 -27.13
C ALA A 171 -6.82 -13.54 -26.65
N ALA A 172 -7.71 -12.78 -26.07
CA ALA A 172 -8.96 -13.29 -25.55
C ALA A 172 -10.08 -13.20 -26.59
N ALA A 173 -9.78 -12.60 -27.73
CA ALA A 173 -10.77 -12.43 -28.77
C ALA A 173 -11.01 -13.72 -29.49
N LEU A 174 -12.26 -13.94 -29.80
CA LEU A 174 -12.72 -15.17 -30.44
C LEU A 174 -12.30 -15.14 -31.89
N GLU A 175 -12.42 -13.99 -32.44
CA GLU A 175 -12.14 -13.73 -33.85
C GLU A 175 -10.66 -13.39 -34.09
N HIS A 176 -9.82 -13.72 -33.16
CA HIS A 176 -8.38 -13.48 -33.29
C HIS A 176 -7.64 -14.69 -32.78
N MET A 1 23.78 11.21 6.51
CA MET A 1 23.02 12.44 6.68
C MET A 1 21.92 12.21 7.70
N GLU A 2 21.84 13.07 8.67
CA GLU A 2 20.78 13.01 9.62
C GLU A 2 19.77 14.07 9.32
N GLN A 3 18.55 13.80 9.67
CA GLN A 3 17.51 14.73 9.43
C GLN A 3 17.37 15.62 10.63
N SER A 4 18.07 16.71 10.58
CA SER A 4 17.99 17.71 11.60
C SER A 4 16.93 18.73 11.18
N SER A 5 16.80 18.90 9.87
CA SER A 5 15.74 19.68 9.31
C SER A 5 14.58 18.72 9.14
N GLY A 6 13.62 18.82 10.03
CA GLY A 6 12.56 17.87 10.06
C GLY A 6 13.06 16.67 10.81
N ASP A 7 13.46 16.91 12.04
CA ASP A 7 14.08 15.90 12.90
C ASP A 7 13.20 14.69 13.09
N LYS A 8 13.73 13.56 12.74
CA LYS A 8 13.08 12.29 12.93
C LYS A 8 13.87 11.50 13.94
N ASP A 9 13.22 10.57 14.58
CA ASP A 9 13.87 9.75 15.56
C ASP A 9 14.58 8.65 14.88
N GLY A 10 15.83 8.51 15.18
CA GLY A 10 16.63 7.53 14.52
C GLY A 10 16.45 6.15 15.08
N GLY A 11 16.27 6.05 16.40
CA GLY A 11 16.18 4.76 17.08
C GLY A 11 15.00 3.94 16.62
N SER A 12 13.86 4.57 16.51
CA SER A 12 12.63 3.92 16.08
C SER A 12 12.67 3.56 14.59
N ASP A 13 13.52 4.24 13.88
CA ASP A 13 13.66 4.06 12.45
C ASP A 13 14.78 3.07 12.14
N SER A 14 15.45 2.62 13.19
CA SER A 14 16.52 1.65 13.07
C SER A 14 15.94 0.23 13.07
N GLY A 15 14.64 0.15 13.03
CA GLY A 15 13.96 -1.10 13.01
C GLY A 15 13.06 -1.19 11.82
N GLY A 16 13.63 -1.33 10.67
CA GLY A 16 12.84 -1.47 9.48
C GLY A 16 12.60 -2.91 9.18
N ALA A 17 11.43 -3.39 9.49
CA ALA A 17 11.11 -4.78 9.29
C ALA A 17 10.67 -5.02 7.86
N GLN A 18 11.64 -5.26 7.00
CA GLN A 18 11.40 -5.46 5.59
C GLN A 18 11.11 -6.94 5.34
N ASP A 19 11.82 -7.78 6.05
CA ASP A 19 11.63 -9.23 5.98
C ASP A 19 10.54 -9.64 6.94
N GLY A 20 10.25 -8.76 7.89
CA GLY A 20 9.27 -9.05 8.92
C GLY A 20 7.87 -9.17 8.37
N GLY A 21 7.49 -8.25 7.54
CA GLY A 21 6.19 -8.28 6.98
C GLY A 21 6.11 -7.51 5.71
N SER A 22 5.96 -8.20 4.63
CA SER A 22 5.81 -7.58 3.36
C SER A 22 4.82 -8.41 2.55
N LEU A 23 4.42 -7.90 1.41
CA LEU A 23 3.46 -8.56 0.56
C LEU A 23 4.14 -9.77 -0.10
N ASP A 24 3.38 -10.79 -0.47
CA ASP A 24 3.97 -12.02 -1.08
C ASP A 24 4.58 -11.69 -2.44
N SER A 25 3.99 -10.72 -3.11
CA SER A 25 4.51 -10.21 -4.36
C SER A 25 5.88 -9.51 -4.13
N LEU A 26 5.93 -8.74 -3.07
CA LEU A 26 7.07 -7.88 -2.72
C LEU A 26 8.29 -8.63 -2.16
N LYS A 27 8.07 -9.84 -1.67
CA LYS A 27 9.13 -10.62 -1.01
C LYS A 27 10.33 -10.86 -1.93
N LYS A 28 10.09 -10.96 -3.23
CA LYS A 28 11.17 -11.12 -4.21
C LYS A 28 12.13 -9.90 -4.23
N TYR A 29 11.70 -8.79 -3.68
CA TYR A 29 12.54 -7.60 -3.55
C TYR A 29 13.10 -7.51 -2.13
N ASN A 30 12.76 -8.51 -1.32
CA ASN A 30 13.12 -8.59 0.13
C ASN A 30 12.50 -7.39 0.88
N GLY A 31 11.36 -6.97 0.40
CA GLY A 31 10.66 -5.86 1.01
C GLY A 31 11.18 -4.51 0.56
N LYS A 32 12.17 -4.49 -0.32
CA LYS A 32 12.64 -3.25 -0.87
C LYS A 32 11.66 -2.82 -1.92
N LEU A 33 10.93 -1.80 -1.61
CA LEU A 33 9.85 -1.37 -2.44
C LEU A 33 10.29 -0.86 -3.79
N PRO A 34 9.61 -1.35 -4.83
CA PRO A 34 9.84 -0.95 -6.21
C PRO A 34 9.59 0.54 -6.41
N LYS A 35 10.43 1.18 -7.19
CA LYS A 35 10.38 2.62 -7.42
C LYS A 35 9.15 3.02 -8.22
N HIS A 36 8.65 4.20 -7.97
CA HIS A 36 7.48 4.71 -8.65
C HIS A 36 7.88 5.72 -9.70
N ASP A 37 7.05 5.91 -10.67
CA ASP A 37 7.27 6.92 -11.65
C ASP A 37 6.08 7.86 -11.63
N PRO A 38 6.31 9.15 -11.39
CA PRO A 38 5.22 10.17 -11.31
C PRO A 38 4.41 10.26 -12.59
N SER A 39 5.06 9.97 -13.65
CA SER A 39 4.48 10.03 -14.95
C SER A 39 3.78 8.70 -15.36
N PHE A 40 3.84 7.69 -14.49
CA PHE A 40 3.24 6.38 -14.76
C PHE A 40 1.74 6.52 -15.03
N VAL A 41 1.31 6.00 -16.16
CA VAL A 41 -0.06 6.05 -16.54
C VAL A 41 -0.68 4.65 -16.51
N GLN A 42 -1.72 4.50 -15.75
CA GLN A 42 -2.44 3.25 -15.66
C GLN A 42 -3.58 3.25 -16.69
N PRO A 43 -3.84 2.12 -17.38
CA PRO A 43 -4.94 1.99 -18.36
C PRO A 43 -6.30 2.25 -17.72
N GLY A 44 -6.43 1.87 -16.45
CA GLY A 44 -7.65 2.04 -15.70
C GLY A 44 -7.91 3.48 -15.27
N ASN A 45 -8.05 4.33 -16.24
CA ASN A 45 -8.35 5.75 -16.01
C ASN A 45 -9.81 5.99 -15.63
N ARG A 46 -10.61 4.94 -15.74
CA ARG A 46 -12.07 5.02 -15.54
C ARG A 46 -12.54 5.70 -14.25
N HIS A 47 -11.86 5.48 -13.16
CA HIS A 47 -12.34 5.99 -11.87
C HIS A 47 -11.68 7.32 -11.47
N TYR A 48 -11.88 7.69 -10.21
CA TYR A 48 -11.43 8.94 -9.64
C TYR A 48 -9.92 9.11 -9.73
N LYS A 49 -9.51 10.02 -10.58
CA LYS A 49 -8.11 10.31 -10.80
C LYS A 49 -7.66 11.55 -10.04
N TYR A 50 -8.58 12.15 -9.34
CA TYR A 50 -8.28 13.35 -8.57
C TYR A 50 -8.65 13.16 -7.11
N GLN A 51 -8.82 11.91 -6.74
CA GLN A 51 -9.18 11.55 -5.39
C GLN A 51 -8.03 10.76 -4.77
N CYS A 52 -8.08 10.54 -3.45
CA CYS A 52 -7.04 9.80 -2.73
C CYS A 52 -6.86 8.39 -3.28
N THR A 53 -7.93 7.83 -3.82
CA THR A 53 -7.93 6.52 -4.39
C THR A 53 -6.95 6.42 -5.59
N TRP A 54 -6.76 7.53 -6.30
CA TRP A 54 -5.85 7.58 -7.43
C TRP A 54 -4.43 7.36 -6.99
N TYR A 55 -4.11 7.88 -5.81
CA TYR A 55 -2.77 7.73 -5.23
C TYR A 55 -2.49 6.25 -5.08
N ALA A 56 -3.49 5.52 -4.58
CA ALA A 56 -3.40 4.09 -4.42
C ALA A 56 -3.19 3.41 -5.78
N TYR A 57 -3.94 3.87 -6.79
CA TYR A 57 -3.77 3.40 -8.16
C TYR A 57 -2.36 3.60 -8.68
N ASN A 58 -1.79 4.74 -8.39
CA ASN A 58 -0.40 5.01 -8.80
C ASN A 58 0.55 4.11 -8.03
N ARG A 59 0.29 3.95 -6.75
CA ARG A 59 1.10 3.15 -5.85
C ARG A 59 1.09 1.66 -6.20
N ARG A 60 -0.06 1.13 -6.54
CA ARG A 60 -0.14 -0.27 -6.97
C ARG A 60 0.59 -0.47 -8.29
N GLY A 61 0.70 0.60 -9.06
CA GLY A 61 1.38 0.56 -10.32
C GLY A 61 2.87 0.36 -10.13
N GLN A 62 3.44 1.05 -9.14
CA GLN A 62 4.87 0.90 -8.84
C GLN A 62 5.17 -0.50 -8.31
N LEU A 63 4.21 -1.04 -7.55
CA LEU A 63 4.37 -2.32 -6.87
C LEU A 63 4.03 -3.47 -7.81
N GLY A 64 3.45 -3.13 -8.94
CA GLY A 64 3.11 -4.10 -9.94
C GLY A 64 2.00 -5.00 -9.48
N ILE A 65 1.09 -4.45 -8.71
CA ILE A 65 0.01 -5.21 -8.19
C ILE A 65 -1.32 -4.70 -8.74
N PRO A 66 -1.88 -5.41 -9.73
CA PRO A 66 -3.11 -5.03 -10.37
C PRO A 66 -4.35 -5.48 -9.59
N VAL A 67 -5.20 -4.54 -9.31
CA VAL A 67 -6.47 -4.80 -8.67
C VAL A 67 -7.54 -4.21 -9.57
N PRO A 68 -8.75 -4.77 -9.59
CA PRO A 68 -9.84 -4.20 -10.35
C PRO A 68 -10.13 -2.75 -9.94
N LEU A 69 -10.58 -1.97 -10.90
CA LEU A 69 -10.98 -0.60 -10.66
C LEU A 69 -12.17 -0.54 -9.72
N TRP A 70 -11.98 0.07 -8.59
CA TRP A 70 -13.00 0.24 -7.59
C TRP A 70 -13.24 1.73 -7.36
N GLY A 71 -14.32 2.07 -6.73
CA GLY A 71 -14.65 3.45 -6.52
C GLY A 71 -14.05 4.03 -5.27
N ASP A 72 -14.83 4.06 -4.23
CA ASP A 72 -14.44 4.64 -2.96
C ASP A 72 -13.64 3.62 -2.16
N ALA A 73 -12.88 4.09 -1.18
CA ALA A 73 -12.01 3.25 -0.36
C ALA A 73 -12.75 2.07 0.29
N ALA A 74 -14.01 2.26 0.66
CA ALA A 74 -14.77 1.15 1.25
C ALA A 74 -15.12 0.12 0.17
N ASP A 75 -15.32 0.60 -1.05
CA ASP A 75 -15.64 -0.27 -2.20
C ASP A 75 -14.47 -1.15 -2.54
N TRP A 76 -13.27 -0.64 -2.29
CA TRP A 76 -12.03 -1.38 -2.53
C TRP A 76 -12.00 -2.66 -1.73
N ILE A 77 -12.28 -2.56 -0.46
CA ILE A 77 -12.23 -3.71 0.43
C ILE A 77 -13.34 -4.71 0.08
N GLY A 78 -14.50 -4.19 -0.20
CA GLY A 78 -15.62 -5.05 -0.56
C GLY A 78 -15.39 -5.74 -1.89
N GLY A 79 -14.83 -5.01 -2.83
CA GLY A 79 -14.54 -5.54 -4.13
C GLY A 79 -13.42 -6.55 -4.09
N ALA A 80 -12.45 -6.31 -3.22
CA ALA A 80 -11.31 -7.19 -3.06
C ALA A 80 -11.74 -8.58 -2.64
N LYS A 81 -12.62 -8.67 -1.65
CA LYS A 81 -13.12 -9.94 -1.16
C LYS A 81 -13.82 -10.69 -2.25
N GLY A 82 -14.64 -9.97 -2.98
CA GLY A 82 -15.42 -10.53 -4.06
C GLY A 82 -14.56 -10.95 -5.23
N ALA A 83 -13.44 -10.28 -5.40
CA ALA A 83 -12.54 -10.58 -6.51
C ALA A 83 -11.48 -11.61 -6.12
N GLY A 84 -11.53 -12.08 -4.88
CA GLY A 84 -10.63 -13.13 -4.47
C GLY A 84 -9.31 -12.62 -3.94
N TYR A 85 -9.28 -11.39 -3.51
CA TYR A 85 -8.09 -10.80 -2.94
C TYR A 85 -8.16 -10.91 -1.45
N GLY A 86 -7.03 -11.05 -0.84
CA GLY A 86 -6.98 -11.17 0.58
C GLY A 86 -6.99 -9.83 1.23
N VAL A 87 -7.72 -9.72 2.30
CA VAL A 87 -7.79 -8.50 3.04
C VAL A 87 -7.44 -8.83 4.48
N GLY A 88 -6.66 -7.99 5.10
CA GLY A 88 -6.29 -8.24 6.47
C GLY A 88 -5.95 -6.96 7.17
N ARG A 89 -5.63 -7.09 8.43
CA ARG A 89 -5.24 -5.96 9.26
C ARG A 89 -3.77 -6.07 9.61
N THR A 90 -3.10 -7.02 9.00
CA THR A 90 -1.73 -7.30 9.33
C THR A 90 -0.80 -6.34 8.57
N PRO A 91 0.11 -5.67 9.30
CA PRO A 91 1.02 -4.67 8.74
C PRO A 91 2.10 -5.26 7.85
N LYS A 92 2.02 -5.01 6.56
CA LYS A 92 3.04 -5.44 5.67
C LYS A 92 3.48 -4.28 4.82
N GLN A 93 4.76 -4.20 4.60
CA GLN A 93 5.39 -3.14 3.84
C GLN A 93 4.95 -3.07 2.38
N GLY A 94 4.71 -1.87 1.90
CA GLY A 94 4.42 -1.65 0.51
C GLY A 94 2.99 -1.54 0.22
N ALA A 95 2.28 -2.51 0.65
CA ALA A 95 0.89 -2.62 0.37
C ALA A 95 0.12 -1.47 1.00
N CYS A 96 -0.82 -0.94 0.27
CA CYS A 96 -1.55 0.23 0.67
C CYS A 96 -2.58 -0.08 1.76
N VAL A 97 -2.76 0.86 2.65
CA VAL A 97 -3.71 0.75 3.72
C VAL A 97 -4.95 1.54 3.40
N ILE A 98 -6.03 0.88 3.50
CA ILE A 98 -7.31 1.43 3.18
C ILE A 98 -8.05 1.73 4.47
N TRP A 99 -8.57 2.92 4.58
CA TRP A 99 -9.47 3.25 5.66
C TRP A 99 -10.84 3.37 5.11
N GLN A 100 -11.82 3.20 5.93
CA GLN A 100 -13.17 3.27 5.46
C GLN A 100 -13.80 4.57 5.88
N ARG A 101 -15.03 4.73 5.52
CA ARG A 101 -15.78 5.92 5.84
C ARG A 101 -16.67 5.67 7.06
N GLY A 102 -16.28 6.24 8.16
CA GLY A 102 -17.06 6.10 9.38
C GLY A 102 -16.32 5.38 10.46
N VAL A 103 -15.00 5.45 10.43
CA VAL A 103 -14.15 4.78 11.39
C VAL A 103 -13.11 5.76 11.93
N GLN A 104 -12.38 5.36 12.94
CA GLN A 104 -11.30 6.19 13.44
C GLN A 104 -10.19 6.25 12.49
N GLY A 105 -9.92 7.43 12.14
CA GLY A 105 -8.90 7.72 11.16
C GLY A 105 -9.47 7.80 9.76
N GLY A 106 -10.76 7.62 9.67
CA GLY A 106 -11.44 7.67 8.43
C GLY A 106 -12.86 8.08 8.62
N SER A 107 -13.06 9.34 8.92
CA SER A 107 -14.37 9.89 9.09
C SER A 107 -15.16 9.78 7.76
N PRO A 108 -16.52 9.76 7.78
CA PRO A 108 -17.36 9.55 6.58
C PRO A 108 -16.93 10.35 5.33
N GLN A 109 -16.50 11.58 5.52
CA GLN A 109 -16.04 12.42 4.40
C GLN A 109 -14.54 12.30 4.17
N TYR A 110 -13.85 11.79 5.15
CA TYR A 110 -12.38 11.79 5.16
C TYR A 110 -11.77 10.40 4.93
N GLY A 111 -12.59 9.40 4.61
CA GLY A 111 -12.08 8.04 4.34
C GLY A 111 -11.09 8.04 3.17
N HIS A 112 -9.89 7.54 3.41
CA HIS A 112 -8.82 7.63 2.42
C HIS A 112 -7.92 6.39 2.44
N VAL A 113 -6.86 6.45 1.65
CA VAL A 113 -5.88 5.40 1.50
C VAL A 113 -4.48 5.98 1.74
N ALA A 114 -3.55 5.16 2.19
CA ALA A 114 -2.18 5.57 2.35
C ALA A 114 -1.26 4.45 1.91
N PHE A 115 -0.02 4.76 1.68
CA PHE A 115 0.96 3.80 1.20
C PHE A 115 1.91 3.45 2.33
N VAL A 116 2.03 2.19 2.66
CA VAL A 116 2.97 1.79 3.70
C VAL A 116 4.37 1.83 3.14
N GLU A 117 5.15 2.76 3.60
CA GLU A 117 6.48 2.93 3.11
C GLU A 117 7.45 2.06 3.89
N LYS A 118 7.23 1.93 5.20
CA LYS A 118 8.12 1.15 6.01
C LYS A 118 7.34 0.56 7.17
N VAL A 119 7.74 -0.60 7.61
CA VAL A 119 7.14 -1.23 8.77
C VAL A 119 8.14 -1.14 9.87
N LEU A 120 7.75 -0.58 10.95
CA LEU A 120 8.64 -0.25 11.98
C LEU A 120 8.57 -1.25 13.09
N ASP A 121 9.75 -1.68 13.52
CA ASP A 121 9.97 -2.59 14.66
C ASP A 121 9.69 -4.05 14.29
N GLY A 122 8.61 -4.21 13.65
CA GLY A 122 8.09 -5.50 13.27
C GLY A 122 6.70 -5.28 12.83
N GLY A 123 6.11 -4.28 13.43
CA GLY A 123 4.81 -3.86 13.07
C GLY A 123 4.03 -3.28 14.20
N LYS A 124 4.69 -2.59 15.12
CA LYS A 124 3.95 -1.95 16.16
C LYS A 124 3.44 -0.63 15.60
N LYS A 125 4.25 -0.05 14.73
CA LYS A 125 3.91 1.15 14.02
C LYS A 125 4.31 0.95 12.58
N ILE A 126 3.66 1.63 11.70
CA ILE A 126 4.01 1.60 10.30
C ILE A 126 4.22 3.01 9.83
N PHE A 127 5.10 3.20 8.93
CA PHE A 127 5.32 4.50 8.40
C PHE A 127 4.70 4.51 7.03
N ILE A 128 3.81 5.43 6.83
CA ILE A 128 3.12 5.51 5.60
C ILE A 128 3.47 6.79 4.91
N SER A 129 3.21 6.82 3.66
CA SER A 129 3.35 7.97 2.90
C SER A 129 1.98 8.28 2.39
N GLU A 130 1.73 9.53 2.14
CA GLU A 130 0.45 9.94 1.64
C GLU A 130 0.65 10.74 0.38
N HIS A 131 1.89 11.22 0.22
CA HIS A 131 2.37 11.95 -0.93
C HIS A 131 1.76 13.34 -1.03
N ASN A 132 0.45 13.40 -1.28
CA ASN A 132 -0.29 14.65 -1.51
C ASN A 132 0.15 15.30 -2.81
N TYR A 133 -0.60 15.03 -3.83
CA TYR A 133 -0.33 15.54 -5.16
C TYR A 133 -1.27 16.70 -5.41
N ALA A 134 -2.48 16.60 -4.86
CA ALA A 134 -3.48 17.64 -4.97
C ALA A 134 -3.09 18.87 -4.16
N THR A 135 -2.25 18.66 -3.18
CA THR A 135 -1.73 19.72 -2.36
C THR A 135 -0.41 20.18 -2.96
N PRO A 136 -0.29 21.43 -3.35
CA PRO A 136 0.96 21.94 -3.89
C PRO A 136 1.97 22.20 -2.77
N ASN A 137 3.20 21.69 -2.97
CA ASN A 137 4.34 21.88 -2.04
C ASN A 137 4.02 21.38 -0.63
N GLY A 138 3.18 20.37 -0.55
CA GLY A 138 2.76 19.86 0.72
C GLY A 138 2.78 18.36 0.75
N TYR A 139 3.95 17.80 0.58
CA TYR A 139 4.14 16.36 0.57
C TYR A 139 4.00 15.86 1.99
N GLY A 140 3.33 14.73 2.17
CA GLY A 140 3.12 14.25 3.51
C GLY A 140 3.38 12.78 3.70
N THR A 141 3.71 12.43 4.91
CA THR A 141 3.98 11.10 5.39
C THR A 141 3.48 11.02 6.82
N ARG A 142 3.20 9.84 7.33
CA ARG A 142 2.65 9.71 8.67
C ARG A 142 2.99 8.34 9.26
N THR A 143 2.98 8.22 10.57
CA THR A 143 3.18 6.94 11.21
C THR A 143 1.87 6.49 11.85
N ILE A 144 1.50 5.24 11.63
CA ILE A 144 0.27 4.69 12.16
C ILE A 144 0.61 3.68 13.24
N ASP A 145 -0.08 3.73 14.34
CA ASP A 145 0.09 2.78 15.39
C ASP A 145 -0.85 1.64 15.18
N MET A 146 -0.29 0.48 15.04
CA MET A 146 -1.06 -0.71 14.77
C MET A 146 -1.80 -1.18 16.01
N SER A 147 -1.41 -0.66 17.14
CA SER A 147 -2.05 -1.00 18.38
C SER A 147 -3.27 -0.09 18.61
N SER A 148 -3.25 1.07 17.97
CA SER A 148 -4.28 2.06 18.12
C SER A 148 -5.42 1.79 17.14
N ALA A 149 -6.57 2.42 17.38
CA ALA A 149 -7.78 2.26 16.57
C ALA A 149 -7.52 2.58 15.11
N ILE A 150 -6.68 3.57 14.87
CA ILE A 150 -6.34 3.99 13.51
C ILE A 150 -5.71 2.81 12.76
N GLY A 151 -4.78 2.12 13.41
CA GLY A 151 -4.11 0.96 12.84
C GLY A 151 -5.04 -0.23 12.70
N LYS A 152 -5.99 -0.34 13.60
CA LYS A 152 -6.96 -1.45 13.57
C LYS A 152 -7.96 -1.26 12.44
N ASN A 153 -8.15 -0.02 12.05
CA ASN A 153 -9.07 0.32 10.97
C ASN A 153 -8.35 0.35 9.65
N ALA A 154 -7.04 0.27 9.70
CA ALA A 154 -6.22 0.25 8.52
C ALA A 154 -6.27 -1.13 7.95
N GLN A 155 -6.69 -1.25 6.72
CA GLN A 155 -6.83 -2.53 6.13
C GLN A 155 -5.94 -2.66 4.96
N PHE A 156 -5.41 -3.79 4.83
CA PHE A 156 -4.46 -4.11 3.82
C PHE A 156 -5.08 -5.00 2.78
N ILE A 157 -4.74 -4.76 1.54
CA ILE A 157 -5.23 -5.57 0.46
C ILE A 157 -4.07 -6.33 -0.12
N TYR A 158 -4.19 -7.62 -0.12
CA TYR A 158 -3.17 -8.50 -0.56
C TYR A 158 -3.44 -8.93 -2.00
N ASP A 159 -2.38 -9.04 -2.76
CA ASP A 159 -2.45 -9.30 -4.20
C ASP A 159 -2.26 -10.78 -4.45
N LYS A 160 -2.73 -11.23 -5.59
CA LYS A 160 -2.65 -12.63 -6.00
C LYS A 160 -1.23 -13.11 -6.02
N LYS A 161 -1.08 -14.39 -5.83
CA LYS A 161 0.25 -14.95 -5.95
C LYS A 161 0.62 -14.98 -7.40
N LYS A 162 1.82 -14.58 -7.67
CA LYS A 162 2.29 -14.40 -9.05
C LYS A 162 3.60 -15.11 -9.21
N ASN A 163 3.82 -15.97 -8.29
CA ASN A 163 5.00 -16.76 -8.18
C ASN A 163 4.63 -18.23 -8.23
N SER A 164 3.41 -18.48 -8.66
CA SER A 164 2.90 -19.81 -8.80
C SER A 164 2.88 -20.20 -10.28
N SER A 165 3.40 -19.31 -11.09
CA SER A 165 3.48 -19.51 -12.50
C SER A 165 4.85 -19.04 -12.99
N SER A 166 5.34 -19.68 -14.05
CA SER A 166 6.63 -19.39 -14.67
C SER A 166 7.80 -19.76 -13.73
N VAL A 167 9.02 -19.48 -14.16
CA VAL A 167 10.19 -19.79 -13.37
C VAL A 167 10.19 -19.02 -12.07
N ASP A 168 10.27 -19.75 -10.99
CA ASP A 168 10.27 -19.19 -9.63
C ASP A 168 11.29 -19.94 -8.82
N LYS A 169 11.67 -19.37 -7.72
CA LYS A 169 12.66 -19.97 -6.85
C LYS A 169 12.09 -21.20 -6.15
N LEU A 170 10.86 -21.09 -5.70
CA LEU A 170 10.17 -22.19 -5.01
C LEU A 170 9.68 -23.23 -6.01
N ALA A 171 9.38 -22.77 -7.20
CA ALA A 171 8.95 -23.66 -8.28
C ALA A 171 10.05 -24.63 -8.65
N ALA A 172 11.29 -24.17 -8.53
CA ALA A 172 12.45 -24.99 -8.78
C ALA A 172 12.54 -26.09 -7.72
N ALA A 173 12.46 -25.67 -6.46
CA ALA A 173 12.49 -26.57 -5.34
C ALA A 173 11.92 -25.85 -4.13
N LEU A 174 11.21 -26.58 -3.29
CA LEU A 174 10.58 -26.02 -2.09
C LEU A 174 11.64 -25.61 -1.13
N GLU A 175 12.63 -26.45 -1.04
CA GLU A 175 13.80 -26.22 -0.18
C GLU A 175 14.64 -25.03 -0.67
N HIS A 176 14.40 -24.61 -1.89
CA HIS A 176 15.10 -23.50 -2.50
C HIS A 176 14.31 -22.21 -2.30
N MET A 1 -11.53 9.88 26.38
CA MET A 1 -11.00 8.61 25.88
C MET A 1 -10.12 8.89 24.68
N GLU A 2 -8.82 8.79 24.88
CA GLU A 2 -7.85 8.99 23.83
C GLU A 2 -6.52 8.43 24.31
N GLN A 3 -5.70 7.97 23.40
CA GLN A 3 -4.41 7.46 23.74
C GLN A 3 -3.34 8.24 23.01
N SER A 4 -2.11 7.89 23.24
CA SER A 4 -0.99 8.50 22.58
C SER A 4 0.17 7.52 22.57
N SER A 5 0.98 7.57 21.55
CA SER A 5 2.11 6.70 21.45
C SER A 5 3.30 7.56 21.11
N GLY A 6 4.46 7.22 21.61
CA GLY A 6 5.66 7.97 21.26
C GLY A 6 6.02 7.70 19.83
N ASP A 7 6.43 8.70 19.11
CA ASP A 7 6.73 8.51 17.71
C ASP A 7 7.89 9.35 17.26
N LYS A 8 8.97 8.71 16.96
CA LYS A 8 10.15 9.39 16.47
C LYS A 8 9.99 9.69 14.98
N ASP A 9 10.68 10.68 14.52
CA ASP A 9 10.56 11.11 13.16
C ASP A 9 11.60 10.44 12.31
N GLY A 10 11.18 9.90 11.21
CA GLY A 10 12.10 9.30 10.29
C GLY A 10 11.74 7.87 9.94
N GLY A 11 11.95 6.99 10.88
CA GLY A 11 11.70 5.59 10.65
C GLY A 11 13.00 4.83 10.53
N SER A 12 13.66 4.63 11.67
CA SER A 12 14.95 3.96 11.75
C SER A 12 14.96 2.64 10.98
N ASP A 13 15.78 2.58 9.94
CA ASP A 13 15.95 1.38 9.11
C ASP A 13 16.49 0.20 9.90
N SER A 14 17.26 0.49 10.92
CA SER A 14 17.83 -0.53 11.78
C SER A 14 16.70 -1.31 12.47
N GLY A 15 15.62 -0.61 12.75
CA GLY A 15 14.48 -1.23 13.36
C GLY A 15 13.35 -1.32 12.38
N GLY A 16 13.70 -1.55 11.13
CA GLY A 16 12.72 -1.69 10.09
C GLY A 16 12.45 -3.15 9.83
N ALA A 17 11.22 -3.47 9.62
CA ALA A 17 10.81 -4.83 9.40
C ALA A 17 10.64 -5.07 7.91
N GLN A 18 11.62 -5.70 7.32
CA GLN A 18 11.60 -5.97 5.90
C GLN A 18 11.77 -7.45 5.58
N ASP A 19 11.97 -8.25 6.61
CA ASP A 19 12.22 -9.69 6.43
C ASP A 19 10.92 -10.48 6.34
N GLY A 20 9.83 -9.78 6.48
CA GLY A 20 8.53 -10.39 6.39
C GLY A 20 8.11 -10.57 4.95
N GLY A 21 7.26 -11.54 4.71
CA GLY A 21 6.77 -11.78 3.38
C GLY A 21 5.71 -10.78 3.00
N SER A 22 6.06 -9.87 2.14
CA SER A 22 5.18 -8.85 1.70
C SER A 22 4.47 -9.23 0.40
N LEU A 23 3.23 -9.72 0.55
CA LEU A 23 2.31 -10.09 -0.55
C LEU A 23 2.79 -11.32 -1.29
N ASP A 24 3.80 -11.15 -2.11
CA ASP A 24 4.37 -12.21 -2.93
C ASP A 24 5.55 -11.63 -3.66
N SER A 25 5.26 -10.60 -4.42
CA SER A 25 6.22 -9.91 -5.25
C SER A 25 7.30 -9.16 -4.44
N LEU A 26 6.89 -8.48 -3.39
CA LEU A 26 7.77 -7.55 -2.69
C LEU A 26 8.84 -8.24 -1.83
N LYS A 27 8.55 -9.46 -1.41
CA LYS A 27 9.47 -10.20 -0.56
C LYS A 27 10.80 -10.52 -1.25
N LYS A 28 10.77 -10.72 -2.57
CA LYS A 28 11.98 -11.06 -3.33
C LYS A 28 12.99 -9.91 -3.31
N TYR A 29 12.51 -8.71 -3.01
CA TYR A 29 13.37 -7.52 -3.00
C TYR A 29 13.83 -7.24 -1.57
N ASN A 30 13.46 -8.13 -0.64
CA ASN A 30 13.70 -7.98 0.81
C ASN A 30 12.96 -6.72 1.30
N GLY A 31 11.84 -6.46 0.68
CA GLY A 31 11.04 -5.32 1.07
C GLY A 31 11.49 -4.04 0.39
N LYS A 32 12.53 -4.10 -0.44
CA LYS A 32 12.91 -2.94 -1.20
C LYS A 32 11.82 -2.65 -2.19
N LEU A 33 11.22 -1.53 -2.06
CA LEU A 33 10.11 -1.21 -2.88
C LEU A 33 10.55 -0.68 -4.22
N PRO A 34 9.84 -1.11 -5.28
CA PRO A 34 10.08 -0.64 -6.64
C PRO A 34 10.03 0.88 -6.71
N LYS A 35 10.92 1.44 -7.50
CA LYS A 35 11.07 2.88 -7.61
C LYS A 35 9.79 3.56 -8.08
N HIS A 36 9.55 4.73 -7.54
CA HIS A 36 8.36 5.49 -7.80
C HIS A 36 8.29 5.95 -9.22
N ASP A 37 7.26 5.54 -9.91
CA ASP A 37 7.03 5.95 -11.27
C ASP A 37 5.72 6.71 -11.36
N PRO A 38 5.79 8.05 -11.34
CA PRO A 38 4.60 8.91 -11.36
C PRO A 38 3.95 8.93 -12.73
N SER A 39 4.71 8.55 -13.67
CA SER A 39 4.34 8.54 -15.03
C SER A 39 3.49 7.31 -15.39
N PHE A 40 3.36 6.37 -14.47
CA PHE A 40 2.52 5.24 -14.72
C PHE A 40 1.07 5.67 -14.66
N VAL A 41 0.38 5.42 -15.70
CA VAL A 41 -1.02 5.69 -15.75
C VAL A 41 -1.70 4.39 -16.08
N GLN A 42 -2.71 4.07 -15.32
CA GLN A 42 -3.44 2.86 -15.52
C GLN A 42 -4.28 3.00 -16.79
N PRO A 43 -4.24 1.99 -17.68
CA PRO A 43 -5.05 1.99 -18.91
C PRO A 43 -6.53 2.23 -18.58
N GLY A 44 -7.02 1.54 -17.58
CA GLY A 44 -8.36 1.76 -17.12
C GLY A 44 -8.42 2.96 -16.18
N ASN A 45 -8.33 4.15 -16.75
CA ASN A 45 -8.41 5.40 -15.97
C ASN A 45 -9.85 5.71 -15.56
N ARG A 46 -10.78 4.93 -16.12
CA ARG A 46 -12.26 5.00 -15.96
C ARG A 46 -12.81 5.66 -14.68
N HIS A 47 -12.26 5.31 -13.53
CA HIS A 47 -12.84 5.76 -12.24
C HIS A 47 -12.32 7.14 -11.79
N TYR A 48 -12.47 7.46 -10.50
CA TYR A 48 -12.07 8.77 -9.99
C TYR A 48 -10.55 8.94 -10.05
N LYS A 49 -10.12 9.84 -10.89
CA LYS A 49 -8.71 10.08 -11.17
C LYS A 49 -8.14 11.19 -10.30
N TYR A 50 -9.00 11.87 -9.60
CA TYR A 50 -8.58 12.96 -8.73
C TYR A 50 -8.77 12.61 -7.27
N GLN A 51 -8.81 11.33 -6.96
CA GLN A 51 -8.98 10.89 -5.60
C GLN A 51 -7.74 10.07 -5.19
N CYS A 52 -7.61 9.77 -3.89
CA CYS A 52 -6.49 8.98 -3.35
C CYS A 52 -6.38 7.62 -4.05
N THR A 53 -7.51 7.12 -4.49
CA THR A 53 -7.64 5.86 -5.14
C THR A 53 -6.84 5.79 -6.46
N TRP A 54 -6.72 6.93 -7.16
CA TRP A 54 -5.96 6.97 -8.41
C TRP A 54 -4.50 6.72 -8.12
N TYR A 55 -4.04 7.34 -7.05
CA TYR A 55 -2.67 7.20 -6.61
C TYR A 55 -2.43 5.78 -6.16
N ALA A 56 -3.44 5.17 -5.59
CA ALA A 56 -3.39 3.79 -5.19
C ALA A 56 -3.16 2.89 -6.42
N TYR A 57 -3.87 3.17 -7.52
CA TYR A 57 -3.66 2.41 -8.76
C TYR A 57 -2.25 2.64 -9.28
N ASN A 58 -1.80 3.89 -9.21
CA ASN A 58 -0.45 4.26 -9.65
C ASN A 58 0.61 3.54 -8.83
N ARG A 59 0.46 3.57 -7.53
CA ARG A 59 1.41 2.95 -6.64
C ARG A 59 1.35 1.43 -6.71
N ARG A 60 0.17 0.88 -6.90
CA ARG A 60 0.05 -0.56 -7.04
C ARG A 60 0.58 -1.04 -8.38
N GLY A 61 0.48 -0.20 -9.39
CA GLY A 61 1.06 -0.51 -10.68
C GLY A 61 2.57 -0.49 -10.57
N GLN A 62 3.05 0.49 -9.84
CA GLN A 62 4.47 0.64 -9.54
C GLN A 62 4.99 -0.60 -8.77
N LEU A 63 4.16 -1.11 -7.90
CA LEU A 63 4.50 -2.26 -7.07
C LEU A 63 4.26 -3.58 -7.78
N GLY A 64 3.58 -3.53 -8.91
CA GLY A 64 3.31 -4.73 -9.68
C GLY A 64 2.25 -5.59 -9.02
N ILE A 65 1.36 -4.96 -8.29
CA ILE A 65 0.32 -5.64 -7.60
C ILE A 65 -1.05 -5.14 -8.09
N PRO A 66 -1.68 -5.91 -8.98
CA PRO A 66 -2.86 -5.49 -9.72
C PRO A 66 -4.17 -5.55 -8.93
N VAL A 67 -4.95 -4.49 -9.05
CA VAL A 67 -6.28 -4.42 -8.51
C VAL A 67 -7.26 -3.94 -9.59
N PRO A 68 -8.44 -4.55 -9.67
CA PRO A 68 -9.49 -4.09 -10.58
C PRO A 68 -10.00 -2.71 -10.15
N LEU A 69 -10.58 -1.98 -11.08
CA LEU A 69 -11.15 -0.67 -10.80
C LEU A 69 -12.30 -0.79 -9.80
N TRP A 70 -12.12 -0.18 -8.67
CA TRP A 70 -13.10 -0.13 -7.62
C TRP A 70 -13.44 1.34 -7.39
N GLY A 71 -14.49 1.61 -6.68
CA GLY A 71 -14.94 2.97 -6.49
C GLY A 71 -14.13 3.74 -5.45
N ASP A 72 -14.81 4.20 -4.44
CA ASP A 72 -14.15 4.96 -3.37
C ASP A 72 -13.50 3.98 -2.40
N ALA A 73 -12.71 4.49 -1.46
CA ALA A 73 -11.92 3.64 -0.56
C ALA A 73 -12.75 2.58 0.20
N ALA A 74 -13.96 2.92 0.58
CA ALA A 74 -14.81 1.97 1.30
C ALA A 74 -15.29 0.86 0.37
N ASP A 75 -15.46 1.21 -0.87
CA ASP A 75 -15.92 0.30 -1.91
C ASP A 75 -14.85 -0.73 -2.22
N TRP A 76 -13.59 -0.31 -2.08
CA TRP A 76 -12.43 -1.16 -2.33
C TRP A 76 -12.41 -2.44 -1.50
N ILE A 77 -12.79 -2.34 -0.23
CA ILE A 77 -12.76 -3.54 0.63
C ILE A 77 -13.79 -4.56 0.15
N GLY A 78 -14.96 -4.06 -0.21
CA GLY A 78 -16.02 -4.90 -0.73
C GLY A 78 -15.69 -5.43 -2.11
N GLY A 79 -15.03 -4.60 -2.88
CA GLY A 79 -14.61 -4.96 -4.21
C GLY A 79 -13.57 -6.05 -4.17
N ALA A 80 -12.70 -5.97 -3.19
CA ALA A 80 -11.66 -6.95 -2.97
C ALA A 80 -12.27 -8.31 -2.73
N LYS A 81 -13.33 -8.36 -1.91
CA LYS A 81 -14.02 -9.59 -1.61
C LYS A 81 -14.58 -10.19 -2.90
N GLY A 82 -15.18 -9.35 -3.71
CA GLY A 82 -15.78 -9.78 -4.95
C GLY A 82 -14.75 -10.25 -5.96
N ALA A 83 -13.54 -9.77 -5.83
CA ALA A 83 -12.46 -10.13 -6.73
C ALA A 83 -11.67 -11.34 -6.20
N GLY A 84 -11.93 -11.71 -4.97
CA GLY A 84 -11.23 -12.82 -4.37
C GLY A 84 -9.90 -12.40 -3.79
N TYR A 85 -9.82 -11.15 -3.42
CA TYR A 85 -8.65 -10.58 -2.83
C TYR A 85 -8.79 -10.65 -1.33
N GLY A 86 -7.69 -10.77 -0.67
CA GLY A 86 -7.70 -10.87 0.76
C GLY A 86 -7.51 -9.53 1.39
N VAL A 87 -8.25 -9.28 2.42
CA VAL A 87 -8.13 -8.04 3.14
C VAL A 87 -7.68 -8.40 4.53
N GLY A 88 -6.77 -7.64 5.07
CA GLY A 88 -6.26 -7.94 6.36
C GLY A 88 -5.90 -6.71 7.12
N ARG A 89 -5.46 -6.91 8.31
CA ARG A 89 -5.08 -5.84 9.21
C ARG A 89 -3.59 -5.98 9.53
N THR A 90 -2.90 -6.77 8.75
CA THR A 90 -1.51 -7.07 8.99
C THR A 90 -0.60 -6.12 8.20
N PRO A 91 0.37 -5.48 8.87
CA PRO A 91 1.27 -4.52 8.25
C PRO A 91 2.27 -5.14 7.26
N LYS A 92 2.14 -4.80 6.00
CA LYS A 92 3.09 -5.23 5.00
C LYS A 92 3.66 -3.98 4.35
N GLN A 93 4.93 -3.99 4.09
CA GLN A 93 5.61 -2.89 3.42
C GLN A 93 5.12 -2.66 2.00
N GLY A 94 4.92 -1.41 1.63
CA GLY A 94 4.62 -1.06 0.26
C GLY A 94 3.18 -1.06 -0.08
N ALA A 95 2.52 -2.09 0.30
CA ALA A 95 1.15 -2.27 -0.03
C ALA A 95 0.28 -1.19 0.58
N CYS A 96 -0.66 -0.71 -0.20
CA CYS A 96 -1.46 0.42 0.16
C CYS A 96 -2.50 0.07 1.21
N VAL A 97 -2.68 0.98 2.14
CA VAL A 97 -3.62 0.84 3.22
C VAL A 97 -4.86 1.63 2.93
N ILE A 98 -5.97 1.07 3.27
CA ILE A 98 -7.25 1.63 3.01
C ILE A 98 -7.94 1.96 4.33
N TRP A 99 -8.37 3.19 4.46
CA TRP A 99 -9.20 3.61 5.56
C TRP A 99 -10.58 3.82 5.04
N GLN A 100 -11.55 3.41 5.81
CA GLN A 100 -12.92 3.53 5.40
C GLN A 100 -13.43 4.93 5.63
N ARG A 101 -14.58 5.18 5.13
CA ARG A 101 -15.15 6.50 5.18
C ARG A 101 -15.89 6.72 6.48
N GLY A 102 -15.38 7.61 7.29
CA GLY A 102 -16.06 7.94 8.52
C GLY A 102 -15.32 7.46 9.74
N VAL A 103 -14.31 6.65 9.52
CA VAL A 103 -13.54 6.11 10.64
C VAL A 103 -12.33 7.00 10.90
N GLN A 104 -11.65 6.76 11.99
CA GLN A 104 -10.45 7.51 12.29
C GLN A 104 -9.38 7.25 11.31
N GLY A 105 -9.02 8.30 10.70
CA GLY A 105 -8.03 8.29 9.64
C GLY A 105 -8.65 8.31 8.26
N GLY A 106 -9.92 8.02 8.18
CA GLY A 106 -10.58 7.95 6.90
C GLY A 106 -11.70 8.95 6.79
N SER A 107 -11.54 9.88 5.86
CA SER A 107 -12.51 10.93 5.60
C SER A 107 -13.88 10.33 5.33
N PRO A 108 -14.97 10.88 5.92
CA PRO A 108 -16.34 10.39 5.70
C PRO A 108 -16.73 10.48 4.22
N GLN A 109 -16.12 11.40 3.52
CA GLN A 109 -16.44 11.62 2.13
C GLN A 109 -15.63 10.73 1.20
N TYR A 110 -14.38 10.46 1.53
CA TYR A 110 -13.51 9.74 0.57
C TYR A 110 -12.95 8.43 1.12
N GLY A 111 -12.79 8.37 2.41
CA GLY A 111 -11.99 7.35 3.01
C GLY A 111 -10.57 7.83 2.95
N HIS A 112 -9.61 6.95 2.85
CA HIS A 112 -8.23 7.37 2.66
C HIS A 112 -7.39 6.19 2.20
N VAL A 113 -6.46 6.45 1.31
CA VAL A 113 -5.52 5.45 0.86
C VAL A 113 -4.12 6.01 1.01
N ALA A 114 -3.25 5.25 1.61
CA ALA A 114 -1.88 5.65 1.79
C ALA A 114 -0.94 4.52 1.43
N PHE A 115 0.30 4.85 1.23
CA PHE A 115 1.31 3.91 0.80
C PHE A 115 2.19 3.60 2.00
N VAL A 116 2.37 2.33 2.32
CA VAL A 116 3.24 1.97 3.41
C VAL A 116 4.68 2.14 2.97
N GLU A 117 5.33 3.09 3.56
CA GLU A 117 6.68 3.44 3.23
C GLU A 117 7.63 2.45 3.90
N LYS A 118 7.42 2.16 5.18
CA LYS A 118 8.29 1.25 5.88
C LYS A 118 7.53 0.64 7.06
N VAL A 119 7.92 -0.53 7.47
CA VAL A 119 7.31 -1.19 8.62
C VAL A 119 8.31 -1.10 9.74
N LEU A 120 7.88 -0.72 10.90
CA LEU A 120 8.81 -0.45 11.96
C LEU A 120 8.62 -1.41 13.11
N ASP A 121 9.75 -1.81 13.71
CA ASP A 121 9.80 -2.76 14.82
C ASP A 121 9.36 -4.11 14.27
N GLY A 122 8.50 -4.83 14.95
CA GLY A 122 7.97 -6.05 14.40
C GLY A 122 6.68 -5.75 13.66
N GLY A 123 6.35 -4.47 13.61
CA GLY A 123 5.16 -4.02 12.98
C GLY A 123 4.24 -3.35 13.95
N LYS A 124 4.80 -2.66 14.96
CA LYS A 124 3.98 -1.94 15.87
C LYS A 124 3.59 -0.60 15.25
N LYS A 125 4.46 -0.13 14.38
CA LYS A 125 4.24 1.04 13.62
C LYS A 125 4.49 0.76 12.18
N ILE A 126 3.93 1.58 11.39
CA ILE A 126 4.15 1.61 9.98
C ILE A 126 4.38 3.05 9.63
N PHE A 127 5.23 3.29 8.73
CA PHE A 127 5.50 4.62 8.32
C PHE A 127 4.89 4.74 6.95
N ILE A 128 4.03 5.70 6.74
CA ILE A 128 3.36 5.79 5.47
C ILE A 128 3.73 7.04 4.73
N SER A 129 3.63 6.96 3.45
CA SER A 129 3.84 8.05 2.58
C SER A 129 2.64 8.13 1.65
N GLU A 130 2.59 9.18 0.83
CA GLU A 130 1.46 9.45 -0.11
C GLU A 130 0.19 9.77 0.68
N HIS A 131 0.40 10.02 1.96
CA HIS A 131 -0.64 10.33 2.90
C HIS A 131 -1.09 11.76 2.69
N ASN A 132 -0.10 12.64 2.52
CA ASN A 132 -0.30 14.09 2.36
C ASN A 132 -0.82 14.65 3.67
N TYR A 133 0.07 15.22 4.43
CA TYR A 133 -0.27 15.64 5.75
C TYR A 133 -0.42 17.14 5.78
N ALA A 134 -1.58 17.59 6.28
CA ALA A 134 -1.92 18.99 6.45
C ALA A 134 -2.26 19.67 5.12
N THR A 135 -1.28 19.75 4.26
CA THR A 135 -1.40 20.41 3.00
C THR A 135 -2.07 19.46 1.97
N PRO A 136 -3.09 19.95 1.23
CA PRO A 136 -3.69 19.18 0.14
C PRO A 136 -2.67 18.96 -0.96
N ASN A 137 -2.51 17.72 -1.39
CA ASN A 137 -1.52 17.30 -2.43
C ASN A 137 -0.07 17.60 -1.95
N GLY A 138 0.08 17.87 -0.68
CA GLY A 138 1.37 18.15 -0.13
C GLY A 138 1.97 16.87 0.36
N TYR A 139 3.10 16.53 -0.17
CA TYR A 139 3.69 15.26 0.14
C TYR A 139 4.23 15.27 1.54
N GLY A 140 3.74 14.35 2.32
CA GLY A 140 4.09 14.28 3.69
C GLY A 140 3.89 12.90 4.18
N THR A 141 4.55 12.57 5.23
CA THR A 141 4.53 11.26 5.79
C THR A 141 4.06 11.32 7.22
N ARG A 142 3.59 10.20 7.74
CA ARG A 142 3.20 10.10 9.12
C ARG A 142 3.35 8.66 9.55
N THR A 143 3.67 8.44 10.78
CA THR A 143 3.81 7.11 11.28
C THR A 143 2.48 6.68 11.88
N ILE A 144 2.07 5.50 11.57
CA ILE A 144 0.83 4.99 12.05
C ILE A 144 1.14 3.91 13.05
N ASP A 145 0.63 4.05 14.23
CA ASP A 145 0.78 3.04 15.23
C ASP A 145 -0.37 2.10 15.13
N MET A 146 -0.07 0.84 15.00
CA MET A 146 -1.07 -0.21 14.85
C MET A 146 -1.84 -0.40 16.16
N SER A 147 -1.36 0.25 17.21
CA SER A 147 -1.98 0.24 18.49
C SER A 147 -3.03 1.38 18.59
N SER A 148 -2.91 2.35 17.71
CA SER A 148 -3.79 3.49 17.68
C SER A 148 -5.05 3.16 16.86
N ALA A 149 -6.08 4.00 16.98
CA ALA A 149 -7.32 3.84 16.24
C ALA A 149 -7.05 3.92 14.74
N ILE A 150 -6.14 4.81 14.38
CA ILE A 150 -5.75 4.99 12.97
C ILE A 150 -5.18 3.67 12.45
N GLY A 151 -4.32 3.05 13.26
CA GLY A 151 -3.69 1.80 12.90
C GLY A 151 -4.67 0.67 12.81
N LYS A 152 -5.63 0.63 13.71
CA LYS A 152 -6.65 -0.42 13.73
C LYS A 152 -7.59 -0.30 12.54
N ASN A 153 -7.74 0.91 12.03
CA ASN A 153 -8.64 1.14 10.92
C ASN A 153 -7.92 0.99 9.59
N ALA A 154 -6.61 0.86 9.66
CA ALA A 154 -5.82 0.67 8.49
C ALA A 154 -6.00 -0.74 7.99
N GLN A 155 -6.53 -0.89 6.81
CA GLN A 155 -6.77 -2.19 6.29
C GLN A 155 -5.97 -2.37 5.04
N PHE A 156 -5.48 -3.52 4.90
CA PHE A 156 -4.59 -3.86 3.84
C PHE A 156 -5.29 -4.75 2.85
N ILE A 157 -5.09 -4.51 1.58
CA ILE A 157 -5.67 -5.34 0.56
C ILE A 157 -4.56 -6.08 -0.13
N TYR A 158 -4.63 -7.36 -0.07
CA TYR A 158 -3.63 -8.23 -0.61
C TYR A 158 -4.12 -8.74 -1.93
N ASP A 159 -3.23 -8.86 -2.87
CA ASP A 159 -3.58 -9.37 -4.17
C ASP A 159 -3.25 -10.83 -4.19
N LYS A 160 -3.96 -11.56 -5.00
CA LYS A 160 -3.85 -13.01 -5.04
C LYS A 160 -2.58 -13.44 -5.75
N LYS A 161 -2.37 -14.73 -5.81
CA LYS A 161 -1.19 -15.23 -6.47
C LYS A 161 -1.37 -15.08 -7.96
N LYS A 162 -0.35 -14.66 -8.60
CA LYS A 162 -0.40 -14.27 -9.99
C LYS A 162 0.81 -14.80 -10.71
N ASN A 163 1.44 -15.75 -10.07
CA ASN A 163 2.66 -16.35 -10.56
C ASN A 163 2.27 -17.18 -11.78
N SER A 164 1.13 -17.80 -11.66
CA SER A 164 0.45 -18.45 -12.73
C SER A 164 -0.91 -17.79 -12.81
N SER A 165 -0.98 -16.71 -13.52
CA SER A 165 -2.16 -15.91 -13.57
C SER A 165 -3.17 -16.47 -14.56
N SER A 166 -2.87 -16.38 -15.87
CA SER A 166 -3.79 -16.77 -16.95
C SER A 166 -5.02 -15.83 -16.95
N VAL A 167 -5.93 -16.02 -17.87
CA VAL A 167 -7.12 -15.18 -17.88
C VAL A 167 -8.13 -15.70 -16.89
N ASP A 168 -8.40 -14.92 -15.91
CA ASP A 168 -9.32 -15.28 -14.84
C ASP A 168 -10.77 -15.19 -15.31
N LYS A 169 -11.66 -15.77 -14.53
CA LYS A 169 -13.07 -15.78 -14.82
C LYS A 169 -13.62 -14.36 -14.79
N LEU A 170 -13.13 -13.56 -13.84
CA LEU A 170 -13.53 -12.17 -13.71
C LEU A 170 -12.89 -11.31 -14.78
N ALA A 171 -11.71 -11.72 -15.21
CA ALA A 171 -10.98 -11.02 -16.25
C ALA A 171 -11.72 -11.12 -17.56
N ALA A 172 -12.19 -12.33 -17.86
CA ALA A 172 -13.01 -12.57 -19.03
C ALA A 172 -14.40 -11.97 -18.80
N ALA A 173 -14.73 -11.83 -17.50
CA ALA A 173 -15.99 -11.27 -16.98
C ALA A 173 -17.10 -12.29 -17.01
N LEU A 174 -17.94 -12.22 -16.01
CA LEU A 174 -19.07 -13.12 -15.89
C LEU A 174 -20.08 -12.71 -16.92
N GLU A 175 -20.28 -11.42 -16.98
CA GLU A 175 -21.12 -10.83 -17.96
C GLU A 175 -20.40 -10.88 -19.31
N HIS A 176 -21.09 -11.27 -20.32
CA HIS A 176 -20.50 -11.42 -21.64
C HIS A 176 -21.55 -11.20 -22.71
N MET A 1 37.22 -4.81 2.70
CA MET A 1 36.04 -4.64 3.53
C MET A 1 36.48 -4.73 4.97
N GLU A 2 36.49 -3.61 5.63
CA GLU A 2 37.02 -3.53 6.95
C GLU A 2 35.88 -3.40 7.94
N GLN A 3 35.90 -4.26 8.94
CA GLN A 3 34.89 -4.23 9.96
C GLN A 3 35.43 -3.55 11.20
N SER A 4 34.59 -2.88 11.91
CA SER A 4 34.96 -2.19 13.11
C SER A 4 33.77 -2.21 14.06
N SER A 5 34.02 -1.91 15.30
CA SER A 5 32.99 -1.87 16.30
C SER A 5 32.30 -0.50 16.30
N GLY A 6 32.72 0.36 15.37
CA GLY A 6 32.12 1.67 15.21
C GLY A 6 30.65 1.57 14.88
N ASP A 7 30.32 0.73 13.93
CA ASP A 7 28.93 0.51 13.59
C ASP A 7 28.38 -0.64 14.41
N LYS A 8 27.52 -0.30 15.33
CA LYS A 8 26.88 -1.25 16.18
C LYS A 8 25.38 -1.02 16.09
N ASP A 9 24.60 -1.88 16.67
CA ASP A 9 23.16 -1.70 16.63
C ASP A 9 22.72 -0.96 17.85
N GLY A 10 21.87 0.00 17.65
CA GLY A 10 21.36 0.75 18.74
C GLY A 10 19.88 0.87 18.66
N GLY A 11 19.24 -0.17 18.19
CA GLY A 11 17.82 -0.14 18.08
C GLY A 11 17.31 -1.08 17.06
N SER A 12 17.44 -0.70 15.83
CA SER A 12 16.95 -1.46 14.76
C SER A 12 17.75 -1.21 13.48
N ASP A 13 18.67 -2.11 13.19
CA ASP A 13 19.54 -1.97 11.98
C ASP A 13 18.74 -1.98 10.68
N SER A 14 17.60 -2.64 10.69
CA SER A 14 16.76 -2.71 9.52
C SER A 14 15.64 -1.69 9.60
N GLY A 15 15.75 -0.78 10.57
CA GLY A 15 14.76 0.25 10.78
C GLY A 15 13.50 -0.29 11.44
N GLY A 16 13.64 -1.44 12.01
CA GLY A 16 12.55 -2.10 12.64
C GLY A 16 12.32 -3.37 11.92
N ALA A 17 11.65 -3.28 10.82
CA ALA A 17 11.45 -4.40 9.98
C ALA A 17 11.63 -3.98 8.54
N GLN A 18 12.45 -4.69 7.83
CA GLN A 18 12.56 -4.55 6.39
C GLN A 18 12.10 -5.85 5.78
N ASP A 19 11.76 -6.75 6.69
CA ASP A 19 11.26 -8.09 6.43
C ASP A 19 9.79 -8.12 6.75
N GLY A 20 9.20 -6.94 6.95
CA GLY A 20 7.83 -6.81 7.44
C GLY A 20 6.74 -7.30 6.47
N GLY A 21 6.68 -8.59 6.28
CA GLY A 21 5.66 -9.22 5.51
C GLY A 21 5.83 -9.07 4.01
N SER A 22 5.68 -7.83 3.54
CA SER A 22 5.70 -7.48 2.11
C SER A 22 4.72 -8.36 1.31
N LEU A 23 4.96 -8.54 0.04
CA LEU A 23 4.12 -9.35 -0.81
C LEU A 23 5.00 -10.25 -1.64
N ASP A 24 4.39 -11.15 -2.37
CA ASP A 24 5.13 -12.08 -3.23
C ASP A 24 5.78 -11.33 -4.37
N SER A 25 5.12 -10.32 -4.86
CA SER A 25 5.64 -9.48 -5.90
C SER A 25 6.87 -8.67 -5.43
N LEU A 26 6.84 -8.31 -4.18
CA LEU A 26 7.84 -7.45 -3.57
C LEU A 26 9.18 -8.13 -3.30
N LYS A 27 9.17 -9.46 -3.23
CA LYS A 27 10.39 -10.22 -2.95
C LYS A 27 11.48 -9.96 -4.01
N LYS A 28 11.06 -9.71 -5.26
CA LYS A 28 12.01 -9.40 -6.36
C LYS A 28 12.79 -8.10 -6.08
N TYR A 29 12.31 -7.30 -5.13
CA TYR A 29 12.95 -6.06 -4.73
C TYR A 29 13.62 -6.23 -3.37
N ASN A 30 13.76 -7.50 -2.95
CA ASN A 30 14.35 -7.90 -1.65
C ASN A 30 13.50 -7.31 -0.50
N GLY A 31 12.22 -7.17 -0.78
CA GLY A 31 11.31 -6.63 0.21
C GLY A 31 11.41 -5.12 0.34
N LYS A 32 12.24 -4.51 -0.50
CA LYS A 32 12.34 -3.08 -0.52
C LYS A 32 11.21 -2.57 -1.40
N LEU A 33 10.72 -1.40 -1.15
CA LEU A 33 9.65 -0.94 -1.94
C LEU A 33 10.09 -0.32 -3.25
N PRO A 34 9.32 -0.58 -4.30
CA PRO A 34 9.54 -0.01 -5.61
C PRO A 34 9.33 1.52 -5.60
N LYS A 35 10.01 2.20 -6.50
CA LYS A 35 9.98 3.65 -6.54
C LYS A 35 8.70 4.18 -7.17
N HIS A 36 8.29 5.35 -6.70
CA HIS A 36 7.13 6.02 -7.21
C HIS A 36 7.43 6.61 -8.58
N ASP A 37 6.65 6.22 -9.53
CA ASP A 37 6.78 6.76 -10.85
C ASP A 37 5.48 7.45 -11.20
N PRO A 38 5.46 8.79 -11.22
CA PRO A 38 4.22 9.57 -11.45
C PRO A 38 3.74 9.49 -12.88
N SER A 39 4.64 9.15 -13.74
CA SER A 39 4.42 9.05 -15.14
C SER A 39 3.75 7.71 -15.50
N PHE A 40 3.82 6.76 -14.57
CA PHE A 40 3.23 5.45 -14.74
C PHE A 40 1.72 5.57 -14.87
N VAL A 41 1.16 4.81 -15.78
CA VAL A 41 -0.25 4.82 -16.00
C VAL A 41 -0.90 3.82 -15.04
N GLN A 42 -1.72 4.33 -14.20
CA GLN A 42 -2.35 3.55 -13.16
C GLN A 42 -3.56 2.80 -13.71
N PRO A 43 -3.80 1.59 -13.21
CA PRO A 43 -4.94 0.76 -13.61
C PRO A 43 -6.29 1.32 -13.14
N GLY A 44 -6.28 2.45 -12.45
CA GLY A 44 -7.49 3.01 -11.95
C GLY A 44 -7.77 4.40 -12.43
N ASN A 45 -7.07 4.83 -13.45
CA ASN A 45 -7.21 6.19 -13.94
C ASN A 45 -8.48 6.44 -14.73
N ARG A 46 -9.18 5.39 -15.05
CA ARG A 46 -10.36 5.48 -15.91
C ARG A 46 -11.55 6.22 -15.29
N HIS A 47 -12.00 5.79 -14.12
CA HIS A 47 -13.22 6.36 -13.54
C HIS A 47 -12.99 7.60 -12.73
N TYR A 48 -12.79 7.38 -11.49
CA TYR A 48 -12.60 8.40 -10.54
C TYR A 48 -11.17 8.89 -10.53
N LYS A 49 -10.97 9.97 -11.24
CA LYS A 49 -9.65 10.55 -11.43
C LYS A 49 -9.34 11.56 -10.34
N TYR A 50 -10.33 11.87 -9.53
CA TYR A 50 -10.19 12.79 -8.43
C TYR A 50 -10.76 12.17 -7.18
N GLN A 51 -9.94 11.42 -6.48
CA GLN A 51 -10.34 10.77 -5.26
C GLN A 51 -9.05 10.39 -4.53
N CYS A 52 -9.11 10.25 -3.21
CA CYS A 52 -7.94 9.82 -2.42
C CYS A 52 -7.47 8.46 -2.92
N THR A 53 -8.44 7.66 -3.22
CA THR A 53 -8.30 6.35 -3.73
C THR A 53 -7.57 6.33 -5.11
N TRP A 54 -7.70 7.40 -5.90
CA TRP A 54 -7.03 7.49 -7.22
C TRP A 54 -5.51 7.41 -7.01
N TYR A 55 -5.05 8.03 -5.94
CA TYR A 55 -3.66 7.99 -5.54
C TYR A 55 -3.28 6.58 -5.11
N ALA A 56 -4.24 5.89 -4.52
CA ALA A 56 -4.03 4.51 -4.12
C ALA A 56 -3.82 3.62 -5.34
N TYR A 57 -4.58 3.85 -6.42
CA TYR A 57 -4.42 3.06 -7.66
C TYR A 57 -3.04 3.22 -8.25
N ASN A 58 -2.52 4.44 -8.26
CA ASN A 58 -1.16 4.70 -8.76
C ASN A 58 -0.13 4.01 -7.90
N ARG A 59 -0.28 4.14 -6.60
CA ARG A 59 0.64 3.54 -5.66
C ARG A 59 0.52 2.02 -5.60
N ARG A 60 -0.63 1.53 -5.99
CA ARG A 60 -0.85 0.11 -6.10
C ARG A 60 -0.07 -0.38 -7.34
N GLY A 61 -0.02 0.48 -8.35
CA GLY A 61 0.72 0.20 -9.56
C GLY A 61 2.21 0.40 -9.35
N GLN A 62 2.55 1.23 -8.37
CA GLN A 62 3.93 1.48 -7.96
C GLN A 62 4.55 0.16 -7.53
N LEU A 63 3.74 -0.63 -6.87
CA LEU A 63 4.13 -1.93 -6.35
C LEU A 63 4.04 -3.02 -7.41
N GLY A 64 3.64 -2.63 -8.60
CA GLY A 64 3.54 -3.55 -9.72
C GLY A 64 2.39 -4.52 -9.56
N ILE A 65 1.37 -4.12 -8.83
CA ILE A 65 0.22 -4.96 -8.63
C ILE A 65 -1.08 -4.22 -9.00
N PRO A 66 -1.64 -4.49 -10.18
CA PRO A 66 -2.86 -3.83 -10.63
C PRO A 66 -4.13 -4.41 -10.01
N VAL A 67 -5.12 -3.56 -9.82
CA VAL A 67 -6.41 -3.95 -9.31
C VAL A 67 -7.49 -3.39 -10.22
N PRO A 68 -8.66 -4.04 -10.29
CA PRO A 68 -9.81 -3.53 -11.02
C PRO A 68 -10.30 -2.21 -10.43
N LEU A 69 -10.97 -1.42 -11.23
CA LEU A 69 -11.53 -0.18 -10.77
C LEU A 69 -12.75 -0.39 -9.91
N TRP A 70 -12.65 0.08 -8.71
CA TRP A 70 -13.69 0.06 -7.75
C TRP A 70 -14.13 1.52 -7.51
N GLY A 71 -15.27 1.70 -6.89
CA GLY A 71 -15.82 3.05 -6.76
C GLY A 71 -15.17 3.91 -5.70
N ASP A 72 -15.23 3.48 -4.48
CA ASP A 72 -14.74 4.24 -3.34
C ASP A 72 -13.72 3.43 -2.60
N ALA A 73 -13.06 4.06 -1.64
CA ALA A 73 -12.07 3.38 -0.81
C ALA A 73 -12.74 2.28 0.00
N ALA A 74 -13.95 2.54 0.45
CA ALA A 74 -14.73 1.57 1.21
C ALA A 74 -15.16 0.42 0.30
N ASP A 75 -15.34 0.75 -0.96
CA ASP A 75 -15.78 -0.20 -2.00
C ASP A 75 -14.67 -1.22 -2.27
N TRP A 76 -13.42 -0.77 -2.10
CA TRP A 76 -12.22 -1.60 -2.32
C TRP A 76 -12.23 -2.87 -1.48
N ILE A 77 -12.70 -2.79 -0.25
CA ILE A 77 -12.68 -3.96 0.64
C ILE A 77 -13.63 -5.04 0.10
N GLY A 78 -14.78 -4.60 -0.36
CA GLY A 78 -15.77 -5.50 -0.93
C GLY A 78 -15.31 -6.02 -2.27
N GLY A 79 -14.74 -5.13 -3.06
CA GLY A 79 -14.27 -5.47 -4.38
C GLY A 79 -13.13 -6.45 -4.34
N ALA A 80 -12.27 -6.31 -3.35
CA ALA A 80 -11.13 -7.18 -3.16
C ALA A 80 -11.58 -8.61 -2.97
N LYS A 81 -12.64 -8.80 -2.16
CA LYS A 81 -13.18 -10.10 -1.88
C LYS A 81 -13.62 -10.77 -3.19
N GLY A 82 -14.31 -10.00 -4.01
CA GLY A 82 -14.85 -10.51 -5.27
C GLY A 82 -13.79 -10.75 -6.32
N ALA A 83 -12.65 -10.10 -6.18
CA ALA A 83 -11.56 -10.26 -7.12
C ALA A 83 -10.58 -11.32 -6.65
N GLY A 84 -10.80 -11.83 -5.46
CA GLY A 84 -9.96 -12.89 -4.93
C GLY A 84 -8.75 -12.36 -4.20
N TYR A 85 -8.77 -11.09 -3.85
CA TYR A 85 -7.67 -10.49 -3.13
C TYR A 85 -7.90 -10.67 -1.65
N GLY A 86 -6.84 -10.63 -0.90
CA GLY A 86 -6.97 -10.88 0.51
C GLY A 86 -7.06 -9.61 1.28
N VAL A 87 -7.81 -9.62 2.34
CA VAL A 87 -7.93 -8.46 3.17
C VAL A 87 -7.71 -8.90 4.60
N GLY A 88 -6.98 -8.10 5.33
CA GLY A 88 -6.67 -8.40 6.69
C GLY A 88 -6.18 -7.18 7.37
N ARG A 89 -5.88 -7.28 8.62
CA ARG A 89 -5.38 -6.15 9.36
C ARG A 89 -3.95 -6.39 9.82
N THR A 90 -3.19 -7.10 9.03
CA THR A 90 -1.82 -7.36 9.39
C THR A 90 -0.89 -6.46 8.59
N PRO A 91 0.02 -5.74 9.27
CA PRO A 91 0.94 -4.84 8.62
C PRO A 91 1.95 -5.52 7.70
N LYS A 92 1.84 -5.22 6.42
CA LYS A 92 2.81 -5.68 5.47
C LYS A 92 3.35 -4.45 4.77
N GLN A 93 4.64 -4.43 4.53
CA GLN A 93 5.26 -3.34 3.79
C GLN A 93 4.74 -3.22 2.37
N GLY A 94 4.47 -2.01 1.96
CA GLY A 94 4.10 -1.77 0.60
C GLY A 94 2.65 -1.59 0.42
N ALA A 95 1.93 -2.55 0.83
CA ALA A 95 0.53 -2.63 0.58
C ALA A 95 -0.26 -1.48 1.20
N CYS A 96 -1.23 -1.03 0.48
CA CYS A 96 -2.01 0.12 0.86
C CYS A 96 -2.99 -0.20 1.99
N VAL A 97 -3.14 0.76 2.87
CA VAL A 97 -4.06 0.66 3.97
C VAL A 97 -5.30 1.45 3.66
N ILE A 98 -6.39 0.80 3.83
CA ILE A 98 -7.66 1.36 3.51
C ILE A 98 -8.42 1.68 4.79
N TRP A 99 -8.71 2.92 4.99
CA TRP A 99 -9.57 3.32 6.06
C TRP A 99 -10.94 3.52 5.46
N GLN A 100 -11.95 3.05 6.15
CA GLN A 100 -13.28 3.15 5.65
C GLN A 100 -13.82 4.57 5.80
N ARG A 101 -14.98 4.80 5.26
CA ARG A 101 -15.53 6.12 5.26
C ARG A 101 -16.38 6.32 6.49
N GLY A 102 -15.80 6.93 7.50
CA GLY A 102 -16.53 7.17 8.73
C GLY A 102 -15.92 6.43 9.89
N VAL A 103 -14.61 6.42 9.96
CA VAL A 103 -13.88 5.76 11.03
C VAL A 103 -12.75 6.68 11.46
N GLN A 104 -12.10 6.41 12.56
CA GLN A 104 -10.97 7.19 12.94
C GLN A 104 -9.82 6.93 12.05
N GLY A 105 -9.48 7.94 11.38
CA GLY A 105 -8.45 7.88 10.38
C GLY A 105 -9.02 7.82 8.97
N GLY A 106 -10.33 7.69 8.87
CA GLY A 106 -10.98 7.59 7.58
C GLY A 106 -12.20 8.49 7.51
N SER A 107 -12.05 9.57 6.78
CA SER A 107 -13.09 10.58 6.63
C SER A 107 -14.41 10.01 6.07
N PRO A 108 -15.58 10.48 6.58
CA PRO A 108 -16.90 9.90 6.23
C PRO A 108 -17.27 9.96 4.75
N GLN A 109 -16.95 11.04 4.08
CA GLN A 109 -17.26 11.15 2.67
C GLN A 109 -16.10 10.72 1.78
N TYR A 110 -14.89 10.97 2.21
CA TYR A 110 -13.73 10.72 1.35
C TYR A 110 -13.06 9.39 1.58
N GLY A 111 -13.15 8.87 2.77
CA GLY A 111 -12.38 7.70 3.11
C GLY A 111 -10.93 8.11 3.24
N HIS A 112 -10.02 7.16 3.25
CA HIS A 112 -8.61 7.50 3.33
C HIS A 112 -7.77 6.27 3.02
N VAL A 113 -6.91 6.39 2.04
CA VAL A 113 -5.99 5.33 1.71
C VAL A 113 -4.57 5.85 1.84
N ALA A 114 -3.72 5.10 2.47
CA ALA A 114 -2.33 5.46 2.60
C ALA A 114 -1.47 4.31 2.14
N PHE A 115 -0.23 4.60 1.88
CA PHE A 115 0.69 3.60 1.38
C PHE A 115 1.67 3.26 2.48
N VAL A 116 1.75 1.99 2.83
CA VAL A 116 2.67 1.57 3.86
C VAL A 116 4.06 1.51 3.31
N GLU A 117 4.89 2.35 3.79
CA GLU A 117 6.26 2.39 3.39
C GLU A 117 7.03 1.33 4.16
N LYS A 118 6.84 1.28 5.47
CA LYS A 118 7.60 0.36 6.25
C LYS A 118 6.84 -0.09 7.48
N VAL A 119 7.15 -1.26 7.96
CA VAL A 119 6.61 -1.76 9.20
C VAL A 119 7.67 -1.53 10.26
N LEU A 120 7.33 -0.82 11.28
CA LEU A 120 8.30 -0.42 12.26
C LEU A 120 8.21 -1.26 13.50
N ASP A 121 9.37 -1.46 14.11
CA ASP A 121 9.59 -2.27 15.34
C ASP A 121 9.40 -3.76 15.11
N GLY A 122 8.43 -4.06 14.31
CA GLY A 122 8.05 -5.39 14.02
C GLY A 122 6.62 -5.36 13.63
N GLY A 123 5.90 -4.35 14.13
CA GLY A 123 4.53 -4.16 13.73
C GLY A 123 3.77 -3.42 14.73
N LYS A 124 4.46 -2.52 15.35
CA LYS A 124 3.91 -1.72 16.36
C LYS A 124 3.40 -0.48 15.73
N LYS A 125 4.17 -0.02 14.83
CA LYS A 125 3.91 1.20 14.14
C LYS A 125 4.10 0.93 12.68
N ILE A 126 3.43 1.66 11.86
CA ILE A 126 3.62 1.57 10.45
C ILE A 126 4.04 2.91 9.95
N PHE A 127 4.92 2.91 9.02
CA PHE A 127 5.39 4.12 8.45
C PHE A 127 4.77 4.21 7.10
N ILE A 128 4.08 5.26 6.83
CA ILE A 128 3.42 5.40 5.57
C ILE A 128 4.07 6.50 4.79
N SER A 129 3.87 6.47 3.51
CA SER A 129 4.33 7.49 2.66
C SER A 129 3.16 7.87 1.78
N GLU A 130 3.16 9.07 1.33
CA GLU A 130 2.09 9.58 0.53
C GLU A 130 2.68 10.16 -0.71
N HIS A 131 2.17 9.76 -1.82
CA HIS A 131 2.65 10.24 -3.08
C HIS A 131 1.54 10.93 -3.83
N ASN A 132 1.93 11.89 -4.63
CA ASN A 132 1.06 12.74 -5.42
C ASN A 132 1.94 13.63 -6.22
N TYR A 133 1.41 14.66 -6.82
CA TYR A 133 2.21 15.56 -7.56
C TYR A 133 2.15 16.94 -6.94
N ALA A 134 3.21 17.28 -6.21
CA ALA A 134 3.44 18.63 -5.69
C ALA A 134 2.36 19.12 -4.71
N THR A 135 1.65 18.23 -4.09
CA THR A 135 0.60 18.62 -3.18
C THR A 135 1.15 18.72 -1.74
N PRO A 136 1.19 19.95 -1.16
CA PRO A 136 1.71 20.17 0.19
C PRO A 136 0.78 19.55 1.25
N ASN A 137 1.39 19.06 2.33
CA ASN A 137 0.71 18.35 3.45
C ASN A 137 0.24 16.96 3.03
N GLY A 138 -0.32 16.88 1.84
CA GLY A 138 -0.73 15.62 1.30
C GLY A 138 0.46 14.74 1.03
N TYR A 139 1.53 15.31 0.52
CA TYR A 139 2.73 14.56 0.24
C TYR A 139 3.62 14.60 1.48
N GLY A 140 3.97 13.44 1.99
CA GLY A 140 4.81 13.36 3.14
C GLY A 140 4.78 11.99 3.73
N THR A 141 5.45 11.81 4.83
CA THR A 141 5.52 10.53 5.49
C THR A 141 5.01 10.65 6.91
N ARG A 142 4.36 9.63 7.41
CA ARG A 142 3.83 9.68 8.75
C ARG A 142 3.84 8.29 9.36
N THR A 143 3.96 8.22 10.66
CA THR A 143 3.96 6.97 11.36
C THR A 143 2.66 6.81 12.18
N ILE A 144 1.99 5.69 11.98
CA ILE A 144 0.76 5.39 12.69
C ILE A 144 1.00 4.21 13.60
N ASP A 145 0.58 4.32 14.83
CA ASP A 145 0.69 3.27 15.79
C ASP A 145 -0.46 2.32 15.61
N MET A 146 -0.17 1.06 15.43
CA MET A 146 -1.18 0.01 15.21
C MET A 146 -2.11 -0.12 16.42
N SER A 147 -1.69 0.42 17.55
CA SER A 147 -2.40 0.37 18.76
C SER A 147 -3.47 1.48 18.88
N SER A 148 -3.41 2.51 18.02
CA SER A 148 -4.35 3.60 18.12
C SER A 148 -5.63 3.25 17.40
N ALA A 149 -6.66 4.10 17.52
CA ALA A 149 -7.91 3.92 16.80
C ALA A 149 -7.62 3.95 15.31
N ILE A 150 -6.70 4.81 14.94
CA ILE A 150 -6.26 4.98 13.56
C ILE A 150 -5.68 3.66 13.06
N GLY A 151 -4.80 3.06 13.85
CA GLY A 151 -4.18 1.81 13.49
C GLY A 151 -5.16 0.66 13.45
N LYS A 152 -6.11 0.66 14.37
CA LYS A 152 -7.12 -0.40 14.45
C LYS A 152 -8.12 -0.32 13.29
N ASN A 153 -8.18 0.81 12.65
CA ASN A 153 -9.07 0.99 11.51
C ASN A 153 -8.38 0.72 10.21
N ALA A 154 -7.08 0.61 10.25
CA ALA A 154 -6.32 0.37 9.05
C ALA A 154 -6.50 -1.06 8.58
N GLN A 155 -6.95 -1.23 7.36
CA GLN A 155 -7.10 -2.54 6.78
C GLN A 155 -6.21 -2.63 5.59
N PHE A 156 -5.66 -3.75 5.43
CA PHE A 156 -4.67 -4.01 4.41
C PHE A 156 -5.25 -4.92 3.35
N ILE A 157 -4.97 -4.61 2.11
CA ILE A 157 -5.41 -5.47 1.04
C ILE A 157 -4.20 -6.09 0.39
N TYR A 158 -4.16 -7.38 0.44
CA TYR A 158 -3.06 -8.17 -0.04
C TYR A 158 -3.35 -8.56 -1.47
N ASP A 159 -2.35 -8.56 -2.29
CA ASP A 159 -2.56 -8.85 -3.69
C ASP A 159 -2.18 -10.30 -3.94
N LYS A 160 -2.98 -10.98 -4.72
CA LYS A 160 -2.75 -12.37 -5.02
C LYS A 160 -2.01 -12.46 -6.35
N LYS A 161 -1.66 -13.66 -6.75
CA LYS A 161 -1.03 -13.82 -8.04
C LYS A 161 -2.09 -13.62 -9.10
N LYS A 162 -1.71 -13.15 -10.24
CA LYS A 162 -2.66 -12.92 -11.25
C LYS A 162 -2.89 -14.23 -11.95
N ASN A 163 -4.10 -14.70 -11.89
CA ASN A 163 -4.45 -15.95 -12.53
C ASN A 163 -4.81 -15.71 -13.97
N SER A 164 -5.45 -14.57 -14.23
CA SER A 164 -5.83 -14.20 -15.59
C SER A 164 -4.58 -13.83 -16.41
N SER A 165 -3.58 -13.33 -15.72
CA SER A 165 -2.34 -12.98 -16.33
C SER A 165 -1.23 -13.68 -15.55
N SER A 166 -1.03 -14.93 -15.85
CA SER A 166 -0.11 -15.71 -15.09
C SER A 166 1.05 -16.16 -15.96
N VAL A 167 1.91 -16.98 -15.38
CA VAL A 167 3.08 -17.48 -16.04
C VAL A 167 2.69 -18.41 -17.16
N ASP A 168 3.11 -18.07 -18.33
CA ASP A 168 2.80 -18.81 -19.53
C ASP A 168 4.04 -19.51 -20.02
N LYS A 169 3.93 -20.09 -21.18
CA LYS A 169 5.02 -20.83 -21.80
C LYS A 169 6.16 -19.91 -22.13
N LEU A 170 5.84 -18.74 -22.62
CA LEU A 170 6.85 -17.80 -23.06
C LEU A 170 7.54 -17.14 -21.90
N ALA A 171 6.83 -16.99 -20.79
CA ALA A 171 7.41 -16.40 -19.60
C ALA A 171 8.41 -17.35 -18.93
N ALA A 172 8.05 -18.61 -18.83
CA ALA A 172 8.85 -19.56 -18.10
C ALA A 172 9.83 -20.33 -18.98
N ALA A 173 9.45 -20.60 -20.20
CA ALA A 173 10.28 -21.42 -21.05
C ALA A 173 11.00 -20.59 -22.09
N LEU A 174 11.90 -21.22 -22.79
CA LEU A 174 12.72 -20.56 -23.81
C LEU A 174 12.05 -20.71 -25.14
N GLU A 175 11.33 -21.78 -25.24
CA GLU A 175 10.58 -22.14 -26.43
C GLU A 175 9.48 -21.11 -26.74
N HIS A 176 9.21 -20.92 -28.00
CA HIS A 176 8.14 -20.04 -28.45
C HIS A 176 7.09 -20.82 -29.20
N MET A 1 17.30 22.45 13.46
CA MET A 1 18.65 22.60 12.92
C MET A 1 19.23 21.27 12.48
N GLU A 2 19.24 20.28 13.36
CA GLU A 2 19.85 19.01 13.06
C GLU A 2 18.97 18.09 12.22
N GLN A 3 17.70 18.45 12.08
CA GLN A 3 16.78 17.64 11.28
C GLN A 3 17.08 17.79 9.78
N SER A 4 17.76 18.87 9.42
CA SER A 4 18.17 19.07 8.04
C SER A 4 19.57 18.50 7.80
N SER A 5 20.19 18.01 8.87
CA SER A 5 21.48 17.41 8.78
C SER A 5 21.28 15.93 8.45
N GLY A 6 20.55 15.24 9.31
CA GLY A 6 20.22 13.87 9.06
C GLY A 6 19.08 13.79 8.07
N ASP A 7 19.34 13.27 6.90
CA ASP A 7 18.36 13.18 5.82
C ASP A 7 17.14 12.37 6.21
N LYS A 8 16.00 13.07 6.32
CA LYS A 8 14.72 12.45 6.61
C LYS A 8 14.42 11.34 5.59
N ASP A 9 13.91 10.25 6.07
CA ASP A 9 13.65 9.08 5.24
C ASP A 9 12.64 8.20 5.88
N GLY A 10 12.97 7.85 7.05
CA GLY A 10 12.17 6.98 7.85
C GLY A 10 13.01 5.87 8.43
N GLY A 11 14.02 5.47 7.69
CA GLY A 11 14.93 4.44 8.15
C GLY A 11 16.31 4.98 8.36
N SER A 12 16.37 6.25 8.66
CA SER A 12 17.62 6.94 8.86
C SER A 12 17.68 7.59 10.24
N ASP A 13 16.65 7.36 11.04
CA ASP A 13 16.50 8.01 12.33
C ASP A 13 17.11 7.17 13.44
N SER A 14 17.54 5.97 13.07
CA SER A 14 18.17 4.98 13.96
C SER A 14 17.14 4.28 14.90
N GLY A 15 16.11 4.98 15.29
CA GLY A 15 15.12 4.40 16.17
C GLY A 15 13.95 3.82 15.42
N GLY A 16 13.82 4.18 14.17
CA GLY A 16 12.71 3.68 13.38
C GLY A 16 13.11 2.51 12.56
N ALA A 17 13.53 1.48 13.24
CA ALA A 17 13.93 0.24 12.61
C ALA A 17 12.68 -0.46 12.11
N GLN A 18 12.77 -1.12 10.99
CA GLN A 18 11.60 -1.77 10.44
C GLN A 18 11.59 -3.25 10.73
N ASP A 19 10.41 -3.83 10.68
CA ASP A 19 10.26 -5.26 10.90
C ASP A 19 10.18 -5.98 9.55
N GLY A 20 9.88 -5.23 8.54
CA GLY A 20 9.74 -5.79 7.24
C GLY A 20 8.30 -5.85 6.84
N GLY A 21 7.85 -7.02 6.45
CA GLY A 21 6.50 -7.18 5.98
C GLY A 21 6.44 -6.88 4.52
N SER A 22 6.15 -7.85 3.72
CA SER A 22 6.11 -7.65 2.31
C SER A 22 4.90 -8.31 1.68
N LEU A 23 4.60 -7.92 0.47
CA LEU A 23 3.56 -8.55 -0.30
C LEU A 23 4.19 -9.66 -1.11
N ASP A 24 3.38 -10.52 -1.65
CA ASP A 24 3.86 -11.63 -2.48
C ASP A 24 4.63 -11.13 -3.69
N SER A 25 4.16 -10.05 -4.25
CA SER A 25 4.79 -9.40 -5.38
C SER A 25 6.17 -8.83 -4.96
N LEU A 26 6.23 -8.34 -3.74
CA LEU A 26 7.39 -7.65 -3.20
C LEU A 26 8.54 -8.58 -2.83
N LYS A 27 8.25 -9.86 -2.64
CA LYS A 27 9.27 -10.84 -2.22
C LYS A 27 10.43 -10.91 -3.23
N LYS A 28 10.14 -10.70 -4.52
CA LYS A 28 11.17 -10.72 -5.55
C LYS A 28 12.14 -9.55 -5.41
N TYR A 29 11.73 -8.52 -4.68
CA TYR A 29 12.58 -7.36 -4.44
C TYR A 29 13.21 -7.48 -3.07
N ASN A 30 13.12 -8.69 -2.50
CA ASN A 30 13.65 -9.04 -1.16
C ASN A 30 12.99 -8.16 -0.11
N GLY A 31 11.75 -7.80 -0.38
CA GLY A 31 11.01 -6.99 0.55
C GLY A 31 11.28 -5.51 0.40
N LYS A 32 12.12 -5.13 -0.54
CA LYS A 32 12.39 -3.74 -0.78
C LYS A 32 11.27 -3.19 -1.62
N LEU A 33 10.93 -1.94 -1.45
CA LEU A 33 9.90 -1.37 -2.26
C LEU A 33 10.43 -0.94 -3.60
N PRO A 34 9.64 -1.17 -4.63
CA PRO A 34 9.95 -0.78 -6.00
C PRO A 34 9.83 0.73 -6.20
N LYS A 35 10.55 1.25 -7.13
CA LYS A 35 10.46 2.65 -7.48
C LYS A 35 9.30 2.86 -8.45
N HIS A 36 8.69 4.03 -8.38
CA HIS A 36 7.58 4.36 -9.28
C HIS A 36 8.07 4.39 -10.72
N ASP A 37 7.26 3.90 -11.62
CA ASP A 37 7.62 3.85 -13.01
C ASP A 37 6.70 4.75 -13.82
N PRO A 38 7.27 5.63 -14.65
CA PRO A 38 6.50 6.59 -15.46
C PRO A 38 5.83 5.96 -16.68
N SER A 39 6.37 4.88 -17.11
CA SER A 39 5.89 4.18 -18.29
C SER A 39 4.77 3.19 -17.89
N PHE A 40 4.70 2.88 -16.62
CA PHE A 40 3.65 2.06 -16.08
C PHE A 40 2.38 2.90 -16.04
N VAL A 41 1.32 2.40 -16.59
CA VAL A 41 0.08 3.14 -16.56
C VAL A 41 -0.69 2.80 -15.28
N GLN A 42 -0.94 3.82 -14.49
CA GLN A 42 -1.67 3.69 -13.26
C GLN A 42 -3.13 3.37 -13.55
N PRO A 43 -3.72 2.41 -12.82
CA PRO A 43 -5.09 1.97 -13.06
C PRO A 43 -6.14 2.86 -12.35
N GLY A 44 -6.09 4.15 -12.60
CA GLY A 44 -7.03 5.06 -11.97
C GLY A 44 -7.73 5.95 -12.96
N ASN A 45 -7.88 5.47 -14.18
CA ASN A 45 -8.44 6.29 -15.26
C ASN A 45 -9.98 6.46 -15.21
N ARG A 46 -10.69 5.46 -14.73
CA ARG A 46 -12.17 5.47 -14.81
C ARG A 46 -12.83 6.22 -13.67
N HIS A 47 -12.17 6.27 -12.55
CA HIS A 47 -12.79 6.84 -11.36
C HIS A 47 -12.26 8.28 -11.10
N TYR A 48 -12.81 8.93 -10.08
CA TYR A 48 -12.49 10.28 -9.69
C TYR A 48 -11.02 10.42 -9.36
N LYS A 49 -10.35 11.21 -10.17
CA LYS A 49 -8.92 11.41 -10.07
C LYS A 49 -8.54 12.48 -9.07
N TYR A 50 -9.51 13.18 -8.56
CA TYR A 50 -9.24 14.21 -7.57
C TYR A 50 -9.78 13.79 -6.21
N GLN A 51 -10.05 12.50 -6.08
CA GLN A 51 -10.53 11.94 -4.84
C GLN A 51 -9.34 11.33 -4.11
N CYS A 52 -9.39 11.27 -2.78
CA CYS A 52 -8.29 10.71 -1.98
C CYS A 52 -8.01 9.25 -2.33
N THR A 53 -9.04 8.53 -2.69
CA THR A 53 -8.94 7.16 -3.11
C THR A 53 -8.06 7.01 -4.38
N TRP A 54 -8.04 8.05 -5.22
CA TRP A 54 -7.28 8.03 -6.47
C TRP A 54 -5.80 7.85 -6.23
N TYR A 55 -5.31 8.44 -5.15
CA TYR A 55 -3.90 8.38 -4.82
C TYR A 55 -3.48 6.93 -4.63
N ALA A 56 -4.41 6.12 -4.15
CA ALA A 56 -4.17 4.70 -3.94
C ALA A 56 -3.85 4.00 -5.25
N TYR A 57 -4.53 4.36 -6.35
CA TYR A 57 -4.26 3.72 -7.65
C TYR A 57 -2.82 4.02 -8.07
N ASN A 58 -2.42 5.27 -7.85
CA ASN A 58 -1.08 5.75 -8.19
C ASN A 58 -0.04 5.03 -7.36
N ARG A 59 -0.31 4.91 -6.08
CA ARG A 59 0.61 4.27 -5.17
C ARG A 59 0.63 2.75 -5.38
N ARG A 60 -0.49 2.21 -5.81
CA ARG A 60 -0.58 0.80 -6.12
C ARG A 60 0.24 0.52 -7.38
N GLY A 61 0.25 1.51 -8.27
CA GLY A 61 1.03 1.44 -9.48
C GLY A 61 2.50 1.63 -9.18
N GLN A 62 2.79 2.32 -8.09
CA GLN A 62 4.14 2.55 -7.61
C GLN A 62 4.81 1.23 -7.25
N LEU A 63 4.01 0.33 -6.73
CA LEU A 63 4.45 -1.02 -6.36
C LEU A 63 4.43 -1.96 -7.56
N GLY A 64 4.00 -1.42 -8.69
CA GLY A 64 3.96 -2.15 -9.93
C GLY A 64 2.91 -3.22 -9.93
N ILE A 65 1.90 -3.05 -9.11
CA ILE A 65 0.84 -4.01 -9.02
C ILE A 65 -0.50 -3.38 -9.44
N PRO A 66 -0.95 -3.64 -10.67
CA PRO A 66 -2.19 -3.08 -11.20
C PRO A 66 -3.43 -3.81 -10.68
N VAL A 67 -4.45 -3.06 -10.36
CA VAL A 67 -5.69 -3.61 -9.85
C VAL A 67 -6.86 -3.04 -10.64
N PRO A 68 -8.01 -3.74 -10.67
CA PRO A 68 -9.23 -3.19 -11.24
C PRO A 68 -9.65 -1.94 -10.46
N LEU A 69 -10.25 -0.98 -11.13
CA LEU A 69 -10.68 0.21 -10.43
C LEU A 69 -11.84 -0.08 -9.52
N TRP A 70 -11.62 0.12 -8.26
CA TRP A 70 -12.66 0.05 -7.30
C TRP A 70 -12.93 1.47 -6.86
N GLY A 71 -14.16 1.79 -6.57
CA GLY A 71 -14.53 3.16 -6.28
C GLY A 71 -14.06 3.67 -4.94
N ASP A 72 -14.95 3.65 -3.98
CA ASP A 72 -14.65 4.11 -2.63
C ASP A 72 -13.71 3.16 -1.93
N ALA A 73 -13.01 3.67 -0.92
CA ALA A 73 -12.06 2.89 -0.14
C ALA A 73 -12.69 1.62 0.42
N ALA A 74 -13.91 1.72 0.95
CA ALA A 74 -14.56 0.54 1.50
C ALA A 74 -14.94 -0.44 0.39
N ASP A 75 -15.20 0.11 -0.77
CA ASP A 75 -15.51 -0.65 -1.98
C ASP A 75 -14.33 -1.46 -2.44
N TRP A 76 -13.12 -0.93 -2.21
CA TRP A 76 -11.88 -1.65 -2.52
C TRP A 76 -11.83 -2.97 -1.77
N ILE A 77 -12.30 -2.96 -0.54
CA ILE A 77 -12.30 -4.15 0.30
C ILE A 77 -13.29 -5.17 -0.27
N GLY A 78 -14.44 -4.68 -0.68
CA GLY A 78 -15.47 -5.52 -1.27
C GLY A 78 -15.04 -6.07 -2.62
N GLY A 79 -14.44 -5.20 -3.43
CA GLY A 79 -13.94 -5.59 -4.72
C GLY A 79 -12.85 -6.61 -4.57
N ALA A 80 -12.03 -6.44 -3.54
CA ALA A 80 -10.97 -7.37 -3.23
C ALA A 80 -11.54 -8.76 -2.93
N LYS A 81 -12.59 -8.82 -2.10
CA LYS A 81 -13.24 -10.07 -1.75
C LYS A 81 -13.78 -10.76 -3.00
N GLY A 82 -14.30 -9.96 -3.89
CA GLY A 82 -14.86 -10.47 -5.11
C GLY A 82 -13.80 -10.94 -6.10
N ALA A 83 -12.66 -10.27 -6.09
CA ALA A 83 -11.58 -10.59 -7.02
C ALA A 83 -10.68 -11.68 -6.46
N GLY A 84 -10.85 -11.99 -5.20
CA GLY A 84 -10.05 -13.02 -4.58
C GLY A 84 -8.78 -12.47 -3.97
N TYR A 85 -8.77 -11.18 -3.76
CA TYR A 85 -7.66 -10.50 -3.14
C TYR A 85 -7.75 -10.66 -1.65
N GLY A 86 -6.63 -10.90 -1.03
CA GLY A 86 -6.61 -11.04 0.38
C GLY A 86 -6.63 -9.70 1.07
N VAL A 87 -7.38 -9.59 2.12
CA VAL A 87 -7.43 -8.39 2.88
C VAL A 87 -7.07 -8.73 4.31
N GLY A 88 -6.28 -7.92 4.93
CA GLY A 88 -5.89 -8.19 6.28
C GLY A 88 -5.52 -6.96 7.00
N ARG A 89 -5.25 -7.10 8.27
CA ARG A 89 -4.82 -5.99 9.13
C ARG A 89 -3.36 -6.16 9.45
N THR A 90 -2.71 -7.04 8.73
CA THR A 90 -1.34 -7.32 8.96
C THR A 90 -0.48 -6.29 8.22
N PRO A 91 0.46 -5.65 8.92
CA PRO A 91 1.29 -4.63 8.35
C PRO A 91 2.36 -5.16 7.40
N LYS A 92 2.27 -4.75 6.16
CA LYS A 92 3.30 -5.04 5.20
C LYS A 92 3.75 -3.70 4.65
N GLN A 93 5.04 -3.56 4.43
CA GLN A 93 5.59 -2.36 3.84
C GLN A 93 5.08 -2.17 2.42
N GLY A 94 4.71 -0.97 2.08
CA GLY A 94 4.30 -0.65 0.74
C GLY A 94 2.84 -0.73 0.55
N ALA A 95 2.26 -1.74 1.10
CA ALA A 95 0.88 -2.00 0.89
C ALA A 95 0.01 -0.89 1.47
N CYS A 96 -1.01 -0.53 0.72
CA CYS A 96 -1.85 0.57 1.05
C CYS A 96 -2.85 0.22 2.15
N VAL A 97 -3.11 1.18 3.00
CA VAL A 97 -4.05 1.03 4.08
C VAL A 97 -5.36 1.67 3.72
N ILE A 98 -6.36 0.88 3.77
CA ILE A 98 -7.67 1.26 3.38
C ILE A 98 -8.52 1.49 4.61
N TRP A 99 -9.03 2.68 4.76
CA TRP A 99 -9.97 2.98 5.83
C TRP A 99 -11.38 2.98 5.29
N GLN A 100 -12.27 2.33 6.01
CA GLN A 100 -13.67 2.24 5.62
C GLN A 100 -14.43 3.47 6.09
N ARG A 101 -15.71 3.52 5.79
CA ARG A 101 -16.53 4.63 6.19
C ARG A 101 -17.23 4.30 7.49
N GLY A 102 -16.82 4.95 8.55
CA GLY A 102 -17.45 4.74 9.83
C GLY A 102 -16.57 3.97 10.78
N VAL A 103 -15.29 4.20 10.65
CA VAL A 103 -14.33 3.54 11.50
C VAL A 103 -13.46 4.60 12.18
N GLN A 104 -12.70 4.21 13.18
CA GLN A 104 -11.79 5.13 13.82
C GLN A 104 -10.67 5.37 12.89
N GLY A 105 -10.46 6.60 12.60
CA GLY A 105 -9.47 7.00 11.64
C GLY A 105 -10.03 7.06 10.25
N GLY A 106 -11.31 6.78 10.13
CA GLY A 106 -11.97 6.77 8.86
C GLY A 106 -13.43 7.10 8.98
N SER A 107 -13.71 8.33 9.32
CA SER A 107 -15.07 8.80 9.33
C SER A 107 -15.55 8.83 7.84
N PRO A 108 -16.85 8.65 7.55
CA PRO A 108 -17.36 8.46 6.17
C PRO A 108 -16.85 9.46 5.10
N GLN A 109 -16.73 10.70 5.47
CA GLN A 109 -16.29 11.75 4.55
C GLN A 109 -14.78 11.93 4.59
N TYR A 110 -14.18 11.41 5.63
CA TYR A 110 -12.75 11.51 5.85
C TYR A 110 -12.04 10.24 5.32
N GLY A 111 -12.84 9.22 4.99
CA GLY A 111 -12.31 7.95 4.48
C GLY A 111 -11.42 8.12 3.26
N HIS A 112 -10.22 7.58 3.36
CA HIS A 112 -9.23 7.71 2.33
C HIS A 112 -8.29 6.51 2.37
N VAL A 113 -7.28 6.54 1.54
CA VAL A 113 -6.30 5.48 1.48
C VAL A 113 -4.91 6.09 1.58
N ALA A 114 -4.03 5.43 2.27
CA ALA A 114 -2.67 5.88 2.40
C ALA A 114 -1.71 4.75 2.07
N PHE A 115 -0.49 5.08 1.82
CA PHE A 115 0.52 4.11 1.43
C PHE A 115 1.44 3.89 2.61
N VAL A 116 1.63 2.65 3.02
CA VAL A 116 2.55 2.39 4.11
C VAL A 116 3.98 2.47 3.59
N GLU A 117 4.68 3.45 4.02
CA GLU A 117 6.01 3.67 3.58
C GLU A 117 6.98 2.83 4.41
N LYS A 118 6.68 2.63 5.70
CA LYS A 118 7.55 1.81 6.51
C LYS A 118 6.77 1.21 7.66
N VAL A 119 7.18 0.04 8.09
CA VAL A 119 6.61 -0.61 9.25
C VAL A 119 7.60 -0.44 10.37
N LEU A 120 7.21 0.25 11.40
CA LEU A 120 8.13 0.66 12.44
C LEU A 120 8.14 -0.27 13.62
N ASP A 121 9.33 -0.50 14.15
CA ASP A 121 9.58 -1.37 15.30
C ASP A 121 9.29 -2.80 14.86
N GLY A 122 8.62 -3.57 15.68
CA GLY A 122 8.20 -4.88 15.31
C GLY A 122 6.87 -4.80 14.59
N GLY A 123 6.47 -3.57 14.30
CA GLY A 123 5.26 -3.30 13.62
C GLY A 123 4.23 -2.77 14.53
N LYS A 124 4.66 -1.98 15.50
CA LYS A 124 3.72 -1.44 16.43
C LYS A 124 3.10 -0.18 15.84
N LYS A 125 3.87 0.50 15.01
CA LYS A 125 3.41 1.68 14.31
C LYS A 125 3.74 1.51 12.85
N ILE A 126 3.01 2.17 12.02
CA ILE A 126 3.28 2.17 10.62
C ILE A 126 3.47 3.60 10.17
N PHE A 127 4.36 3.78 9.26
CA PHE A 127 4.66 5.06 8.74
C PHE A 127 4.05 5.11 7.38
N ILE A 128 3.22 6.07 7.13
CA ILE A 128 2.55 6.14 5.87
C ILE A 128 3.01 7.35 5.10
N SER A 129 2.74 7.32 3.86
CA SER A 129 3.00 8.40 2.99
C SER A 129 1.65 8.83 2.44
N GLU A 130 1.58 10.08 2.10
CA GLU A 130 0.40 10.70 1.58
C GLU A 130 0.82 11.53 0.40
N HIS A 131 0.46 11.06 -0.76
CA HIS A 131 0.91 11.63 -1.97
C HIS A 131 0.01 12.79 -2.40
N ASN A 132 0.41 13.98 -2.04
CA ASN A 132 -0.28 15.17 -2.47
C ASN A 132 0.12 15.46 -3.89
N TYR A 133 -0.60 14.87 -4.82
CA TYR A 133 -0.31 14.93 -6.24
C TYR A 133 -0.19 16.37 -6.76
N ALA A 134 -1.03 17.24 -6.24
CA ALA A 134 -1.07 18.62 -6.68
C ALA A 134 0.01 19.47 -6.02
N THR A 135 0.77 18.87 -5.12
CA THR A 135 1.81 19.59 -4.43
C THR A 135 3.19 19.03 -4.79
N PRO A 136 4.02 19.81 -5.47
CA PRO A 136 5.37 19.40 -5.78
C PRO A 136 6.25 19.48 -4.54
N ASN A 137 7.00 18.42 -4.27
CA ASN A 137 7.93 18.31 -3.11
C ASN A 137 7.20 18.15 -1.76
N GLY A 138 6.14 18.90 -1.55
CA GLY A 138 5.43 18.91 -0.28
C GLY A 138 4.48 17.74 -0.09
N TYR A 139 5.02 16.56 -0.07
CA TYR A 139 4.27 15.35 0.17
C TYR A 139 4.25 15.11 1.67
N GLY A 140 3.26 14.43 2.17
CA GLY A 140 3.16 14.31 3.59
C GLY A 140 3.33 12.90 4.07
N THR A 141 3.73 12.78 5.30
CA THR A 141 3.94 11.52 5.93
C THR A 141 3.28 11.54 7.32
N ARG A 142 2.84 10.41 7.79
CA ARG A 142 2.11 10.31 9.04
C ARG A 142 2.32 8.94 9.66
N THR A 143 2.27 8.84 10.97
CA THR A 143 2.46 7.58 11.65
C THR A 143 1.16 7.12 12.34
N ILE A 144 0.78 5.87 12.12
CA ILE A 144 -0.42 5.30 12.71
C ILE A 144 0.00 4.13 13.61
N ASP A 145 -0.65 4.00 14.73
CA ASP A 145 -0.38 2.94 15.65
C ASP A 145 -1.24 1.75 15.33
N MET A 146 -0.60 0.63 15.14
CA MET A 146 -1.28 -0.65 14.86
C MET A 146 -1.96 -1.12 16.12
N SER A 147 -1.55 -0.54 17.21
CA SER A 147 -2.04 -0.81 18.52
C SER A 147 -3.41 -0.12 18.75
N SER A 148 -3.71 0.87 17.92
CA SER A 148 -4.91 1.65 18.08
C SER A 148 -6.02 1.08 17.19
N ALA A 149 -7.25 1.53 17.43
CA ALA A 149 -8.42 1.10 16.67
C ALA A 149 -8.27 1.50 15.21
N ILE A 150 -7.66 2.65 14.97
CA ILE A 150 -7.35 3.12 13.61
C ILE A 150 -6.47 2.10 12.89
N GLY A 151 -5.54 1.54 13.62
CA GLY A 151 -4.66 0.55 13.06
C GLY A 151 -5.40 -0.72 12.71
N LYS A 152 -6.36 -1.09 13.54
CA LYS A 152 -7.19 -2.25 13.30
C LYS A 152 -8.20 -2.00 12.18
N ASN A 153 -8.49 -0.75 11.94
CA ASN A 153 -9.45 -0.37 10.91
C ASN A 153 -8.75 -0.13 9.60
N ALA A 154 -7.45 -0.05 9.66
CA ALA A 154 -6.65 0.11 8.50
C ALA A 154 -6.44 -1.27 7.92
N GLN A 155 -6.87 -1.45 6.72
CA GLN A 155 -6.76 -2.74 6.13
C GLN A 155 -5.91 -2.71 4.93
N PHE A 156 -5.17 -3.73 4.79
CA PHE A 156 -4.22 -3.90 3.74
C PHE A 156 -4.81 -4.81 2.72
N ILE A 157 -4.57 -4.53 1.48
CA ILE A 157 -5.05 -5.37 0.42
C ILE A 157 -3.86 -6.02 -0.26
N TYR A 158 -3.85 -7.31 -0.21
CA TYR A 158 -2.79 -8.14 -0.74
C TYR A 158 -3.08 -8.40 -2.21
N ASP A 159 -2.06 -8.40 -3.04
CA ASP A 159 -2.26 -8.55 -4.47
C ASP A 159 -1.99 -9.99 -4.85
N LYS A 160 -2.75 -10.49 -5.79
CA LYS A 160 -2.59 -11.85 -6.24
C LYS A 160 -1.57 -11.91 -7.34
N LYS A 161 -1.49 -13.04 -7.99
CA LYS A 161 -0.72 -13.14 -9.17
C LYS A 161 -1.53 -12.51 -10.28
N LYS A 162 -0.88 -11.89 -11.22
CA LYS A 162 -1.57 -11.23 -12.29
C LYS A 162 -1.76 -12.21 -13.44
N ASN A 163 -1.48 -13.45 -13.15
CA ASN A 163 -1.64 -14.55 -14.04
C ASN A 163 -2.38 -15.65 -13.31
N SER A 164 -3.38 -16.19 -13.93
CA SER A 164 -4.16 -17.29 -13.39
C SER A 164 -4.79 -18.06 -14.53
N SER A 165 -5.47 -17.36 -15.42
CA SER A 165 -6.03 -17.98 -16.60
C SER A 165 -4.89 -18.37 -17.51
N SER A 166 -4.55 -19.63 -17.46
CA SER A 166 -3.42 -20.14 -18.15
C SER A 166 -3.84 -20.88 -19.40
N VAL A 167 -3.00 -20.84 -20.40
CA VAL A 167 -3.25 -21.57 -21.62
C VAL A 167 -2.68 -22.97 -21.46
N ASP A 168 -3.42 -23.96 -21.87
CA ASP A 168 -3.01 -25.35 -21.71
C ASP A 168 -3.11 -26.10 -23.03
N LYS A 169 -2.25 -27.08 -23.20
CA LYS A 169 -2.16 -27.85 -24.42
C LYS A 169 -3.43 -28.65 -24.63
N LEU A 170 -3.95 -29.22 -23.58
CA LEU A 170 -5.12 -30.07 -23.65
C LEU A 170 -6.35 -29.22 -23.83
N ALA A 171 -6.34 -28.07 -23.19
CA ALA A 171 -7.43 -27.14 -23.27
C ALA A 171 -7.55 -26.54 -24.66
N ALA A 172 -6.41 -26.30 -25.29
CA ALA A 172 -6.38 -25.75 -26.64
C ALA A 172 -6.49 -26.86 -27.70
N ALA A 173 -6.51 -28.09 -27.25
CA ALA A 173 -6.59 -29.21 -28.14
C ALA A 173 -8.00 -29.41 -28.66
N LEU A 174 -8.11 -29.61 -29.93
CA LEU A 174 -9.37 -29.90 -30.56
C LEU A 174 -9.58 -31.39 -30.39
N GLU A 175 -8.51 -32.09 -30.60
CA GLU A 175 -8.47 -33.50 -30.46
C GLU A 175 -8.04 -33.85 -29.03
N HIS A 176 -9.01 -34.19 -28.21
CA HIS A 176 -8.78 -34.51 -26.80
C HIS A 176 -10.03 -35.16 -26.23
N MET A 1 33.87 13.16 6.68
CA MET A 1 34.68 13.90 7.64
C MET A 1 34.08 13.78 9.01
N GLU A 2 34.76 13.08 9.88
CA GLU A 2 34.27 12.87 11.21
C GLU A 2 34.74 14.02 12.08
N GLN A 3 33.88 14.55 12.88
CA GLN A 3 34.26 15.59 13.80
C GLN A 3 34.73 14.96 15.10
N SER A 4 35.95 14.41 15.04
CA SER A 4 36.62 13.69 16.14
C SER A 4 35.96 12.32 16.38
N SER A 5 34.71 12.34 16.71
CA SER A 5 33.94 11.16 16.95
C SER A 5 33.18 10.80 15.68
N GLY A 6 32.71 9.59 15.60
CA GLY A 6 31.95 9.19 14.45
C GLY A 6 30.48 9.43 14.67
N ASP A 7 30.07 10.68 14.61
CA ASP A 7 28.67 11.03 14.81
C ASP A 7 27.90 10.81 13.53
N LYS A 8 27.03 9.84 13.57
CA LYS A 8 26.23 9.48 12.48
C LYS A 8 24.85 10.12 12.63
N ASP A 9 24.11 10.15 11.57
CA ASP A 9 22.76 10.64 11.60
C ASP A 9 21.84 9.53 11.28
N GLY A 10 20.93 9.29 12.15
CA GLY A 10 19.99 8.22 11.99
C GLY A 10 19.27 7.97 13.27
N GLY A 11 18.74 9.02 13.82
CA GLY A 11 18.03 8.93 15.07
C GLY A 11 16.58 8.68 14.83
N SER A 12 16.30 7.59 14.18
CA SER A 12 14.96 7.27 13.80
C SER A 12 14.23 6.60 14.97
N ASP A 13 13.19 7.27 15.45
CA ASP A 13 12.30 6.75 16.51
C ASP A 13 11.55 5.54 15.97
N SER A 14 11.43 5.53 14.67
CA SER A 14 10.82 4.46 13.93
C SER A 14 11.66 3.17 13.99
N GLY A 15 12.92 3.31 14.39
CA GLY A 15 13.79 2.17 14.54
C GLY A 15 14.48 1.81 13.25
N GLY A 16 13.71 1.38 12.28
CA GLY A 16 14.28 1.02 11.01
C GLY A 16 14.10 -0.43 10.71
N ALA A 17 14.25 -1.21 11.72
CA ALA A 17 14.13 -2.65 11.65
C ALA A 17 12.69 -3.07 11.33
N GLN A 18 12.53 -3.86 10.30
CA GLN A 18 11.23 -4.36 9.90
C GLN A 18 11.00 -5.69 10.59
N ASP A 19 9.77 -6.14 10.67
CA ASP A 19 9.49 -7.43 11.31
C ASP A 19 9.52 -8.55 10.26
N GLY A 20 9.41 -8.16 9.02
CA GLY A 20 9.40 -9.13 7.96
C GLY A 20 8.14 -9.05 7.12
N GLY A 21 7.20 -8.23 7.56
CA GLY A 21 5.94 -8.04 6.86
C GLY A 21 6.10 -7.61 5.41
N SER A 22 5.97 -8.57 4.52
CA SER A 22 6.09 -8.34 3.12
C SER A 22 5.09 -9.24 2.36
N LEU A 23 4.64 -8.80 1.21
CA LEU A 23 3.66 -9.55 0.44
C LEU A 23 4.33 -10.68 -0.32
N ASP A 24 3.54 -11.66 -0.71
CA ASP A 24 4.03 -12.80 -1.49
C ASP A 24 4.50 -12.33 -2.85
N SER A 25 3.77 -11.40 -3.41
CA SER A 25 4.10 -10.78 -4.69
C SER A 25 5.47 -10.08 -4.57
N LEU A 26 5.69 -9.48 -3.42
CA LEU A 26 6.88 -8.72 -3.14
C LEU A 26 8.10 -9.60 -2.91
N LYS A 27 7.85 -10.86 -2.61
CA LYS A 27 8.91 -11.84 -2.35
C LYS A 27 9.82 -11.98 -3.56
N LYS A 28 9.28 -11.82 -4.76
CA LYS A 28 10.09 -11.96 -5.97
C LYS A 28 11.09 -10.79 -6.11
N TYR A 29 10.81 -9.68 -5.44
CA TYR A 29 11.73 -8.54 -5.40
C TYR A 29 12.65 -8.69 -4.18
N ASN A 30 12.55 -9.84 -3.53
CA ASN A 30 13.28 -10.23 -2.32
C ASN A 30 12.96 -9.29 -1.15
N GLY A 31 11.73 -8.80 -1.14
CA GLY A 31 11.28 -7.93 -0.08
C GLY A 31 11.65 -6.49 -0.34
N LYS A 32 12.26 -6.23 -1.47
CA LYS A 32 12.61 -4.90 -1.84
C LYS A 32 11.42 -4.25 -2.52
N LEU A 33 11.15 -3.03 -2.21
CA LEU A 33 10.03 -2.36 -2.82
C LEU A 33 10.42 -1.71 -4.11
N PRO A 34 9.64 -1.96 -5.15
CA PRO A 34 9.74 -1.25 -6.43
C PRO A 34 9.80 0.28 -6.31
N LYS A 35 10.31 0.89 -7.34
CA LYS A 35 10.47 2.33 -7.42
C LYS A 35 9.14 3.02 -7.71
N HIS A 36 8.97 4.22 -7.22
CA HIS A 36 7.76 4.97 -7.47
C HIS A 36 7.89 5.84 -8.72
N ASP A 37 6.92 5.75 -9.59
CA ASP A 37 6.84 6.60 -10.77
C ASP A 37 5.53 7.35 -10.72
N PRO A 38 5.54 8.63 -10.32
CA PRO A 38 4.30 9.42 -10.16
C PRO A 38 3.55 9.69 -11.46
N SER A 39 4.30 9.77 -12.51
CA SER A 39 3.78 10.08 -13.81
C SER A 39 3.35 8.85 -14.59
N PHE A 40 3.52 7.68 -14.00
CA PHE A 40 3.16 6.43 -14.63
C PHE A 40 1.62 6.36 -14.71
N VAL A 41 1.11 5.88 -15.82
CA VAL A 41 -0.32 5.76 -15.95
C VAL A 41 -0.76 4.34 -15.62
N GLN A 42 -1.60 4.22 -14.63
CA GLN A 42 -2.13 2.95 -14.20
C GLN A 42 -3.50 2.77 -14.78
N PRO A 43 -3.86 1.55 -15.18
CA PRO A 43 -5.20 1.27 -15.73
C PRO A 43 -6.30 1.50 -14.70
N GLY A 44 -7.04 2.56 -14.89
CA GLY A 44 -8.12 2.91 -14.01
C GLY A 44 -8.66 4.28 -14.34
N ASN A 45 -8.89 4.51 -15.60
CA ASN A 45 -9.26 5.83 -16.10
C ASN A 45 -10.68 6.25 -15.77
N ARG A 46 -11.56 5.28 -15.67
CA ARG A 46 -13.00 5.52 -15.51
C ARG A 46 -13.39 6.23 -14.22
N HIS A 47 -12.74 5.92 -13.14
CA HIS A 47 -13.19 6.43 -11.84
C HIS A 47 -12.49 7.73 -11.41
N TYR A 48 -12.73 8.10 -10.15
CA TYR A 48 -12.25 9.31 -9.52
C TYR A 48 -10.75 9.44 -9.61
N LYS A 49 -10.32 10.36 -10.41
CA LYS A 49 -8.94 10.66 -10.57
C LYS A 49 -8.62 11.90 -9.77
N TYR A 50 -7.33 12.08 -9.43
CA TYR A 50 -6.84 13.26 -8.68
C TYR A 50 -7.46 13.28 -7.28
N GLN A 51 -7.62 12.10 -6.77
CA GLN A 51 -8.17 11.83 -5.46
C GLN A 51 -7.26 10.76 -4.90
N CYS A 52 -7.13 10.64 -3.56
CA CYS A 52 -6.20 9.65 -2.97
C CYS A 52 -6.49 8.22 -3.43
N THR A 53 -7.73 7.95 -3.74
CA THR A 53 -8.14 6.69 -4.25
C THR A 53 -7.42 6.38 -5.60
N TRP A 54 -7.29 7.38 -6.48
CA TRP A 54 -6.57 7.19 -7.73
C TRP A 54 -5.09 7.05 -7.46
N TYR A 55 -4.62 7.81 -6.47
CA TYR A 55 -3.23 7.73 -6.03
C TYR A 55 -2.93 6.35 -5.52
N ALA A 56 -3.94 5.71 -4.95
CA ALA A 56 -3.85 4.34 -4.50
C ALA A 56 -3.53 3.45 -5.68
N TYR A 57 -4.13 3.72 -6.83
CA TYR A 57 -3.81 3.00 -8.05
C TYR A 57 -2.35 3.18 -8.43
N ASN A 58 -1.84 4.39 -8.30
CA ASN A 58 -0.41 4.65 -8.58
C ASN A 58 0.46 3.88 -7.58
N ARG A 59 0.02 3.92 -6.34
CA ARG A 59 0.66 3.23 -5.23
C ARG A 59 0.60 1.72 -5.38
N ARG A 60 -0.38 1.25 -6.09
CA ARG A 60 -0.56 -0.16 -6.29
C ARG A 60 0.20 -0.58 -7.58
N GLY A 61 0.20 0.31 -8.55
CA GLY A 61 0.82 0.05 -9.82
C GLY A 61 2.32 0.03 -9.74
N GLN A 62 2.87 0.95 -8.95
CA GLN A 62 4.31 1.05 -8.77
C GLN A 62 4.92 -0.20 -8.16
N LEU A 63 4.12 -0.92 -7.39
CA LEU A 63 4.57 -2.15 -6.73
C LEU A 63 4.46 -3.34 -7.69
N GLY A 64 3.90 -3.07 -8.85
CA GLY A 64 3.75 -4.08 -9.85
C GLY A 64 2.64 -5.03 -9.53
N ILE A 65 1.63 -4.55 -8.85
CA ILE A 65 0.48 -5.34 -8.50
C ILE A 65 -0.79 -4.62 -8.97
N PRO A 66 -1.36 -5.04 -10.10
CA PRO A 66 -2.52 -4.37 -10.71
C PRO A 66 -3.88 -4.75 -10.09
N VAL A 67 -4.77 -3.78 -10.00
CA VAL A 67 -6.10 -4.02 -9.45
C VAL A 67 -7.20 -3.47 -10.37
N PRO A 68 -8.34 -4.17 -10.47
CA PRO A 68 -9.52 -3.71 -11.20
C PRO A 68 -10.07 -2.38 -10.63
N LEU A 69 -10.82 -1.67 -11.45
CA LEU A 69 -11.44 -0.42 -11.05
C LEU A 69 -12.51 -0.63 -10.00
N TRP A 70 -12.29 -0.04 -8.85
CA TRP A 70 -13.21 -0.07 -7.75
C TRP A 70 -13.65 1.36 -7.48
N GLY A 71 -14.79 1.54 -6.85
CA GLY A 71 -15.42 2.84 -6.81
C GLY A 71 -14.99 3.79 -5.69
N ASP A 72 -14.42 3.26 -4.64
CA ASP A 72 -14.07 4.08 -3.47
C ASP A 72 -13.15 3.29 -2.59
N ALA A 73 -12.43 3.95 -1.69
CA ALA A 73 -11.52 3.30 -0.76
C ALA A 73 -12.24 2.21 0.04
N ALA A 74 -13.45 2.48 0.50
CA ALA A 74 -14.20 1.50 1.28
C ALA A 74 -14.67 0.36 0.36
N ASP A 75 -14.92 0.72 -0.88
CA ASP A 75 -15.35 -0.21 -1.94
C ASP A 75 -14.21 -1.18 -2.30
N TRP A 76 -12.97 -0.69 -2.16
CA TRP A 76 -11.76 -1.48 -2.43
C TRP A 76 -11.72 -2.77 -1.62
N ILE A 77 -12.17 -2.73 -0.37
CA ILE A 77 -12.17 -3.92 0.47
C ILE A 77 -13.10 -4.98 -0.12
N GLY A 78 -14.24 -4.53 -0.61
CA GLY A 78 -15.21 -5.41 -1.22
C GLY A 78 -14.74 -5.92 -2.56
N GLY A 79 -14.15 -5.03 -3.33
CA GLY A 79 -13.60 -5.40 -4.61
C GLY A 79 -12.49 -6.41 -4.49
N ALA A 80 -11.69 -6.25 -3.44
CA ALA A 80 -10.58 -7.14 -3.17
C ALA A 80 -11.06 -8.57 -2.98
N LYS A 81 -12.16 -8.74 -2.26
CA LYS A 81 -12.74 -10.04 -2.01
C LYS A 81 -13.11 -10.71 -3.33
N GLY A 82 -13.73 -9.94 -4.21
CA GLY A 82 -14.18 -10.43 -5.50
C GLY A 82 -13.04 -10.77 -6.42
N ALA A 83 -11.95 -10.05 -6.30
CA ALA A 83 -10.78 -10.26 -7.12
C ALA A 83 -9.90 -11.38 -6.55
N GLY A 84 -10.21 -11.79 -5.35
CA GLY A 84 -9.50 -12.87 -4.72
C GLY A 84 -8.27 -12.41 -3.98
N TYR A 85 -8.28 -11.17 -3.55
CA TYR A 85 -7.18 -10.63 -2.80
C TYR A 85 -7.47 -10.78 -1.33
N GLY A 86 -6.44 -10.98 -0.55
CA GLY A 86 -6.60 -11.10 0.86
C GLY A 86 -6.52 -9.77 1.53
N VAL A 87 -7.33 -9.58 2.54
CA VAL A 87 -7.33 -8.35 3.29
C VAL A 87 -6.93 -8.70 4.71
N GLY A 88 -6.10 -7.90 5.30
CA GLY A 88 -5.65 -8.21 6.63
C GLY A 88 -5.38 -6.98 7.41
N ARG A 89 -5.00 -7.18 8.64
CA ARG A 89 -4.75 -6.09 9.56
C ARG A 89 -3.26 -6.06 9.88
N THR A 90 -2.53 -7.01 9.31
CA THR A 90 -1.12 -7.12 9.55
C THR A 90 -0.35 -6.15 8.62
N PRO A 91 0.53 -5.33 9.20
CA PRO A 91 1.36 -4.39 8.46
C PRO A 91 2.37 -5.06 7.52
N LYS A 92 2.38 -4.64 6.27
CA LYS A 92 3.36 -5.10 5.33
C LYS A 92 3.84 -3.94 4.49
N GLN A 93 5.13 -3.95 4.17
CA GLN A 93 5.75 -2.89 3.40
C GLN A 93 5.17 -2.71 2.02
N GLY A 94 4.97 -1.48 1.65
CA GLY A 94 4.59 -1.13 0.31
C GLY A 94 3.14 -1.04 0.11
N ALA A 95 2.46 -2.05 0.52
CA ALA A 95 1.08 -2.20 0.23
C ALA A 95 0.21 -1.10 0.81
N CYS A 96 -0.84 -0.83 0.13
CA CYS A 96 -1.70 0.26 0.43
C CYS A 96 -2.60 -0.02 1.64
N VAL A 97 -2.73 0.99 2.48
CA VAL A 97 -3.60 0.95 3.63
C VAL A 97 -4.87 1.70 3.33
N ILE A 98 -5.94 1.05 3.60
CA ILE A 98 -7.26 1.54 3.30
C ILE A 98 -7.94 1.96 4.58
N TRP A 99 -8.40 3.19 4.64
CA TRP A 99 -9.23 3.61 5.75
C TRP A 99 -10.67 3.52 5.37
N GLN A 100 -11.47 3.12 6.31
CA GLN A 100 -12.88 2.90 6.07
C GLN A 100 -13.66 4.21 6.13
N ARG A 101 -14.94 4.13 5.92
CA ARG A 101 -15.76 5.29 5.83
C ARG A 101 -16.48 5.54 7.16
N GLY A 102 -15.99 6.51 7.90
CA GLY A 102 -16.62 6.86 9.15
C GLY A 102 -15.91 6.22 10.31
N VAL A 103 -14.61 6.35 10.32
CA VAL A 103 -13.78 5.76 11.35
C VAL A 103 -12.78 6.81 11.85
N GLN A 104 -12.01 6.47 12.88
CA GLN A 104 -10.99 7.40 13.40
C GLN A 104 -9.93 7.56 12.37
N GLY A 105 -9.74 8.77 11.97
CA GLY A 105 -8.76 9.10 10.97
C GLY A 105 -9.27 8.93 9.56
N GLY A 106 -10.52 8.52 9.45
CA GLY A 106 -11.12 8.29 8.17
C GLY A 106 -12.55 8.73 8.18
N SER A 107 -12.75 10.02 8.18
CA SER A 107 -14.05 10.62 8.12
C SER A 107 -14.70 10.19 6.78
N PRO A 108 -16.04 10.05 6.71
CA PRO A 108 -16.77 9.55 5.52
C PRO A 108 -16.29 10.06 4.14
N GLN A 109 -15.93 11.33 4.02
CA GLN A 109 -15.45 11.86 2.74
C GLN A 109 -13.93 11.75 2.64
N TYR A 110 -13.28 11.57 3.77
CA TYR A 110 -11.82 11.57 3.87
C TYR A 110 -11.24 10.16 3.83
N GLY A 111 -12.09 9.18 3.55
CA GLY A 111 -11.62 7.80 3.41
C GLY A 111 -10.59 7.71 2.29
N HIS A 112 -9.34 7.52 2.65
CA HIS A 112 -8.25 7.56 1.71
C HIS A 112 -7.39 6.33 1.81
N VAL A 113 -6.38 6.28 0.95
CA VAL A 113 -5.46 5.19 0.88
C VAL A 113 -4.04 5.76 0.89
N ALA A 114 -3.16 5.14 1.63
CA ALA A 114 -1.77 5.60 1.75
C ALA A 114 -0.81 4.45 1.46
N PHE A 115 0.45 4.78 1.22
CA PHE A 115 1.47 3.78 0.86
C PHE A 115 2.33 3.53 2.08
N VAL A 116 2.46 2.27 2.46
CA VAL A 116 3.28 1.90 3.60
C VAL A 116 4.75 1.89 3.22
N GLU A 117 5.51 2.76 3.81
CA GLU A 117 6.92 2.85 3.60
C GLU A 117 7.60 1.77 4.43
N LYS A 118 7.21 1.66 5.69
CA LYS A 118 7.83 0.75 6.62
C LYS A 118 6.87 0.19 7.62
N VAL A 119 7.33 -0.87 8.19
CA VAL A 119 6.69 -1.57 9.28
C VAL A 119 7.63 -1.41 10.44
N LEU A 120 7.20 -0.77 11.46
CA LEU A 120 8.09 -0.44 12.52
C LEU A 120 7.88 -1.32 13.69
N ASP A 121 9.00 -1.70 14.31
CA ASP A 121 9.02 -2.58 15.46
C ASP A 121 8.48 -3.94 14.99
N GLY A 122 7.71 -4.63 15.81
CA GLY A 122 7.10 -5.88 15.39
C GLY A 122 5.89 -5.65 14.50
N GLY A 123 5.55 -4.38 14.28
CA GLY A 123 4.44 -4.04 13.42
C GLY A 123 3.50 -3.25 14.21
N LYS A 124 4.09 -2.51 15.08
CA LYS A 124 3.42 -1.74 16.01
C LYS A 124 2.99 -0.45 15.38
N LYS A 125 3.82 0.06 14.53
CA LYS A 125 3.55 1.28 13.85
C LYS A 125 3.87 1.08 12.39
N ILE A 126 3.25 1.80 11.54
CA ILE A 126 3.59 1.79 10.15
C ILE A 126 3.96 3.18 9.75
N PHE A 127 4.84 3.29 8.83
CA PHE A 127 5.25 4.56 8.35
C PHE A 127 4.69 4.67 6.96
N ILE A 128 3.93 5.69 6.69
CA ILE A 128 3.29 5.84 5.39
C ILE A 128 3.68 7.13 4.73
N SER A 129 3.44 7.20 3.45
CA SER A 129 3.70 8.37 2.67
C SER A 129 2.42 8.88 2.00
N GLU A 130 2.42 10.17 1.66
CA GLU A 130 1.34 10.85 0.98
C GLU A 130 1.90 12.18 0.47
N HIS A 131 1.32 12.71 -0.57
CA HIS A 131 1.81 13.94 -1.16
C HIS A 131 0.68 14.81 -1.70
N ASN A 132 -0.43 14.20 -2.10
CA ASN A 132 -1.55 14.95 -2.64
C ASN A 132 -2.82 14.44 -2.04
N TYR A 133 -2.94 14.61 -0.74
CA TYR A 133 -4.13 14.17 0.00
C TYR A 133 -5.28 15.14 -0.21
N ALA A 134 -4.93 16.34 -0.50
CA ALA A 134 -5.84 17.44 -0.76
C ALA A 134 -4.99 18.55 -1.25
N THR A 135 -3.95 18.81 -0.48
CA THR A 135 -2.97 19.79 -0.79
C THR A 135 -2.00 19.20 -1.81
N PRO A 136 -1.89 19.82 -2.98
CA PRO A 136 -0.94 19.40 -3.98
C PRO A 136 0.48 19.80 -3.59
N ASN A 137 1.41 18.86 -3.74
CA ASN A 137 2.84 19.03 -3.43
C ASN A 137 3.02 19.06 -1.90
N GLY A 138 2.02 18.56 -1.20
CA GLY A 138 2.05 18.51 0.24
C GLY A 138 2.66 17.22 0.72
N TYR A 139 3.96 17.12 0.56
CA TYR A 139 4.70 15.89 0.86
C TYR A 139 4.80 15.71 2.35
N GLY A 140 4.51 14.53 2.80
CA GLY A 140 4.65 14.24 4.18
C GLY A 140 4.56 12.78 4.44
N THR A 141 5.12 12.37 5.51
CA THR A 141 5.08 11.02 5.91
C THR A 141 4.46 10.94 7.29
N ARG A 142 3.72 9.92 7.54
CA ARG A 142 3.00 9.81 8.77
C ARG A 142 3.17 8.45 9.36
N THR A 143 3.27 8.39 10.64
CA THR A 143 3.40 7.15 11.33
C THR A 143 2.05 6.81 11.95
N ILE A 144 1.58 5.62 11.69
CA ILE A 144 0.30 5.18 12.19
C ILE A 144 0.53 4.14 13.25
N ASP A 145 -0.08 4.30 14.40
CA ASP A 145 0.03 3.34 15.44
C ASP A 145 -1.04 2.32 15.27
N MET A 146 -0.61 1.11 15.06
CA MET A 146 -1.47 -0.02 14.81
C MET A 146 -2.20 -0.44 16.07
N SER A 147 -1.74 0.07 17.19
CA SER A 147 -2.34 -0.21 18.44
C SER A 147 -3.49 0.80 18.71
N SER A 148 -3.50 1.89 17.98
CA SER A 148 -4.49 2.91 18.15
C SER A 148 -5.65 2.70 17.15
N ALA A 149 -6.76 3.40 17.36
CA ALA A 149 -7.95 3.25 16.53
C ALA A 149 -7.67 3.59 15.07
N ILE A 150 -6.80 4.57 14.84
CA ILE A 150 -6.36 4.93 13.46
C ILE A 150 -5.77 3.68 12.78
N GLY A 151 -4.93 2.95 13.51
CA GLY A 151 -4.32 1.74 13.02
C GLY A 151 -5.31 0.61 12.82
N LYS A 152 -6.32 0.56 13.66
CA LYS A 152 -7.37 -0.48 13.58
C LYS A 152 -8.22 -0.26 12.37
N ASN A 153 -8.25 0.96 11.97
CA ASN A 153 -9.05 1.39 10.84
C ASN A 153 -8.28 1.33 9.55
N ALA A 154 -7.03 0.98 9.65
CA ALA A 154 -6.19 0.83 8.50
C ALA A 154 -6.18 -0.63 8.11
N GLN A 155 -6.62 -0.92 6.93
CA GLN A 155 -6.67 -2.28 6.47
C GLN A 155 -5.80 -2.44 5.28
N PHE A 156 -5.16 -3.55 5.23
CA PHE A 156 -4.19 -3.83 4.21
C PHE A 156 -4.79 -4.78 3.21
N ILE A 157 -4.55 -4.51 1.96
CA ILE A 157 -5.00 -5.40 0.92
C ILE A 157 -3.79 -5.99 0.26
N TYR A 158 -3.70 -7.28 0.31
CA TYR A 158 -2.57 -8.01 -0.20
C TYR A 158 -2.93 -8.49 -1.58
N ASP A 159 -2.00 -8.45 -2.48
CA ASP A 159 -2.28 -8.85 -3.83
C ASP A 159 -1.80 -10.26 -4.02
N LYS A 160 -2.14 -10.87 -5.11
CA LYS A 160 -1.76 -12.23 -5.37
C LYS A 160 -0.42 -12.26 -6.04
N LYS A 161 0.05 -13.44 -6.30
CA LYS A 161 1.31 -13.56 -6.96
C LYS A 161 1.12 -13.29 -8.44
N LYS A 162 2.12 -12.76 -9.06
CA LYS A 162 2.08 -12.55 -10.47
C LYS A 162 3.05 -13.47 -11.14
N ASN A 163 2.61 -14.11 -12.17
CA ASN A 163 3.44 -15.03 -12.90
C ASN A 163 3.97 -14.34 -14.13
N SER A 164 5.16 -13.84 -14.04
CA SER A 164 5.80 -13.15 -15.13
C SER A 164 6.58 -14.14 -16.00
N SER A 165 7.13 -15.13 -15.36
CA SER A 165 7.89 -16.14 -16.03
C SER A 165 6.93 -17.07 -16.76
N SER A 166 7.05 -17.13 -18.07
CA SER A 166 6.14 -17.90 -18.89
C SER A 166 6.38 -19.39 -18.78
N VAL A 167 5.33 -20.15 -18.93
CA VAL A 167 5.44 -21.58 -18.94
C VAL A 167 5.75 -22.04 -20.34
N ASP A 168 6.98 -22.29 -20.53
CA ASP A 168 7.48 -22.81 -21.77
C ASP A 168 7.64 -24.30 -21.67
N LYS A 169 8.06 -24.93 -22.73
CA LYS A 169 8.20 -26.38 -22.79
C LYS A 169 9.28 -26.88 -21.83
N LEU A 170 10.35 -26.15 -21.75
CA LEU A 170 11.46 -26.50 -20.90
C LEU A 170 11.13 -26.23 -19.44
N ALA A 171 10.32 -25.21 -19.20
CA ALA A 171 9.86 -24.82 -17.87
C ALA A 171 9.04 -25.92 -17.21
N ALA A 172 8.34 -26.68 -18.01
CA ALA A 172 7.53 -27.78 -17.53
C ALA A 172 8.35 -29.06 -17.42
N ALA A 173 9.62 -28.96 -17.83
CA ALA A 173 10.59 -30.05 -17.86
C ALA A 173 10.26 -31.06 -18.95
N LEU A 174 11.28 -31.63 -19.54
CA LEU A 174 11.09 -32.63 -20.56
C LEU A 174 10.74 -33.89 -19.87
N GLU A 175 11.60 -34.27 -19.00
CA GLU A 175 11.42 -35.40 -18.15
C GLU A 175 10.75 -34.92 -16.90
N HIS A 176 9.47 -35.18 -16.80
CA HIS A 176 8.69 -34.74 -15.67
C HIS A 176 8.11 -35.96 -14.96
N MET A 1 30.99 -2.93 10.13
CA MET A 1 30.44 -1.59 9.96
C MET A 1 29.07 -1.69 9.41
N GLU A 2 28.11 -1.35 10.21
CA GLU A 2 26.71 -1.45 9.86
C GLU A 2 26.25 -0.10 9.35
N GLN A 3 27.23 0.68 8.95
CA GLN A 3 27.07 2.00 8.44
C GLN A 3 27.90 2.07 7.17
N SER A 4 27.43 2.80 6.20
CA SER A 4 28.13 2.85 4.94
C SER A 4 28.98 4.12 4.70
N SER A 5 28.36 5.29 4.70
CA SER A 5 29.12 6.49 4.44
C SER A 5 28.78 7.62 5.43
N GLY A 6 27.73 8.36 5.14
CA GLY A 6 27.31 9.43 6.03
C GLY A 6 26.46 8.88 7.12
N ASP A 7 25.82 7.80 6.81
CA ASP A 7 24.97 7.12 7.72
C ASP A 7 25.80 6.52 8.84
N LYS A 8 25.35 6.74 10.02
CA LYS A 8 25.93 6.25 11.23
C LYS A 8 24.78 5.80 12.12
N ASP A 9 25.07 5.18 13.24
CA ASP A 9 24.00 4.71 14.10
C ASP A 9 23.50 5.84 14.94
N GLY A 10 22.32 6.21 14.65
CA GLY A 10 21.66 7.31 15.27
C GLY A 10 20.44 7.64 14.47
N GLY A 11 19.65 6.64 14.28
CA GLY A 11 18.52 6.71 13.42
C GLY A 11 18.51 5.48 12.58
N SER A 12 18.15 4.38 13.21
CA SER A 12 18.19 3.07 12.61
C SER A 12 17.29 3.01 11.38
N ASP A 13 17.92 2.84 10.23
CA ASP A 13 17.24 2.78 8.93
C ASP A 13 16.44 1.49 8.83
N SER A 14 16.92 0.46 9.53
CA SER A 14 16.23 -0.80 9.59
C SER A 14 15.30 -0.83 10.79
N GLY A 15 15.11 0.33 11.43
CA GLY A 15 14.26 0.47 12.58
C GLY A 15 12.81 0.35 12.22
N GLY A 16 12.39 -0.85 12.07
CA GLY A 16 11.06 -1.17 11.72
C GLY A 16 11.01 -2.56 11.22
N ALA A 17 10.25 -2.77 10.20
CA ALA A 17 10.20 -4.06 9.59
C ALA A 17 11.40 -4.23 8.70
N GLN A 18 12.42 -4.87 9.22
CA GLN A 18 13.65 -5.09 8.49
C GLN A 18 13.43 -6.06 7.33
N ASP A 19 12.45 -6.93 7.48
CA ASP A 19 12.09 -7.89 6.43
C ASP A 19 11.12 -7.26 5.45
N GLY A 20 10.63 -6.08 5.80
CA GLY A 20 9.69 -5.36 4.97
C GLY A 20 8.26 -5.85 5.10
N GLY A 21 8.07 -7.10 4.81
CA GLY A 21 6.73 -7.64 4.76
C GLY A 21 6.29 -7.67 3.32
N SER A 22 7.15 -8.18 2.51
CA SER A 22 6.98 -8.18 1.10
C SER A 22 5.99 -9.24 0.62
N LEU A 23 5.08 -8.80 -0.24
CA LEU A 23 4.10 -9.68 -0.88
C LEU A 23 4.80 -10.49 -1.99
N ASP A 24 4.02 -11.29 -2.74
CA ASP A 24 4.57 -12.16 -3.80
C ASP A 24 5.43 -11.38 -4.80
N SER A 25 4.90 -10.31 -5.32
CA SER A 25 5.64 -9.45 -6.23
C SER A 25 6.83 -8.75 -5.53
N LEU A 26 6.59 -8.32 -4.30
CA LEU A 26 7.54 -7.49 -3.55
C LEU A 26 8.75 -8.24 -2.99
N LYS A 27 8.62 -9.53 -2.80
CA LYS A 27 9.64 -10.34 -2.11
C LYS A 27 11.02 -10.29 -2.77
N LYS A 28 11.05 -10.18 -4.08
CA LYS A 28 12.31 -10.10 -4.82
C LYS A 28 13.10 -8.82 -4.53
N TYR A 29 12.45 -7.82 -3.94
CA TYR A 29 13.14 -6.57 -3.60
C TYR A 29 13.80 -6.68 -2.23
N ASN A 30 13.69 -7.87 -1.63
CA ASN A 30 14.31 -8.23 -0.35
C ASN A 30 13.81 -7.35 0.80
N GLY A 31 12.55 -6.98 0.72
CA GLY A 31 11.96 -6.18 1.77
C GLY A 31 12.07 -4.71 1.49
N LYS A 32 12.65 -4.37 0.37
CA LYS A 32 12.75 -2.98 -0.03
C LYS A 32 11.56 -2.68 -0.91
N LEU A 33 11.16 -1.43 -1.00
CA LEU A 33 10.10 -1.10 -1.90
C LEU A 33 10.63 -0.72 -3.26
N PRO A 34 9.89 -1.12 -4.31
CA PRO A 34 10.19 -0.80 -5.70
C PRO A 34 10.02 0.72 -5.98
N LYS A 35 10.66 1.21 -7.03
CA LYS A 35 10.60 2.60 -7.42
C LYS A 35 9.20 2.99 -7.90
N HIS A 36 8.83 4.23 -7.68
CA HIS A 36 7.52 4.71 -8.02
C HIS A 36 7.42 5.05 -9.51
N ASP A 37 6.33 4.64 -10.13
CA ASP A 37 6.06 4.93 -11.53
C ASP A 37 4.87 5.84 -11.65
N PRO A 38 5.07 7.16 -11.78
CA PRO A 38 3.95 8.12 -11.90
C PRO A 38 3.21 7.97 -13.21
N SER A 39 3.91 7.52 -14.20
CA SER A 39 3.37 7.38 -15.54
C SER A 39 2.66 6.05 -15.72
N PHE A 40 2.65 5.23 -14.68
CA PHE A 40 1.96 3.94 -14.70
C PHE A 40 0.48 4.19 -15.01
N VAL A 41 0.00 3.53 -16.02
CA VAL A 41 -1.36 3.74 -16.42
C VAL A 41 -2.20 2.49 -16.15
N GLN A 42 -3.32 2.71 -15.51
CA GLN A 42 -4.22 1.66 -15.21
C GLN A 42 -5.09 1.39 -16.46
N PRO A 43 -5.40 0.09 -16.76
CA PRO A 43 -6.20 -0.30 -17.94
C PRO A 43 -7.52 0.46 -18.07
N GLY A 44 -8.10 0.83 -16.96
CA GLY A 44 -9.33 1.56 -17.00
C GLY A 44 -9.16 2.97 -16.49
N ASN A 45 -9.41 3.94 -17.33
CA ASN A 45 -9.32 5.34 -16.94
C ASN A 45 -10.51 5.81 -16.07
N ARG A 46 -11.52 4.93 -15.99
CA ARG A 46 -12.83 5.09 -15.28
C ARG A 46 -12.94 6.20 -14.21
N HIS A 47 -12.21 6.07 -13.13
CA HIS A 47 -12.44 6.91 -11.96
C HIS A 47 -11.79 8.27 -11.99
N TYR A 48 -12.22 9.09 -11.03
CA TYR A 48 -11.76 10.42 -10.83
C TYR A 48 -10.28 10.36 -10.53
N LYS A 49 -9.50 11.05 -11.31
CA LYS A 49 -8.06 10.92 -11.26
C LYS A 49 -7.45 11.77 -10.15
N TYR A 50 -8.24 12.64 -9.56
CA TYR A 50 -7.74 13.47 -8.48
C TYR A 50 -8.13 12.87 -7.13
N GLN A 51 -8.60 11.64 -7.13
CA GLN A 51 -8.95 10.93 -5.90
C GLN A 51 -7.73 10.35 -5.24
N CYS A 52 -7.84 10.18 -3.95
CA CYS A 52 -6.82 9.51 -3.19
C CYS A 52 -6.80 8.05 -3.59
N THR A 53 -7.96 7.56 -4.00
CA THR A 53 -8.08 6.20 -4.41
C THR A 53 -7.36 5.99 -5.74
N TRP A 54 -7.37 7.03 -6.57
CA TRP A 54 -6.64 7.02 -7.82
C TRP A 54 -5.14 7.04 -7.54
N TYR A 55 -4.75 7.86 -6.57
CA TYR A 55 -3.36 7.99 -6.18
C TYR A 55 -2.86 6.64 -5.65
N ALA A 56 -3.77 5.94 -4.96
CA ALA A 56 -3.50 4.62 -4.47
C ALA A 56 -3.24 3.65 -5.62
N TYR A 57 -4.01 3.75 -6.73
CA TYR A 57 -3.79 2.88 -7.89
C TYR A 57 -2.38 3.10 -8.41
N ASN A 58 -2.01 4.38 -8.52
CA ASN A 58 -0.72 4.77 -9.05
C ASN A 58 0.42 4.24 -8.18
N ARG A 59 0.28 4.38 -6.86
CA ARG A 59 1.32 3.87 -5.98
C ARG A 59 1.32 2.34 -5.88
N ARG A 60 0.20 1.71 -6.19
CA ARG A 60 0.20 0.26 -6.29
C ARG A 60 0.88 -0.15 -7.58
N GLY A 61 0.91 0.76 -8.54
CA GLY A 61 1.63 0.58 -9.77
C GLY A 61 3.12 0.60 -9.51
N GLN A 62 3.51 1.33 -8.47
CA GLN A 62 4.89 1.36 -7.98
C GLN A 62 5.28 -0.03 -7.50
N LEU A 63 4.33 -0.68 -6.87
CA LEU A 63 4.53 -2.00 -6.31
C LEU A 63 4.32 -3.05 -7.38
N GLY A 64 3.96 -2.58 -8.55
CA GLY A 64 3.76 -3.40 -9.70
C GLY A 64 2.55 -4.26 -9.58
N ILE A 65 1.59 -3.84 -8.82
CA ILE A 65 0.39 -4.60 -8.64
C ILE A 65 -0.83 -3.79 -9.07
N PRO A 66 -1.34 -4.08 -10.28
CA PRO A 66 -2.48 -3.39 -10.84
C PRO A 66 -3.79 -3.95 -10.31
N VAL A 67 -4.67 -3.08 -9.93
CA VAL A 67 -5.95 -3.47 -9.40
C VAL A 67 -7.06 -2.95 -10.29
N PRO A 68 -8.23 -3.60 -10.28
CA PRO A 68 -9.42 -3.05 -10.90
C PRO A 68 -9.79 -1.77 -10.15
N LEU A 69 -10.51 -0.88 -10.78
CA LEU A 69 -10.81 0.37 -10.13
C LEU A 69 -11.89 0.21 -9.09
N TRP A 70 -11.56 0.56 -7.88
CA TRP A 70 -12.48 0.58 -6.78
C TRP A 70 -12.62 2.05 -6.38
N GLY A 71 -13.85 2.51 -6.30
CA GLY A 71 -14.13 3.93 -6.18
C GLY A 71 -13.72 4.54 -4.87
N ASP A 72 -14.51 4.31 -3.87
CA ASP A 72 -14.27 4.85 -2.54
C ASP A 72 -13.51 3.82 -1.72
N ALA A 73 -12.88 4.25 -0.64
CA ALA A 73 -12.11 3.36 0.24
C ALA A 73 -12.99 2.20 0.77
N ALA A 74 -14.27 2.46 1.00
CA ALA A 74 -15.16 1.41 1.46
C ALA A 74 -15.44 0.42 0.33
N ASP A 75 -15.40 0.93 -0.88
CA ASP A 75 -15.62 0.17 -2.11
C ASP A 75 -14.45 -0.78 -2.36
N TRP A 76 -13.25 -0.35 -1.93
CA TRP A 76 -12.00 -1.15 -2.10
C TRP A 76 -12.10 -2.51 -1.43
N ILE A 77 -12.57 -2.56 -0.21
CA ILE A 77 -12.64 -3.84 0.51
C ILE A 77 -13.67 -4.77 -0.14
N GLY A 78 -14.79 -4.19 -0.54
CA GLY A 78 -15.82 -4.94 -1.21
C GLY A 78 -15.37 -5.43 -2.58
N GLY A 79 -14.75 -4.52 -3.32
CA GLY A 79 -14.24 -4.81 -4.63
C GLY A 79 -13.13 -5.85 -4.61
N ALA A 80 -12.31 -5.80 -3.57
CA ALA A 80 -11.20 -6.72 -3.38
C ALA A 80 -11.70 -8.15 -3.31
N LYS A 81 -12.77 -8.37 -2.56
CA LYS A 81 -13.37 -9.68 -2.42
C LYS A 81 -13.87 -10.16 -3.75
N GLY A 82 -14.50 -9.27 -4.46
CA GLY A 82 -15.04 -9.55 -5.76
C GLY A 82 -13.96 -9.82 -6.80
N ALA A 83 -12.75 -9.39 -6.52
CA ALA A 83 -11.63 -9.59 -7.40
C ALA A 83 -10.74 -10.74 -6.93
N GLY A 84 -11.10 -11.37 -5.83
CA GLY A 84 -10.35 -12.50 -5.33
C GLY A 84 -9.07 -12.10 -4.62
N TYR A 85 -9.06 -10.92 -4.08
CA TYR A 85 -7.92 -10.39 -3.36
C TYR A 85 -7.91 -10.84 -1.91
N GLY A 86 -6.81 -10.63 -1.25
CA GLY A 86 -6.69 -10.94 0.13
C GLY A 86 -6.80 -9.70 0.95
N VAL A 87 -7.55 -9.74 2.00
CA VAL A 87 -7.69 -8.59 2.86
C VAL A 87 -7.29 -9.02 4.26
N GLY A 88 -6.57 -8.18 4.94
CA GLY A 88 -6.13 -8.50 6.27
C GLY A 88 -5.83 -7.26 7.04
N ARG A 89 -5.45 -7.41 8.28
CA ARG A 89 -5.16 -6.28 9.12
C ARG A 89 -3.70 -6.35 9.57
N THR A 90 -2.94 -7.23 8.96
CA THR A 90 -1.55 -7.40 9.29
C THR A 90 -0.71 -6.38 8.50
N PRO A 91 0.15 -5.62 9.18
CA PRO A 91 0.98 -4.60 8.56
C PRO A 91 2.10 -5.16 7.69
N LYS A 92 2.12 -4.74 6.44
CA LYS A 92 3.18 -5.08 5.52
C LYS A 92 3.58 -3.80 4.82
N GLN A 93 4.86 -3.61 4.60
CA GLN A 93 5.39 -2.43 3.92
C GLN A 93 4.91 -2.31 2.48
N GLY A 94 4.52 -1.12 2.08
CA GLY A 94 4.15 -0.86 0.72
C GLY A 94 2.69 -0.92 0.50
N ALA A 95 2.10 -1.97 0.97
CA ALA A 95 0.72 -2.22 0.74
C ALA A 95 -0.16 -1.14 1.37
N CYS A 96 -1.17 -0.75 0.64
CA CYS A 96 -2.01 0.36 1.02
C CYS A 96 -2.98 -0.02 2.13
N VAL A 97 -3.21 0.93 3.01
CA VAL A 97 -4.15 0.78 4.09
C VAL A 97 -5.42 1.50 3.75
N ILE A 98 -6.50 0.87 4.08
CA ILE A 98 -7.79 1.37 3.79
C ILE A 98 -8.50 1.73 5.09
N TRP A 99 -9.16 2.86 5.12
CA TRP A 99 -10.03 3.20 6.21
C TRP A 99 -11.43 3.34 5.68
N GLN A 100 -12.36 2.73 6.36
CA GLN A 100 -13.75 2.82 5.99
C GLN A 100 -14.31 4.15 6.44
N ARG A 101 -15.56 4.37 6.15
CA ARG A 101 -16.17 5.61 6.47
C ARG A 101 -17.07 5.45 7.68
N GLY A 102 -16.54 5.80 8.82
CA GLY A 102 -17.27 5.68 10.06
C GLY A 102 -16.52 4.85 11.09
N VAL A 103 -15.21 4.92 11.05
CA VAL A 103 -14.35 4.15 11.96
C VAL A 103 -13.30 5.09 12.53
N GLN A 104 -12.56 4.66 13.54
CA GLN A 104 -11.51 5.51 14.06
C GLN A 104 -10.40 5.51 13.08
N GLY A 105 -10.05 6.67 12.67
CA GLY A 105 -9.03 6.85 11.68
C GLY A 105 -9.66 7.12 10.33
N GLY A 106 -10.92 6.82 10.24
CA GLY A 106 -11.64 6.99 9.01
C GLY A 106 -13.02 7.49 9.29
N SER A 107 -13.09 8.74 9.65
CA SER A 107 -14.34 9.41 9.90
C SER A 107 -15.21 9.34 8.63
N PRO A 108 -16.56 9.43 8.73
CA PRO A 108 -17.49 9.28 7.59
C PRO A 108 -17.05 10.01 6.29
N GLN A 109 -16.51 11.19 6.43
CA GLN A 109 -16.02 11.95 5.28
C GLN A 109 -14.53 11.71 4.99
N TYR A 110 -13.82 11.20 5.95
CA TYR A 110 -12.37 11.11 5.84
C TYR A 110 -11.85 9.69 5.58
N GLY A 111 -12.76 8.75 5.36
CA GLY A 111 -12.33 7.40 5.00
C GLY A 111 -11.61 7.40 3.65
N HIS A 112 -10.34 7.04 3.66
CA HIS A 112 -9.51 7.14 2.46
C HIS A 112 -8.51 5.98 2.41
N VAL A 113 -7.58 6.08 1.46
CA VAL A 113 -6.51 5.11 1.29
C VAL A 113 -5.19 5.81 1.61
N ALA A 114 -4.28 5.10 2.20
CA ALA A 114 -2.95 5.62 2.43
C ALA A 114 -1.93 4.57 2.08
N PHE A 115 -0.72 4.97 1.82
CA PHE A 115 0.31 4.06 1.41
C PHE A 115 1.28 3.87 2.55
N VAL A 116 1.52 2.63 2.95
CA VAL A 116 2.46 2.37 3.99
C VAL A 116 3.85 2.50 3.41
N GLU A 117 4.54 3.52 3.81
CA GLU A 117 5.83 3.82 3.29
C GLU A 117 6.85 2.94 4.02
N LYS A 118 6.67 2.79 5.34
CA LYS A 118 7.56 1.96 6.12
C LYS A 118 6.79 1.37 7.28
N VAL A 119 7.16 0.20 7.69
CA VAL A 119 6.58 -0.39 8.88
C VAL A 119 7.60 -0.17 9.97
N LEU A 120 7.16 0.33 11.08
CA LEU A 120 8.03 0.73 12.14
C LEU A 120 7.93 -0.25 13.29
N ASP A 121 9.06 -0.44 14.03
CA ASP A 121 9.19 -1.46 15.13
C ASP A 121 9.22 -2.88 14.60
N GLY A 122 8.28 -3.16 13.77
CA GLY A 122 8.05 -4.44 13.25
C GLY A 122 6.60 -4.54 12.92
N GLY A 123 5.81 -3.73 13.62
CA GLY A 123 4.42 -3.65 13.32
C GLY A 123 3.55 -2.97 14.35
N LYS A 124 4.11 -2.22 15.30
CA LYS A 124 3.26 -1.51 16.23
C LYS A 124 2.92 -0.13 15.67
N LYS A 125 3.78 0.36 14.81
CA LYS A 125 3.63 1.62 14.15
C LYS A 125 3.84 1.41 12.67
N ILE A 126 3.20 2.22 11.88
CA ILE A 126 3.44 2.23 10.46
C ILE A 126 3.61 3.65 10.02
N PHE A 127 4.46 3.87 9.08
CA PHE A 127 4.68 5.17 8.57
C PHE A 127 4.06 5.20 7.22
N ILE A 128 3.17 6.11 7.00
CA ILE A 128 2.48 6.18 5.75
C ILE A 128 2.76 7.51 5.11
N SER A 129 2.50 7.58 3.86
CA SER A 129 2.51 8.82 3.20
C SER A 129 1.13 9.00 2.64
N GLU A 130 0.73 10.23 2.48
CA GLU A 130 -0.53 10.50 1.83
C GLU A 130 -0.19 10.70 0.38
N HIS A 131 0.85 11.47 0.20
CA HIS A 131 1.41 11.76 -1.06
C HIS A 131 2.88 11.59 -0.92
N ASN A 132 3.52 11.03 -1.91
CA ASN A 132 4.97 10.88 -1.86
C ASN A 132 5.57 12.10 -2.53
N TYR A 133 4.91 12.51 -3.59
CA TYR A 133 5.24 13.69 -4.35
C TYR A 133 4.07 14.03 -5.27
N ALA A 134 4.32 14.86 -6.28
CA ALA A 134 3.34 15.33 -7.30
C ALA A 134 2.61 16.56 -6.82
N THR A 135 2.20 16.56 -5.58
CA THR A 135 1.64 17.73 -4.98
C THR A 135 2.79 18.48 -4.33
N PRO A 136 3.13 19.67 -4.85
CA PRO A 136 4.28 20.41 -4.35
C PRO A 136 4.01 20.97 -2.97
N ASN A 137 4.95 20.70 -2.05
CA ASN A 137 4.91 21.15 -0.63
C ASN A 137 3.81 20.49 0.20
N GLY A 138 2.66 20.31 -0.41
CA GLY A 138 1.50 19.79 0.25
C GLY A 138 1.44 18.28 0.26
N TYR A 139 2.56 17.64 0.40
CA TYR A 139 2.58 16.22 0.56
C TYR A 139 2.88 15.95 2.02
N GLY A 140 2.26 14.97 2.59
CA GLY A 140 2.47 14.72 3.98
C GLY A 140 2.65 13.27 4.31
N THR A 141 3.26 13.03 5.44
CA THR A 141 3.49 11.72 5.95
C THR A 141 2.93 11.63 7.37
N ARG A 142 2.61 10.43 7.82
CA ARG A 142 1.98 10.27 9.11
C ARG A 142 2.29 8.88 9.70
N THR A 143 2.36 8.79 11.01
CA THR A 143 2.63 7.54 11.69
C THR A 143 1.33 7.05 12.38
N ILE A 144 0.96 5.82 12.12
CA ILE A 144 -0.24 5.23 12.69
C ILE A 144 0.13 4.17 13.70
N ASP A 145 -0.61 4.16 14.80
CA ASP A 145 -0.46 3.18 15.83
C ASP A 145 -1.28 2.00 15.50
N MET A 146 -0.65 0.89 15.33
CA MET A 146 -1.32 -0.34 15.02
C MET A 146 -2.02 -0.88 16.26
N SER A 147 -1.64 -0.36 17.42
CA SER A 147 -2.27 -0.73 18.67
C SER A 147 -3.56 0.12 18.86
N SER A 148 -3.67 1.19 18.09
CA SER A 148 -4.79 2.10 18.18
C SER A 148 -5.96 1.54 17.37
N ALA A 149 -7.14 2.08 17.62
CA ALA A 149 -8.33 1.69 16.88
C ALA A 149 -8.14 2.02 15.41
N ILE A 150 -7.46 3.13 15.15
CA ILE A 150 -7.08 3.52 13.79
C ILE A 150 -6.27 2.42 13.12
N GLY A 151 -5.31 1.90 13.86
CA GLY A 151 -4.47 0.83 13.37
C GLY A 151 -5.23 -0.44 13.16
N LYS A 152 -6.17 -0.70 14.03
CA LYS A 152 -7.03 -1.85 13.93
C LYS A 152 -8.00 -1.71 12.76
N ASN A 153 -8.26 -0.49 12.37
CA ASN A 153 -9.13 -0.22 11.25
C ASN A 153 -8.34 -0.12 9.98
N ALA A 154 -7.04 0.00 10.12
CA ALA A 154 -6.16 0.05 8.98
C ALA A 154 -6.05 -1.33 8.41
N GLN A 155 -6.64 -1.51 7.28
CA GLN A 155 -6.71 -2.80 6.68
C GLN A 155 -6.00 -2.79 5.36
N PHE A 156 -5.35 -3.87 5.10
CA PHE A 156 -4.49 -4.01 3.97
C PHE A 156 -5.13 -4.88 2.95
N ILE A 157 -4.94 -4.53 1.71
CA ILE A 157 -5.41 -5.35 0.64
C ILE A 157 -4.21 -5.91 -0.08
N TYR A 158 -4.13 -7.19 -0.07
CA TYR A 158 -3.03 -7.92 -0.63
C TYR A 158 -3.39 -8.31 -2.03
N ASP A 159 -2.43 -8.25 -2.90
CA ASP A 159 -2.69 -8.48 -4.31
C ASP A 159 -2.33 -9.91 -4.63
N LYS A 160 -2.69 -10.33 -5.79
CA LYS A 160 -2.51 -11.68 -6.22
C LYS A 160 -1.21 -11.81 -7.03
N LYS A 161 -1.09 -12.88 -7.79
CA LYS A 161 0.02 -13.03 -8.70
C LYS A 161 -0.22 -12.10 -9.89
N LYS A 162 0.81 -11.66 -10.51
CA LYS A 162 0.65 -10.73 -11.60
C LYS A 162 1.10 -11.32 -12.90
N ASN A 163 0.39 -10.98 -13.93
CA ASN A 163 0.70 -11.39 -15.26
C ASN A 163 0.45 -10.24 -16.17
N SER A 164 1.45 -9.83 -16.88
CA SER A 164 1.35 -8.72 -17.76
C SER A 164 0.56 -9.12 -19.00
N SER A 165 -0.02 -8.15 -19.68
CA SER A 165 -0.74 -8.42 -20.87
C SER A 165 0.24 -8.57 -22.04
N SER A 166 0.80 -9.75 -22.10
CA SER A 166 1.78 -10.10 -23.08
C SER A 166 1.09 -10.63 -24.31
N VAL A 167 1.51 -10.18 -25.44
CA VAL A 167 0.96 -10.64 -26.67
C VAL A 167 1.76 -11.87 -27.08
N ASP A 168 1.06 -12.95 -27.27
CA ASP A 168 1.69 -14.22 -27.60
C ASP A 168 2.15 -14.22 -29.04
N LYS A 169 2.86 -15.25 -29.42
CA LYS A 169 3.49 -15.35 -30.72
C LYS A 169 2.46 -15.37 -31.84
N LEU A 170 1.38 -16.07 -31.61
CA LEU A 170 0.34 -16.19 -32.59
C LEU A 170 -0.47 -14.91 -32.66
N ALA A 171 -0.67 -14.28 -31.50
CA ALA A 171 -1.41 -13.04 -31.44
C ALA A 171 -0.64 -11.91 -32.10
N ALA A 172 0.67 -11.89 -31.93
CA ALA A 172 1.52 -10.87 -32.55
C ALA A 172 1.80 -11.24 -33.99
N ALA A 173 1.52 -12.51 -34.32
CA ALA A 173 1.73 -13.14 -35.62
C ALA A 173 3.19 -13.50 -35.82
N LEU A 174 3.43 -14.54 -36.60
CA LEU A 174 4.79 -15.02 -36.88
C LEU A 174 5.47 -14.00 -37.75
N GLU A 175 4.71 -13.50 -38.67
CA GLU A 175 5.16 -12.48 -39.60
C GLU A 175 5.11 -11.10 -38.94
N HIS A 176 4.52 -11.03 -37.76
CA HIS A 176 4.36 -9.81 -36.96
C HIS A 176 3.58 -8.72 -37.73
N MET A 1 6.67 20.53 25.50
CA MET A 1 7.64 19.74 26.27
C MET A 1 8.78 19.32 25.37
N GLU A 2 8.45 19.07 24.14
CA GLU A 2 9.37 18.64 23.14
C GLU A 2 9.88 19.85 22.36
N GLN A 3 11.12 19.78 21.93
CA GLN A 3 11.71 20.85 21.15
C GLN A 3 11.58 20.58 19.66
N SER A 4 11.49 19.33 19.31
CA SER A 4 11.35 18.93 17.94
C SER A 4 9.87 18.70 17.63
N SER A 5 9.33 19.47 16.72
CA SER A 5 7.95 19.35 16.34
C SER A 5 7.76 19.71 14.87
N GLY A 6 6.96 18.93 14.21
CA GLY A 6 6.67 19.09 12.81
C GLY A 6 6.25 17.76 12.27
N ASP A 7 7.20 17.02 11.83
CA ASP A 7 6.98 15.66 11.42
C ASP A 7 7.74 14.79 12.40
N LYS A 8 7.03 13.99 13.14
CA LYS A 8 7.64 13.17 14.16
C LYS A 8 7.71 11.72 13.74
N ASP A 9 8.72 11.05 14.24
CA ASP A 9 8.93 9.65 13.98
C ASP A 9 8.97 8.94 15.32
N GLY A 10 8.87 7.64 15.32
CA GLY A 10 8.90 6.92 16.57
C GLY A 10 8.86 5.43 16.36
N GLY A 11 9.77 4.93 15.57
CA GLY A 11 9.85 3.51 15.34
C GLY A 11 11.22 3.00 15.66
N SER A 12 11.96 3.80 16.39
CA SER A 12 13.35 3.55 16.71
C SER A 12 13.47 2.53 17.87
N ASP A 13 12.33 1.98 18.30
CA ASP A 13 12.25 0.99 19.38
C ASP A 13 13.00 -0.26 19.00
N SER A 14 13.02 -0.54 17.71
CA SER A 14 13.72 -1.68 17.19
C SER A 14 13.98 -1.48 15.70
N GLY A 15 13.84 -0.25 15.24
CA GLY A 15 14.04 0.06 13.83
C GLY A 15 12.80 -0.27 13.02
N GLY A 16 12.49 -1.53 12.92
CA GLY A 16 11.35 -1.96 12.19
C GLY A 16 11.63 -3.22 11.44
N ALA A 17 10.79 -3.50 10.50
CA ALA A 17 10.95 -4.66 9.67
C ALA A 17 11.81 -4.30 8.49
N GLN A 18 12.56 -5.25 8.02
CA GLN A 18 13.43 -5.03 6.89
C GLN A 18 12.92 -5.84 5.71
N ASP A 19 12.47 -7.05 5.99
CA ASP A 19 11.90 -7.93 4.97
C ASP A 19 10.40 -8.00 5.15
N GLY A 20 9.88 -7.11 6.00
CA GLY A 20 8.48 -7.11 6.42
C GLY A 20 7.47 -6.66 5.35
N GLY A 21 7.74 -7.03 4.15
CA GLY A 21 6.88 -6.74 3.06
C GLY A 21 6.52 -8.02 2.39
N SER A 22 6.27 -9.02 3.19
CA SER A 22 5.99 -10.32 2.68
C SER A 22 4.57 -10.43 2.13
N LEU A 23 4.38 -9.80 1.00
CA LEU A 23 3.15 -9.91 0.26
C LEU A 23 3.30 -11.15 -0.59
N ASP A 24 4.32 -11.12 -1.43
CA ASP A 24 4.75 -12.23 -2.27
C ASP A 24 5.85 -11.74 -3.18
N SER A 25 5.48 -10.96 -4.19
CA SER A 25 6.37 -10.42 -5.21
C SER A 25 7.47 -9.55 -4.61
N LEU A 26 7.17 -8.94 -3.50
CA LEU A 26 8.07 -8.02 -2.83
C LEU A 26 9.31 -8.71 -2.25
N LYS A 27 9.22 -10.03 -2.04
CA LYS A 27 10.32 -10.78 -1.44
C LYS A 27 11.55 -10.81 -2.35
N LYS A 28 11.34 -10.89 -3.66
CA LYS A 28 12.46 -10.91 -4.61
C LYS A 28 13.17 -9.56 -4.67
N TYR A 29 12.53 -8.53 -4.15
CA TYR A 29 13.09 -7.19 -4.14
C TYR A 29 13.90 -6.95 -2.87
N ASN A 30 14.07 -8.03 -2.09
CA ASN A 30 14.86 -8.05 -0.83
C ASN A 30 14.28 -7.07 0.20
N GLY A 31 12.98 -6.92 0.15
CA GLY A 31 12.31 -6.04 1.08
C GLY A 31 12.38 -4.59 0.65
N LYS A 32 13.01 -4.31 -0.49
CA LYS A 32 13.03 -2.98 -0.99
C LYS A 32 11.80 -2.81 -1.83
N LEU A 33 11.10 -1.74 -1.64
CA LEU A 33 9.93 -1.54 -2.42
C LEU A 33 10.29 -1.15 -3.84
N PRO A 34 9.55 -1.70 -4.80
CA PRO A 34 9.73 -1.46 -6.23
C PRO A 34 9.67 0.03 -6.58
N LYS A 35 10.48 0.41 -7.53
CA LYS A 35 10.53 1.78 -7.99
C LYS A 35 9.44 1.98 -9.02
N HIS A 36 8.79 3.11 -8.99
CA HIS A 36 7.73 3.37 -9.92
C HIS A 36 8.23 4.14 -11.11
N ASP A 37 7.48 4.09 -12.17
CA ASP A 37 7.83 4.78 -13.39
C ASP A 37 7.22 6.19 -13.38
N PRO A 38 7.99 7.23 -13.67
CA PRO A 38 7.48 8.62 -13.65
C PRO A 38 6.38 8.88 -14.67
N SER A 39 6.43 8.16 -15.73
CA SER A 39 5.48 8.29 -16.82
C SER A 39 4.31 7.29 -16.68
N PHE A 40 4.36 6.49 -15.62
CA PHE A 40 3.32 5.50 -15.32
C PHE A 40 1.97 6.15 -15.19
N VAL A 41 0.98 5.55 -15.80
CA VAL A 41 -0.37 5.99 -15.70
C VAL A 41 -1.12 5.01 -14.81
N GLN A 42 -1.76 5.52 -13.80
CA GLN A 42 -2.49 4.71 -12.87
C GLN A 42 -3.76 4.16 -13.52
N PRO A 43 -4.11 2.91 -13.21
CA PRO A 43 -5.31 2.26 -13.77
C PRO A 43 -6.61 2.75 -13.10
N GLY A 44 -6.70 4.03 -12.85
CA GLY A 44 -7.84 4.59 -12.19
C GLY A 44 -8.44 5.73 -12.93
N ASN A 45 -8.48 5.60 -14.24
CA ASN A 45 -8.91 6.68 -15.10
C ASN A 45 -10.43 6.93 -15.13
N ARG A 46 -11.20 6.03 -14.56
CA ARG A 46 -12.66 6.16 -14.65
C ARG A 46 -13.27 6.97 -13.51
N HIS A 47 -12.81 6.74 -12.30
CA HIS A 47 -13.42 7.36 -11.10
C HIS A 47 -12.92 8.77 -10.83
N TYR A 48 -13.25 9.28 -9.64
CA TYR A 48 -12.85 10.57 -9.17
C TYR A 48 -11.34 10.67 -9.10
N LYS A 49 -10.77 11.35 -10.05
CA LYS A 49 -9.33 11.50 -10.19
C LYS A 49 -8.79 12.62 -9.29
N TYR A 50 -9.50 12.85 -8.20
CA TYR A 50 -9.11 13.78 -7.16
C TYR A 50 -9.41 13.19 -5.80
N GLN A 51 -9.83 11.93 -5.80
CA GLN A 51 -10.16 11.25 -4.56
C GLN A 51 -8.93 10.47 -4.10
N CYS A 52 -8.83 10.20 -2.81
CA CYS A 52 -7.69 9.50 -2.21
C CYS A 52 -7.46 8.12 -2.87
N THR A 53 -8.53 7.51 -3.32
CA THR A 53 -8.50 6.23 -3.95
C THR A 53 -7.79 6.27 -5.32
N TRP A 54 -7.87 7.42 -5.99
CA TRP A 54 -7.21 7.61 -7.26
C TRP A 54 -5.70 7.57 -7.06
N TYR A 55 -5.26 8.23 -6.02
CA TYR A 55 -3.87 8.27 -5.65
C TYR A 55 -3.43 6.88 -5.23
N ALA A 56 -4.35 6.16 -4.60
CA ALA A 56 -4.13 4.80 -4.17
C ALA A 56 -3.83 3.87 -5.34
N TYR A 57 -4.53 4.05 -6.48
CA TYR A 57 -4.26 3.23 -7.67
C TYR A 57 -2.81 3.39 -8.07
N ASN A 58 -2.35 4.64 -8.04
CA ASN A 58 -0.96 4.97 -8.37
C ASN A 58 -0.01 4.34 -7.39
N ARG A 59 -0.31 4.48 -6.11
CA ARG A 59 0.51 3.97 -5.05
C ARG A 59 0.65 2.44 -5.13
N ARG A 60 -0.43 1.75 -5.42
CA ARG A 60 -0.37 0.31 -5.54
C ARG A 60 0.31 -0.08 -6.87
N GLY A 61 0.13 0.76 -7.87
CA GLY A 61 0.75 0.56 -9.16
C GLY A 61 2.26 0.64 -9.11
N GLN A 62 2.77 1.34 -8.08
CA GLN A 62 4.20 1.47 -7.84
C GLN A 62 4.80 0.11 -7.50
N LEU A 63 3.95 -0.75 -6.93
CA LEU A 63 4.34 -2.08 -6.51
C LEU A 63 4.24 -3.07 -7.66
N GLY A 64 3.73 -2.60 -8.80
CA GLY A 64 3.62 -3.44 -9.97
C GLY A 64 2.53 -4.48 -9.84
N ILE A 65 1.52 -4.16 -9.08
CA ILE A 65 0.40 -5.03 -8.85
C ILE A 65 -0.90 -4.34 -9.28
N PRO A 66 -1.47 -4.78 -10.42
CA PRO A 66 -2.66 -4.16 -11.02
C PRO A 66 -3.97 -4.53 -10.32
N VAL A 67 -4.79 -3.52 -10.10
CA VAL A 67 -6.10 -3.70 -9.51
C VAL A 67 -7.16 -3.02 -10.35
N PRO A 68 -8.38 -3.58 -10.40
CA PRO A 68 -9.51 -2.96 -11.08
C PRO A 68 -9.96 -1.70 -10.34
N LEU A 69 -10.63 -0.81 -11.05
CA LEU A 69 -11.16 0.39 -10.46
C LEU A 69 -12.25 0.08 -9.44
N TRP A 70 -11.99 0.43 -8.20
CA TRP A 70 -12.96 0.32 -7.13
C TRP A 70 -13.26 1.73 -6.67
N GLY A 71 -14.41 1.98 -6.10
CA GLY A 71 -14.80 3.35 -5.83
C GLY A 71 -14.21 3.94 -4.56
N ASP A 72 -15.06 4.03 -3.56
CA ASP A 72 -14.71 4.56 -2.24
C ASP A 72 -13.74 3.63 -1.57
N ALA A 73 -13.03 4.11 -0.57
CA ALA A 73 -12.06 3.27 0.14
C ALA A 73 -12.77 2.06 0.79
N ALA A 74 -13.99 2.28 1.22
CA ALA A 74 -14.80 1.23 1.81
C ALA A 74 -15.22 0.21 0.74
N ASP A 75 -15.37 0.70 -0.48
CA ASP A 75 -15.75 -0.09 -1.64
C ASP A 75 -14.60 -0.99 -2.05
N TRP A 76 -13.38 -0.50 -1.85
CA TRP A 76 -12.14 -1.23 -2.16
C TRP A 76 -12.06 -2.55 -1.44
N ILE A 77 -12.50 -2.59 -0.18
CA ILE A 77 -12.46 -3.81 0.60
C ILE A 77 -13.36 -4.87 -0.05
N GLY A 78 -14.51 -4.42 -0.49
CA GLY A 78 -15.47 -5.28 -1.14
C GLY A 78 -15.01 -5.67 -2.53
N GLY A 79 -14.48 -4.72 -3.25
CA GLY A 79 -14.00 -4.94 -4.60
C GLY A 79 -12.87 -5.93 -4.64
N ALA A 80 -12.02 -5.87 -3.62
CA ALA A 80 -10.89 -6.77 -3.48
C ALA A 80 -11.37 -8.21 -3.39
N LYS A 81 -12.43 -8.45 -2.61
CA LYS A 81 -12.97 -9.77 -2.42
C LYS A 81 -13.39 -10.36 -3.75
N GLY A 82 -14.08 -9.55 -4.54
CA GLY A 82 -14.60 -9.97 -5.82
C GLY A 82 -13.53 -10.14 -6.88
N ALA A 83 -12.39 -9.48 -6.69
CA ALA A 83 -11.31 -9.55 -7.66
C ALA A 83 -10.32 -10.66 -7.31
N GLY A 84 -10.52 -11.29 -6.17
CA GLY A 84 -9.65 -12.36 -5.77
C GLY A 84 -8.46 -11.89 -4.98
N TYR A 85 -8.60 -10.78 -4.30
CA TYR A 85 -7.56 -10.25 -3.45
C TYR A 85 -8.02 -10.37 -2.01
N GLY A 86 -7.09 -10.46 -1.09
CA GLY A 86 -7.46 -10.68 0.29
C GLY A 86 -7.26 -9.45 1.13
N VAL A 87 -8.04 -9.32 2.17
CA VAL A 87 -7.95 -8.19 3.07
C VAL A 87 -7.61 -8.69 4.46
N GLY A 88 -6.79 -7.97 5.18
CA GLY A 88 -6.41 -8.38 6.50
C GLY A 88 -5.91 -7.23 7.31
N ARG A 89 -5.56 -7.49 8.55
CA ARG A 89 -5.09 -6.47 9.46
C ARG A 89 -3.61 -6.67 9.81
N THR A 90 -2.94 -7.55 9.11
CA THR A 90 -1.54 -7.80 9.36
C THR A 90 -0.68 -6.77 8.58
N PRO A 91 0.26 -6.09 9.25
CA PRO A 91 1.09 -5.07 8.63
C PRO A 91 2.15 -5.61 7.67
N LYS A 92 2.09 -5.17 6.42
CA LYS A 92 3.09 -5.52 5.44
C LYS A 92 3.55 -4.25 4.75
N GLN A 93 4.83 -4.15 4.49
CA GLN A 93 5.42 -3.05 3.74
C GLN A 93 4.91 -2.99 2.32
N GLY A 94 4.60 -1.82 1.86
CA GLY A 94 4.21 -1.64 0.49
C GLY A 94 2.74 -1.60 0.32
N ALA A 95 2.10 -2.63 0.76
CA ALA A 95 0.70 -2.79 0.52
C ALA A 95 -0.10 -1.69 1.19
N CYS A 96 -1.07 -1.18 0.48
CA CYS A 96 -1.81 -0.02 0.93
C CYS A 96 -2.83 -0.34 2.01
N VAL A 97 -2.97 0.60 2.91
CA VAL A 97 -3.90 0.51 4.02
C VAL A 97 -5.12 1.33 3.70
N ILE A 98 -6.23 0.82 4.11
CA ILE A 98 -7.51 1.39 3.83
C ILE A 98 -8.20 1.77 5.13
N TRP A 99 -8.82 2.92 5.12
CA TRP A 99 -9.69 3.37 6.17
C TRP A 99 -11.05 3.59 5.57
N GLN A 100 -12.08 3.20 6.30
CA GLN A 100 -13.45 3.31 5.82
C GLN A 100 -13.95 4.75 5.90
N ARG A 101 -15.17 4.96 5.49
CA ARG A 101 -15.75 6.28 5.47
C ARG A 101 -16.33 6.61 6.82
N GLY A 102 -15.68 7.49 7.54
CA GLY A 102 -16.19 7.91 8.81
C GLY A 102 -15.65 7.11 9.95
N VAL A 103 -14.36 6.88 9.93
CA VAL A 103 -13.69 6.17 11.00
C VAL A 103 -12.47 6.95 11.37
N GLN A 104 -11.79 6.57 12.42
CA GLN A 104 -10.59 7.26 12.76
C GLN A 104 -9.51 6.97 11.81
N GLY A 105 -9.12 8.00 11.20
CA GLY A 105 -8.12 7.99 10.16
C GLY A 105 -8.74 8.01 8.77
N GLY A 106 -10.05 7.84 8.70
CA GLY A 106 -10.72 7.77 7.42
C GLY A 106 -11.78 8.83 7.26
N SER A 107 -11.54 9.75 6.33
CA SER A 107 -12.42 10.87 6.04
C SER A 107 -13.86 10.36 5.73
N PRO A 108 -14.89 10.93 6.41
CA PRO A 108 -16.29 10.48 6.32
C PRO A 108 -16.87 10.32 4.90
N GLN A 109 -16.42 11.13 3.96
CA GLN A 109 -17.00 11.09 2.63
C GLN A 109 -16.34 10.05 1.72
N TYR A 110 -15.05 9.82 1.86
CA TYR A 110 -14.37 8.92 0.90
C TYR A 110 -13.68 7.75 1.57
N GLY A 111 -13.28 7.96 2.79
CA GLY A 111 -12.41 7.04 3.45
C GLY A 111 -11.01 7.56 3.29
N HIS A 112 -10.02 6.72 3.39
CA HIS A 112 -8.66 7.16 3.19
C HIS A 112 -7.78 5.96 2.88
N VAL A 113 -6.77 6.15 2.07
CA VAL A 113 -5.84 5.10 1.71
C VAL A 113 -4.42 5.64 1.87
N ALA A 114 -3.53 4.84 2.38
CA ALA A 114 -2.14 5.22 2.51
C ALA A 114 -1.25 4.07 2.07
N PHE A 115 -0.01 4.39 1.80
CA PHE A 115 0.95 3.41 1.32
C PHE A 115 1.93 3.12 2.42
N VAL A 116 2.09 1.87 2.78
CA VAL A 116 3.00 1.51 3.84
C VAL A 116 4.42 1.52 3.29
N GLU A 117 5.26 2.29 3.91
CA GLU A 117 6.61 2.42 3.50
C GLU A 117 7.43 1.37 4.26
N LYS A 118 7.21 1.30 5.57
CA LYS A 118 7.96 0.39 6.40
C LYS A 118 7.10 -0.04 7.59
N VAL A 119 7.35 -1.21 8.11
CA VAL A 119 6.71 -1.62 9.33
C VAL A 119 7.68 -1.26 10.44
N LEU A 120 7.21 -0.57 11.42
CA LEU A 120 8.07 -0.05 12.45
C LEU A 120 7.98 -0.89 13.68
N ASP A 121 9.07 -0.91 14.48
CA ASP A 121 9.19 -1.73 15.72
C ASP A 121 9.31 -3.21 15.40
N GLY A 122 8.33 -3.67 14.73
CA GLY A 122 8.14 -5.03 14.43
C GLY A 122 6.74 -5.17 13.96
N GLY A 123 5.89 -4.26 14.45
CA GLY A 123 4.54 -4.21 13.99
C GLY A 123 3.60 -3.37 14.83
N LYS A 124 4.09 -2.61 15.82
CA LYS A 124 3.15 -1.81 16.57
C LYS A 124 2.78 -0.55 15.80
N LYS A 125 3.70 -0.13 14.97
CA LYS A 125 3.49 1.01 14.11
C LYS A 125 3.91 0.69 12.69
N ILE A 126 3.44 1.46 11.77
CA ILE A 126 3.86 1.39 10.40
C ILE A 126 4.21 2.79 9.95
N PHE A 127 5.11 2.90 9.04
CA PHE A 127 5.48 4.17 8.51
C PHE A 127 4.87 4.23 7.15
N ILE A 128 4.11 5.24 6.88
CA ILE A 128 3.49 5.34 5.59
C ILE A 128 4.06 6.50 4.80
N SER A 129 3.88 6.43 3.53
CA SER A 129 4.25 7.48 2.65
C SER A 129 3.01 7.86 1.88
N GLU A 130 2.94 9.07 1.42
CA GLU A 130 1.76 9.54 0.75
C GLU A 130 2.13 10.25 -0.54
N HIS A 131 2.00 9.53 -1.63
CA HIS A 131 2.30 10.08 -2.93
C HIS A 131 1.07 10.79 -3.46
N ASN A 132 1.23 12.05 -3.68
CA ASN A 132 0.18 12.92 -4.19
C ASN A 132 0.55 13.30 -5.60
N TYR A 133 -0.33 14.00 -6.28
CA TYR A 133 0.00 14.45 -7.61
C TYR A 133 0.21 15.95 -7.57
N ALA A 134 -0.84 16.68 -7.25
CA ALA A 134 -0.79 18.12 -7.11
C ALA A 134 -1.60 18.51 -5.88
N THR A 135 -1.71 17.57 -4.98
CA THR A 135 -2.50 17.70 -3.78
C THR A 135 -1.74 18.49 -2.70
N PRO A 136 -2.29 19.63 -2.24
CA PRO A 136 -1.65 20.44 -1.22
C PRO A 136 -1.60 19.68 0.12
N ASN A 137 -0.41 19.67 0.75
CA ASN A 137 -0.16 18.95 2.03
C ASN A 137 -0.40 17.44 1.92
N GLY A 138 -0.52 16.95 0.68
CA GLY A 138 -0.78 15.55 0.47
C GLY A 138 0.45 14.70 0.67
N TYR A 139 1.56 15.18 0.18
CA TYR A 139 2.83 14.48 0.26
C TYR A 139 3.40 14.55 1.66
N GLY A 140 3.95 13.47 2.11
CA GLY A 140 4.56 13.44 3.39
C GLY A 140 4.75 12.03 3.84
N THR A 141 5.28 11.86 5.01
CA THR A 141 5.43 10.58 5.62
C THR A 141 5.01 10.67 7.07
N ARG A 142 4.37 9.65 7.58
CA ARG A 142 3.87 9.65 8.95
C ARG A 142 3.74 8.26 9.47
N THR A 143 3.62 8.16 10.74
CA THR A 143 3.53 6.90 11.40
C THR A 143 2.05 6.59 11.77
N ILE A 144 1.66 5.37 11.56
CA ILE A 144 0.34 4.91 11.93
C ILE A 144 0.50 3.91 13.05
N ASP A 145 -0.17 4.15 14.15
CA ASP A 145 -0.11 3.28 15.28
C ASP A 145 -1.13 2.20 15.15
N MET A 146 -0.66 1.02 14.90
CA MET A 146 -1.51 -0.17 14.72
C MET A 146 -2.14 -0.57 16.04
N SER A 147 -1.60 -0.03 17.10
CA SER A 147 -2.03 -0.33 18.42
C SER A 147 -3.02 0.75 18.91
N SER A 148 -3.33 1.70 18.05
CA SER A 148 -4.26 2.78 18.38
C SER A 148 -5.48 2.75 17.45
N ALA A 149 -6.38 3.73 17.62
CA ALA A 149 -7.63 3.78 16.87
C ALA A 149 -7.40 3.89 15.37
N ILE A 150 -6.46 4.72 14.98
CA ILE A 150 -6.15 4.92 13.56
C ILE A 150 -5.71 3.59 12.95
N GLY A 151 -4.79 2.94 13.61
CA GLY A 151 -4.23 1.71 13.16
C GLY A 151 -5.18 0.55 13.16
N LYS A 152 -6.07 0.48 14.14
CA LYS A 152 -7.00 -0.64 14.23
C LYS A 152 -8.06 -0.58 13.12
N ASN A 153 -8.27 0.60 12.57
CA ASN A 153 -9.25 0.80 11.53
C ASN A 153 -8.61 0.60 10.18
N ALA A 154 -7.30 0.56 10.18
CA ALA A 154 -6.53 0.39 8.98
C ALA A 154 -6.50 -1.05 8.58
N GLN A 155 -6.90 -1.30 7.36
CA GLN A 155 -6.89 -2.63 6.82
C GLN A 155 -6.02 -2.67 5.63
N PHE A 156 -5.48 -3.80 5.40
CA PHE A 156 -4.54 -4.00 4.35
C PHE A 156 -5.20 -4.83 3.28
N ILE A 157 -4.97 -4.48 2.06
CA ILE A 157 -5.48 -5.25 0.96
C ILE A 157 -4.29 -5.86 0.30
N TYR A 158 -4.29 -7.14 0.26
CA TYR A 158 -3.20 -7.89 -0.26
C TYR A 158 -3.54 -8.35 -1.64
N ASP A 159 -2.59 -8.30 -2.49
CA ASP A 159 -2.77 -8.75 -3.83
C ASP A 159 -2.24 -10.15 -3.92
N LYS A 160 -2.58 -10.83 -4.96
CA LYS A 160 -2.12 -12.17 -5.16
C LYS A 160 -0.74 -12.15 -5.79
N LYS A 161 -0.22 -13.30 -6.10
CA LYS A 161 1.07 -13.38 -6.78
C LYS A 161 0.91 -12.78 -8.16
N LYS A 162 1.95 -12.18 -8.65
CA LYS A 162 1.87 -11.64 -9.97
C LYS A 162 2.26 -12.69 -10.99
N ASN A 163 1.31 -13.56 -11.19
CA ASN A 163 1.43 -14.65 -12.12
C ASN A 163 0.57 -14.44 -13.33
N SER A 164 -0.63 -13.92 -13.12
CA SER A 164 -1.53 -13.57 -14.18
C SER A 164 -0.95 -12.36 -14.89
N SER A 165 -0.57 -11.37 -14.11
CA SER A 165 0.13 -10.24 -14.64
C SER A 165 1.60 -10.66 -14.70
N SER A 166 1.96 -11.22 -15.81
CA SER A 166 3.26 -11.77 -16.01
C SER A 166 4.27 -10.70 -16.35
N VAL A 167 5.46 -10.83 -15.84
CA VAL A 167 6.53 -9.96 -16.22
C VAL A 167 7.23 -10.63 -17.36
N ASP A 168 6.68 -10.42 -18.48
CA ASP A 168 7.11 -11.03 -19.68
C ASP A 168 7.84 -10.05 -20.55
N LYS A 169 8.82 -10.55 -21.24
CA LYS A 169 9.68 -9.77 -22.09
C LYS A 169 8.90 -9.21 -23.28
N LEU A 170 8.04 -10.03 -23.82
CA LEU A 170 7.28 -9.67 -25.01
C LEU A 170 6.18 -8.69 -24.65
N ALA A 171 5.65 -8.83 -23.45
CA ALA A 171 4.63 -7.93 -22.94
C ALA A 171 5.23 -6.56 -22.62
N ALA A 172 6.50 -6.56 -22.22
CA ALA A 172 7.20 -5.34 -21.88
C ALA A 172 7.67 -4.61 -23.13
N ALA A 173 8.22 -5.35 -24.06
CA ALA A 173 8.72 -4.78 -25.29
C ALA A 173 7.60 -4.53 -26.27
N LEU A 174 7.87 -3.73 -27.27
CA LEU A 174 6.89 -3.42 -28.32
C LEU A 174 6.97 -4.54 -29.31
N GLU A 175 8.13 -5.07 -29.38
CA GLU A 175 8.46 -6.20 -30.18
C GLU A 175 8.00 -7.45 -29.46
N HIS A 176 6.86 -7.95 -29.85
CA HIS A 176 6.23 -9.10 -29.20
C HIS A 176 6.68 -10.39 -29.87
N MET A 1 29.12 0.03 29.43
CA MET A 1 28.41 -1.23 29.12
C MET A 1 26.93 -1.07 29.42
N GLU A 2 26.60 -0.75 30.65
CA GLU A 2 25.22 -0.58 31.05
C GLU A 2 25.17 0.57 32.05
N GLN A 3 24.33 1.54 31.80
CA GLN A 3 24.18 2.64 32.72
C GLN A 3 22.98 2.42 33.60
N SER A 4 23.13 2.75 34.84
CA SER A 4 22.05 2.64 35.77
C SER A 4 21.41 4.02 35.96
N SER A 5 22.17 5.05 35.61
CA SER A 5 21.74 6.43 35.75
C SER A 5 20.70 6.81 34.70
N GLY A 6 21.03 6.64 33.44
CA GLY A 6 20.14 6.98 32.37
C GLY A 6 19.20 5.85 32.03
N ASP A 7 18.10 6.17 31.43
CA ASP A 7 17.11 5.18 31.04
C ASP A 7 17.23 4.90 29.56
N LYS A 8 17.72 3.74 29.23
CA LYS A 8 17.92 3.36 27.86
C LYS A 8 16.60 2.97 27.22
N ASP A 9 16.51 3.12 25.94
CA ASP A 9 15.33 2.77 25.22
C ASP A 9 15.48 1.37 24.72
N GLY A 10 14.49 0.58 24.97
CA GLY A 10 14.50 -0.77 24.51
C GLY A 10 13.34 -1.01 23.61
N GLY A 11 12.76 0.07 23.14
CA GLY A 11 11.61 -0.01 22.31
C GLY A 11 12.00 -0.14 20.87
N SER A 12 12.99 0.64 20.47
CA SER A 12 13.53 0.63 19.11
C SER A 12 12.45 1.01 18.07
N ASP A 13 11.54 1.86 18.50
CA ASP A 13 10.45 2.34 17.66
C ASP A 13 11.00 3.33 16.66
N SER A 14 12.11 3.96 17.02
CA SER A 14 12.75 4.91 16.15
C SER A 14 13.64 4.17 15.15
N GLY A 15 14.17 3.03 15.58
CA GLY A 15 14.94 2.19 14.72
C GLY A 15 14.06 1.56 13.67
N GLY A 16 13.07 0.83 14.14
CA GLY A 16 12.10 0.23 13.26
C GLY A 16 12.53 -1.08 12.68
N ALA A 17 12.28 -2.16 13.40
CA ALA A 17 12.53 -3.49 12.90
C ALA A 17 11.50 -3.83 11.83
N GLN A 18 11.96 -4.04 10.62
CA GLN A 18 11.09 -4.34 9.48
C GLN A 18 11.18 -5.83 9.17
N ASP A 19 10.06 -6.43 8.77
CA ASP A 19 10.07 -7.84 8.34
C ASP A 19 10.16 -7.90 6.82
N GLY A 20 9.84 -6.80 6.18
CA GLY A 20 9.92 -6.73 4.74
C GLY A 20 8.56 -6.81 4.07
N GLY A 21 7.54 -7.17 4.83
CA GLY A 21 6.19 -7.24 4.29
C GLY A 21 5.97 -8.52 3.53
N SER A 22 6.55 -8.58 2.37
CA SER A 22 6.56 -9.73 1.51
C SER A 22 5.18 -10.13 0.94
N LEU A 23 4.85 -9.56 -0.18
CA LEU A 23 3.73 -10.04 -0.97
C LEU A 23 4.35 -10.91 -2.04
N ASP A 24 3.57 -11.61 -2.83
CA ASP A 24 4.13 -12.58 -3.79
C ASP A 24 5.10 -11.90 -4.76
N SER A 25 4.63 -10.85 -5.41
CA SER A 25 5.45 -10.08 -6.32
C SER A 25 6.59 -9.35 -5.57
N LEU A 26 6.26 -8.80 -4.40
CA LEU A 26 7.17 -7.93 -3.65
C LEU A 26 8.31 -8.65 -2.94
N LYS A 27 8.13 -9.90 -2.59
CA LYS A 27 9.13 -10.66 -1.82
C LYS A 27 10.48 -10.75 -2.54
N LYS A 28 10.45 -10.82 -3.86
CA LYS A 28 11.67 -10.94 -4.65
C LYS A 28 12.52 -9.67 -4.56
N TYR A 29 11.92 -8.58 -4.12
CA TYR A 29 12.65 -7.32 -3.99
C TYR A 29 13.31 -7.20 -2.61
N ASN A 30 13.14 -8.25 -1.79
CA ASN A 30 13.75 -8.39 -0.46
C ASN A 30 13.38 -7.23 0.47
N GLY A 31 12.19 -6.71 0.29
CA GLY A 31 11.73 -5.63 1.12
C GLY A 31 12.15 -4.28 0.60
N LYS A 32 12.85 -4.23 -0.52
CA LYS A 32 13.12 -2.98 -1.13
C LYS A 32 12.03 -2.72 -2.11
N LEU A 33 11.24 -1.77 -1.82
CA LEU A 33 10.09 -1.49 -2.63
C LEU A 33 10.48 -0.94 -3.98
N PRO A 34 9.74 -1.35 -5.03
CA PRO A 34 9.87 -0.86 -6.39
C PRO A 34 10.00 0.65 -6.46
N LYS A 35 10.61 1.09 -7.52
CA LYS A 35 10.90 2.50 -7.70
C LYS A 35 9.62 3.30 -7.90
N HIS A 36 9.60 4.49 -7.35
CA HIS A 36 8.48 5.38 -7.53
C HIS A 36 8.43 5.87 -8.98
N ASP A 37 7.47 5.39 -9.72
CA ASP A 37 7.36 5.76 -11.11
C ASP A 37 6.02 6.44 -11.35
N PRO A 38 6.04 7.73 -11.65
CA PRO A 38 4.82 8.52 -11.88
C PRO A 38 4.24 8.32 -13.27
N SER A 39 5.09 7.99 -14.17
CA SER A 39 4.78 7.84 -15.56
C SER A 39 4.16 6.47 -15.87
N PHE A 40 4.30 5.54 -14.95
CA PHE A 40 3.68 4.25 -15.06
C PHE A 40 2.18 4.44 -14.92
N VAL A 41 1.42 3.79 -15.74
CA VAL A 41 0.00 3.88 -15.64
C VAL A 41 -0.62 2.50 -15.47
N GLN A 42 -1.34 2.32 -14.39
CA GLN A 42 -2.00 1.06 -14.13
C GLN A 42 -3.35 1.07 -14.90
N PRO A 43 -3.73 -0.10 -15.51
CA PRO A 43 -4.95 -0.26 -16.36
C PRO A 43 -6.24 0.44 -15.87
N GLY A 44 -6.43 0.50 -14.57
CA GLY A 44 -7.63 1.12 -14.03
C GLY A 44 -7.55 2.63 -14.00
N ASN A 45 -7.28 3.22 -15.13
CA ASN A 45 -7.18 4.66 -15.27
C ASN A 45 -8.55 5.37 -15.29
N ARG A 46 -9.63 4.60 -15.39
CA ARG A 46 -11.02 5.14 -15.45
C ARG A 46 -11.57 5.56 -14.08
N HIS A 47 -10.71 5.91 -13.18
CA HIS A 47 -11.12 6.35 -11.85
C HIS A 47 -11.17 7.86 -11.88
N TYR A 48 -11.77 8.48 -10.89
CA TYR A 48 -11.74 9.89 -10.75
C TYR A 48 -10.31 10.26 -10.45
N LYS A 49 -9.65 10.77 -11.42
CA LYS A 49 -8.27 11.08 -11.30
C LYS A 49 -8.04 12.30 -10.43
N TYR A 50 -7.10 12.14 -9.52
CA TYR A 50 -6.80 13.07 -8.45
C TYR A 50 -7.86 13.01 -7.38
N GLN A 51 -7.72 12.00 -6.57
CA GLN A 51 -8.60 11.66 -5.48
C GLN A 51 -7.76 10.73 -4.65
N CYS A 52 -8.08 10.55 -3.39
CA CYS A 52 -7.27 9.71 -2.50
C CYS A 52 -7.12 8.30 -3.04
N THR A 53 -8.19 7.80 -3.59
CA THR A 53 -8.25 6.51 -4.16
C THR A 53 -7.42 6.43 -5.47
N TRP A 54 -7.33 7.55 -6.20
CA TRP A 54 -6.53 7.59 -7.42
C TRP A 54 -5.05 7.50 -7.09
N TYR A 55 -4.63 8.18 -6.02
CA TYR A 55 -3.25 8.13 -5.57
C TYR A 55 -2.89 6.71 -5.21
N ALA A 56 -3.86 5.98 -4.68
CA ALA A 56 -3.70 4.60 -4.34
C ALA A 56 -3.40 3.76 -5.58
N TYR A 57 -4.09 4.05 -6.70
CA TYR A 57 -3.82 3.33 -7.96
C TYR A 57 -2.41 3.56 -8.44
N ASN A 58 -1.95 4.79 -8.35
CA ASN A 58 -0.59 5.13 -8.75
C ASN A 58 0.43 4.40 -7.87
N ARG A 59 0.14 4.36 -6.59
CA ARG A 59 1.00 3.70 -5.63
C ARG A 59 0.94 2.19 -5.77
N ARG A 60 -0.21 1.68 -6.15
CA ARG A 60 -0.39 0.27 -6.34
C ARG A 60 0.31 -0.14 -7.65
N GLY A 61 0.30 0.79 -8.61
CA GLY A 61 0.98 0.60 -9.87
C GLY A 61 2.48 0.64 -9.70
N GLN A 62 2.93 1.40 -8.71
CA GLN A 62 4.33 1.50 -8.36
C GLN A 62 4.87 0.14 -7.97
N LEU A 63 4.04 -0.61 -7.29
CA LEU A 63 4.38 -1.94 -6.81
C LEU A 63 4.16 -3.00 -7.89
N GLY A 64 3.49 -2.61 -8.96
CA GLY A 64 3.27 -3.52 -10.07
C GLY A 64 2.24 -4.60 -9.74
N ILE A 65 1.27 -4.25 -8.96
CA ILE A 65 0.22 -5.13 -8.59
C ILE A 65 -1.13 -4.44 -8.89
N PRO A 66 -1.75 -4.80 -10.02
CA PRO A 66 -3.01 -4.20 -10.47
C PRO A 66 -4.26 -4.56 -9.66
N VAL A 67 -5.00 -3.54 -9.29
CA VAL A 67 -6.27 -3.71 -8.61
C VAL A 67 -7.38 -3.06 -9.46
N PRO A 68 -8.49 -3.78 -9.68
CA PRO A 68 -9.64 -3.27 -10.44
C PRO A 68 -10.22 -1.95 -9.89
N LEU A 69 -10.91 -1.24 -10.76
CA LEU A 69 -11.54 0.00 -10.42
C LEU A 69 -12.68 -0.20 -9.43
N TRP A 70 -12.51 0.43 -8.30
CA TRP A 70 -13.44 0.38 -7.20
C TRP A 70 -13.83 1.81 -6.87
N GLY A 71 -14.87 1.98 -6.09
CA GLY A 71 -15.35 3.31 -5.76
C GLY A 71 -14.54 3.99 -4.68
N ASP A 72 -15.14 4.18 -3.52
CA ASP A 72 -14.47 4.85 -2.41
C ASP A 72 -13.62 3.85 -1.65
N ALA A 73 -12.83 4.33 -0.71
CA ALA A 73 -11.90 3.49 0.05
C ALA A 73 -12.59 2.30 0.73
N ALA A 74 -13.79 2.49 1.23
CA ALA A 74 -14.50 1.39 1.90
C ALA A 74 -14.99 0.37 0.87
N ASP A 75 -15.26 0.85 -0.32
CA ASP A 75 -15.72 0.04 -1.44
C ASP A 75 -14.60 -0.89 -1.90
N TRP A 76 -13.37 -0.41 -1.75
CA TRP A 76 -12.16 -1.15 -2.14
C TRP A 76 -12.05 -2.49 -1.45
N ILE A 77 -12.44 -2.55 -0.18
CA ILE A 77 -12.36 -3.81 0.56
C ILE A 77 -13.36 -4.80 -0.01
N GLY A 78 -14.55 -4.30 -0.32
CA GLY A 78 -15.60 -5.12 -0.88
C GLY A 78 -15.25 -5.56 -2.29
N GLY A 79 -14.65 -4.67 -3.03
CA GLY A 79 -14.21 -4.97 -4.36
C GLY A 79 -13.13 -6.00 -4.37
N ALA A 80 -12.24 -5.92 -3.39
CA ALA A 80 -11.16 -6.88 -3.22
C ALA A 80 -11.71 -8.26 -2.93
N LYS A 81 -12.79 -8.31 -2.13
CA LYS A 81 -13.46 -9.55 -1.80
C LYS A 81 -13.97 -10.20 -3.08
N GLY A 82 -14.57 -9.38 -3.93
CA GLY A 82 -15.14 -9.84 -5.19
C GLY A 82 -14.07 -10.18 -6.21
N ALA A 83 -12.92 -9.56 -6.09
CA ALA A 83 -11.81 -9.78 -7.02
C ALA A 83 -11.02 -11.03 -6.64
N GLY A 84 -11.33 -11.60 -5.50
CA GLY A 84 -10.63 -12.78 -5.05
C GLY A 84 -9.29 -12.44 -4.44
N TYR A 85 -9.19 -11.24 -3.92
CA TYR A 85 -7.97 -10.79 -3.28
C TYR A 85 -8.03 -11.11 -1.81
N GLY A 86 -6.91 -11.08 -1.17
CA GLY A 86 -6.85 -11.33 0.23
C GLY A 86 -6.81 -10.04 0.98
N VAL A 87 -7.65 -9.90 1.95
CA VAL A 87 -7.67 -8.71 2.74
C VAL A 87 -7.31 -9.11 4.16
N GLY A 88 -6.50 -8.33 4.82
CA GLY A 88 -6.07 -8.68 6.12
C GLY A 88 -5.76 -7.49 6.95
N ARG A 89 -5.38 -7.74 8.17
CA ARG A 89 -5.05 -6.69 9.10
C ARG A 89 -3.56 -6.73 9.42
N THR A 90 -2.83 -7.58 8.73
CA THR A 90 -1.43 -7.74 8.98
C THR A 90 -0.62 -6.68 8.24
N PRO A 91 0.26 -5.97 8.97
CA PRO A 91 1.07 -4.91 8.39
C PRO A 91 2.15 -5.41 7.47
N LYS A 92 2.00 -5.17 6.19
CA LYS A 92 3.02 -5.52 5.27
C LYS A 92 3.49 -4.29 4.53
N GLN A 93 4.78 -4.25 4.33
CA GLN A 93 5.47 -3.19 3.65
C GLN A 93 5.03 -3.05 2.19
N GLY A 94 4.83 -1.82 1.77
CA GLY A 94 4.52 -1.54 0.41
C GLY A 94 3.08 -1.42 0.14
N ALA A 95 2.38 -2.45 0.48
CA ALA A 95 1.00 -2.56 0.16
C ALA A 95 0.16 -1.48 0.84
N CYS A 96 -0.81 -0.97 0.11
CA CYS A 96 -1.58 0.15 0.55
C CYS A 96 -2.59 -0.21 1.66
N VAL A 97 -2.77 0.74 2.56
CA VAL A 97 -3.68 0.61 3.69
C VAL A 97 -4.94 1.39 3.41
N ILE A 98 -6.04 0.81 3.83
CA ILE A 98 -7.35 1.35 3.57
C ILE A 98 -8.01 1.80 4.88
N TRP A 99 -8.66 2.95 4.84
CA TRP A 99 -9.50 3.43 5.94
C TRP A 99 -10.87 3.75 5.41
N GLN A 100 -11.90 3.36 6.12
CA GLN A 100 -13.26 3.67 5.73
C GLN A 100 -13.54 5.15 5.94
N ARG A 101 -14.59 5.63 5.33
CA ARG A 101 -14.93 7.02 5.39
C ARG A 101 -15.81 7.29 6.60
N GLY A 102 -15.21 7.59 7.71
CA GLY A 102 -15.95 7.87 8.93
C GLY A 102 -15.44 7.08 10.12
N VAL A 103 -14.18 6.70 10.08
CA VAL A 103 -13.56 5.94 11.18
C VAL A 103 -12.37 6.72 11.71
N GLN A 104 -11.77 6.26 12.80
CA GLN A 104 -10.58 6.92 13.30
C GLN A 104 -9.45 6.75 12.39
N GLY A 105 -8.96 7.85 12.00
CA GLY A 105 -7.88 7.93 11.05
C GLY A 105 -8.38 8.20 9.65
N GLY A 106 -9.66 8.06 9.47
CA GLY A 106 -10.26 8.27 8.20
C GLY A 106 -11.60 8.92 8.35
N SER A 107 -11.58 10.21 8.57
CA SER A 107 -12.78 11.04 8.71
C SER A 107 -13.67 10.87 7.44
N PRO A 108 -15.00 11.12 7.50
CA PRO A 108 -15.94 10.85 6.39
C PRO A 108 -15.48 11.31 4.98
N GLN A 109 -14.85 12.45 4.87
CA GLN A 109 -14.33 12.93 3.59
C GLN A 109 -12.87 12.55 3.42
N TYR A 110 -12.26 12.23 4.52
CA TYR A 110 -10.83 11.99 4.64
C TYR A 110 -10.51 10.49 4.55
N GLY A 111 -11.53 9.67 4.26
CA GLY A 111 -11.29 8.24 4.06
C GLY A 111 -10.39 8.05 2.89
N HIS A 112 -9.23 7.54 3.14
CA HIS A 112 -8.18 7.49 2.14
C HIS A 112 -7.48 6.16 2.12
N VAL A 113 -6.47 6.12 1.31
CA VAL A 113 -5.61 4.99 1.16
C VAL A 113 -4.19 5.54 1.24
N ALA A 114 -3.33 4.87 1.93
CA ALA A 114 -1.97 5.34 2.07
C ALA A 114 -0.99 4.24 1.70
N PHE A 115 0.24 4.62 1.46
CA PHE A 115 1.25 3.67 1.00
C PHE A 115 2.20 3.37 2.16
N VAL A 116 2.34 2.11 2.48
CA VAL A 116 3.21 1.70 3.56
C VAL A 116 4.68 1.72 3.11
N GLU A 117 5.43 2.63 3.66
CA GLU A 117 6.84 2.74 3.35
C GLU A 117 7.60 1.71 4.18
N LYS A 118 7.26 1.63 5.46
CA LYS A 118 7.90 0.71 6.38
C LYS A 118 6.94 0.16 7.38
N VAL A 119 7.38 -0.90 7.96
CA VAL A 119 6.68 -1.54 9.06
C VAL A 119 7.64 -1.49 10.21
N LEU A 120 7.23 -0.97 11.31
CA LEU A 120 8.13 -0.71 12.37
C LEU A 120 7.82 -1.55 13.58
N ASP A 121 8.87 -2.15 14.11
CA ASP A 121 8.88 -2.90 15.38
C ASP A 121 8.03 -4.15 15.27
N GLY A 122 7.94 -4.66 14.08
CA GLY A 122 7.12 -5.81 13.86
C GLY A 122 5.82 -5.42 13.23
N GLY A 123 5.23 -4.35 13.73
CA GLY A 123 4.00 -3.90 13.20
C GLY A 123 3.27 -3.17 14.24
N LYS A 124 4.03 -2.46 15.02
CA LYS A 124 3.52 -1.70 16.08
C LYS A 124 3.11 -0.41 15.51
N LYS A 125 3.95 0.04 14.64
CA LYS A 125 3.77 1.25 13.94
C LYS A 125 4.05 0.94 12.50
N ILE A 126 3.42 1.63 11.64
CA ILE A 126 3.69 1.53 10.25
C ILE A 126 3.98 2.91 9.77
N PHE A 127 4.85 3.04 8.85
CA PHE A 127 5.15 4.33 8.37
C PHE A 127 4.57 4.41 7.00
N ILE A 128 3.75 5.37 6.78
CA ILE A 128 3.09 5.51 5.53
C ILE A 128 3.50 6.80 4.89
N SER A 129 3.34 6.85 3.64
CA SER A 129 3.58 8.02 2.91
C SER A 129 2.30 8.43 2.25
N GLU A 130 2.19 9.68 1.98
CA GLU A 130 1.04 10.26 1.44
C GLU A 130 1.47 11.47 0.63
N HIS A 131 1.90 11.22 -0.57
CA HIS A 131 2.35 12.30 -1.40
C HIS A 131 1.30 12.64 -2.42
N ASN A 132 0.49 13.62 -2.09
CA ASN A 132 -0.54 14.08 -3.00
C ASN A 132 -0.03 15.29 -3.75
N TYR A 133 -0.45 15.41 -4.99
CA TYR A 133 0.01 16.49 -5.85
C TYR A 133 -1.02 17.62 -5.95
N ALA A 134 -2.22 17.27 -6.34
CA ALA A 134 -3.26 18.27 -6.61
C ALA A 134 -4.10 18.50 -5.38
N THR A 135 -3.67 17.95 -4.29
CA THR A 135 -4.38 18.03 -3.07
C THR A 135 -3.56 18.83 -2.07
N PRO A 136 -4.04 20.03 -1.67
CA PRO A 136 -3.36 20.83 -0.66
C PRO A 136 -3.45 20.16 0.70
N ASN A 137 -2.32 20.14 1.42
CA ASN A 137 -2.21 19.49 2.73
C ASN A 137 -2.31 17.98 2.60
N GLY A 138 -1.98 17.47 1.43
CA GLY A 138 -2.03 16.05 1.21
C GLY A 138 -0.66 15.47 0.94
N TYR A 139 0.34 16.28 1.02
CA TYR A 139 1.71 15.83 0.78
C TYR A 139 2.46 15.73 2.11
N GLY A 140 2.97 14.55 2.41
CA GLY A 140 3.75 14.34 3.60
C GLY A 140 3.87 12.86 3.92
N THR A 141 4.30 12.56 5.13
CA THR A 141 4.40 11.19 5.59
C THR A 141 3.79 11.07 6.99
N ARG A 142 3.36 9.89 7.38
CA ARG A 142 2.71 9.73 8.65
C ARG A 142 3.00 8.38 9.26
N THR A 143 3.13 8.34 10.55
CA THR A 143 3.33 7.10 11.25
C THR A 143 2.01 6.70 11.89
N ILE A 144 1.59 5.49 11.65
CA ILE A 144 0.34 5.00 12.17
C ILE A 144 0.64 3.98 13.24
N ASP A 145 0.06 4.14 14.39
CA ASP A 145 0.24 3.20 15.43
C ASP A 145 -0.85 2.17 15.39
N MET A 146 -0.44 0.94 15.31
CA MET A 146 -1.36 -0.18 15.25
C MET A 146 -1.74 -0.58 16.65
N SER A 147 -1.08 0.03 17.57
CA SER A 147 -1.39 -0.08 18.95
C SER A 147 -2.61 0.84 19.25
N SER A 148 -2.81 1.83 18.38
CA SER A 148 -3.84 2.83 18.52
C SER A 148 -5.04 2.53 17.61
N ALA A 149 -6.15 3.28 17.80
CA ALA A 149 -7.42 3.10 17.07
C ALA A 149 -7.25 3.25 15.59
N ILE A 150 -6.36 4.15 15.20
CA ILE A 150 -6.10 4.46 13.81
C ILE A 150 -5.65 3.19 13.07
N GLY A 151 -4.70 2.50 13.66
CA GLY A 151 -4.15 1.30 13.08
C GLY A 151 -5.14 0.15 13.04
N LYS A 152 -6.06 0.10 14.02
CA LYS A 152 -7.07 -0.98 14.09
C LYS A 152 -7.99 -0.89 12.90
N ASN A 153 -8.11 0.30 12.40
CA ASN A 153 -9.02 0.57 11.31
C ASN A 153 -8.34 0.41 9.97
N ALA A 154 -7.03 0.32 9.99
CA ALA A 154 -6.28 0.18 8.78
C ALA A 154 -6.36 -1.24 8.28
N GLN A 155 -6.74 -1.39 7.04
CA GLN A 155 -6.81 -2.70 6.45
C GLN A 155 -5.88 -2.78 5.30
N PHE A 156 -5.42 -3.96 5.06
CA PHE A 156 -4.45 -4.21 4.03
C PHE A 156 -5.04 -5.10 2.97
N ILE A 157 -4.77 -4.79 1.73
CA ILE A 157 -5.24 -5.59 0.63
C ILE A 157 -4.03 -6.22 -0.07
N TYR A 158 -4.01 -7.52 -0.10
CA TYR A 158 -2.96 -8.27 -0.75
C TYR A 158 -3.60 -8.87 -1.99
N ASP A 159 -3.10 -8.56 -3.14
CA ASP A 159 -3.77 -9.05 -4.33
C ASP A 159 -3.05 -10.25 -4.91
N LYS A 160 -3.76 -10.97 -5.74
CA LYS A 160 -3.27 -12.20 -6.33
C LYS A 160 -2.46 -11.91 -7.58
N LYS A 161 -2.67 -10.76 -8.11
CA LYS A 161 -2.02 -10.32 -9.31
C LYS A 161 -0.58 -9.89 -9.06
N LYS A 162 0.20 -9.99 -10.08
CA LYS A 162 1.58 -9.61 -10.08
C LYS A 162 1.98 -9.29 -11.50
N ASN A 163 1.66 -8.10 -11.92
CA ASN A 163 1.84 -7.71 -13.30
C ASN A 163 2.35 -6.29 -13.35
N SER A 164 3.58 -6.14 -13.72
CA SER A 164 4.12 -4.83 -13.93
C SER A 164 4.21 -4.63 -15.43
N SER A 165 3.15 -4.13 -16.01
CA SER A 165 3.07 -4.04 -17.45
C SER A 165 3.78 -2.79 -17.97
N SER A 166 5.06 -2.92 -18.25
CA SER A 166 5.84 -1.89 -18.86
C SER A 166 5.55 -1.87 -20.36
N VAL A 167 5.31 -0.71 -20.90
CA VAL A 167 5.00 -0.59 -22.30
C VAL A 167 6.27 -0.43 -23.10
N ASP A 168 6.44 -1.25 -24.09
CA ASP A 168 7.61 -1.18 -24.95
C ASP A 168 7.33 -0.26 -26.10
N LYS A 169 8.37 0.21 -26.72
CA LYS A 169 8.27 1.16 -27.82
C LYS A 169 7.54 0.52 -29.00
N LEU A 170 7.86 -0.73 -29.26
CA LEU A 170 7.26 -1.46 -30.37
C LEU A 170 5.82 -1.82 -30.03
N ALA A 171 5.57 -2.07 -28.76
CA ALA A 171 4.25 -2.41 -28.28
C ALA A 171 3.34 -1.19 -28.34
N ALA A 172 3.92 -0.03 -28.15
CA ALA A 172 3.21 1.24 -28.21
C ALA A 172 2.88 1.60 -29.66
N ALA A 173 3.63 1.05 -30.59
CA ALA A 173 3.42 1.30 -31.99
C ALA A 173 2.34 0.38 -32.52
N LEU A 174 1.32 0.97 -33.12
CA LEU A 174 0.20 0.22 -33.67
C LEU A 174 0.63 -0.39 -34.97
N GLU A 175 1.40 0.38 -35.68
CA GLU A 175 1.93 0.03 -37.00
C GLU A 175 2.95 -1.12 -36.95
N HIS A 176 3.37 -1.49 -35.77
CA HIS A 176 4.37 -2.53 -35.63
C HIS A 176 3.71 -3.81 -35.11
N MET A 1 18.51 0.73 27.10
CA MET A 1 18.99 0.65 28.49
C MET A 1 20.47 0.84 28.47
N GLU A 2 21.07 1.10 29.61
CA GLU A 2 22.50 1.37 29.68
C GLU A 2 23.31 0.08 29.58
N GLN A 3 23.70 -0.24 28.38
CA GLN A 3 24.48 -1.42 28.11
C GLN A 3 25.90 -1.05 27.69
N SER A 4 26.11 0.21 27.44
CA SER A 4 27.38 0.72 27.02
C SER A 4 27.56 2.12 27.55
N SER A 5 28.71 2.70 27.36
CA SER A 5 28.95 4.04 27.79
C SER A 5 28.44 4.98 26.71
N GLY A 6 27.27 5.51 26.91
CA GLY A 6 26.66 6.37 25.94
C GLY A 6 25.45 5.70 25.37
N ASP A 7 24.32 6.35 25.47
CA ASP A 7 23.05 5.79 25.04
C ASP A 7 23.05 5.54 23.55
N LYS A 8 22.72 4.34 23.20
CA LYS A 8 22.62 3.94 21.82
C LYS A 8 21.29 4.43 21.25
N ASP A 9 21.35 5.05 20.10
CA ASP A 9 20.16 5.61 19.49
C ASP A 9 20.04 5.14 18.06
N GLY A 10 18.84 4.84 17.66
CA GLY A 10 18.61 4.40 16.31
C GLY A 10 18.53 2.91 16.21
N GLY A 11 17.44 2.41 15.72
CA GLY A 11 17.28 0.99 15.60
C GLY A 11 15.94 0.62 15.05
N SER A 12 15.22 -0.20 15.79
CA SER A 12 13.94 -0.77 15.37
C SER A 12 12.84 0.28 15.21
N ASP A 13 13.13 1.51 15.58
CA ASP A 13 12.21 2.62 15.43
C ASP A 13 12.01 2.93 13.95
N SER A 14 13.02 2.63 13.18
CA SER A 14 12.97 2.79 11.75
C SER A 14 13.29 1.45 11.08
N GLY A 15 14.15 0.71 11.71
CA GLY A 15 14.53 -0.57 11.20
C GLY A 15 13.89 -1.66 11.98
N GLY A 16 12.58 -1.74 11.87
CA GLY A 16 11.85 -2.73 12.59
C GLY A 16 11.72 -4.00 11.81
N ALA A 17 10.90 -3.98 10.81
CA ALA A 17 10.72 -5.11 9.98
C ALA A 17 10.79 -4.72 8.52
N GLN A 18 11.99 -4.74 8.01
CA GLN A 18 12.28 -4.51 6.60
C GLN A 18 12.99 -5.75 6.11
N ASP A 19 12.65 -6.82 6.78
CA ASP A 19 13.24 -8.14 6.61
C ASP A 19 12.75 -8.82 5.33
N GLY A 20 11.75 -8.27 4.71
CA GLY A 20 11.22 -8.85 3.51
C GLY A 20 9.74 -9.01 3.57
N GLY A 21 9.17 -8.78 4.76
CA GLY A 21 7.73 -8.81 4.96
C GLY A 21 7.05 -7.69 4.22
N SER A 22 6.86 -7.91 2.96
CA SER A 22 6.37 -6.91 2.08
C SER A 22 5.37 -7.53 1.11
N LEU A 23 4.09 -7.45 1.47
CA LEU A 23 2.96 -7.98 0.70
C LEU A 23 3.07 -9.51 0.51
N ASP A 24 3.88 -9.88 -0.46
CA ASP A 24 4.21 -11.26 -0.85
C ASP A 24 4.95 -11.18 -2.16
N SER A 25 4.46 -10.34 -3.04
CA SER A 25 5.10 -10.08 -4.31
C SER A 25 6.46 -9.38 -4.11
N LEU A 26 6.49 -8.50 -3.14
CA LEU A 26 7.62 -7.63 -2.87
C LEU A 26 8.80 -8.36 -2.19
N LYS A 27 8.52 -9.50 -1.56
CA LYS A 27 9.52 -10.24 -0.77
C LYS A 27 10.74 -10.64 -1.61
N LYS A 28 10.52 -10.90 -2.90
CA LYS A 28 11.60 -11.24 -3.85
C LYS A 28 12.60 -10.08 -3.99
N TYR A 29 12.22 -8.90 -3.55
CA TYR A 29 13.08 -7.72 -3.62
C TYR A 29 13.70 -7.46 -2.26
N ASN A 30 13.51 -8.40 -1.33
CA ASN A 30 14.03 -8.35 0.05
C ASN A 30 13.43 -7.14 0.78
N GLY A 31 12.21 -6.81 0.42
CA GLY A 31 11.52 -5.71 1.04
C GLY A 31 11.88 -4.37 0.43
N LYS A 32 12.75 -4.37 -0.57
CA LYS A 32 13.09 -3.16 -1.25
C LYS A 32 12.00 -2.86 -2.24
N LEU A 33 11.34 -1.77 -2.06
CA LEU A 33 10.20 -1.45 -2.87
C LEU A 33 10.57 -1.11 -4.31
N PRO A 34 9.89 -1.80 -5.25
CA PRO A 34 10.00 -1.61 -6.70
C PRO A 34 10.08 -0.16 -7.17
N LYS A 35 10.62 0.00 -8.35
CA LYS A 35 10.84 1.30 -8.97
C LYS A 35 9.52 1.99 -9.27
N HIS A 36 9.52 3.29 -9.21
CA HIS A 36 8.36 4.07 -9.51
C HIS A 36 8.56 4.82 -10.81
N ASP A 37 7.60 4.74 -11.68
CA ASP A 37 7.66 5.40 -12.96
C ASP A 37 6.58 6.45 -13.03
N PRO A 38 6.95 7.72 -13.29
CA PRO A 38 5.98 8.83 -13.35
C PRO A 38 5.11 8.76 -14.58
N SER A 39 5.67 8.20 -15.59
CA SER A 39 5.05 8.02 -16.84
C SER A 39 4.12 6.81 -16.83
N PHE A 40 4.29 5.97 -15.82
CA PHE A 40 3.46 4.79 -15.66
C PHE A 40 2.08 5.21 -15.17
N VAL A 41 1.07 4.69 -15.80
CA VAL A 41 -0.29 4.95 -15.40
C VAL A 41 -0.99 3.62 -15.11
N GLN A 42 -1.63 3.55 -13.99
CA GLN A 42 -2.36 2.37 -13.65
C GLN A 42 -3.82 2.61 -14.02
N PRO A 43 -4.47 1.66 -14.71
CA PRO A 43 -5.87 1.76 -15.11
C PRO A 43 -6.83 2.06 -13.95
N GLY A 44 -7.24 3.30 -13.87
CA GLY A 44 -8.20 3.75 -12.89
C GLY A 44 -8.98 4.91 -13.44
N ASN A 45 -9.01 4.98 -14.76
CA ASN A 45 -9.53 6.12 -15.51
C ASN A 45 -11.06 6.23 -15.52
N ARG A 46 -11.75 5.18 -15.17
CA ARG A 46 -13.22 5.21 -15.21
C ARG A 46 -13.82 5.94 -14.04
N HIS A 47 -13.26 5.73 -12.87
CA HIS A 47 -13.85 6.27 -11.66
C HIS A 47 -13.23 7.62 -11.29
N TYR A 48 -13.19 7.95 -10.01
CA TYR A 48 -12.78 9.22 -9.56
C TYR A 48 -11.29 9.46 -9.73
N LYS A 49 -10.97 10.19 -10.77
CA LYS A 49 -9.59 10.53 -11.11
C LYS A 49 -9.12 11.71 -10.30
N TYR A 50 -10.05 12.37 -9.67
CA TYR A 50 -9.76 13.52 -8.85
C TYR A 50 -10.03 13.19 -7.38
N GLN A 51 -9.79 11.95 -7.03
CA GLN A 51 -9.90 11.49 -5.66
C GLN A 51 -8.57 10.84 -5.30
N CYS A 52 -8.31 10.69 -4.01
CA CYS A 52 -7.09 10.11 -3.47
C CYS A 52 -6.83 8.69 -4.01
N THR A 53 -7.90 8.00 -4.33
CA THR A 53 -7.83 6.65 -4.81
C THR A 53 -7.12 6.53 -6.17
N TRP A 54 -7.32 7.49 -7.08
CA TRP A 54 -6.69 7.44 -8.41
C TRP A 54 -5.18 7.49 -8.26
N TYR A 55 -4.72 8.33 -7.35
CA TYR A 55 -3.31 8.50 -7.09
C TYR A 55 -2.76 7.23 -6.47
N ALA A 56 -3.60 6.56 -5.67
CA ALA A 56 -3.26 5.30 -5.08
C ALA A 56 -3.02 4.23 -6.14
N TYR A 57 -3.83 4.23 -7.22
CA TYR A 57 -3.64 3.29 -8.34
C TYR A 57 -2.23 3.43 -8.90
N ASN A 58 -1.86 4.65 -9.23
CA ASN A 58 -0.53 4.94 -9.78
C ASN A 58 0.57 4.67 -8.79
N ARG A 59 0.30 4.94 -7.53
CA ARG A 59 1.27 4.70 -6.48
C ARG A 59 1.52 3.21 -6.29
N ARG A 60 0.45 2.44 -6.32
CA ARG A 60 0.52 0.99 -6.19
C ARG A 60 1.06 0.37 -7.48
N GLY A 61 0.91 1.10 -8.56
CA GLY A 61 1.36 0.67 -9.87
C GLY A 61 2.85 0.38 -9.92
N GLN A 62 3.62 1.09 -9.09
CA GLN A 62 5.08 0.92 -9.04
C GLN A 62 5.45 -0.46 -8.52
N LEU A 63 4.56 -1.03 -7.73
CA LEU A 63 4.82 -2.28 -7.04
C LEU A 63 4.52 -3.47 -7.95
N GLY A 64 4.03 -3.17 -9.15
CA GLY A 64 3.77 -4.20 -10.14
C GLY A 64 2.63 -5.10 -9.74
N ILE A 65 1.70 -4.56 -9.00
CA ILE A 65 0.59 -5.30 -8.52
C ILE A 65 -0.71 -4.68 -9.05
N PRO A 66 -1.42 -5.41 -9.92
CA PRO A 66 -2.60 -4.92 -10.60
C PRO A 66 -3.71 -4.50 -9.65
N VAL A 67 -4.48 -3.54 -10.07
CA VAL A 67 -5.56 -3.05 -9.30
C VAL A 67 -6.77 -3.03 -10.20
N PRO A 68 -7.82 -3.78 -9.87
CA PRO A 68 -9.07 -3.66 -10.58
C PRO A 68 -9.71 -2.33 -10.23
N LEU A 69 -10.56 -1.83 -11.08
CA LEU A 69 -11.15 -0.55 -10.83
C LEU A 69 -12.24 -0.64 -9.78
N TRP A 70 -11.99 0.03 -8.70
CA TRP A 70 -12.88 0.11 -7.57
C TRP A 70 -13.23 1.58 -7.37
N GLY A 71 -14.23 1.88 -6.61
CA GLY A 71 -14.64 3.27 -6.46
C GLY A 71 -13.87 4.01 -5.38
N ASP A 72 -14.58 4.42 -4.34
CA ASP A 72 -14.01 5.14 -3.20
C ASP A 72 -13.19 4.18 -2.36
N ALA A 73 -12.43 4.70 -1.42
CA ALA A 73 -11.56 3.87 -0.57
C ALA A 73 -12.37 2.82 0.21
N ALA A 74 -13.57 3.18 0.62
CA ALA A 74 -14.45 2.24 1.33
C ALA A 74 -14.93 1.14 0.37
N ASP A 75 -15.06 1.51 -0.89
CA ASP A 75 -15.50 0.60 -1.95
C ASP A 75 -14.41 -0.43 -2.28
N TRP A 76 -13.15 0.00 -2.11
CA TRP A 76 -11.97 -0.83 -2.43
C TRP A 76 -11.95 -2.16 -1.68
N ILE A 77 -12.38 -2.16 -0.43
CA ILE A 77 -12.38 -3.40 0.35
C ILE A 77 -13.40 -4.37 -0.24
N GLY A 78 -14.56 -3.85 -0.60
CA GLY A 78 -15.61 -4.63 -1.21
C GLY A 78 -15.23 -5.07 -2.60
N GLY A 79 -14.49 -4.21 -3.27
CA GLY A 79 -13.99 -4.52 -4.59
C GLY A 79 -13.01 -5.66 -4.53
N ALA A 80 -12.16 -5.63 -3.51
CA ALA A 80 -11.20 -6.69 -3.27
C ALA A 80 -11.93 -7.99 -3.04
N LYS A 81 -13.04 -7.94 -2.31
CA LYS A 81 -13.86 -9.09 -2.04
C LYS A 81 -14.41 -9.67 -3.35
N GLY A 82 -14.83 -8.79 -4.23
CA GLY A 82 -15.37 -9.19 -5.51
C GLY A 82 -14.31 -9.69 -6.47
N ALA A 83 -13.13 -9.15 -6.38
CA ALA A 83 -12.03 -9.51 -7.27
C ALA A 83 -11.28 -10.75 -6.78
N GLY A 84 -11.58 -11.16 -5.57
CA GLY A 84 -10.92 -12.33 -5.01
C GLY A 84 -9.58 -11.99 -4.42
N TYR A 85 -9.43 -10.76 -4.01
CA TYR A 85 -8.22 -10.28 -3.39
C TYR A 85 -8.30 -10.50 -1.90
N GLY A 86 -7.18 -10.62 -1.27
CA GLY A 86 -7.15 -10.85 0.13
C GLY A 86 -7.09 -9.57 0.89
N VAL A 87 -7.80 -9.48 1.96
CA VAL A 87 -7.77 -8.32 2.79
C VAL A 87 -7.22 -8.74 4.14
N GLY A 88 -6.37 -7.94 4.70
CA GLY A 88 -5.75 -8.32 5.92
C GLY A 88 -5.60 -7.18 6.85
N ARG A 89 -5.28 -7.51 8.06
CA ARG A 89 -5.05 -6.53 9.09
C ARG A 89 -3.56 -6.57 9.46
N THR A 90 -2.83 -7.45 8.79
CA THR A 90 -1.43 -7.63 9.04
C THR A 90 -0.61 -6.58 8.28
N PRO A 91 0.28 -5.87 8.98
CA PRO A 91 1.13 -4.86 8.39
C PRO A 91 2.31 -5.43 7.61
N LYS A 92 2.41 -5.07 6.35
CA LYS A 92 3.57 -5.42 5.56
C LYS A 92 3.98 -4.20 4.78
N GLN A 93 5.26 -3.98 4.67
CA GLN A 93 5.83 -2.82 3.98
C GLN A 93 5.50 -2.78 2.48
N GLY A 94 5.18 -1.61 1.99
CA GLY A 94 5.00 -1.43 0.58
C GLY A 94 3.59 -1.31 0.16
N ALA A 95 2.79 -2.15 0.69
CA ALA A 95 1.44 -2.22 0.29
C ALA A 95 0.60 -1.05 0.84
N CYS A 96 -0.51 -0.81 0.20
CA CYS A 96 -1.36 0.30 0.49
C CYS A 96 -2.35 0.00 1.63
N VAL A 97 -2.50 0.96 2.52
CA VAL A 97 -3.47 0.88 3.60
C VAL A 97 -4.68 1.70 3.26
N ILE A 98 -5.81 1.15 3.56
CA ILE A 98 -7.07 1.76 3.22
C ILE A 98 -7.81 2.16 4.49
N TRP A 99 -8.23 3.40 4.56
CA TRP A 99 -9.08 3.85 5.64
C TRP A 99 -10.49 4.01 5.15
N GLN A 100 -11.42 3.55 5.94
CA GLN A 100 -12.81 3.54 5.56
C GLN A 100 -13.51 4.87 5.84
N ARG A 101 -14.74 4.96 5.42
CA ARG A 101 -15.51 6.17 5.50
C ARG A 101 -16.00 6.45 6.92
N GLY A 102 -15.38 7.41 7.57
CA GLY A 102 -15.85 7.84 8.87
C GLY A 102 -15.11 7.22 10.03
N VAL A 103 -14.06 6.48 9.76
CA VAL A 103 -13.30 5.86 10.83
C VAL A 103 -12.17 6.78 11.26
N GLN A 104 -11.64 6.54 12.45
CA GLN A 104 -10.53 7.31 12.93
C GLN A 104 -9.32 7.10 12.13
N GLY A 105 -8.83 8.18 11.71
CA GLY A 105 -7.66 8.26 10.88
C GLY A 105 -8.01 8.46 9.45
N GLY A 106 -9.25 8.21 9.11
CA GLY A 106 -9.65 8.30 7.73
C GLY A 106 -10.45 9.55 7.42
N SER A 107 -10.42 9.94 6.17
CA SER A 107 -11.21 11.04 5.68
C SER A 107 -12.69 10.65 5.81
N PRO A 108 -13.49 11.46 6.53
CA PRO A 108 -14.87 11.09 6.88
C PRO A 108 -15.82 10.83 5.70
N GLN A 109 -15.73 11.59 4.64
CA GLN A 109 -16.67 11.41 3.54
C GLN A 109 -16.19 10.48 2.42
N TYR A 110 -14.91 10.49 2.12
CA TYR A 110 -14.43 9.71 0.97
C TYR A 110 -13.57 8.52 1.38
N GLY A 111 -12.89 8.65 2.51
CA GLY A 111 -11.90 7.66 2.88
C GLY A 111 -10.60 7.98 2.14
N HIS A 112 -9.56 7.20 2.34
CA HIS A 112 -8.29 7.44 1.65
C HIS A 112 -7.36 6.25 1.72
N VAL A 113 -6.27 6.36 0.99
CA VAL A 113 -5.28 5.32 0.87
C VAL A 113 -3.90 5.93 1.17
N ALA A 114 -3.08 5.20 1.89
CA ALA A 114 -1.71 5.62 2.16
C ALA A 114 -0.75 4.50 1.80
N PHE A 115 0.50 4.83 1.64
CA PHE A 115 1.50 3.86 1.20
C PHE A 115 2.43 3.53 2.37
N VAL A 116 2.53 2.27 2.71
CA VAL A 116 3.39 1.85 3.81
C VAL A 116 4.85 1.80 3.35
N GLU A 117 5.70 2.51 4.03
CA GLU A 117 7.11 2.51 3.72
C GLU A 117 7.80 1.44 4.55
N LYS A 118 7.48 1.40 5.83
CA LYS A 118 8.12 0.51 6.76
C LYS A 118 7.19 -0.06 7.75
N VAL A 119 7.66 -1.08 8.34
CA VAL A 119 7.04 -1.73 9.46
C VAL A 119 8.02 -1.54 10.58
N LEU A 120 7.57 -1.02 11.68
CA LEU A 120 8.47 -0.61 12.72
C LEU A 120 8.35 -1.50 13.93
N ASP A 121 9.48 -1.69 14.62
CA ASP A 121 9.57 -2.59 15.78
C ASP A 121 9.22 -4.00 15.28
N GLY A 122 8.46 -4.75 16.02
CA GLY A 122 7.99 -6.04 15.55
C GLY A 122 6.73 -5.87 14.72
N GLY A 123 6.35 -4.63 14.52
CA GLY A 123 5.18 -4.31 13.77
C GLY A 123 4.16 -3.63 14.61
N LYS A 124 4.60 -2.89 15.64
CA LYS A 124 3.65 -2.22 16.48
C LYS A 124 3.20 -0.93 15.80
N LYS A 125 4.09 -0.41 14.97
CA LYS A 125 3.84 0.74 14.17
C LYS A 125 4.21 0.45 12.75
N ILE A 126 3.82 1.33 11.91
CA ILE A 126 4.15 1.31 10.51
C ILE A 126 4.47 2.73 10.12
N PHE A 127 5.28 2.90 9.13
CA PHE A 127 5.61 4.21 8.68
C PHE A 127 5.00 4.37 7.32
N ILE A 128 4.20 5.37 7.14
CA ILE A 128 3.55 5.57 5.87
C ILE A 128 4.09 6.81 5.20
N SER A 129 3.90 6.84 3.92
CA SER A 129 4.29 7.91 3.09
C SER A 129 3.15 8.18 2.14
N GLU A 130 3.29 9.23 1.31
CA GLU A 130 2.26 9.60 0.32
C GLU A 130 0.98 10.00 1.02
N HIS A 131 1.10 10.48 2.23
CA HIS A 131 -0.03 10.85 3.01
C HIS A 131 -0.49 12.26 2.64
N ASN A 132 -1.37 12.31 1.66
CA ASN A 132 -1.97 13.56 1.20
C ASN A 132 -3.15 13.86 2.08
N TYR A 133 -3.28 15.07 2.52
CA TYR A 133 -4.37 15.44 3.42
C TYR A 133 -5.61 15.97 2.67
N ALA A 134 -5.37 16.53 1.50
CA ALA A 134 -6.43 17.16 0.69
C ALA A 134 -5.83 17.59 -0.62
N THR A 135 -4.65 18.13 -0.53
CA THR A 135 -3.91 18.59 -1.67
C THR A 135 -3.23 17.41 -2.36
N PRO A 136 -3.50 17.19 -3.66
CA PRO A 136 -2.80 16.17 -4.41
C PRO A 136 -1.32 16.56 -4.55
N ASN A 137 -0.45 15.63 -4.23
CA ASN A 137 0.99 15.83 -4.18
C ASN A 137 1.41 16.64 -2.97
N GLY A 138 0.48 16.78 -2.03
CA GLY A 138 0.75 17.45 -0.78
C GLY A 138 0.98 16.38 0.27
N TYR A 139 1.78 15.42 -0.12
CA TYR A 139 2.09 14.26 0.65
C TYR A 139 3.11 14.51 1.74
N GLY A 140 3.01 13.74 2.78
CA GLY A 140 3.92 13.77 3.87
C GLY A 140 4.13 12.38 4.39
N THR A 141 4.81 12.25 5.49
CA THR A 141 5.08 10.95 6.07
C THR A 141 4.54 10.91 7.50
N ARG A 142 4.07 9.76 7.92
CA ARG A 142 3.42 9.63 9.20
C ARG A 142 3.65 8.25 9.77
N THR A 143 3.66 8.14 11.07
CA THR A 143 3.80 6.87 11.73
C THR A 143 2.43 6.45 12.28
N ILE A 144 2.02 5.24 11.97
CA ILE A 144 0.73 4.74 12.41
C ILE A 144 0.96 3.68 13.46
N ASP A 145 0.24 3.76 14.55
CA ASP A 145 0.28 2.75 15.57
C ASP A 145 -0.80 1.76 15.33
N MET A 146 -0.43 0.52 15.17
CA MET A 146 -1.36 -0.55 14.88
C MET A 146 -2.26 -0.83 16.08
N SER A 147 -1.85 -0.35 17.24
CA SER A 147 -2.60 -0.55 18.45
C SER A 147 -3.61 0.60 18.67
N SER A 148 -3.46 1.67 17.90
CA SER A 148 -4.35 2.81 18.06
C SER A 148 -5.57 2.63 17.17
N ALA A 149 -6.58 3.48 17.36
CA ALA A 149 -7.79 3.48 16.55
C ALA A 149 -7.42 3.60 15.09
N ILE A 150 -6.47 4.47 14.83
CA ILE A 150 -6.01 4.75 13.47
C ILE A 150 -5.49 3.48 12.81
N GLY A 151 -4.63 2.78 13.53
CA GLY A 151 -4.02 1.57 13.03
C GLY A 151 -4.99 0.44 12.86
N LYS A 152 -5.88 0.28 13.83
CA LYS A 152 -6.83 -0.81 13.76
C LYS A 152 -7.90 -0.58 12.72
N ASN A 153 -8.05 0.66 12.28
CA ASN A 153 -9.05 0.97 11.26
C ASN A 153 -8.45 0.84 9.88
N ALA A 154 -7.13 0.75 9.81
CA ALA A 154 -6.43 0.62 8.56
C ALA A 154 -6.49 -0.82 8.07
N GLN A 155 -6.83 -1.01 6.83
CA GLN A 155 -6.89 -2.33 6.27
C GLN A 155 -5.93 -2.45 5.13
N PHE A 156 -5.42 -3.61 4.98
CA PHE A 156 -4.44 -3.90 3.95
C PHE A 156 -5.07 -4.74 2.87
N ILE A 157 -4.76 -4.44 1.63
CA ILE A 157 -5.28 -5.21 0.51
C ILE A 157 -4.13 -5.95 -0.14
N TYR A 158 -4.24 -7.24 -0.15
CA TYR A 158 -3.24 -8.12 -0.67
C TYR A 158 -3.54 -8.46 -2.09
N ASP A 159 -2.53 -8.56 -2.88
CA ASP A 159 -2.66 -8.83 -4.29
C ASP A 159 -2.47 -10.31 -4.51
N LYS A 160 -3.19 -10.85 -5.46
CA LYS A 160 -3.19 -12.28 -5.73
C LYS A 160 -1.97 -12.67 -6.58
N LYS A 161 -1.91 -13.93 -6.96
CA LYS A 161 -0.83 -14.41 -7.79
C LYS A 161 -0.99 -13.83 -9.20
N LYS A 162 0.10 -13.71 -9.90
CA LYS A 162 0.12 -13.11 -11.20
C LYS A 162 1.28 -13.63 -12.03
N ASN A 163 1.05 -13.73 -13.30
CA ASN A 163 2.02 -14.23 -14.22
C ASN A 163 1.85 -13.53 -15.53
N SER A 164 2.91 -13.35 -16.25
CA SER A 164 2.81 -12.82 -17.57
C SER A 164 3.07 -13.93 -18.55
N SER A 165 2.04 -14.72 -18.77
CA SER A 165 2.13 -15.87 -19.61
C SER A 165 2.32 -15.46 -21.05
N SER A 166 3.44 -15.81 -21.60
CA SER A 166 3.78 -15.48 -22.93
C SER A 166 3.69 -16.72 -23.79
N VAL A 167 3.21 -16.56 -25.00
CA VAL A 167 3.13 -17.65 -25.95
C VAL A 167 3.85 -17.26 -27.20
N ASP A 168 4.90 -17.97 -27.46
CA ASP A 168 5.75 -17.72 -28.62
C ASP A 168 5.16 -18.36 -29.86
N LYS A 169 5.74 -18.06 -31.00
CA LYS A 169 5.23 -18.53 -32.29
C LYS A 169 5.34 -20.03 -32.40
N LEU A 170 6.42 -20.57 -31.90
CA LEU A 170 6.66 -21.99 -31.98
C LEU A 170 5.71 -22.73 -31.04
N ALA A 171 5.33 -22.09 -29.95
CA ALA A 171 4.34 -22.63 -29.04
C ALA A 171 2.95 -22.59 -29.66
N ALA A 172 2.63 -21.50 -30.34
CA ALA A 172 1.31 -21.30 -30.92
C ALA A 172 1.11 -22.06 -32.24
N ALA A 173 2.14 -22.10 -33.03
CA ALA A 173 2.08 -22.73 -34.33
C ALA A 173 2.57 -24.15 -34.24
N LEU A 174 2.00 -25.00 -35.06
CA LEU A 174 2.44 -26.39 -35.15
C LEU A 174 3.67 -26.42 -36.01
N GLU A 175 3.59 -25.65 -37.06
CA GLU A 175 4.65 -25.45 -38.01
C GLU A 175 5.82 -24.70 -37.35
N HIS A 176 6.84 -25.44 -37.00
CA HIS A 176 7.98 -24.90 -36.28
C HIS A 176 9.28 -25.20 -37.02
N MET A 1 42.41 -12.35 11.14
CA MET A 1 42.17 -11.77 12.47
C MET A 1 41.19 -10.64 12.30
N GLU A 2 39.97 -10.88 12.66
CA GLU A 2 38.88 -9.96 12.43
C GLU A 2 38.67 -9.05 13.63
N GLN A 3 38.17 -7.88 13.36
CA GLN A 3 37.87 -6.92 14.39
C GLN A 3 36.55 -7.31 15.04
N SER A 4 36.33 -6.87 16.26
CA SER A 4 35.12 -7.22 16.97
C SER A 4 33.97 -6.33 16.53
N SER A 5 34.30 -5.28 15.78
CA SER A 5 33.34 -4.36 15.25
C SER A 5 32.39 -5.10 14.31
N GLY A 6 31.23 -5.35 14.79
CA GLY A 6 30.22 -6.05 14.07
C GLY A 6 28.91 -5.74 14.69
N ASP A 7 28.46 -4.52 14.46
CA ASP A 7 27.21 -4.03 14.98
C ASP A 7 26.09 -4.88 14.46
N LYS A 8 25.36 -5.48 15.34
CA LYS A 8 24.33 -6.41 14.97
C LYS A 8 23.02 -5.71 14.74
N ASP A 9 22.24 -6.28 13.88
CA ASP A 9 20.92 -5.80 13.60
C ASP A 9 19.98 -6.57 14.48
N GLY A 10 19.11 -5.88 15.14
CA GLY A 10 18.21 -6.52 16.08
C GLY A 10 16.94 -7.01 15.45
N GLY A 11 16.99 -7.33 14.18
CA GLY A 11 15.85 -7.84 13.49
C GLY A 11 14.78 -6.81 13.38
N SER A 12 13.64 -7.09 13.92
CA SER A 12 12.53 -6.19 13.87
C SER A 12 12.61 -5.18 14.99
N ASP A 13 13.52 -5.40 15.91
CA ASP A 13 13.75 -4.47 17.02
C ASP A 13 14.70 -3.38 16.58
N SER A 14 15.07 -3.45 15.32
CA SER A 14 15.98 -2.54 14.69
C SER A 14 15.16 -1.53 13.86
N GLY A 15 13.97 -1.25 14.34
CA GLY A 15 13.11 -0.31 13.69
C GLY A 15 12.21 -1.01 12.72
N GLY A 16 12.77 -1.36 11.60
CA GLY A 16 12.00 -2.01 10.57
C GLY A 16 11.96 -3.48 10.81
N ALA A 17 10.88 -4.11 10.38
CA ALA A 17 10.71 -5.54 10.51
C ALA A 17 11.77 -6.26 9.70
N GLN A 18 12.33 -7.30 10.27
CA GLN A 18 13.38 -8.06 9.61
C GLN A 18 12.85 -8.86 8.43
N ASP A 19 11.62 -9.32 8.55
CA ASP A 19 11.00 -10.04 7.43
C ASP A 19 10.43 -9.02 6.47
N GLY A 20 10.33 -7.80 6.95
CA GLY A 20 9.85 -6.70 6.17
C GLY A 20 8.35 -6.67 6.08
N GLY A 21 7.79 -7.72 5.55
CA GLY A 21 6.38 -7.76 5.27
C GLY A 21 6.21 -7.50 3.82
N SER A 22 6.79 -8.35 3.03
CA SER A 22 6.83 -8.18 1.62
C SER A 22 5.91 -9.18 0.90
N LEU A 23 5.31 -8.73 -0.19
CA LEU A 23 4.41 -9.54 -1.01
C LEU A 23 5.21 -10.21 -2.13
N ASP A 24 4.52 -10.91 -3.04
CA ASP A 24 5.17 -11.69 -4.13
C ASP A 24 6.00 -10.79 -5.03
N SER A 25 5.44 -9.66 -5.40
CA SER A 25 6.15 -8.69 -6.23
C SER A 25 7.36 -8.10 -5.45
N LEU A 26 7.18 -7.91 -4.16
CA LEU A 26 8.15 -7.23 -3.33
C LEU A 26 9.40 -8.05 -3.00
N LYS A 27 9.27 -9.37 -3.00
CA LYS A 27 10.40 -10.24 -2.63
C LYS A 27 11.59 -10.10 -3.59
N LYS A 28 11.31 -9.86 -4.86
CA LYS A 28 12.37 -9.69 -5.86
C LYS A 28 13.06 -8.32 -5.70
N TYR A 29 12.41 -7.41 -4.97
CA TYR A 29 12.98 -6.10 -4.70
C TYR A 29 13.72 -6.14 -3.36
N ASN A 30 13.94 -7.36 -2.86
CA ASN A 30 14.62 -7.64 -1.57
C ASN A 30 13.84 -7.01 -0.41
N GLY A 31 12.54 -6.95 -0.58
CA GLY A 31 11.69 -6.39 0.44
C GLY A 31 11.78 -4.89 0.51
N LYS A 32 12.45 -4.30 -0.44
CA LYS A 32 12.58 -2.90 -0.51
C LYS A 32 11.50 -2.43 -1.44
N LEU A 33 11.02 -1.23 -1.26
CA LEU A 33 9.95 -0.79 -2.09
C LEU A 33 10.44 -0.21 -3.39
N PRO A 34 9.74 -0.52 -4.47
CA PRO A 34 10.02 0.04 -5.79
C PRO A 34 9.78 1.54 -5.76
N LYS A 35 10.49 2.28 -6.58
CA LYS A 35 10.35 3.71 -6.60
C LYS A 35 9.01 4.10 -7.15
N HIS A 36 8.42 5.09 -6.57
CA HIS A 36 7.11 5.50 -6.96
C HIS A 36 7.14 6.73 -7.86
N ASP A 37 6.70 6.56 -9.07
CA ASP A 37 6.63 7.66 -10.02
C ASP A 37 5.19 8.12 -10.13
N PRO A 38 4.93 9.41 -9.88
CA PRO A 38 3.56 9.95 -9.87
C PRO A 38 2.91 10.00 -11.24
N SER A 39 3.73 10.11 -12.23
CA SER A 39 3.28 10.27 -13.59
C SER A 39 2.95 8.91 -14.23
N PHE A 40 3.44 7.83 -13.64
CA PHE A 40 3.16 6.48 -14.11
C PHE A 40 1.65 6.22 -14.06
N VAL A 41 1.07 5.82 -15.16
CA VAL A 41 -0.37 5.65 -15.27
C VAL A 41 -0.76 4.20 -15.56
N GLN A 42 -1.70 3.70 -14.79
CA GLN A 42 -2.22 2.37 -14.98
C GLN A 42 -3.49 2.48 -15.83
N PRO A 43 -3.76 1.54 -16.73
CA PRO A 43 -4.98 1.55 -17.54
C PRO A 43 -6.24 1.44 -16.65
N GLY A 44 -6.99 2.51 -16.57
CA GLY A 44 -8.18 2.54 -15.76
C GLY A 44 -8.68 3.95 -15.55
N ASN A 45 -8.95 4.62 -16.65
CA ASN A 45 -9.41 6.00 -16.60
C ASN A 45 -10.89 6.15 -16.20
N ARG A 46 -11.58 5.01 -16.14
CA ARG A 46 -13.02 4.94 -15.83
C ARG A 46 -13.42 5.72 -14.57
N HIS A 47 -12.64 5.61 -13.52
CA HIS A 47 -12.99 6.29 -12.29
C HIS A 47 -12.35 7.65 -12.16
N TYR A 48 -12.70 8.34 -11.10
CA TYR A 48 -12.26 9.66 -10.78
C TYR A 48 -10.74 9.72 -10.66
N LYS A 49 -10.11 10.31 -11.66
CA LYS A 49 -8.65 10.37 -11.77
C LYS A 49 -7.98 11.25 -10.72
N TYR A 50 -8.74 12.11 -10.10
CA TYR A 50 -8.21 12.98 -9.06
C TYR A 50 -8.81 12.60 -7.72
N GLN A 51 -9.29 11.39 -7.63
CA GLN A 51 -9.87 10.91 -6.41
C GLN A 51 -8.79 10.25 -5.59
N CYS A 52 -8.95 10.24 -4.29
CA CYS A 52 -7.98 9.65 -3.36
C CYS A 52 -7.75 8.18 -3.70
N THR A 53 -8.81 7.50 -4.09
CA THR A 53 -8.78 6.13 -4.46
C THR A 53 -8.02 5.88 -5.77
N TRP A 54 -8.05 6.84 -6.69
CA TRP A 54 -7.34 6.66 -7.95
C TRP A 54 -5.84 6.67 -7.67
N TYR A 55 -5.43 7.56 -6.81
CA TYR A 55 -4.06 7.64 -6.40
C TYR A 55 -3.66 6.39 -5.66
N ALA A 56 -4.61 5.83 -4.92
CA ALA A 56 -4.42 4.58 -4.23
C ALA A 56 -4.12 3.45 -5.23
N TYR A 57 -4.81 3.44 -6.40
CA TYR A 57 -4.51 2.44 -7.45
C TYR A 57 -3.09 2.64 -7.88
N ASN A 58 -2.77 3.91 -8.11
CA ASN A 58 -1.53 4.31 -8.68
C ASN A 58 -0.36 3.91 -7.81
N ARG A 59 -0.48 4.17 -6.51
CA ARG A 59 0.58 3.83 -5.55
C ARG A 59 0.86 2.31 -5.56
N ARG A 60 -0.19 1.53 -5.73
CA ARG A 60 -0.09 0.09 -5.77
C ARG A 60 0.42 -0.38 -7.14
N GLY A 61 0.06 0.36 -8.17
CA GLY A 61 0.57 0.08 -9.51
C GLY A 61 2.07 0.28 -9.57
N GLN A 62 2.54 1.26 -8.81
CA GLN A 62 3.97 1.57 -8.65
C GLN A 62 4.72 0.40 -8.00
N LEU A 63 3.98 -0.38 -7.23
CA LEU A 63 4.52 -1.53 -6.52
C LEU A 63 4.55 -2.79 -7.39
N GLY A 64 4.01 -2.66 -8.60
CA GLY A 64 4.00 -3.77 -9.53
C GLY A 64 2.96 -4.80 -9.19
N ILE A 65 1.93 -4.38 -8.48
CA ILE A 65 0.85 -5.23 -8.10
C ILE A 65 -0.43 -4.78 -8.79
N PRO A 66 -1.03 -5.67 -9.56
CA PRO A 66 -2.22 -5.38 -10.38
C PRO A 66 -3.50 -5.15 -9.58
N VAL A 67 -3.95 -3.92 -9.58
CA VAL A 67 -5.16 -3.52 -8.89
C VAL A 67 -6.29 -3.21 -9.90
N PRO A 68 -7.54 -3.59 -9.58
CA PRO A 68 -8.71 -3.29 -10.40
C PRO A 68 -9.39 -1.98 -9.94
N LEU A 69 -10.15 -1.38 -10.83
CA LEU A 69 -10.89 -0.18 -10.50
C LEU A 69 -12.03 -0.50 -9.51
N TRP A 70 -11.94 0.07 -8.34
CA TRP A 70 -12.95 -0.02 -7.28
C TRP A 70 -13.30 1.43 -6.91
N GLY A 71 -14.46 1.67 -6.39
CA GLY A 71 -14.89 3.05 -6.20
C GLY A 71 -14.35 3.72 -4.95
N ASP A 72 -15.18 3.82 -3.95
CA ASP A 72 -14.86 4.47 -2.68
C ASP A 72 -13.95 3.56 -1.86
N ALA A 73 -13.21 4.12 -0.91
CA ALA A 73 -12.29 3.33 -0.09
C ALA A 73 -13.04 2.22 0.66
N ALA A 74 -14.27 2.51 1.05
CA ALA A 74 -15.11 1.53 1.72
C ALA A 74 -15.49 0.41 0.75
N ASP A 75 -15.64 0.79 -0.50
CA ASP A 75 -16.02 -0.11 -1.59
C ASP A 75 -14.88 -1.08 -1.92
N TRP A 76 -13.67 -0.59 -1.74
CA TRP A 76 -12.44 -1.37 -2.00
C TRP A 76 -12.38 -2.66 -1.20
N ILE A 77 -12.83 -2.63 0.05
CA ILE A 77 -12.73 -3.82 0.91
C ILE A 77 -13.65 -4.93 0.38
N GLY A 78 -14.85 -4.55 0.00
CA GLY A 78 -15.82 -5.49 -0.56
C GLY A 78 -15.41 -5.96 -1.92
N GLY A 79 -14.86 -5.04 -2.70
CA GLY A 79 -14.39 -5.36 -4.03
C GLY A 79 -13.29 -6.37 -4.00
N ALA A 80 -12.40 -6.21 -3.03
CA ALA A 80 -11.28 -7.10 -2.82
C ALA A 80 -11.77 -8.52 -2.55
N LYS A 81 -12.77 -8.65 -1.68
CA LYS A 81 -13.33 -9.93 -1.32
C LYS A 81 -13.87 -10.65 -2.54
N GLY A 82 -14.60 -9.93 -3.37
CA GLY A 82 -15.20 -10.50 -4.55
C GLY A 82 -14.19 -10.79 -5.65
N ALA A 83 -13.08 -10.07 -5.65
CA ALA A 83 -12.08 -10.21 -6.69
C ALA A 83 -10.94 -11.16 -6.28
N GLY A 84 -10.97 -11.61 -5.05
CA GLY A 84 -9.97 -12.57 -4.60
C GLY A 84 -8.69 -11.92 -4.07
N TYR A 85 -8.81 -10.69 -3.65
CA TYR A 85 -7.70 -9.97 -3.06
C TYR A 85 -7.83 -10.10 -1.55
N GLY A 86 -6.75 -10.35 -0.88
CA GLY A 86 -6.79 -10.56 0.55
C GLY A 86 -6.79 -9.26 1.32
N VAL A 87 -7.58 -9.18 2.35
CA VAL A 87 -7.64 -8.02 3.21
C VAL A 87 -7.33 -8.49 4.63
N GLY A 88 -6.60 -7.70 5.37
CA GLY A 88 -6.26 -8.05 6.72
C GLY A 88 -5.77 -6.86 7.48
N ARG A 89 -5.46 -7.05 8.74
CA ARG A 89 -4.94 -5.97 9.59
C ARG A 89 -3.46 -6.16 9.84
N THR A 90 -2.84 -7.06 9.13
CA THR A 90 -1.44 -7.27 9.28
C THR A 90 -0.69 -6.28 8.37
N PRO A 91 0.26 -5.53 8.92
CA PRO A 91 1.04 -4.60 8.15
C PRO A 91 2.03 -5.24 7.20
N LYS A 92 2.03 -4.76 5.97
CA LYS A 92 2.97 -5.18 4.96
C LYS A 92 3.47 -3.92 4.28
N GLN A 93 4.73 -3.91 3.94
CA GLN A 93 5.36 -2.78 3.28
C GLN A 93 4.76 -2.47 1.92
N GLY A 94 4.55 -1.21 1.66
CA GLY A 94 4.12 -0.78 0.36
C GLY A 94 2.65 -0.75 0.20
N ALA A 95 2.03 -1.84 0.52
CA ALA A 95 0.64 -2.01 0.30
C ALA A 95 -0.14 -1.01 1.11
N CYS A 96 -1.14 -0.45 0.49
CA CYS A 96 -1.84 0.65 1.06
C CYS A 96 -2.86 0.25 2.11
N VAL A 97 -3.10 1.16 3.02
CA VAL A 97 -4.05 0.96 4.09
C VAL A 97 -5.30 1.68 3.74
N ILE A 98 -6.39 1.06 4.04
CA ILE A 98 -7.67 1.56 3.73
C ILE A 98 -8.43 1.84 5.02
N TRP A 99 -8.75 3.07 5.22
CA TRP A 99 -9.61 3.47 6.28
C TRP A 99 -10.95 3.76 5.68
N GLN A 100 -11.99 3.44 6.38
CA GLN A 100 -13.33 3.69 5.91
C GLN A 100 -13.67 5.15 6.10
N ARG A 101 -14.87 5.51 5.81
CA ARG A 101 -15.28 6.91 5.87
C ARG A 101 -15.39 7.41 7.30
N GLY A 102 -16.38 6.93 8.01
CA GLY A 102 -16.67 7.41 9.33
C GLY A 102 -15.91 6.70 10.43
N VAL A 103 -14.65 6.44 10.21
CA VAL A 103 -13.83 5.79 11.23
C VAL A 103 -12.67 6.71 11.60
N GLN A 104 -11.98 6.40 12.65
CA GLN A 104 -10.83 7.16 13.06
C GLN A 104 -9.70 6.92 12.17
N GLY A 105 -9.27 7.99 11.64
CA GLY A 105 -8.21 8.00 10.67
C GLY A 105 -8.77 7.99 9.26
N GLY A 106 -10.08 7.89 9.16
CA GLY A 106 -10.73 7.85 7.89
C GLY A 106 -11.42 9.15 7.56
N SER A 107 -11.50 9.47 6.30
CA SER A 107 -12.13 10.68 5.87
C SER A 107 -13.58 10.38 5.46
N PRO A 108 -14.56 11.04 6.11
CA PRO A 108 -16.01 10.78 5.94
C PRO A 108 -16.57 10.77 4.51
N GLN A 109 -16.01 11.54 3.60
CA GLN A 109 -16.63 11.60 2.26
C GLN A 109 -16.06 10.60 1.25
N TYR A 110 -14.78 10.32 1.30
CA TYR A 110 -14.17 9.46 0.28
C TYR A 110 -13.49 8.24 0.87
N GLY A 111 -13.38 8.21 2.17
CA GLY A 111 -12.59 7.21 2.81
C GLY A 111 -11.17 7.72 2.91
N HIS A 112 -10.24 6.92 3.36
CA HIS A 112 -8.88 7.41 3.45
C HIS A 112 -7.89 6.28 3.19
N VAL A 113 -6.98 6.53 2.28
CA VAL A 113 -5.96 5.58 1.92
C VAL A 113 -4.57 6.20 2.18
N ALA A 114 -3.63 5.39 2.63
CA ALA A 114 -2.25 5.83 2.81
C ALA A 114 -1.32 4.73 2.36
N PHE A 115 -0.07 5.07 2.12
CA PHE A 115 0.90 4.13 1.58
C PHE A 115 1.87 3.72 2.68
N VAL A 116 1.99 2.44 2.94
CA VAL A 116 2.89 1.95 3.98
C VAL A 116 4.32 1.97 3.45
N GLU A 117 5.20 2.57 4.19
CA GLU A 117 6.59 2.62 3.81
C GLU A 117 7.32 1.50 4.58
N LYS A 118 7.05 1.41 5.89
CA LYS A 118 7.68 0.40 6.71
C LYS A 118 6.74 -0.19 7.71
N VAL A 119 7.15 -1.31 8.17
CA VAL A 119 6.49 -2.03 9.22
C VAL A 119 7.45 -2.02 10.36
N LEU A 120 7.08 -1.43 11.44
CA LEU A 120 8.01 -1.18 12.49
C LEU A 120 7.82 -2.09 13.66
N ASP A 121 8.96 -2.51 14.17
CA ASP A 121 9.11 -3.37 15.35
C ASP A 121 8.49 -4.74 15.09
N GLY A 122 8.31 -5.06 13.84
CA GLY A 122 7.69 -6.30 13.48
C GLY A 122 6.29 -6.06 13.00
N GLY A 123 5.63 -5.08 13.57
CA GLY A 123 4.31 -4.72 13.12
C GLY A 123 3.53 -4.18 14.22
N LYS A 124 4.21 -3.43 15.03
CA LYS A 124 3.67 -2.86 16.17
C LYS A 124 3.20 -1.48 15.79
N LYS A 125 4.00 -0.88 14.95
CA LYS A 125 3.76 0.43 14.44
C LYS A 125 3.96 0.36 12.95
N ILE A 126 3.37 1.24 12.23
CA ILE A 126 3.57 1.32 10.80
C ILE A 126 4.03 2.70 10.43
N PHE A 127 4.85 2.79 9.45
CA PHE A 127 5.31 4.06 8.99
C PHE A 127 4.73 4.23 7.61
N ILE A 128 4.02 5.30 7.41
CA ILE A 128 3.33 5.51 6.16
C ILE A 128 3.77 6.79 5.49
N SER A 129 3.46 6.87 4.24
CA SER A 129 3.65 8.00 3.44
C SER A 129 2.27 8.37 2.90
N GLU A 130 2.12 9.56 2.39
CA GLU A 130 0.84 10.02 1.93
C GLU A 130 0.60 9.55 0.49
N HIS A 131 -0.67 9.27 0.15
CA HIS A 131 -1.03 8.78 -1.19
C HIS A 131 -0.75 9.83 -2.27
N ASN A 132 -0.56 11.06 -1.84
CA ASN A 132 -0.27 12.23 -2.68
C ASN A 132 -1.49 12.76 -3.41
N TYR A 133 -1.86 13.96 -3.07
CA TYR A 133 -3.02 14.61 -3.62
C TYR A 133 -2.69 16.05 -3.98
N ALA A 134 -2.85 16.38 -5.26
CA ALA A 134 -2.68 17.72 -5.81
C ALA A 134 -1.24 18.19 -5.86
N THR A 135 -0.67 18.48 -4.72
CA THR A 135 0.64 19.08 -4.64
C THR A 135 1.78 18.05 -4.79
N PRO A 136 2.63 18.21 -5.81
CA PRO A 136 3.78 17.34 -6.02
C PRO A 136 4.79 17.49 -4.87
N ASN A 137 5.21 16.36 -4.34
CA ASN A 137 6.17 16.26 -3.22
C ASN A 137 5.54 16.75 -1.90
N GLY A 138 4.25 17.02 -1.93
CA GLY A 138 3.56 17.53 -0.76
C GLY A 138 3.06 16.43 0.16
N TYR A 139 3.65 15.27 0.02
CA TYR A 139 3.31 14.13 0.83
C TYR A 139 4.22 14.06 2.04
N GLY A 140 3.66 13.73 3.16
CA GLY A 140 4.43 13.60 4.37
C GLY A 140 4.37 12.18 4.89
N THR A 141 5.08 11.91 5.94
CA THR A 141 5.15 10.59 6.51
C THR A 141 4.75 10.62 7.99
N ARG A 142 4.22 9.53 8.51
CA ARG A 142 3.84 9.44 9.90
C ARG A 142 3.87 7.99 10.37
N THR A 143 4.10 7.79 11.65
CA THR A 143 4.10 6.49 12.24
C THR A 143 2.78 6.30 13.03
N ILE A 144 2.10 5.20 12.79
CA ILE A 144 0.85 4.88 13.44
C ILE A 144 1.02 3.60 14.27
N ASP A 145 0.53 3.62 15.49
CA ASP A 145 0.55 2.45 16.34
C ASP A 145 -0.58 1.55 15.95
N MET A 146 -0.30 0.30 15.65
CA MET A 146 -1.34 -0.67 15.25
C MET A 146 -2.34 -0.91 16.38
N SER A 147 -1.96 -0.53 17.58
CA SER A 147 -2.76 -0.72 18.75
C SER A 147 -3.78 0.42 18.96
N SER A 148 -3.61 1.51 18.24
CA SER A 148 -4.48 2.68 18.43
C SER A 148 -5.74 2.50 17.60
N ALA A 149 -6.72 3.40 17.77
CA ALA A 149 -7.95 3.38 16.98
C ALA A 149 -7.59 3.51 15.50
N ILE A 150 -6.61 4.36 15.22
CA ILE A 150 -6.15 4.58 13.86
C ILE A 150 -5.59 3.26 13.29
N GLY A 151 -4.78 2.58 14.10
CA GLY A 151 -4.20 1.31 13.72
C GLY A 151 -5.22 0.21 13.59
N LYS A 152 -6.21 0.21 14.46
CA LYS A 152 -7.28 -0.79 14.44
C LYS A 152 -8.20 -0.58 13.26
N ASN A 153 -8.27 0.63 12.76
CA ASN A 153 -9.12 0.94 11.63
C ASN A 153 -8.38 0.78 10.34
N ALA A 154 -7.09 0.58 10.43
CA ALA A 154 -6.27 0.43 9.26
C ALA A 154 -6.40 -0.98 8.74
N GLN A 155 -6.87 -1.09 7.53
CA GLN A 155 -7.01 -2.37 6.92
C GLN A 155 -6.14 -2.38 5.73
N PHE A 156 -5.56 -3.46 5.51
CA PHE A 156 -4.59 -3.61 4.47
C PHE A 156 -5.17 -4.49 3.41
N ILE A 157 -4.97 -4.14 2.19
CA ILE A 157 -5.39 -4.97 1.11
C ILE A 157 -4.16 -5.44 0.43
N TYR A 158 -3.98 -6.70 0.41
CA TYR A 158 -2.84 -7.31 -0.17
C TYR A 158 -3.19 -7.61 -1.59
N ASP A 159 -2.32 -7.31 -2.49
CA ASP A 159 -2.65 -7.49 -3.86
C ASP A 159 -2.15 -8.76 -4.37
N LYS A 160 -2.99 -9.39 -5.13
CA LYS A 160 -2.70 -10.63 -5.70
C LYS A 160 -2.13 -10.40 -7.07
N LYS A 161 -1.59 -11.41 -7.63
CA LYS A 161 -1.05 -11.38 -8.94
C LYS A 161 -2.17 -11.50 -9.94
N LYS A 162 -1.97 -11.01 -11.13
CA LYS A 162 -2.97 -11.08 -12.17
C LYS A 162 -2.88 -12.47 -12.86
N ASN A 163 -2.36 -13.41 -12.12
CA ASN A 163 -2.19 -14.76 -12.56
C ASN A 163 -3.49 -15.48 -12.33
N SER A 164 -3.96 -15.44 -11.10
CA SER A 164 -5.23 -16.01 -10.78
C SER A 164 -6.26 -14.90 -10.83
N SER A 165 -6.74 -14.61 -12.02
CA SER A 165 -7.74 -13.60 -12.23
C SER A 165 -8.61 -14.02 -13.39
N SER A 166 -9.93 -13.83 -13.24
CA SER A 166 -10.94 -14.22 -14.25
C SER A 166 -11.08 -15.76 -14.29
N VAL A 167 -12.24 -16.23 -14.65
CA VAL A 167 -12.46 -17.65 -14.71
C VAL A 167 -11.72 -18.22 -15.91
N ASP A 168 -10.86 -19.15 -15.65
CA ASP A 168 -10.09 -19.83 -16.66
C ASP A 168 -10.50 -21.26 -16.64
N LYS A 169 -10.23 -21.95 -17.68
CA LYS A 169 -10.59 -23.34 -17.80
C LYS A 169 -9.84 -24.16 -16.76
N LEU A 170 -8.55 -23.84 -16.55
CA LEU A 170 -7.71 -24.55 -15.59
C LEU A 170 -8.07 -24.13 -14.18
N ALA A 171 -8.44 -22.88 -14.04
CA ALA A 171 -8.83 -22.33 -12.75
C ALA A 171 -10.10 -22.98 -12.26
N ALA A 172 -11.02 -23.24 -13.17
CA ALA A 172 -12.26 -23.91 -12.85
C ALA A 172 -12.00 -25.37 -12.48
N ALA A 173 -11.27 -26.07 -13.34
CA ALA A 173 -10.93 -27.46 -13.12
C ALA A 173 -9.69 -27.80 -13.92
N LEU A 174 -8.81 -28.57 -13.34
CA LEU A 174 -7.59 -28.97 -14.01
C LEU A 174 -7.91 -29.99 -15.05
N GLU A 175 -8.59 -31.00 -14.60
CA GLU A 175 -9.01 -32.10 -15.42
C GLU A 175 -10.18 -31.73 -16.30
N HIS A 176 -10.04 -31.99 -17.56
CA HIS A 176 -11.09 -31.75 -18.54
C HIS A 176 -11.45 -33.08 -19.18
#